data_4I3X
#
_entry.id   4I3X
#
_cell.length_a   95.162
_cell.length_b   172.765
_cell.length_c   142.596
_cell.angle_alpha   90.000
_cell.angle_beta   107.280
_cell.angle_gamma   90.000
#
_symmetry.space_group_name_H-M   'P 1 21 1'
#
loop_
_entity.id
_entity.type
_entity.pdbx_description
1 polymer 'Aldehyde dehydrogenase (NAD+)'
2 non-polymer NICOTINAMIDE-ADENINE-DINUCLEOTIDE
3 non-polymer 'PHOSPHONOACETIC ACID'
4 water water
#
_entity_poly.entity_id   1
_entity_poly.type   'polypeptide(L)'
_entity_poly.pdbx_seq_one_letter_code
;GSHMTNAEVTIAVRHEPMRIAGRLVDTDDRVEVRYPWNDTVVGTVPAGRAEHAREAFAIAAAYQPKLTRYERQKILLATA
EALAARKEEISDVITLELGISKADSLYEVGRAFDVFTLAGQMCIRDDGEIFSCDLTPHGKARKIFTMREPLTAISAITPF
NHPLNMVAHKVAPAIATNNCVVVKPTELTPMTALLLADILYEAGLPPEMLSVVTGWPADIGMEMITNPHVDLVTFTGSVP
VGKLIAANAHYKRQVLELGGNDPLIILNDLSDDDLARAADLAVAGATKNSGQRCTAVKRILCQESVADRFVPLVLERAKR
LRFGDPMDRSTDLGTVIHEKAAALFEERVMRAAEEGADILYHPGRSGALLPPIVVDRVPHQSDLVLEETFGPIIPIVRVP
DDDDATITLSNSTAFGLSSGVCTNDYRRMQKYIAGLKVGTVNIWEVPGYRIEMSPFGGIKDSGNGYKEGVIEAMKSFTNV
KTFSLPWP
;
_entity_poly.pdbx_strand_id   A,B,C,D,E,F,G,H
#
loop_
_chem_comp.id
_chem_comp.type
_chem_comp.name
_chem_comp.formula
NAD non-polymer NICOTINAMIDE-ADENINE-DINUCLEOTIDE 'C21 H27 N7 O14 P2'
PAE non-polymer 'PHOSPHONOACETIC ACID' 'C2 H5 O5 P'
#
# COMPACT_ATOMS: atom_id res chain seq x y z
N VAL A 13 -25.45 -10.73 -4.56
CA VAL A 13 -24.17 -10.71 -3.70
C VAL A 13 -23.06 -11.18 -4.62
N ARG A 14 -22.05 -10.35 -4.86
CA ARG A 14 -20.93 -10.71 -5.76
C ARG A 14 -19.75 -11.32 -4.99
N HIS A 15 -19.37 -12.54 -5.29
CA HIS A 15 -18.27 -13.14 -4.59
C HIS A 15 -17.09 -13.06 -5.48
N GLU A 16 -15.98 -12.49 -5.03
CA GLU A 16 -14.81 -12.34 -5.90
C GLU A 16 -13.56 -13.00 -5.35
N PRO A 17 -12.69 -13.51 -6.24
CA PRO A 17 -11.44 -14.03 -5.68
C PRO A 17 -10.39 -12.94 -5.59
N MET A 18 -9.23 -13.22 -4.97
CA MET A 18 -8.03 -12.32 -5.09
C MET A 18 -7.50 -12.33 -6.49
N ARG A 19 -6.72 -11.31 -6.86
CA ARG A 19 -5.95 -11.33 -8.09
C ARG A 19 -4.46 -11.46 -7.82
N ILE A 20 -3.92 -12.67 -8.00
CA ILE A 20 -2.49 -12.85 -7.81
C ILE A 20 -1.80 -12.99 -9.19
N ALA A 21 -1.21 -11.88 -9.61
CA ALA A 21 -0.47 -11.73 -10.82
C ALA A 21 -1.34 -12.23 -11.92
N GLY A 22 -2.60 -11.80 -11.95
CA GLY A 22 -3.51 -12.24 -13.02
C GLY A 22 -4.31 -13.51 -12.70
N ARG A 23 -3.87 -14.35 -11.79
CA ARG A 23 -4.60 -15.58 -11.47
C ARG A 23 -5.71 -15.27 -10.49
N LEU A 24 -6.83 -16.00 -10.56
CA LEU A 24 -7.93 -15.75 -9.62
C LEU A 24 -7.70 -16.74 -8.53
N VAL A 25 -7.54 -16.26 -7.30
CA VAL A 25 -7.24 -17.13 -6.21
C VAL A 25 -8.32 -16.94 -5.14
N ASP A 26 -8.95 -18.05 -4.76
CA ASP A 26 -10.05 -18.06 -3.76
C ASP A 26 -9.57 -18.72 -2.49
N THR A 27 -10.18 -18.40 -1.35
CA THR A 27 -10.03 -19.25 -0.15
C THR A 27 -11.43 -19.58 0.27
N ASP A 28 -11.54 -20.55 1.16
CA ASP A 28 -12.88 -20.97 1.64
C ASP A 28 -13.47 -19.94 2.65
N ASP A 29 -12.69 -19.52 3.65
CA ASP A 29 -13.11 -18.44 4.55
C ASP A 29 -13.31 -17.14 3.75
N ARG A 30 -14.30 -16.36 4.11
CA ARG A 30 -14.65 -15.16 3.30
C ARG A 30 -14.62 -13.91 4.18
N VAL A 31 -14.34 -12.76 3.59
CA VAL A 31 -14.57 -11.51 4.31
C VAL A 31 -15.83 -11.00 3.67
N GLU A 32 -16.89 -10.82 4.46
CA GLU A 32 -18.13 -10.19 4.00
C GLU A 32 -18.01 -8.67 3.88
N VAL A 33 -18.47 -8.12 2.76
CA VAL A 33 -18.49 -6.70 2.51
C VAL A 33 -19.95 -6.25 2.54
N ARG A 34 -20.23 -5.31 3.44
CA ARG A 34 -21.58 -4.79 3.73
C ARG A 34 -21.79 -3.41 3.09
N TYR A 35 -22.98 -3.15 2.60
CA TYR A 35 -23.37 -1.82 2.12
C TYR A 35 -23.84 -1.00 3.31
N PRO A 36 -23.14 0.10 3.63
CA PRO A 36 -23.48 0.85 4.85
C PRO A 36 -24.90 1.47 4.81
N TRP A 37 -25.52 1.63 3.64
CA TRP A 37 -26.88 2.23 3.60
C TRP A 37 -27.86 1.35 4.33
N ASN A 38 -27.82 0.03 4.11
CA ASN A 38 -28.85 -0.81 4.77
C ASN A 38 -28.20 -1.96 5.49
N ASP A 39 -26.88 -1.91 5.61
CA ASP A 39 -26.15 -2.94 6.30
C ASP A 39 -26.27 -4.43 5.80
N THR A 40 -26.38 -4.66 4.50
CA THR A 40 -26.60 -6.00 4.01
C THR A 40 -25.30 -6.37 3.31
N VAL A 41 -25.06 -7.68 3.21
CA VAL A 41 -23.87 -8.17 2.51
C VAL A 41 -24.12 -7.87 1.08
N VAL A 42 -23.18 -7.19 0.42
CA VAL A 42 -23.24 -7.05 -1.06
C VAL A 42 -22.09 -7.79 -1.76
N GLY A 43 -21.08 -8.24 -1.00
CA GLY A 43 -19.96 -8.88 -1.69
C GLY A 43 -19.25 -9.75 -0.67
N THR A 44 -18.41 -10.62 -1.19
CA THR A 44 -17.47 -11.35 -0.36
C THR A 44 -16.13 -11.35 -1.13
N VAL A 45 -15.04 -11.37 -0.39
CA VAL A 45 -13.69 -11.60 -1.00
C VAL A 45 -12.99 -12.59 -0.10
N PRO A 46 -11.86 -13.12 -0.53
CA PRO A 46 -11.19 -14.12 0.33
C PRO A 46 -10.58 -13.56 1.62
N ALA A 47 -10.68 -14.38 2.65
CA ALA A 47 -9.94 -14.16 3.84
C ALA A 47 -8.49 -14.65 3.60
N GLY A 48 -7.72 -13.92 2.79
CA GLY A 48 -6.37 -14.39 2.48
C GLY A 48 -5.44 -14.40 3.69
N ARG A 49 -4.32 -15.09 3.55
CA ARG A 49 -3.39 -15.36 4.65
C ARG A 49 -1.98 -14.88 4.24
N ALA A 50 -1.01 -14.93 5.17
CA ALA A 50 0.38 -14.60 4.89
C ALA A 50 0.94 -15.23 3.62
N GLU A 51 0.72 -16.52 3.43
CA GLU A 51 1.18 -17.22 2.21
C GLU A 51 0.66 -16.67 0.86
N HIS A 52 -0.53 -16.08 0.85
CA HIS A 52 -1.00 -15.43 -0.42
C HIS A 52 -0.18 -14.19 -0.77
N ALA A 53 0.06 -13.38 0.24
CA ALA A 53 0.92 -12.18 0.14
C ALA A 53 2.34 -12.61 -0.22
N ARG A 54 2.83 -13.65 0.46
CA ARG A 54 4.18 -14.22 0.20
C ARG A 54 4.29 -14.69 -1.23
N GLU A 55 3.28 -15.41 -1.73
CA GLU A 55 3.34 -15.78 -3.15
C GLU A 55 3.39 -14.58 -4.10
N ALA A 56 2.53 -13.59 -3.84
CA ALA A 56 2.48 -12.38 -4.65
C ALA A 56 3.80 -11.64 -4.67
N PHE A 57 4.43 -11.51 -3.52
CA PHE A 57 5.75 -10.87 -3.46
C PHE A 57 6.86 -11.65 -4.15
N ALA A 58 6.79 -12.99 -4.12
CA ALA A 58 7.81 -13.82 -4.86
C ALA A 58 7.69 -13.61 -6.38
N ILE A 59 6.46 -13.54 -6.89
CA ILE A 59 6.26 -13.24 -8.27
C ILE A 59 6.73 -11.83 -8.61
N ALA A 60 6.37 -10.84 -7.76
CA ALA A 60 6.75 -9.48 -8.03
C ALA A 60 8.32 -9.40 -8.11
N ALA A 61 8.99 -10.01 -7.11
CA ALA A 61 10.43 -9.94 -7.00
C ALA A 61 11.13 -10.56 -8.21
N ALA A 62 10.60 -11.68 -8.73
CA ALA A 62 11.27 -12.44 -9.77
C ALA A 62 11.05 -11.81 -11.12
N TYR A 63 9.96 -11.05 -11.27
CA TYR A 63 9.67 -10.44 -12.59
C TYR A 63 10.39 -9.11 -12.73
N GLN A 64 11.16 -9.00 -13.82
CA GLN A 64 11.86 -7.78 -14.23
C GLN A 64 11.12 -7.18 -15.43
N PRO A 65 10.30 -6.12 -15.23
CA PRO A 65 9.61 -5.48 -16.33
C PRO A 65 10.55 -4.93 -17.39
N LYS A 66 10.15 -4.94 -18.65
CA LYS A 66 11.01 -4.50 -19.71
C LYS A 66 10.25 -3.51 -20.54
N LEU A 67 9.14 -3.00 -20.01
CA LEU A 67 8.28 -2.17 -20.85
C LEU A 67 9.05 -0.89 -21.23
N THR A 68 8.96 -0.47 -22.48
CA THR A 68 9.52 0.81 -22.83
C THR A 68 8.65 1.90 -22.21
N ARG A 69 9.15 3.14 -22.17
CA ARG A 69 8.31 4.29 -21.69
C ARG A 69 7.03 4.40 -22.53
N TYR A 70 7.11 4.11 -23.83
CA TYR A 70 5.93 4.13 -24.71
C TYR A 70 4.87 3.09 -24.31
N GLU A 71 5.30 1.88 -24.03
CA GLU A 71 4.37 0.85 -23.71
C GLU A 71 3.71 1.15 -22.34
N ARG A 72 4.46 1.75 -21.39
CA ARG A 72 3.85 2.09 -20.12
C ARG A 72 2.80 3.15 -20.36
N GLN A 73 3.12 4.17 -21.15
CA GLN A 73 2.17 5.18 -21.44
C GLN A 73 0.86 4.60 -22.10
N LYS A 74 1.01 3.69 -23.05
CA LYS A 74 -0.15 3.07 -23.70
C LYS A 74 -1.06 2.38 -22.69
N ILE A 75 -0.47 1.57 -21.81
CA ILE A 75 -1.23 0.85 -20.80
C ILE A 75 -1.98 1.84 -19.87
N LEU A 76 -1.26 2.87 -19.40
CA LEU A 76 -1.77 3.84 -18.47
C LEU A 76 -2.92 4.64 -19.06
N LEU A 77 -2.75 5.13 -20.31
CA LEU A 77 -3.82 5.84 -21.00
C LEU A 77 -5.00 4.89 -21.40
N ALA A 78 -4.74 3.63 -21.80
CA ALA A 78 -5.84 2.69 -22.04
C ALA A 78 -6.66 2.45 -20.73
N THR A 79 -5.96 2.38 -19.59
CA THR A 79 -6.60 2.24 -18.31
C THR A 79 -7.50 3.48 -18.05
N ALA A 80 -6.98 4.71 -18.21
CA ALA A 80 -7.81 5.96 -18.16
C ALA A 80 -9.03 5.83 -19.01
N GLU A 81 -8.85 5.45 -20.29
CA GLU A 81 -10.00 5.34 -21.15
C GLU A 81 -10.99 4.28 -20.67
N ALA A 82 -10.54 3.20 -20.10
CA ALA A 82 -11.52 2.17 -19.61
C ALA A 82 -12.23 2.69 -18.33
N LEU A 83 -11.57 3.50 -17.51
CA LEU A 83 -12.26 4.10 -16.34
C LEU A 83 -13.37 5.04 -16.82
N ALA A 84 -13.09 5.84 -17.84
CA ALA A 84 -14.12 6.70 -18.44
C ALA A 84 -15.27 5.84 -19.03
N ALA A 85 -14.98 4.82 -19.85
CA ALA A 85 -16.07 4.08 -20.48
C ALA A 85 -16.89 3.36 -19.44
N ARG A 86 -16.30 3.00 -18.31
CA ARG A 86 -17.04 2.13 -17.37
C ARG A 86 -17.43 2.86 -16.06
N LYS A 87 -17.45 4.19 -16.13
CA LYS A 87 -17.57 5.02 -14.92
C LYS A 87 -18.82 4.64 -14.13
N GLU A 88 -19.90 4.31 -14.82
CA GLU A 88 -21.16 4.00 -14.14
C GLU A 88 -21.01 2.70 -13.34
N GLU A 89 -20.46 1.69 -13.99
CA GLU A 89 -20.29 0.40 -13.36
C GLU A 89 -19.33 0.55 -12.16
N ILE A 90 -18.26 1.33 -12.35
CA ILE A 90 -17.26 1.43 -11.30
C ILE A 90 -17.80 2.24 -10.10
N SER A 91 -18.51 3.33 -10.38
CA SER A 91 -19.03 4.14 -9.30
C SER A 91 -20.13 3.39 -8.56
N ASP A 92 -20.89 2.56 -9.27
CA ASP A 92 -21.82 1.67 -8.56
C ASP A 92 -21.10 0.75 -7.54
N VAL A 93 -20.00 0.09 -7.96
CA VAL A 93 -19.21 -0.77 -7.06
C VAL A 93 -18.69 0.01 -5.86
N ILE A 94 -18.21 1.23 -6.10
CA ILE A 94 -17.70 2.06 -4.97
C ILE A 94 -18.85 2.40 -3.98
N THR A 95 -19.95 2.93 -4.51
CA THR A 95 -21.10 3.32 -3.67
C THR A 95 -21.65 2.11 -2.84
N LEU A 96 -21.75 0.94 -3.50
CA LEU A 96 -22.26 -0.24 -2.79
C LEU A 96 -21.38 -0.71 -1.65
N GLU A 97 -20.05 -0.55 -1.71
CA GLU A 97 -19.27 -0.94 -0.55
C GLU A 97 -18.86 0.22 0.37
N LEU A 98 -18.82 1.46 -0.11
CA LEU A 98 -18.49 2.59 0.81
C LEU A 98 -19.76 3.33 1.32
N GLY A 99 -20.78 3.45 0.46
CA GLY A 99 -21.95 4.18 0.87
C GLY A 99 -21.96 5.69 0.59
N ILE A 100 -20.88 6.21 0.01
CA ILE A 100 -20.91 7.55 -0.49
C ILE A 100 -21.89 7.69 -1.64
N SER A 101 -22.35 8.92 -1.82
CA SER A 101 -23.33 9.17 -2.87
C SER A 101 -22.75 8.80 -4.30
N LYS A 102 -23.63 8.48 -5.26
CA LYS A 102 -23.22 8.32 -6.65
C LYS A 102 -22.53 9.56 -7.18
N ALA A 103 -22.95 10.75 -6.74
CA ALA A 103 -22.29 12.02 -7.15
C ALA A 103 -20.83 12.01 -6.76
N ASP A 104 -20.54 11.61 -5.54
CA ASP A 104 -19.17 11.51 -5.05
C ASP A 104 -18.38 10.34 -5.69
N SER A 105 -19.03 9.19 -5.88
CA SER A 105 -18.27 8.07 -6.45
C SER A 105 -18.00 8.29 -7.95
N LEU A 106 -18.94 8.95 -8.62
CA LEU A 106 -18.63 9.39 -10.03
C LEU A 106 -17.47 10.39 -10.13
N TYR A 107 -17.44 11.33 -9.20
CA TYR A 107 -16.34 12.26 -9.08
C TYR A 107 -15.03 11.48 -8.90
N GLU A 108 -15.04 10.46 -8.04
CA GLU A 108 -13.84 9.67 -7.75
C GLU A 108 -13.33 8.90 -8.98
N VAL A 109 -14.24 8.43 -9.80
CA VAL A 109 -13.79 7.79 -11.06
C VAL A 109 -13.09 8.82 -11.92
N GLY A 110 -13.63 10.03 -11.95
CA GLY A 110 -13.02 11.16 -12.68
C GLY A 110 -11.62 11.52 -12.24
N ARG A 111 -11.39 11.50 -10.94
CA ARG A 111 -10.04 11.66 -10.41
C ARG A 111 -9.05 10.52 -10.76
N ALA A 112 -9.50 9.27 -10.62
CA ALA A 112 -8.65 8.16 -11.04
C ALA A 112 -8.31 8.25 -12.53
N PHE A 113 -9.25 8.73 -13.36
CA PHE A 113 -8.98 8.96 -14.77
C PHE A 113 -7.79 9.95 -14.88
N ASP A 114 -7.78 10.98 -14.04
CA ASP A 114 -6.73 12.03 -14.11
C ASP A 114 -5.45 11.42 -13.62
N VAL A 115 -5.55 10.59 -12.60
CA VAL A 115 -4.31 10.02 -12.05
C VAL A 115 -3.60 9.15 -13.11
N PHE A 116 -4.40 8.33 -13.80
CA PHE A 116 -3.85 7.45 -14.85
C PHE A 116 -3.41 8.22 -16.11
N THR A 117 -4.15 9.26 -16.45
CA THR A 117 -3.74 10.11 -17.54
C THR A 117 -2.43 10.78 -17.22
N LEU A 118 -2.34 11.39 -16.04
CA LEU A 118 -1.11 12.08 -15.68
C LEU A 118 0.09 11.15 -15.57
N ALA A 119 -0.06 10.00 -14.92
CA ALA A 119 1.05 9.05 -14.90
C ALA A 119 1.49 8.65 -16.34
N GLY A 120 0.56 8.39 -17.26
CA GLY A 120 0.92 7.99 -18.65
C GLY A 120 1.72 9.14 -19.30
N GLN A 121 1.29 10.39 -19.08
CA GLN A 121 2.03 11.55 -19.60
C GLN A 121 3.42 11.75 -18.99
N MET A 122 3.59 11.40 -17.72
CA MET A 122 4.89 11.54 -17.05
C MET A 122 5.93 10.55 -17.51
N CYS A 123 5.52 9.47 -18.19
CA CYS A 123 6.51 8.50 -18.75
C CYS A 123 7.48 9.03 -19.77
N ILE A 124 7.17 10.14 -20.42
CA ILE A 124 8.10 10.68 -21.37
C ILE A 124 9.20 11.49 -20.63
N ARG A 125 9.01 11.73 -19.32
CA ARG A 125 9.88 12.67 -18.64
C ARG A 125 11.10 11.98 -18.06
N ASP A 126 12.25 12.57 -18.28
CA ASP A 126 13.47 11.99 -17.73
C ASP A 126 14.08 13.17 -16.95
N ASP A 127 14.16 13.06 -15.62
CA ASP A 127 14.72 14.13 -14.78
C ASP A 127 16.22 13.91 -14.45
N GLY A 128 16.93 13.06 -15.24
CA GLY A 128 18.38 12.89 -15.08
C GLY A 128 19.21 14.18 -15.00
N GLU A 129 20.35 14.10 -14.32
CA GLU A 129 21.16 15.28 -14.15
C GLU A 129 22.59 15.02 -14.52
N ILE A 130 23.34 16.09 -14.77
CA ILE A 130 24.73 15.94 -15.24
C ILE A 130 25.57 16.82 -14.34
N PHE A 131 26.68 16.34 -13.81
CA PHE A 131 27.61 17.18 -12.99
C PHE A 131 28.94 17.19 -13.69
N SER A 132 29.53 18.37 -13.87
CA SER A 132 30.98 18.48 -14.23
C SER A 132 31.78 18.44 -12.94
N CYS A 133 32.96 17.83 -13.03
CA CYS A 133 33.71 17.50 -11.85
C CYS A 133 34.98 18.33 -11.67
N ASP A 134 35.27 19.31 -12.52
CA ASP A 134 36.51 20.08 -12.37
C ASP A 134 36.17 21.32 -11.52
N LEU A 135 35.61 21.08 -10.34
CA LEU A 135 34.99 22.15 -9.55
C LEU A 135 35.89 22.69 -8.42
N THR A 136 36.82 21.85 -7.96
CA THR A 136 37.62 22.11 -6.79
C THR A 136 39.06 21.88 -7.22
N PRO A 137 40.00 22.11 -6.29
CA PRO A 137 41.39 21.71 -6.48
C PRO A 137 41.57 20.21 -6.75
N HIS A 138 40.70 19.35 -6.21
CA HIS A 138 40.71 17.89 -6.51
C HIS A 138 40.02 17.54 -7.84
N GLY A 139 39.62 18.56 -8.60
CA GLY A 139 39.04 18.50 -9.97
C GLY A 139 38.63 17.30 -10.84
N LYS A 140 39.52 16.76 -11.60
CA LYS A 140 39.09 15.78 -12.66
C LYS A 140 38.24 16.30 -13.83
N ALA A 141 38.73 15.97 -15.02
CA ALA A 141 38.05 16.21 -16.27
C ALA A 141 37.11 15.01 -16.47
N ARG A 142 35.87 15.11 -15.96
CA ARG A 142 35.00 13.94 -15.83
C ARG A 142 33.57 14.48 -15.76
N LYS A 143 32.56 13.75 -16.26
CA LYS A 143 31.18 14.11 -15.95
C LYS A 143 30.54 12.97 -15.14
N ILE A 144 29.70 13.32 -14.15
CA ILE A 144 28.79 12.35 -13.54
C ILE A 144 27.37 12.54 -14.11
N PHE A 145 26.72 11.43 -14.43
CA PHE A 145 25.31 11.42 -14.92
C PHE A 145 24.46 10.60 -13.94
N THR A 146 23.18 10.88 -13.87
CA THR A 146 22.33 10.12 -12.95
C THR A 146 21.27 9.33 -13.79
N MET A 147 20.76 8.20 -13.31
CA MET A 147 19.61 7.60 -13.98
C MET A 147 18.81 6.92 -12.88
N ARG A 148 17.60 6.53 -13.20
CA ARG A 148 16.72 5.90 -12.20
C ARG A 148 16.42 4.45 -12.55
N GLU A 149 16.38 3.58 -11.56
CA GLU A 149 16.03 2.16 -11.80
C GLU A 149 14.90 1.75 -10.87
N PRO A 150 14.13 0.69 -11.22
CA PRO A 150 13.07 0.26 -10.32
C PRO A 150 13.54 -0.48 -9.07
N LEU A 151 12.61 -0.70 -8.13
CA LEU A 151 12.86 -1.49 -6.90
C LEU A 151 12.56 -2.97 -7.15
N THR A 152 12.83 -3.83 -6.18
CA THR A 152 12.45 -5.27 -6.27
C THR A 152 10.90 -5.47 -6.25
N ALA A 153 10.24 -4.92 -5.24
CA ALA A 153 8.80 -5.07 -5.08
C ALA A 153 8.34 -3.94 -4.16
N ILE A 154 7.09 -3.52 -4.35
CA ILE A 154 6.48 -2.45 -3.50
C ILE A 154 5.22 -3.06 -2.88
N SER A 155 5.00 -2.73 -1.61
CA SER A 155 3.86 -3.15 -0.87
C SER A 155 2.99 -1.90 -0.65
N ALA A 156 1.72 -2.00 -1.04
CA ALA A 156 0.82 -0.83 -0.99
C ALA A 156 -0.33 -1.22 -0.13
N ILE A 157 -0.58 -0.44 0.92
CA ILE A 157 -1.73 -0.65 1.79
C ILE A 157 -2.63 0.57 1.78
N THR A 158 -3.95 0.35 1.55
CA THR A 158 -4.82 1.48 1.26
C THR A 158 -6.10 1.60 2.11
N PRO A 159 -6.63 2.82 2.29
CA PRO A 159 -7.72 2.98 3.22
C PRO A 159 -9.07 2.86 2.55
N PHE A 160 -10.15 2.95 3.34
CA PHE A 160 -11.50 2.83 2.81
C PHE A 160 -12.06 4.04 2.06
N ASN A 161 -11.49 5.25 2.23
CA ASN A 161 -12.26 6.47 1.81
C ASN A 161 -12.25 6.77 0.32
N HIS A 162 -11.25 6.28 -0.43
CA HIS A 162 -11.25 6.37 -1.91
C HIS A 162 -10.90 4.98 -2.47
N PRO A 163 -11.88 4.07 -2.48
CA PRO A 163 -11.50 2.65 -2.74
C PRO A 163 -10.87 2.46 -4.15
N LEU A 164 -11.13 3.37 -5.10
CA LEU A 164 -10.47 3.33 -6.39
C LEU A 164 -9.26 4.27 -6.37
N ASN A 165 -9.51 5.54 -6.01
CA ASN A 165 -8.43 6.49 -6.25
C ASN A 165 -7.20 6.28 -5.43
N MET A 166 -7.36 5.79 -4.22
CA MET A 166 -6.14 5.49 -3.43
C MET A 166 -5.30 4.35 -4.04
N VAL A 167 -5.95 3.41 -4.72
CA VAL A 167 -5.25 2.30 -5.32
C VAL A 167 -4.60 2.91 -6.57
N ALA A 168 -5.34 3.73 -7.29
CA ALA A 168 -4.72 4.35 -8.45
C ALA A 168 -3.46 5.14 -8.13
N HIS A 169 -3.44 5.93 -7.05
CA HIS A 169 -2.26 6.71 -6.68
C HIS A 169 -1.06 5.85 -6.34
N LYS A 170 -1.28 4.64 -5.89
CA LYS A 170 -0.16 3.74 -5.54
C LYS A 170 0.25 2.94 -6.76
N VAL A 171 -0.69 2.60 -7.63
CA VAL A 171 -0.43 1.64 -8.73
C VAL A 171 0.07 2.34 -9.98
N ALA A 172 -0.54 3.44 -10.38
CA ALA A 172 -0.14 4.09 -11.64
C ALA A 172 1.36 4.46 -11.69
N PRO A 173 1.91 5.01 -10.60
CA PRO A 173 3.29 5.44 -10.66
C PRO A 173 4.21 4.25 -10.55
N ALA A 174 3.80 3.15 -9.90
CA ALA A 174 4.59 1.91 -9.97
C ALA A 174 4.68 1.38 -11.43
N ILE A 175 3.56 1.40 -12.12
CA ILE A 175 3.56 0.96 -13.52
C ILE A 175 4.43 1.91 -14.34
N ALA A 176 4.22 3.23 -14.20
CA ALA A 176 5.04 4.22 -14.92
C ALA A 176 6.55 4.05 -14.74
N THR A 177 6.93 3.31 -13.74
CA THR A 177 8.27 3.26 -13.24
C THR A 177 8.86 1.79 -13.35
N ASN A 178 8.08 0.85 -13.95
CA ASN A 178 8.51 -0.56 -14.13
C ASN A 178 8.73 -1.26 -12.82
N ASN A 179 7.92 -0.86 -11.82
CA ASN A 179 7.87 -1.57 -10.59
C ASN A 179 6.82 -2.67 -10.57
N CYS A 180 6.93 -3.65 -9.67
CA CYS A 180 5.84 -4.59 -9.50
C CYS A 180 5.22 -4.31 -8.11
N VAL A 181 3.89 -4.19 -8.00
CA VAL A 181 3.29 -3.80 -6.72
C VAL A 181 2.28 -4.84 -6.28
N VAL A 182 2.25 -5.10 -4.99
CA VAL A 182 1.23 -5.92 -4.35
C VAL A 182 0.40 -4.94 -3.48
N VAL A 183 -0.92 -4.84 -3.78
CA VAL A 183 -1.90 -4.06 -2.99
C VAL A 183 -2.73 -4.90 -2.05
N LYS A 184 -2.83 -4.52 -0.76
CA LYS A 184 -3.84 -5.10 0.11
C LYS A 184 -4.83 -3.97 0.41
N PRO A 185 -5.95 -3.89 -0.30
CA PRO A 185 -6.93 -2.84 0.06
C PRO A 185 -7.55 -3.16 1.44
N THR A 186 -8.19 -2.17 2.05
CA THR A 186 -8.89 -2.40 3.30
C THR A 186 -9.97 -3.51 3.09
N GLU A 187 -10.20 -4.29 4.12
CA GLU A 187 -11.25 -5.29 4.11
C GLU A 187 -12.63 -4.67 4.07
N LEU A 188 -12.72 -3.35 4.33
CA LEU A 188 -14.05 -2.69 4.29
C LEU A 188 -14.49 -2.37 2.87
N THR A 189 -13.53 -2.06 1.98
CA THR A 189 -13.86 -1.66 0.59
C THR A 189 -12.86 -2.29 -0.48
N PRO A 190 -12.77 -3.64 -0.56
CA PRO A 190 -11.78 -4.30 -1.41
C PRO A 190 -12.25 -4.52 -2.84
N MET A 191 -13.55 -4.43 -3.09
CA MET A 191 -14.12 -4.87 -4.40
C MET A 191 -13.69 -3.96 -5.53
N THR A 192 -13.54 -2.67 -5.19
CA THR A 192 -13.13 -1.70 -6.20
C THR A 192 -11.69 -1.95 -6.68
N ALA A 193 -10.82 -2.33 -5.75
CA ALA A 193 -9.42 -2.58 -6.12
C ALA A 193 -9.34 -3.77 -7.08
N LEU A 194 -10.15 -4.78 -6.82
CA LEU A 194 -10.11 -6.01 -7.62
C LEU A 194 -10.60 -5.70 -9.02
N LEU A 195 -11.58 -4.81 -9.11
CA LEU A 195 -12.09 -4.42 -10.44
C LEU A 195 -11.00 -3.65 -11.19
N LEU A 196 -10.31 -2.76 -10.47
CA LEU A 196 -9.24 -2.04 -11.13
C LEU A 196 -8.11 -3.01 -11.57
N ALA A 197 -7.72 -3.98 -10.76
CA ALA A 197 -6.76 -4.99 -11.28
C ALA A 197 -7.24 -5.61 -12.63
N ASP A 198 -8.49 -6.03 -12.70
CA ASP A 198 -9.06 -6.56 -13.98
C ASP A 198 -8.89 -5.62 -15.13
N ILE A 199 -9.20 -4.35 -14.90
CA ILE A 199 -9.13 -3.34 -15.92
C ILE A 199 -7.67 -3.16 -16.38
N LEU A 200 -6.74 -3.20 -15.44
CA LEU A 200 -5.34 -3.07 -15.75
C LEU A 200 -4.82 -4.28 -16.58
N TYR A 201 -5.08 -5.52 -16.16
CA TYR A 201 -4.67 -6.66 -16.94
C TYR A 201 -5.24 -6.57 -18.37
N GLU A 202 -6.51 -6.20 -18.49
CA GLU A 202 -7.14 -6.00 -19.78
C GLU A 202 -6.61 -4.79 -20.60
N ALA A 203 -6.02 -3.78 -19.96
CA ALA A 203 -5.41 -2.66 -20.67
C ALA A 203 -4.03 -3.04 -21.16
N GLY A 204 -3.58 -4.26 -20.87
CA GLY A 204 -2.31 -4.74 -21.37
C GLY A 204 -1.21 -4.82 -20.34
N LEU A 205 -1.49 -4.64 -19.03
CA LEU A 205 -0.40 -4.73 -18.05
C LEU A 205 0.12 -6.16 -17.88
N PRO A 206 1.48 -6.38 -17.96
CA PRO A 206 2.04 -7.74 -17.67
C PRO A 206 1.61 -8.08 -16.28
N PRO A 207 0.98 -9.26 -16.13
CA PRO A 207 0.24 -9.49 -14.94
C PRO A 207 1.07 -9.60 -13.69
N GLU A 208 2.36 -9.92 -13.84
CA GLU A 208 3.24 -10.11 -12.67
C GLU A 208 3.48 -8.71 -12.03
N MET A 209 3.16 -7.66 -12.76
CA MET A 209 3.36 -6.28 -12.22
C MET A 209 2.30 -5.86 -11.16
N LEU A 210 1.22 -6.62 -10.99
CA LEU A 210 0.24 -6.23 -9.98
C LEU A 210 -0.46 -7.42 -9.38
N SER A 211 -0.50 -7.48 -8.04
CA SER A 211 -1.44 -8.37 -7.38
C SER A 211 -2.29 -7.54 -6.44
N VAL A 212 -3.53 -7.98 -6.25
CA VAL A 212 -4.41 -7.45 -5.18
C VAL A 212 -4.79 -8.60 -4.24
N VAL A 213 -4.29 -8.59 -2.98
CA VAL A 213 -4.63 -9.66 -2.05
C VAL A 213 -5.57 -9.05 -1.01
N THR A 214 -6.38 -9.88 -0.37
CA THR A 214 -7.41 -9.39 0.55
C THR A 214 -7.37 -10.31 1.76
N GLY A 215 -7.78 -9.79 2.90
CA GLY A 215 -8.05 -10.58 4.09
C GLY A 215 -8.00 -9.70 5.33
N TRP A 216 -8.07 -10.32 6.49
CA TRP A 216 -8.11 -9.60 7.77
C TRP A 216 -6.74 -9.05 8.03
N PRO A 217 -6.67 -7.84 8.57
CA PRO A 217 -5.35 -7.38 8.92
C PRO A 217 -4.59 -8.31 9.90
N ALA A 218 -5.26 -9.02 10.80
CA ALA A 218 -4.51 -9.97 11.69
C ALA A 218 -3.88 -11.11 10.91
N ASP A 219 -4.42 -11.45 9.72
CA ASP A 219 -3.90 -12.62 8.95
C ASP A 219 -2.75 -12.32 7.95
N ILE A 220 -2.92 -11.23 7.19
CA ILE A 220 -2.10 -10.93 5.98
C ILE A 220 -1.37 -9.57 6.12
N GLY A 221 -1.73 -8.82 7.15
CA GLY A 221 -1.18 -7.49 7.32
C GLY A 221 0.32 -7.47 7.56
N MET A 222 0.81 -8.36 8.42
CA MET A 222 2.23 -8.30 8.83
C MET A 222 3.14 -8.70 7.66
N GLU A 223 2.68 -9.69 6.89
CA GLU A 223 3.39 -10.08 5.69
C GLU A 223 3.57 -8.91 4.72
N MET A 224 2.56 -8.03 4.63
CA MET A 224 2.72 -6.85 3.73
C MET A 224 3.88 -5.93 4.20
N ILE A 225 4.19 -5.96 5.50
CA ILE A 225 5.12 -4.99 6.16
C ILE A 225 6.52 -5.58 6.22
N THR A 226 6.59 -6.91 6.38
CA THR A 226 7.85 -7.57 6.71
C THR A 226 8.41 -8.52 5.63
N ASN A 227 7.71 -8.71 4.49
CA ASN A 227 8.21 -9.65 3.51
C ASN A 227 9.61 -9.26 3.02
N PRO A 228 10.54 -10.26 2.91
CA PRO A 228 11.95 -9.96 2.63
C PRO A 228 12.18 -9.30 1.28
N HIS A 229 11.27 -9.49 0.33
CA HIS A 229 11.44 -8.90 -0.99
C HIS A 229 11.03 -7.43 -1.13
N VAL A 230 10.31 -6.89 -0.14
CA VAL A 230 9.69 -5.56 -0.22
C VAL A 230 10.79 -4.55 0.06
N ASP A 231 11.03 -3.70 -0.92
CA ASP A 231 11.89 -2.54 -0.84
C ASP A 231 11.22 -1.32 -0.23
N LEU A 232 9.92 -1.15 -0.45
CA LEU A 232 9.26 0.08 -0.03
C LEU A 232 7.84 -0.30 0.38
N VAL A 233 7.36 0.25 1.52
CA VAL A 233 5.94 0.15 1.92
C VAL A 233 5.30 1.54 1.75
N THR A 234 4.19 1.63 1.01
CA THR A 234 3.49 2.87 0.84
C THR A 234 2.13 2.65 1.51
N PHE A 235 1.84 3.39 2.56
CA PHE A 235 0.66 3.15 3.38
C PHE A 235 -0.09 4.47 3.49
N THR A 236 -1.42 4.41 3.35
CA THR A 236 -2.27 5.56 3.65
C THR A 236 -3.32 5.11 4.58
N GLY A 237 -3.58 5.89 5.64
CA GLY A 237 -4.48 5.42 6.69
C GLY A 237 -4.36 6.18 8.02
N SER A 238 -4.85 5.55 9.10
CA SER A 238 -5.02 6.25 10.40
C SER A 238 -3.66 6.39 11.09
N VAL A 239 -3.55 7.39 11.96
CA VAL A 239 -2.35 7.53 12.81
C VAL A 239 -1.94 6.25 13.53
N PRO A 240 -2.85 5.57 14.29
CA PRO A 240 -2.30 4.42 15.05
C PRO A 240 -1.78 3.29 14.18
N VAL A 241 -2.51 2.93 13.12
CA VAL A 241 -2.05 1.87 12.22
C VAL A 241 -0.71 2.34 11.58
N GLY A 242 -0.67 3.59 11.12
CA GLY A 242 0.58 4.12 10.57
C GLY A 242 1.81 4.00 11.48
N LYS A 243 1.62 4.31 12.77
CA LYS A 243 2.66 4.13 13.80
C LYS A 243 3.04 2.63 13.94
N LEU A 244 2.05 1.72 13.90
CA LEU A 244 2.41 0.30 13.92
C LEU A 244 3.30 -0.08 12.73
N ILE A 245 2.97 0.43 11.56
CA ILE A 245 3.71 0.03 10.38
C ILE A 245 5.09 0.58 10.42
N ALA A 246 5.18 1.89 10.70
CA ALA A 246 6.47 2.54 10.92
C ALA A 246 7.39 1.71 11.80
N ALA A 247 6.84 1.17 12.89
CA ALA A 247 7.61 0.47 13.92
C ALA A 247 8.00 -0.93 13.43
N ASN A 248 7.18 -1.53 12.53
CA ASN A 248 7.49 -2.90 12.04
C ASN A 248 8.20 -3.13 10.68
N ALA A 249 8.31 -2.06 9.87
CA ALA A 249 8.90 -2.19 8.53
C ALA A 249 10.41 -1.95 8.57
N HIS A 250 11.13 -2.78 9.31
CA HIS A 250 12.53 -2.52 9.63
C HIS A 250 13.34 -2.56 8.40
N TYR A 251 14.05 -1.47 8.15
CA TYR A 251 15.01 -1.40 7.03
C TYR A 251 14.29 -1.43 5.64
N LYS A 252 13.14 -0.77 5.59
CA LYS A 252 12.45 -0.64 4.33
C LYS A 252 12.21 0.78 4.19
N ARG A 253 12.12 1.27 2.97
CA ARG A 253 11.68 2.65 2.89
C ARG A 253 10.20 2.64 3.19
N GLN A 254 9.72 3.75 3.72
CA GLN A 254 8.34 3.86 4.18
C GLN A 254 7.83 5.17 3.76
N VAL A 255 6.72 5.14 3.05
CA VAL A 255 5.97 6.35 2.75
C VAL A 255 4.61 6.21 3.48
N LEU A 256 4.43 7.01 4.51
CA LEU A 256 3.32 6.84 5.42
C LEU A 256 2.54 8.13 5.42
N GLU A 257 1.32 8.04 4.94
CA GLU A 257 0.46 9.27 4.85
C GLU A 257 -0.76 9.03 5.79
N LEU A 258 -0.82 9.75 6.92
CA LEU A 258 -1.73 9.39 8.02
C LEU A 258 -2.85 10.43 8.22
N GLY A 259 -3.50 10.44 9.38
CA GLY A 259 -4.69 11.33 9.47
C GLY A 259 -4.42 12.84 9.30
N GLY A 260 -5.45 13.57 8.88
CA GLY A 260 -5.40 15.01 8.86
C GLY A 260 -6.47 15.56 9.82
N ASN A 261 -6.43 16.85 10.09
CA ASN A 261 -7.50 17.46 10.85
C ASN A 261 -7.42 18.93 10.48
N ASP A 262 -7.89 19.23 9.26
CA ASP A 262 -7.49 20.43 8.57
C ASP A 262 -8.40 21.66 8.75
N PRO A 263 -7.74 22.82 8.92
CA PRO A 263 -8.57 23.97 9.24
C PRO A 263 -8.98 24.73 7.99
N LEU A 264 -10.16 25.31 7.98
CA LEU A 264 -10.44 26.41 7.05
C LEU A 264 -10.51 27.71 7.91
N ILE A 265 -9.67 28.68 7.64
CA ILE A 265 -9.53 29.87 8.51
C ILE A 265 -10.19 31.12 7.84
N ILE A 266 -11.07 31.79 8.59
CA ILE A 266 -11.78 32.86 8.02
C ILE A 266 -11.27 34.18 8.74
N LEU A 267 -10.59 35.06 8.02
CA LEU A 267 -9.92 36.20 8.67
C LEU A 267 -10.90 37.39 8.68
N ASN A 268 -10.72 38.29 9.63
CA ASN A 268 -11.70 39.38 9.86
C ASN A 268 -11.61 40.55 8.90
N ASP A 269 -10.81 40.47 7.83
CA ASP A 269 -10.86 41.55 6.79
C ASP A 269 -11.90 41.30 5.71
N LEU A 270 -12.58 40.16 5.74
CA LEU A 270 -13.45 39.84 4.58
C LEU A 270 -14.77 40.61 4.59
N SER A 271 -15.24 41.05 3.47
CA SER A 271 -16.59 41.63 3.39
C SER A 271 -17.65 40.51 3.53
N ASP A 272 -18.89 40.93 3.71
CA ASP A 272 -19.99 40.03 3.80
C ASP A 272 -20.23 39.23 2.48
N ASP A 273 -19.86 39.77 1.31
CA ASP A 273 -19.84 38.93 0.08
C ASP A 273 -18.73 37.86 0.11
N ASP A 274 -17.55 38.25 0.57
CA ASP A 274 -16.45 37.30 0.76
C ASP A 274 -16.86 36.21 1.78
N LEU A 275 -17.54 36.58 2.88
CA LEU A 275 -18.02 35.58 3.83
C LEU A 275 -18.98 34.55 3.18
N ALA A 276 -19.82 34.95 2.23
CA ALA A 276 -20.73 34.03 1.55
C ALA A 276 -19.85 33.04 0.73
N ARG A 277 -18.83 33.58 0.07
CA ARG A 277 -17.92 32.73 -0.67
C ARG A 277 -17.16 31.72 0.21
N ALA A 278 -16.66 32.21 1.34
CA ALA A 278 -16.00 31.35 2.34
C ALA A 278 -16.95 30.32 2.89
N ALA A 279 -18.23 30.70 3.09
CA ALA A 279 -19.23 29.74 3.56
C ALA A 279 -19.44 28.59 2.50
N ASP A 280 -19.41 28.91 1.21
CA ASP A 280 -19.52 27.89 0.13
C ASP A 280 -18.37 26.87 0.30
N LEU A 281 -17.15 27.40 0.42
CA LEU A 281 -15.98 26.60 0.70
C LEU A 281 -16.07 25.78 1.99
N ALA A 282 -16.55 26.40 3.09
CA ALA A 282 -16.63 25.60 4.32
C ALA A 282 -17.57 24.43 4.21
N VAL A 283 -18.73 24.64 3.59
CA VAL A 283 -19.79 23.62 3.57
C VAL A 283 -19.37 22.47 2.59
N ALA A 284 -18.82 22.83 1.42
CA ALA A 284 -18.35 21.88 0.45
C ALA A 284 -17.17 21.10 1.08
N GLY A 285 -16.26 21.79 1.74
CA GLY A 285 -15.04 21.18 2.21
C GLY A 285 -15.30 20.26 3.38
N ALA A 286 -16.33 20.56 4.18
CA ALA A 286 -16.60 19.81 5.35
C ALA A 286 -17.36 18.53 4.97
N THR A 287 -18.04 18.53 3.81
CA THR A 287 -19.02 17.46 3.52
C THR A 287 -18.71 16.61 2.30
N LYS A 288 -17.79 17.03 1.47
CA LYS A 288 -17.50 16.30 0.25
C LYS A 288 -17.00 14.87 0.62
N ASN A 289 -17.45 13.89 -0.14
CA ASN A 289 -17.19 12.45 0.16
C ASN A 289 -17.69 12.02 1.56
N SER A 290 -18.81 12.62 1.98
CA SER A 290 -19.30 12.45 3.36
C SER A 290 -18.30 12.89 4.39
N GLY A 291 -17.46 13.87 4.05
CA GLY A 291 -16.48 14.28 5.03
C GLY A 291 -15.28 13.35 5.18
N GLN A 292 -15.28 12.25 4.41
CA GLN A 292 -14.23 11.24 4.48
C GLN A 292 -13.02 11.54 3.56
N ARG A 293 -12.26 12.59 3.92
CA ARG A 293 -10.99 12.95 3.18
C ARG A 293 -10.03 13.31 4.29
N CYS A 294 -8.77 12.94 4.13
CA CYS A 294 -7.78 13.28 5.16
C CYS A 294 -7.61 14.80 5.18
N THR A 295 -7.95 15.45 4.05
CA THR A 295 -7.90 16.90 3.89
C THR A 295 -9.29 17.63 3.96
N ALA A 296 -10.34 16.92 4.43
CA ALA A 296 -11.63 17.54 4.68
C ALA A 296 -11.46 18.77 5.58
N VAL A 297 -12.34 19.77 5.40
CA VAL A 297 -12.48 20.78 6.46
C VAL A 297 -13.04 20.13 7.72
N LYS A 298 -12.23 20.08 8.78
CA LYS A 298 -12.68 19.52 10.03
C LYS A 298 -12.72 20.51 11.19
N ARG A 299 -12.38 21.77 10.94
CA ARG A 299 -12.36 22.80 12.01
C ARG A 299 -12.56 24.05 11.17
N ILE A 300 -13.60 24.85 11.39
CA ILE A 300 -13.67 26.13 10.70
C ILE A 300 -13.26 27.17 11.75
N LEU A 301 -12.08 27.78 11.62
CA LEU A 301 -11.57 28.76 12.65
C LEU A 301 -11.96 30.16 12.17
N CYS A 302 -13.01 30.74 12.76
CA CYS A 302 -13.53 31.95 12.27
C CYS A 302 -13.16 33.00 13.34
N GLN A 303 -12.48 34.05 12.91
CA GLN A 303 -12.20 35.18 13.80
C GLN A 303 -13.49 35.86 14.36
N GLU A 304 -13.47 36.13 15.67
CA GLU A 304 -14.66 36.47 16.43
C GLU A 304 -15.50 37.55 15.77
N SER A 305 -14.87 38.59 15.26
CA SER A 305 -15.63 39.76 14.84
C SER A 305 -16.42 39.53 13.57
N VAL A 306 -16.09 38.49 12.75
CA VAL A 306 -16.94 38.20 11.58
C VAL A 306 -17.86 36.99 11.80
N ALA A 307 -17.74 36.34 12.95
CA ALA A 307 -18.42 35.05 13.16
C ALA A 307 -19.96 35.18 13.13
N ASP A 308 -20.50 36.24 13.75
CA ASP A 308 -21.96 36.40 13.72
C ASP A 308 -22.48 36.60 12.31
N ARG A 309 -21.69 37.12 11.41
CA ARG A 309 -22.16 37.26 10.04
C ARG A 309 -21.87 36.05 9.19
N PHE A 310 -20.83 35.29 9.52
CA PHE A 310 -20.41 34.18 8.72
C PHE A 310 -21.32 32.95 8.99
N VAL A 311 -21.54 32.65 10.26
CA VAL A 311 -22.33 31.48 10.67
C VAL A 311 -23.71 31.33 9.99
N PRO A 312 -24.52 32.40 9.92
CA PRO A 312 -25.82 32.29 9.19
C PRO A 312 -25.67 31.89 7.71
N LEU A 313 -24.61 32.33 7.07
CA LEU A 313 -24.37 32.01 5.69
C LEU A 313 -24.02 30.50 5.61
N VAL A 314 -23.23 30.00 6.58
CA VAL A 314 -22.89 28.58 6.63
C VAL A 314 -24.19 27.79 6.78
N LEU A 315 -25.03 28.25 7.72
CA LEU A 315 -26.27 27.56 8.00
C LEU A 315 -27.20 27.41 6.77
N GLU A 316 -27.32 28.48 6.01
CA GLU A 316 -28.15 28.53 4.81
C GLU A 316 -27.66 27.53 3.77
N ARG A 317 -26.35 27.50 3.57
CA ARG A 317 -25.75 26.59 2.60
C ARG A 317 -25.85 25.14 3.01
N ALA A 318 -25.67 24.84 4.30
CA ALA A 318 -25.73 23.45 4.79
C ALA A 318 -27.10 22.83 4.56
N LYS A 319 -28.13 23.68 4.75
CA LYS A 319 -29.51 23.15 4.66
C LYS A 319 -29.88 22.82 3.18
N ARG A 320 -29.09 23.26 2.21
CA ARG A 320 -29.33 22.93 0.80
C ARG A 320 -28.96 21.50 0.46
N LEU A 321 -28.11 20.83 1.26
CA LEU A 321 -27.63 19.50 0.90
C LEU A 321 -28.69 18.42 1.06
N ARG A 322 -28.89 17.61 0.02
CA ARG A 322 -29.83 16.46 0.07
C ARG A 322 -29.02 15.25 0.61
N PHE A 323 -29.42 14.66 1.73
CA PHE A 323 -28.70 13.53 2.25
C PHE A 323 -29.71 12.36 2.18
N GLY A 324 -29.26 11.18 1.78
CA GLY A 324 -30.22 10.06 1.63
C GLY A 324 -29.53 8.89 0.93
N ASP A 325 -30.37 8.09 0.30
CA ASP A 325 -29.99 6.89 -0.35
C ASP A 325 -28.86 7.23 -1.32
N PRO A 326 -27.70 6.59 -1.12
CA PRO A 326 -26.56 7.01 -1.96
C PRO A 326 -26.72 6.66 -3.45
N MET A 327 -27.55 5.66 -3.76
CA MET A 327 -27.73 5.25 -5.18
C MET A 327 -28.74 6.15 -5.88
N ASP A 328 -29.44 6.97 -5.12
CA ASP A 328 -30.37 7.93 -5.72
C ASP A 328 -29.61 9.09 -6.37
N ARG A 329 -29.90 9.41 -7.63
CA ARG A 329 -29.20 10.53 -8.23
C ARG A 329 -29.51 11.88 -7.59
N SER A 330 -30.60 12.02 -6.84
CA SER A 330 -30.84 13.31 -6.18
C SER A 330 -30.04 13.42 -4.83
N THR A 331 -29.26 12.40 -4.45
CA THR A 331 -28.53 12.47 -3.16
C THR A 331 -27.24 13.25 -3.37
N ASP A 332 -26.95 14.27 -2.57
CA ASP A 332 -25.62 14.91 -2.57
C ASP A 332 -24.65 14.18 -1.58
N LEU A 333 -25.21 13.87 -0.42
CA LEU A 333 -24.51 13.29 0.68
C LEU A 333 -25.09 11.93 1.04
N GLY A 334 -24.22 10.88 0.89
CA GLY A 334 -24.62 9.55 1.25
C GLY A 334 -24.17 9.27 2.67
N THR A 335 -23.88 8.00 3.01
CA THR A 335 -23.60 7.62 4.40
C THR A 335 -22.11 7.83 4.68
N VAL A 336 -21.73 7.72 5.94
CA VAL A 336 -20.36 7.42 6.26
C VAL A 336 -20.16 5.89 6.26
N ILE A 337 -18.92 5.48 6.55
CA ILE A 337 -18.46 4.06 6.40
C ILE A 337 -19.33 3.02 7.08
N HIS A 338 -19.78 3.33 8.30
CA HIS A 338 -20.71 2.42 9.00
C HIS A 338 -21.35 3.14 10.13
N GLU A 339 -22.31 2.45 10.73
CA GLU A 339 -23.20 2.99 11.77
C GLU A 339 -22.41 3.41 12.99
N LYS A 340 -21.46 2.57 13.37
CA LYS A 340 -20.59 2.86 14.48
C LYS A 340 -19.81 4.20 14.34
N ALA A 341 -19.23 4.42 13.15
CA ALA A 341 -18.58 5.71 12.81
C ALA A 341 -19.62 6.85 12.92
N ALA A 342 -20.79 6.67 12.31
CA ALA A 342 -21.80 7.73 12.33
C ALA A 342 -22.21 8.06 13.76
N ALA A 343 -22.40 7.03 14.58
CA ALA A 343 -22.75 7.24 16.02
C ALA A 343 -21.70 7.99 16.80
N LEU A 344 -20.43 7.62 16.61
CA LEU A 344 -19.32 8.35 17.24
C LEU A 344 -19.29 9.85 16.91
N PHE A 345 -19.45 10.20 15.65
CA PHE A 345 -19.39 11.60 15.27
C PHE A 345 -20.56 12.35 15.90
N GLU A 346 -21.76 11.76 15.88
CA GLU A 346 -22.93 12.43 16.56
C GLU A 346 -22.66 12.59 18.08
N GLU A 347 -22.05 11.57 18.67
CA GLU A 347 -21.77 11.63 20.08
C GLU A 347 -20.73 12.74 20.36
N ARG A 348 -19.69 12.87 19.50
CA ARG A 348 -18.76 14.03 19.68
C ARG A 348 -19.50 15.36 19.55
N VAL A 349 -20.50 15.45 18.68
CA VAL A 349 -21.25 16.70 18.58
C VAL A 349 -22.06 16.94 19.87
N MET A 350 -22.72 15.88 20.35
CA MET A 350 -23.46 16.02 21.64
C MET A 350 -22.55 16.38 22.80
N ARG A 351 -21.30 15.90 22.81
CA ARG A 351 -20.35 16.28 23.85
C ARG A 351 -19.91 17.72 23.71
N ALA A 352 -19.62 18.14 22.50
CA ALA A 352 -19.30 19.50 22.26
C ALA A 352 -20.47 20.40 22.76
N ALA A 353 -21.71 20.03 22.49
CA ALA A 353 -22.84 20.87 22.96
C ALA A 353 -22.88 20.94 24.51
N GLU A 354 -22.66 19.84 25.19
CA GLU A 354 -22.60 19.91 26.67
C GLU A 354 -21.46 20.82 27.14
N GLU A 355 -20.33 20.90 26.42
CA GLU A 355 -19.24 21.75 26.88
C GLU A 355 -19.37 23.18 26.40
N GLY A 356 -20.53 23.56 25.85
CA GLY A 356 -20.74 24.94 25.40
C GLY A 356 -21.05 25.20 23.91
N ALA A 357 -20.89 24.19 23.03
CA ALA A 357 -21.21 24.40 21.63
C ALA A 357 -22.72 24.64 21.42
N ASP A 358 -23.08 25.23 20.28
CA ASP A 358 -24.48 25.42 19.88
C ASP A 358 -24.79 24.68 18.55
N ILE A 359 -25.60 23.60 18.65
CA ILE A 359 -26.03 22.89 17.49
C ILE A 359 -27.12 23.76 16.82
N LEU A 360 -26.86 24.23 15.60
CA LEU A 360 -27.75 25.09 14.79
C LEU A 360 -28.59 24.34 13.79
N TYR A 361 -28.16 23.15 13.37
CA TYR A 361 -28.89 22.39 12.34
C TYR A 361 -28.54 20.93 12.56
N HIS A 362 -29.56 20.14 12.86
CA HIS A 362 -29.32 18.73 13.01
C HIS A 362 -30.63 17.98 12.74
N PRO A 363 -30.90 17.61 11.45
CA PRO A 363 -32.11 16.94 11.10
C PRO A 363 -32.18 15.47 11.52
N GLY A 364 -31.18 14.93 12.18
CA GLY A 364 -31.29 13.58 12.71
C GLY A 364 -30.49 12.57 11.88
N ARG A 365 -29.84 11.69 12.58
CA ARG A 365 -29.07 10.63 11.99
C ARG A 365 -29.99 9.43 11.73
N SER A 366 -29.79 8.68 10.68
CA SER A 366 -30.36 7.35 10.69
C SER A 366 -29.35 6.35 10.23
N GLY A 367 -28.94 5.54 11.19
CA GLY A 367 -27.96 4.46 10.97
C GLY A 367 -26.62 5.09 10.58
N ALA A 368 -26.09 4.74 9.40
CA ALA A 368 -24.80 5.27 8.93
C ALA A 368 -24.99 6.63 8.19
N LEU A 369 -26.25 7.04 7.94
CA LEU A 369 -26.56 8.34 7.25
C LEU A 369 -26.49 9.51 8.25
N LEU A 370 -25.39 10.26 8.19
CA LEU A 370 -25.26 11.45 9.03
C LEU A 370 -25.58 12.69 8.20
N PRO A 371 -26.48 13.57 8.71
CA PRO A 371 -26.74 14.79 7.95
C PRO A 371 -25.56 15.78 8.21
N PRO A 372 -25.47 16.89 7.41
CA PRO A 372 -24.34 17.82 7.58
C PRO A 372 -24.60 18.72 8.80
N ILE A 373 -24.38 18.19 10.00
CA ILE A 373 -24.68 18.90 11.23
C ILE A 373 -23.89 20.19 11.34
N VAL A 374 -24.59 21.33 11.62
CA VAL A 374 -23.86 22.61 11.85
C VAL A 374 -23.79 22.89 13.36
N VAL A 375 -22.57 23.08 13.90
CA VAL A 375 -22.38 23.39 15.34
C VAL A 375 -21.50 24.62 15.40
N ASP A 376 -21.90 25.62 16.19
CA ASP A 376 -21.13 26.89 16.36
C ASP A 376 -20.57 26.90 17.78
N ARG A 377 -19.63 27.80 18.06
CA ARG A 377 -19.03 27.97 19.40
C ARG A 377 -18.43 26.67 19.89
N VAL A 378 -17.80 25.87 18.99
CA VAL A 378 -17.20 24.62 19.39
C VAL A 378 -15.92 24.88 20.18
N PRO A 379 -15.79 24.36 21.38
CA PRO A 379 -14.50 24.57 22.06
C PRO A 379 -13.32 23.91 21.28
N HIS A 380 -12.18 24.59 21.13
CA HIS A 380 -11.08 24.02 20.33
C HIS A 380 -10.47 22.77 20.95
N GLN A 381 -10.72 22.53 22.23
CA GLN A 381 -10.20 21.33 22.93
C GLN A 381 -11.16 20.17 22.91
N SER A 382 -12.40 20.40 22.50
CA SER A 382 -13.37 19.30 22.50
C SER A 382 -12.93 18.20 21.49
N ASP A 383 -13.30 16.96 21.77
CA ASP A 383 -12.97 15.82 20.86
C ASP A 383 -13.41 16.02 19.40
N LEU A 384 -14.57 16.61 19.18
CA LEU A 384 -15.05 16.88 17.82
C LEU A 384 -14.00 17.48 16.91
N VAL A 385 -13.30 18.48 17.43
CA VAL A 385 -12.33 19.24 16.63
C VAL A 385 -10.85 18.99 17.01
N LEU A 386 -10.62 18.35 18.17
CA LEU A 386 -9.25 18.09 18.62
C LEU A 386 -8.71 16.77 18.04
N GLU A 387 -9.56 15.75 18.08
CA GLU A 387 -9.39 14.50 17.37
C GLU A 387 -9.87 14.67 15.90
N GLU A 388 -9.48 13.73 15.02
CA GLU A 388 -9.92 13.73 13.60
C GLU A 388 -11.37 13.18 13.61
N THR A 389 -12.36 13.93 13.13
CA THR A 389 -13.70 13.34 13.08
C THR A 389 -14.04 13.20 11.60
N PHE A 390 -13.99 11.95 11.10
CA PHE A 390 -13.98 11.66 9.62
C PHE A 390 -15.44 11.59 9.11
N GLY A 391 -16.25 12.62 9.38
CA GLY A 391 -17.66 12.73 8.89
C GLY A 391 -18.09 14.17 8.51
N PRO A 392 -19.36 14.34 8.02
CA PRO A 392 -19.78 15.59 7.38
C PRO A 392 -20.27 16.64 8.42
N ILE A 393 -19.55 16.71 9.54
CA ILE A 393 -19.85 17.69 10.56
C ILE A 393 -19.27 19.01 10.06
N ILE A 394 -19.96 20.08 10.35
CA ILE A 394 -19.51 21.44 9.96
C ILE A 394 -19.38 22.21 11.27
N PRO A 395 -18.20 22.23 11.87
CA PRO A 395 -17.99 22.77 13.20
C PRO A 395 -17.26 24.10 13.14
N ILE A 396 -17.87 25.16 13.64
CA ILE A 396 -17.21 26.50 13.63
C ILE A 396 -16.58 26.70 15.04
N VAL A 397 -15.29 26.95 15.10
CA VAL A 397 -14.58 27.29 16.33
C VAL A 397 -14.38 28.80 16.28
N ARG A 398 -14.88 29.53 17.25
CA ARG A 398 -14.60 30.98 17.27
C ARG A 398 -13.21 31.25 17.79
N VAL A 399 -12.40 32.01 17.05
CA VAL A 399 -11.04 32.29 17.46
C VAL A 399 -10.85 33.79 17.57
N PRO A 400 -9.81 34.21 18.32
CA PRO A 400 -9.57 35.68 18.55
C PRO A 400 -9.24 36.44 17.28
N ASP A 401 -9.54 37.73 17.30
CA ASP A 401 -9.17 38.62 16.22
C ASP A 401 -7.73 38.99 16.34
N ASP A 402 -6.89 38.00 16.22
CA ASP A 402 -5.44 38.17 16.35
C ASP A 402 -4.75 37.00 15.65
N ASP A 403 -3.91 37.28 14.65
CA ASP A 403 -3.36 36.27 13.80
C ASP A 403 -2.40 35.33 14.55
N ASP A 404 -1.54 35.86 15.45
CA ASP A 404 -0.69 35.00 16.32
C ASP A 404 -1.49 34.03 17.13
N ALA A 405 -2.56 34.48 17.76
CA ALA A 405 -3.32 33.55 18.56
C ALA A 405 -4.06 32.49 17.64
N THR A 406 -4.49 32.92 16.46
CA THR A 406 -5.18 32.03 15.54
C THR A 406 -4.24 30.93 15.03
N ILE A 407 -3.09 31.36 14.53
CA ILE A 407 -2.05 30.45 14.10
C ILE A 407 -1.68 29.41 15.21
N THR A 408 -1.46 29.90 16.45
CA THR A 408 -1.18 29.01 17.56
C THR A 408 -2.36 28.01 17.77
N LEU A 409 -3.59 28.48 17.73
CA LEU A 409 -4.69 27.52 17.90
C LEU A 409 -4.75 26.54 16.70
N SER A 410 -4.56 27.06 15.51
CA SER A 410 -4.58 26.17 14.34
C SER A 410 -3.50 25.07 14.43
N ASN A 411 -2.33 25.45 14.92
CA ASN A 411 -1.19 24.53 15.06
C ASN A 411 -1.26 23.68 16.35
N SER A 412 -2.33 23.84 17.16
CA SER A 412 -2.38 23.21 18.48
C SER A 412 -2.73 21.69 18.48
N THR A 413 -3.17 21.08 17.36
CA THR A 413 -3.44 19.61 17.34
C THR A 413 -2.21 18.79 17.02
N ALA A 414 -2.35 17.47 16.99
CA ALA A 414 -1.20 16.62 16.63
C ALA A 414 -1.03 16.57 15.11
N PHE A 415 -1.99 17.11 14.36
CA PHE A 415 -1.99 16.94 12.88
C PHE A 415 -1.33 18.14 12.15
N GLY A 416 -0.89 17.94 10.91
CA GLY A 416 -0.35 19.00 10.09
C GLY A 416 -0.32 18.54 8.64
N LEU A 417 -1.48 18.54 8.00
CA LEU A 417 -1.59 17.99 6.62
C LEU A 417 -1.82 19.19 5.72
N SER A 418 -3.08 19.64 5.55
CA SER A 418 -3.34 20.77 4.70
C SER A 418 -4.10 21.88 5.47
N SER A 419 -4.46 22.96 4.80
CA SER A 419 -5.15 24.05 5.47
C SER A 419 -5.66 24.94 4.37
N GLY A 420 -6.66 25.79 4.72
CA GLY A 420 -7.14 26.79 3.80
C GLY A 420 -7.29 28.09 4.56
N VAL A 421 -7.02 29.22 3.92
CA VAL A 421 -7.08 30.52 4.59
C VAL A 421 -7.84 31.48 3.68
N CYS A 422 -8.94 32.03 4.17
CA CYS A 422 -9.66 33.04 3.40
C CYS A 422 -9.32 34.47 3.90
N THR A 423 -8.71 35.28 3.04
CA THR A 423 -8.32 36.65 3.38
C THR A 423 -7.96 37.34 2.07
N ASN A 424 -8.10 38.67 2.02
CA ASN A 424 -7.66 39.45 0.85
C ASN A 424 -6.36 40.21 1.10
N ASP A 425 -5.93 40.23 2.35
CA ASP A 425 -4.76 41.03 2.78
C ASP A 425 -3.49 40.23 2.54
N TYR A 426 -2.63 40.69 1.63
CA TYR A 426 -1.43 39.92 1.27
C TYR A 426 -0.54 39.66 2.50
N ARG A 427 -0.39 40.65 3.33
CA ARG A 427 0.52 40.53 4.43
C ARG A 427 0.13 39.37 5.34
N ARG A 428 -1.19 39.26 5.55
CA ARG A 428 -1.76 38.17 6.35
C ARG A 428 -1.68 36.83 5.64
N MET A 429 -1.85 36.76 4.30
CA MET A 429 -1.67 35.45 3.59
C MET A 429 -0.29 34.90 3.85
N GLN A 430 0.70 35.75 3.59
CA GLN A 430 2.08 35.34 3.73
C GLN A 430 2.37 34.90 5.14
N LYS A 431 1.82 35.60 6.12
CA LYS A 431 2.05 35.20 7.53
C LYS A 431 1.47 33.83 7.85
N TYR A 432 0.26 33.55 7.37
CA TYR A 432 -0.32 32.19 7.53
C TYR A 432 0.48 31.13 6.71
N ILE A 433 0.89 31.48 5.49
CA ILE A 433 1.63 30.50 4.65
C ILE A 433 2.89 30.11 5.43
N ALA A 434 3.60 31.10 6.00
CA ALA A 434 4.89 30.80 6.63
C ALA A 434 4.67 30.16 7.99
N GLY A 435 3.60 30.58 8.70
CA GLY A 435 3.38 30.19 10.13
C GLY A 435 2.61 28.90 10.44
N LEU A 436 1.83 28.41 9.51
CA LEU A 436 1.05 27.21 9.78
C LEU A 436 1.95 25.96 9.62
N LYS A 437 1.88 25.05 10.57
CA LYS A 437 2.76 23.91 10.53
C LYS A 437 2.04 22.81 9.79
N VAL A 438 2.07 22.84 8.46
CA VAL A 438 1.26 21.93 7.62
C VAL A 438 2.04 21.65 6.34
N GLY A 439 1.58 20.70 5.53
CA GLY A 439 2.23 20.46 4.24
C GLY A 439 1.78 21.39 3.12
N THR A 440 0.57 21.95 3.28
CA THR A 440 -0.05 22.75 2.27
C THR A 440 -0.89 23.87 2.89
N VAL A 441 -0.79 25.08 2.33
CA VAL A 441 -1.67 26.18 2.70
C VAL A 441 -2.31 26.70 1.43
N ASN A 442 -3.62 26.47 1.30
CA ASN A 442 -4.32 26.97 0.12
C ASN A 442 -5.00 28.32 0.46
N ILE A 443 -4.77 29.35 -0.36
CA ILE A 443 -5.37 30.64 -0.11
C ILE A 443 -6.69 30.72 -0.86
N TRP A 444 -7.78 30.93 -0.15
CA TRP A 444 -9.06 31.01 -0.80
C TRP A 444 -9.43 29.71 -1.46
N GLU A 445 -9.02 28.57 -0.88
CA GLU A 445 -9.61 27.30 -1.31
C GLU A 445 -9.69 26.42 -0.07
N VAL A 446 -10.35 25.25 -0.19
CA VAL A 446 -10.41 24.30 0.91
C VAL A 446 -9.03 23.69 1.11
N PRO A 447 -8.71 23.20 2.31
CA PRO A 447 -7.51 22.38 2.46
C PRO A 447 -7.37 21.22 1.48
N GLY A 448 -8.50 20.72 1.01
CA GLY A 448 -8.45 19.49 0.16
C GLY A 448 -8.01 19.72 -1.29
N TYR A 449 -7.98 20.99 -1.71
CA TYR A 449 -7.57 21.34 -3.04
C TYR A 449 -6.13 21.01 -3.37
N ARG A 450 -5.94 20.26 -4.46
CA ARG A 450 -4.59 19.92 -5.01
C ARG A 450 -4.82 19.42 -6.49
N ILE A 451 -3.77 19.34 -7.31
CA ILE A 451 -3.83 18.64 -8.63
C ILE A 451 -3.08 17.33 -8.40
N GLU A 452 -3.29 16.31 -9.28
CA GLU A 452 -2.82 14.94 -8.91
C GLU A 452 -1.32 14.81 -8.94
N MET A 453 -0.69 15.80 -9.54
CA MET A 453 0.78 15.83 -9.64
C MET A 453 1.60 16.80 -8.76
N SER A 454 0.96 17.60 -7.91
CA SER A 454 1.71 18.49 -7.04
C SER A 454 2.11 17.73 -5.77
N PRO A 455 3.20 18.14 -5.13
CA PRO A 455 3.69 17.33 -4.00
C PRO A 455 2.62 17.31 -2.88
N PHE A 456 2.27 16.12 -2.40
CA PHE A 456 1.22 15.97 -1.38
C PHE A 456 1.80 15.21 -0.18
N GLY A 457 1.63 15.77 1.02
CA GLY A 457 1.96 15.02 2.24
C GLY A 457 2.06 15.94 3.45
N GLY A 458 1.83 15.40 4.65
CA GLY A 458 1.85 16.25 5.82
C GLY A 458 3.08 16.05 6.71
N ILE A 459 3.06 16.72 7.88
CA ILE A 459 4.13 16.58 8.88
C ILE A 459 3.44 16.33 10.21
N LYS A 460 4.19 16.43 11.29
CA LYS A 460 3.70 16.07 12.64
C LYS A 460 3.07 14.65 12.54
N ASP A 461 1.91 14.35 13.17
CA ASP A 461 1.26 13.04 13.02
C ASP A 461 0.60 12.76 11.69
N SER A 462 0.66 13.70 10.74
CA SER A 462 -0.01 13.54 9.47
C SER A 462 0.80 12.77 8.41
N GLY A 463 2.09 12.53 8.63
CA GLY A 463 2.92 11.82 7.64
C GLY A 463 4.34 11.77 8.14
N ASN A 464 5.09 10.73 7.76
CA ASN A 464 6.49 10.56 8.20
C ASN A 464 7.45 11.48 7.48
N GLY A 465 6.87 12.37 6.70
CA GLY A 465 7.59 13.48 6.01
C GLY A 465 8.04 13.16 4.58
N TYR A 466 7.42 12.21 3.88
CA TYR A 466 7.68 12.06 2.45
C TYR A 466 6.48 12.53 1.66
N LYS A 467 6.72 13.10 0.48
CA LYS A 467 5.63 13.56 -0.38
C LYS A 467 5.17 12.48 -1.34
N GLU A 468 3.90 12.54 -1.70
CA GLU A 468 3.26 11.64 -2.65
C GLU A 468 2.66 12.54 -3.78
N GLY A 469 1.68 12.01 -4.51
CA GLY A 469 1.20 12.65 -5.76
C GLY A 469 2.09 11.97 -6.82
N VAL A 470 1.65 12.03 -8.10
CA VAL A 470 2.18 11.14 -9.16
C VAL A 470 3.70 11.35 -9.32
N ILE A 471 4.09 12.63 -9.46
CA ILE A 471 5.51 12.94 -9.68
C ILE A 471 6.38 12.46 -8.52
N GLU A 472 6.04 12.81 -7.28
CA GLU A 472 6.91 12.42 -6.15
C GLU A 472 6.89 10.90 -5.92
N ALA A 473 5.74 10.27 -6.10
CA ALA A 473 5.61 8.81 -5.97
C ALA A 473 6.55 8.14 -7.00
N MET A 474 6.58 8.67 -8.23
CA MET A 474 7.54 8.14 -9.25
C MET A 474 8.98 8.23 -8.82
N LYS A 475 9.38 9.32 -8.16
CA LYS A 475 10.74 9.39 -7.68
C LYS A 475 10.98 8.48 -6.51
N SER A 476 10.05 8.41 -5.57
CA SER A 476 10.32 7.56 -4.42
C SER A 476 10.29 6.06 -4.80
N PHE A 477 9.68 5.72 -5.93
CA PHE A 477 9.59 4.28 -6.34
C PHE A 477 10.84 3.87 -7.20
N THR A 478 11.92 4.66 -7.16
CA THR A 478 13.12 4.30 -7.93
C THR A 478 14.38 4.48 -7.09
N ASN A 479 15.46 3.85 -7.53
CA ASN A 479 16.79 4.18 -6.98
C ASN A 479 17.53 5.01 -8.00
N VAL A 480 18.22 6.08 -7.57
CA VAL A 480 19.07 6.82 -8.43
C VAL A 480 20.42 6.09 -8.50
N LYS A 481 20.86 5.77 -9.72
CA LYS A 481 22.23 5.33 -9.91
C LYS A 481 23.04 6.42 -10.60
N THR A 482 24.27 6.68 -10.12
CA THR A 482 25.13 7.58 -10.85
C THR A 482 26.20 6.80 -11.61
N PHE A 483 26.70 7.38 -12.69
CA PHE A 483 27.88 6.86 -13.39
C PHE A 483 28.76 8.03 -13.81
N SER A 484 30.06 7.79 -13.87
CA SER A 484 30.91 8.87 -14.38
C SER A 484 31.81 8.41 -15.52
N LEU A 485 32.09 9.33 -16.46
CA LEU A 485 32.88 9.02 -17.69
C LEU A 485 34.03 10.02 -17.75
N PRO A 486 35.24 9.57 -18.19
CA PRO A 486 36.31 10.51 -18.53
C PRO A 486 35.77 11.56 -19.49
N TRP A 487 36.10 12.82 -19.23
CA TRP A 487 35.70 13.88 -20.18
C TRP A 487 36.80 14.94 -20.43
N PRO A 488 37.93 14.56 -21.11
CA PRO A 488 39.14 15.45 -21.22
C PRO A 488 38.86 16.62 -22.17
N HIS B 15 42.44 16.72 27.47
CA HIS B 15 41.01 16.67 27.98
C HIS B 15 40.02 17.69 27.42
N GLU B 16 38.88 17.21 26.92
CA GLU B 16 37.94 18.05 26.15
C GLU B 16 36.50 17.79 26.59
N PRO B 17 35.76 18.81 27.06
CA PRO B 17 34.34 18.56 27.41
C PRO B 17 33.45 18.47 26.19
N MET B 18 32.21 18.02 26.39
CA MET B 18 31.20 18.13 25.37
C MET B 18 30.96 19.60 25.03
N ARG B 19 30.45 19.85 23.83
CA ARG B 19 30.01 21.20 23.50
C ARG B 19 28.50 21.11 23.36
N ILE B 20 27.79 21.56 24.38
CA ILE B 20 26.33 21.60 24.29
C ILE B 20 25.88 23.03 24.06
N ALA B 21 25.39 23.27 22.85
CA ALA B 21 25.03 24.63 22.41
C ALA B 21 26.01 25.69 22.85
N GLY B 22 27.30 25.48 22.63
CA GLY B 22 28.23 26.56 22.89
C GLY B 22 28.84 26.53 24.28
N ARG B 23 28.29 25.68 25.16
CA ARG B 23 28.75 25.58 26.55
C ARG B 23 29.60 24.34 26.78
N LEU B 24 30.65 24.49 27.57
CA LEU B 24 31.48 23.29 27.91
C LEU B 24 30.79 22.43 28.95
N VAL B 25 30.55 21.16 28.66
CA VAL B 25 29.84 20.35 29.64
C VAL B 25 30.66 19.11 29.93
N ASP B 26 30.81 18.79 31.21
CA ASP B 26 31.67 17.71 31.67
C ASP B 26 30.96 16.62 32.47
N THR B 27 31.63 15.50 32.71
CA THR B 27 31.10 14.47 33.61
C THR B 27 32.28 13.99 34.46
N ASP B 28 31.98 13.26 35.54
CA ASP B 28 33.02 12.63 36.35
C ASP B 28 33.75 11.57 35.55
N ASP B 29 33.05 10.55 35.07
CA ASP B 29 33.68 9.54 34.21
C ASP B 29 34.19 10.15 32.85
N ARG B 30 35.08 9.42 32.16
CA ARG B 30 35.92 9.87 31.03
C ARG B 30 35.91 8.77 30.00
N VAL B 31 35.91 9.13 28.70
CA VAL B 31 36.28 8.13 27.70
C VAL B 31 37.70 8.51 27.32
N GLU B 32 38.62 7.54 27.35
CA GLU B 32 40.02 7.75 26.92
C GLU B 32 40.12 7.54 25.42
N VAL B 33 40.92 8.36 24.75
CA VAL B 33 41.10 8.23 23.31
C VAL B 33 42.58 7.96 23.14
N ARG B 34 42.88 6.84 22.50
CA ARG B 34 44.24 6.34 22.34
C ARG B 34 44.71 6.51 20.89
N TYR B 35 46.02 6.72 20.72
CA TYR B 35 46.71 6.81 19.44
C TYR B 35 47.05 5.39 18.97
N PRO B 36 46.43 4.90 17.88
CA PRO B 36 46.66 3.54 17.48
C PRO B 36 48.11 3.16 17.15
N TRP B 37 48.94 4.13 16.76
CA TRP B 37 50.38 3.86 16.53
C TRP B 37 51.14 3.35 17.75
N ASN B 38 50.83 3.98 18.88
CA ASN B 38 51.46 3.89 20.22
C ASN B 38 50.70 3.07 21.24
N ASP B 39 49.39 3.07 21.07
CA ASP B 39 48.43 2.76 22.14
C ASP B 39 48.47 3.66 23.36
N THR B 40 48.87 4.91 23.22
CA THR B 40 48.86 5.79 24.34
C THR B 40 47.64 6.73 24.32
N VAL B 41 47.26 7.15 25.52
CA VAL B 41 46.17 8.08 25.72
C VAL B 41 46.63 9.44 25.21
N VAL B 42 45.91 9.97 24.22
CA VAL B 42 46.18 11.31 23.76
C VAL B 42 45.06 12.26 24.14
N GLY B 43 43.92 11.74 24.59
CA GLY B 43 42.88 12.66 24.95
C GLY B 43 41.88 11.99 25.84
N THR B 44 41.07 12.83 26.45
CA THR B 44 39.91 12.38 27.19
C THR B 44 38.63 13.20 26.82
N VAL B 45 37.49 12.53 26.72
CA VAL B 45 36.20 13.22 26.61
C VAL B 45 35.19 12.65 27.66
N PRO B 46 34.09 13.39 27.95
CA PRO B 46 33.07 12.92 28.92
C PRO B 46 32.40 11.62 28.53
N ALA B 47 32.12 10.79 29.54
CA ALA B 47 31.28 9.62 29.33
C ALA B 47 29.84 10.14 29.48
N GLY B 48 29.33 10.75 28.41
CA GLY B 48 27.98 11.31 28.39
C GLY B 48 26.83 10.32 28.49
N ARG B 49 25.71 10.81 29.00
CA ARG B 49 24.58 9.94 29.28
C ARG B 49 23.36 10.47 28.53
N ALA B 50 22.28 9.68 28.50
CA ALA B 50 21.03 10.07 27.86
C ALA B 50 20.65 11.50 28.19
N GLU B 51 20.83 11.93 29.43
CA GLU B 51 20.36 13.26 29.81
C GLU B 51 21.12 14.40 29.09
N HIS B 52 22.37 14.15 28.70
CA HIS B 52 23.12 15.21 27.96
C HIS B 52 22.59 15.41 26.56
N ALA B 53 22.32 14.31 25.88
CA ALA B 53 21.72 14.35 24.57
C ALA B 53 20.36 15.00 24.68
N ARG B 54 19.64 14.67 25.77
CA ARG B 54 18.27 15.11 25.96
C ARG B 54 18.27 16.62 26.04
N GLU B 55 19.21 17.17 26.84
CA GLU B 55 19.41 18.59 26.95
C GLU B 55 19.75 19.24 25.58
N ALA B 56 20.67 18.61 24.85
CA ALA B 56 21.14 19.09 23.56
C ALA B 56 19.93 19.21 22.63
N PHE B 57 19.08 18.17 22.58
CA PHE B 57 17.89 18.18 21.71
C PHE B 57 16.83 19.18 22.14
N ALA B 58 16.66 19.39 23.47
CA ALA B 58 15.62 20.36 23.92
C ALA B 58 16.01 21.72 23.48
N ILE B 59 17.29 22.07 23.64
CA ILE B 59 17.80 23.34 23.10
C ILE B 59 17.65 23.49 21.57
N ALA B 60 18.07 22.48 20.81
CA ALA B 60 17.92 22.49 19.38
C ALA B 60 16.43 22.71 19.01
N ALA B 61 15.52 22.01 19.72
CA ALA B 61 14.13 22.00 19.30
C ALA B 61 13.60 23.42 19.43
N ALA B 62 13.98 24.06 20.53
CA ALA B 62 13.38 25.31 20.91
C ALA B 62 13.95 26.49 20.13
N TYR B 63 15.22 26.44 19.76
CA TYR B 63 15.81 27.55 18.98
C TYR B 63 15.30 27.53 17.52
N GLN B 64 14.84 28.68 17.01
CA GLN B 64 14.33 28.81 15.65
C GLN B 64 15.27 29.70 14.84
N PRO B 65 16.15 29.08 14.04
CA PRO B 65 17.14 29.90 13.36
C PRO B 65 16.51 30.91 12.41
N LYS B 66 17.06 32.12 12.38
CA LYS B 66 16.57 33.20 11.53
C LYS B 66 17.60 33.61 10.50
N LEU B 67 18.77 33.01 10.50
CA LEU B 67 19.86 33.41 9.60
C LEU B 67 19.35 33.58 8.15
N THR B 68 19.74 34.68 7.51
CA THR B 68 19.44 34.83 6.10
C THR B 68 20.30 33.86 5.29
N ARG B 69 20.02 33.69 4.03
CA ARG B 69 20.92 32.84 3.22
C ARG B 69 22.38 33.42 3.15
N TYR B 70 22.48 34.75 2.99
CA TYR B 70 23.77 35.45 3.04
C TYR B 70 24.47 35.12 4.32
N GLU B 71 23.78 35.23 5.46
CA GLU B 71 24.38 34.84 6.76
C GLU B 71 24.90 33.42 6.85
N ARG B 72 24.09 32.45 6.38
CA ARG B 72 24.51 31.11 6.39
C ARG B 72 25.75 30.96 5.51
N GLN B 73 25.73 31.59 4.34
CA GLN B 73 26.89 31.51 3.47
C GLN B 73 28.20 32.08 4.13
N LYS B 74 28.07 33.19 4.88
CA LYS B 74 29.20 33.81 5.52
C LYS B 74 29.83 32.83 6.54
N ILE B 75 28.99 32.21 7.33
CA ILE B 75 29.41 31.29 8.37
C ILE B 75 30.07 30.07 7.77
N LEU B 76 29.48 29.50 6.71
CA LEU B 76 30.07 28.33 6.08
C LEU B 76 31.40 28.63 5.37
N LEU B 77 31.45 29.76 4.66
CA LEU B 77 32.70 30.18 4.01
C LEU B 77 33.83 30.57 4.98
N ALA B 78 33.48 31.20 6.11
CA ALA B 78 34.38 31.50 7.25
C ALA B 78 34.88 30.20 7.92
N THR B 79 34.02 29.18 7.99
CA THR B 79 34.45 27.86 8.46
C THR B 79 35.49 27.21 7.53
N ALA B 80 35.20 27.19 6.21
CA ALA B 80 36.18 26.75 5.23
C ALA B 80 37.51 27.50 5.47
N GLU B 81 37.48 28.82 5.55
CA GLU B 81 38.76 29.53 5.70
C GLU B 81 39.50 29.13 6.98
N ALA B 82 38.77 28.93 8.08
CA ALA B 82 39.38 28.51 9.31
C ALA B 82 39.99 27.12 9.16
N LEU B 83 39.27 26.23 8.45
CA LEU B 83 39.84 24.87 8.22
C LEU B 83 41.13 24.96 7.45
N ALA B 84 41.17 25.80 6.42
CA ALA B 84 42.39 26.00 5.63
C ALA B 84 43.50 26.62 6.54
N ALA B 85 43.16 27.62 7.35
CA ALA B 85 44.17 28.29 8.15
C ALA B 85 44.71 27.38 9.28
N ARG B 86 43.95 26.36 9.66
CA ARG B 86 44.34 25.55 10.79
C ARG B 86 44.55 24.15 10.37
N LYS B 87 44.80 23.97 9.06
CA LYS B 87 44.93 22.64 8.51
C LYS B 87 45.93 21.67 9.23
N GLU B 88 47.10 22.17 9.64
CA GLU B 88 48.13 21.30 10.26
C GLU B 88 47.68 20.87 11.66
N GLU B 89 47.20 21.83 12.44
CA GLU B 89 46.58 21.55 13.75
C GLU B 89 45.45 20.51 13.69
N ILE B 90 44.55 20.67 12.75
CA ILE B 90 43.43 19.75 12.62
C ILE B 90 43.87 18.37 12.17
N SER B 91 44.73 18.28 11.15
CA SER B 91 45.19 16.96 10.70
C SER B 91 46.03 16.30 11.77
N ASP B 92 46.75 17.07 12.59
CA ASP B 92 47.41 16.41 13.75
C ASP B 92 46.39 15.71 14.69
N VAL B 93 45.31 16.42 15.05
CA VAL B 93 44.25 15.84 15.92
C VAL B 93 43.72 14.62 15.24
N ILE B 94 43.51 14.68 13.91
CA ILE B 94 42.91 13.49 13.25
C ILE B 94 43.91 12.35 13.39
N THR B 95 45.16 12.64 13.04
CA THR B 95 46.17 11.61 12.98
C THR B 95 46.32 11.01 14.37
N LEU B 96 46.28 11.85 15.42
CA LEU B 96 46.51 11.36 16.81
C LEU B 96 45.36 10.49 17.33
N GLU B 97 44.13 10.67 16.80
CA GLU B 97 43.09 9.71 17.24
C GLU B 97 42.81 8.53 16.33
N LEU B 98 43.17 8.68 15.07
CA LEU B 98 42.75 7.64 14.11
C LEU B 98 43.97 6.83 13.68
N GLY B 99 45.14 7.48 13.61
CA GLY B 99 46.36 6.76 13.23
C GLY B 99 46.69 6.78 11.77
N ILE B 100 45.81 7.31 10.91
CA ILE B 100 46.11 7.37 9.46
C ILE B 100 47.29 8.37 9.27
N SER B 101 48.01 8.24 8.17
CA SER B 101 49.17 9.16 7.91
C SER B 101 48.74 10.62 7.84
N LYS B 102 49.66 11.52 8.22
CA LYS B 102 49.53 12.95 7.93
C LYS B 102 49.15 13.23 6.47
N ALA B 103 49.68 12.49 5.52
CA ALA B 103 49.26 12.69 4.13
C ALA B 103 47.70 12.52 3.98
N ASP B 104 47.14 11.52 4.65
CA ASP B 104 45.71 11.17 4.51
C ASP B 104 44.88 12.16 5.32
N SER B 105 45.34 12.52 6.53
CA SER B 105 44.57 13.42 7.35
C SER B 105 44.60 14.83 6.78
N LEU B 106 45.72 15.26 6.19
CA LEU B 106 45.77 16.58 5.55
C LEU B 106 44.80 16.58 4.34
N TYR B 107 44.80 15.54 3.54
CA TYR B 107 43.82 15.43 2.46
C TYR B 107 42.38 15.50 3.05
N GLU B 108 42.13 14.85 4.20
CA GLU B 108 40.78 14.88 4.74
C GLU B 108 40.36 16.33 5.02
N VAL B 109 41.30 17.13 5.51
CA VAL B 109 40.96 18.52 5.83
C VAL B 109 40.60 19.24 4.53
N GLY B 110 41.37 18.98 3.46
CA GLY B 110 41.09 19.51 2.11
C GLY B 110 39.64 19.23 1.69
N ARG B 111 39.17 18.01 1.92
CA ARG B 111 37.79 17.58 1.63
C ARG B 111 36.73 18.33 2.44
N ALA B 112 36.99 18.52 3.73
CA ALA B 112 36.07 19.26 4.56
C ALA B 112 36.05 20.69 4.14
N PHE B 113 37.17 21.20 3.63
CA PHE B 113 37.19 22.58 3.18
C PHE B 113 36.23 22.71 1.99
N ASP B 114 36.31 21.74 1.05
CA ASP B 114 35.36 21.67 -0.09
C ASP B 114 33.89 21.53 0.32
N VAL B 115 33.61 20.69 1.31
CA VAL B 115 32.22 20.47 1.77
C VAL B 115 31.67 21.79 2.29
N PHE B 116 32.44 22.49 3.14
CA PHE B 116 31.88 23.74 3.68
C PHE B 116 31.73 24.81 2.66
N THR B 117 32.66 24.82 1.72
CA THR B 117 32.69 25.80 0.65
C THR B 117 31.46 25.60 -0.24
N LEU B 118 31.25 24.36 -0.67
CA LEU B 118 30.11 24.05 -1.54
C LEU B 118 28.71 24.25 -0.87
N ALA B 119 28.61 23.93 0.41
CA ALA B 119 27.38 24.14 1.18
C ALA B 119 27.16 25.63 1.24
N GLY B 120 28.23 26.39 1.50
CA GLY B 120 28.13 27.83 1.44
C GLY B 120 27.60 28.32 0.11
N GLN B 121 28.14 27.85 -0.99
CA GLN B 121 27.69 28.32 -2.30
C GLN B 121 26.26 27.82 -2.65
N MET B 122 25.88 26.65 -2.14
CA MET B 122 24.53 26.11 -2.35
C MET B 122 23.41 26.96 -1.69
N CYS B 123 23.77 27.81 -0.74
CA CYS B 123 22.87 28.81 -0.11
C CYS B 123 22.18 29.78 -1.05
N ILE B 124 22.76 30.04 -2.20
CA ILE B 124 22.11 30.96 -3.10
C ILE B 124 21.04 30.24 -3.95
N ARG B 125 20.98 28.90 -3.85
CA ARG B 125 20.18 28.17 -4.80
C ARG B 125 18.76 27.91 -4.24
N ASP B 126 17.78 28.23 -5.03
CA ASP B 126 16.44 27.97 -4.58
C ASP B 126 15.80 27.03 -5.60
N ASP B 127 15.49 25.79 -5.21
CA ASP B 127 14.82 24.82 -6.15
C ASP B 127 13.25 24.85 -6.13
N GLY B 128 12.63 25.88 -5.55
CA GLY B 128 11.16 26.04 -5.61
C GLY B 128 10.58 25.76 -6.99
N GLU B 129 9.40 25.16 -7.05
CA GLU B 129 8.76 24.93 -8.32
C GLU B 129 7.41 25.61 -8.37
N ILE B 130 6.86 25.71 -9.57
CA ILE B 130 5.57 26.32 -9.68
C ILE B 130 4.71 25.44 -10.56
N PHE B 131 3.42 25.22 -10.18
CA PHE B 131 2.47 24.41 -11.00
C PHE B 131 1.32 25.26 -11.39
N SER B 132 0.87 25.11 -12.62
CA SER B 132 -0.40 25.73 -13.04
C SER B 132 -1.51 24.68 -12.85
N CYS B 133 -2.71 25.11 -12.49
CA CYS B 133 -3.77 24.18 -12.07
C CYS B 133 -4.88 23.91 -13.10
N ASP B 134 -4.81 24.49 -14.29
CA ASP B 134 -5.92 24.31 -15.26
C ASP B 134 -5.64 23.17 -16.25
N LEU B 135 -5.29 21.98 -15.70
CA LEU B 135 -4.73 20.85 -16.46
C LEU B 135 -5.72 19.75 -16.85
N THR B 136 -6.90 19.82 -16.26
CA THR B 136 -7.87 18.73 -16.31
C THR B 136 -9.22 19.48 -16.44
N PRO B 137 -10.36 18.76 -16.58
CA PRO B 137 -11.64 19.51 -16.70
C PRO B 137 -12.11 20.03 -15.33
N HIS B 138 -11.64 19.36 -14.26
CA HIS B 138 -11.56 19.87 -12.84
C HIS B 138 -10.68 21.09 -12.60
N GLY B 139 -10.00 21.61 -13.61
CA GLY B 139 -8.96 22.63 -13.41
C GLY B 139 -9.42 23.93 -12.79
N LYS B 140 -8.54 24.62 -12.08
CA LYS B 140 -8.86 25.92 -11.51
C LYS B 140 -7.87 26.95 -12.04
N ALA B 141 -8.28 28.20 -12.06
CA ALA B 141 -7.34 29.26 -12.47
C ALA B 141 -6.53 29.63 -11.20
N ARG B 142 -5.39 28.96 -10.94
CA ARG B 142 -4.71 28.97 -9.68
C ARG B 142 -3.23 28.57 -9.92
N LYS B 143 -2.31 28.87 -8.99
CA LYS B 143 -0.94 28.47 -9.09
C LYS B 143 -0.52 27.84 -7.79
N ILE B 144 0.26 26.77 -7.87
CA ILE B 144 0.80 26.19 -6.66
C ILE B 144 2.31 26.42 -6.68
N PHE B 145 2.85 26.78 -5.53
CA PHE B 145 4.29 27.08 -5.34
C PHE B 145 4.83 26.21 -4.25
N THR B 146 6.12 25.95 -4.26
CA THR B 146 6.72 25.12 -3.21
C THR B 146 7.79 25.96 -2.47
N MET B 147 8.07 25.62 -1.22
CA MET B 147 9.13 26.28 -0.44
C MET B 147 9.65 25.21 0.50
N ARG B 148 10.86 25.40 1.01
CA ARG B 148 11.42 24.42 1.93
C ARG B 148 11.53 24.97 3.30
N GLU B 149 11.34 24.16 4.32
CA GLU B 149 11.53 24.69 5.67
C GLU B 149 12.31 23.72 6.49
N PRO B 150 13.04 24.20 7.54
CA PRO B 150 13.83 23.29 8.37
C PRO B 150 12.96 22.38 9.27
N LEU B 151 13.61 21.39 9.85
CA LEU B 151 13.01 20.48 10.79
C LEU B 151 13.16 20.97 12.20
N THR B 152 12.58 20.25 13.13
CA THR B 152 12.69 20.62 14.53
C THR B 152 14.13 20.41 15.01
N ALA B 153 14.64 19.19 14.78
CA ALA B 153 16.02 18.83 15.23
C ALA B 153 16.55 17.61 14.47
N ILE B 154 17.86 17.62 14.20
CA ILE B 154 18.49 16.50 13.49
C ILE B 154 19.48 15.79 14.42
N SER B 155 19.52 14.47 14.35
CA SER B 155 20.45 13.68 15.11
C SER B 155 21.43 13.04 14.10
N ALA B 156 22.74 13.24 14.31
CA ALA B 156 23.81 12.74 13.41
C ALA B 156 24.70 11.85 14.24
N ILE B 157 24.94 10.65 13.74
CA ILE B 157 25.84 9.70 14.41
C ILE B 157 26.90 9.28 13.40
N THR B 158 28.17 9.46 13.75
CA THR B 158 29.28 9.30 12.76
C THR B 158 30.31 8.22 13.11
N PRO B 159 30.94 7.59 12.11
CA PRO B 159 31.89 6.53 12.32
C PRO B 159 33.31 7.11 12.44
N PHE B 160 34.29 6.27 12.72
CA PHE B 160 35.65 6.74 12.98
C PHE B 160 36.46 7.05 11.69
N ASN B 161 36.06 6.63 10.50
CA ASN B 161 37.02 6.67 9.36
C ASN B 161 37.34 8.03 8.79
N HIS B 162 36.41 8.98 8.88
CA HIS B 162 36.70 10.37 8.61
C HIS B 162 36.23 11.22 9.73
N PRO B 163 37.04 11.30 10.80
CA PRO B 163 36.57 11.98 12.04
C PRO B 163 36.18 13.44 11.81
N LEU B 164 36.70 14.01 10.73
CA LEU B 164 36.36 15.43 10.40
C LEU B 164 35.30 15.51 9.31
N ASN B 165 35.57 14.88 8.19
CA ASN B 165 34.73 14.98 7.04
C ASN B 165 33.29 14.37 7.17
N MET B 166 33.13 13.29 7.94
CA MET B 166 31.77 12.70 8.15
C MET B 166 30.95 13.66 8.93
N VAL B 167 31.58 14.35 9.90
CA VAL B 167 30.93 15.37 10.64
C VAL B 167 30.61 16.56 9.76
N ALA B 168 31.51 16.93 8.85
CA ALA B 168 31.24 18.10 7.94
C ALA B 168 30.03 17.84 7.00
N HIS B 169 29.93 16.63 6.48
CA HIS B 169 28.87 16.22 5.58
C HIS B 169 27.51 16.21 6.27
N LYS B 170 27.52 16.00 7.58
CA LYS B 170 26.24 15.98 8.35
C LYS B 170 25.87 17.42 8.84
N VAL B 171 26.87 18.22 9.25
CA VAL B 171 26.63 19.53 9.86
C VAL B 171 26.51 20.65 8.83
N ALA B 172 27.37 20.68 7.82
CA ALA B 172 27.31 21.76 6.85
C ALA B 172 25.97 21.88 6.12
N PRO B 173 25.39 20.76 5.61
CA PRO B 173 24.01 20.88 5.06
C PRO B 173 22.92 21.31 6.09
N ALA B 174 23.10 20.98 7.39
CA ALA B 174 22.16 21.40 8.45
C ALA B 174 22.22 22.93 8.67
N ILE B 175 23.41 23.50 8.80
CA ILE B 175 23.53 24.95 8.89
C ILE B 175 22.99 25.67 7.63
N ALA B 176 23.26 25.11 6.47
CA ALA B 176 22.83 25.74 5.22
C ALA B 176 21.31 25.79 5.06
N THR B 177 20.57 24.98 5.82
CA THR B 177 19.10 24.91 5.71
C THR B 177 18.41 25.36 7.02
N ASN B 178 19.13 26.04 7.91
CA ASN B 178 18.58 26.55 9.18
C ASN B 178 18.02 25.48 10.14
N ASN B 179 18.68 24.31 10.11
CA ASN B 179 18.50 23.25 11.12
C ASN B 179 19.36 23.34 12.35
N CYS B 180 18.92 22.68 13.43
CA CYS B 180 19.74 22.55 14.61
C CYS B 180 20.13 21.11 14.71
N VAL B 181 21.45 20.81 14.76
CA VAL B 181 21.92 19.43 14.74
C VAL B 181 22.61 19.10 16.02
N VAL B 182 22.44 17.87 16.48
CA VAL B 182 23.23 17.31 17.60
C VAL B 182 24.00 16.17 17.03
N VAL B 183 25.33 16.22 17.23
CA VAL B 183 26.21 15.17 16.71
C VAL B 183 26.76 14.32 17.87
N LYS B 184 26.70 12.98 17.70
CA LYS B 184 27.38 12.04 18.58
C LYS B 184 28.47 11.34 17.76
N PRO B 185 29.72 11.86 17.77
CA PRO B 185 30.78 11.15 17.05
C PRO B 185 31.12 9.86 17.74
N THR B 186 31.82 8.97 17.06
CA THR B 186 32.28 7.75 17.69
C THR B 186 33.22 8.02 18.87
N GLU B 187 33.12 7.17 19.91
CA GLU B 187 33.94 7.26 21.12
C GLU B 187 35.42 7.02 20.74
N LEU B 188 35.67 6.49 19.53
CA LEU B 188 37.05 6.20 19.09
C LEU B 188 37.79 7.43 18.59
N THR B 189 37.09 8.41 18.02
CA THR B 189 37.72 9.55 17.38
C THR B 189 36.83 10.78 17.61
N PRO B 190 36.63 11.17 18.88
CA PRO B 190 35.66 12.25 19.09
C PRO B 190 36.31 13.65 19.14
N MET B 191 37.61 13.74 19.30
CA MET B 191 38.26 15.07 19.50
C MET B 191 38.13 15.98 18.27
N THR B 192 38.20 15.37 17.09
CA THR B 192 38.04 16.13 15.85
C THR B 192 36.67 16.79 15.76
N ALA B 193 35.58 16.09 16.18
CA ALA B 193 34.26 16.75 16.10
C ALA B 193 34.17 17.92 17.05
N LEU B 194 34.76 17.78 18.24
CA LEU B 194 34.70 18.81 19.26
C LEU B 194 35.45 20.04 18.79
N LEU B 195 36.59 19.80 18.16
CA LEU B 195 37.31 20.93 17.58
C LEU B 195 36.49 21.62 16.48
N LEU B 196 35.85 20.83 15.60
CA LEU B 196 35.01 21.46 14.55
C LEU B 196 33.92 22.36 15.15
N ALA B 197 33.29 21.90 16.24
CA ALA B 197 32.27 22.68 16.93
C ALA B 197 32.80 24.06 17.33
N ASP B 198 33.99 24.08 17.96
CA ASP B 198 34.65 25.34 18.35
C ASP B 198 34.90 26.22 17.13
N ILE B 199 35.37 25.63 16.04
CA ILE B 199 35.59 26.40 14.78
C ILE B 199 34.32 27.05 14.33
N LEU B 200 33.27 26.25 14.30
CA LEU B 200 31.93 26.76 13.90
C LEU B 200 31.47 27.87 14.78
N TYR B 201 31.58 27.73 16.10
CA TYR B 201 31.05 28.80 16.94
C TYR B 201 31.85 30.09 16.69
N GLU B 202 33.15 29.96 16.50
CA GLU B 202 34.02 31.13 16.30
C GLU B 202 33.75 31.75 14.91
N ALA B 203 33.27 30.94 13.96
CA ALA B 203 32.88 31.46 12.65
C ALA B 203 31.56 32.17 12.65
N GLY B 204 30.90 32.29 13.79
CA GLY B 204 29.65 33.01 13.85
C GLY B 204 28.40 32.13 13.92
N LEU B 205 28.52 30.79 13.97
CA LEU B 205 27.32 29.93 14.13
C LEU B 205 26.57 30.23 15.46
N PRO B 206 25.26 30.63 15.43
CA PRO B 206 24.48 30.64 16.68
C PRO B 206 24.60 29.29 17.34
N PRO B 207 25.01 29.25 18.62
CA PRO B 207 25.46 28.01 19.22
C PRO B 207 24.39 26.95 19.37
N GLU B 208 23.14 27.35 19.59
CA GLU B 208 22.03 26.40 19.69
C GLU B 208 21.83 25.60 18.41
N MET B 209 22.43 25.99 17.28
CA MET B 209 22.37 25.17 16.05
C MET B 209 23.27 23.94 16.02
N LEU B 210 24.22 23.86 16.94
CA LEU B 210 25.13 22.73 17.01
C LEU B 210 25.47 22.30 18.45
N SER B 211 25.23 21.01 18.79
CA SER B 211 25.92 20.36 19.93
C SER B 211 26.70 19.15 19.49
N VAL B 212 27.78 18.89 20.22
CA VAL B 212 28.53 17.69 20.03
C VAL B 212 28.63 16.99 21.38
N VAL B 213 28.02 15.80 21.46
CA VAL B 213 27.98 15.07 22.71
C VAL B 213 28.77 13.80 22.50
N THR B 214 29.33 13.26 23.59
CA THR B 214 30.13 12.06 23.51
C THR B 214 29.76 11.13 24.62
N GLY B 215 30.01 9.83 24.42
CA GLY B 215 30.07 8.85 25.50
C GLY B 215 29.89 7.45 24.91
N TRP B 216 29.72 6.44 25.77
CA TRP B 216 29.62 5.08 25.29
C TRP B 216 28.31 4.88 24.57
N PRO B 217 28.31 4.07 23.52
CA PRO B 217 27.09 3.82 22.81
C PRO B 217 25.97 3.26 23.71
N ALA B 218 26.29 2.43 24.71
CA ALA B 218 25.24 1.91 25.60
C ALA B 218 24.56 3.00 26.45
N ASP B 219 25.28 4.05 26.82
CA ASP B 219 24.69 5.16 27.60
C ASP B 219 23.90 6.28 26.84
N ILE B 220 24.45 6.74 25.73
CA ILE B 220 23.95 7.91 25.03
C ILE B 220 23.42 7.60 23.63
N GLY B 221 23.77 6.44 23.11
CA GLY B 221 23.38 6.05 21.78
C GLY B 221 21.89 6.01 21.54
N MET B 222 21.13 5.44 22.47
CA MET B 222 19.73 5.23 22.16
C MET B 222 18.94 6.54 22.23
N GLU B 223 19.35 7.45 23.12
CA GLU B 223 18.74 8.76 23.13
C GLU B 223 18.91 9.49 21.73
N MET B 224 19.98 9.21 20.99
CA MET B 224 20.22 9.88 19.71
C MET B 224 19.18 9.39 18.72
N ILE B 225 18.60 8.21 18.99
CA ILE B 225 17.72 7.53 18.05
C ILE B 225 16.25 7.76 18.41
N THR B 226 15.97 8.03 19.67
CA THR B 226 14.53 8.00 20.11
C THR B 226 14.06 9.30 20.72
N ASN B 227 14.95 10.26 20.97
CA ASN B 227 14.52 11.50 21.55
C ASN B 227 13.30 12.09 20.81
N PRO B 228 12.23 12.46 21.57
CA PRO B 228 10.99 12.98 20.95
C PRO B 228 11.13 14.14 19.96
N HIS B 229 12.13 15.01 20.15
CA HIS B 229 12.32 16.21 19.28
C HIS B 229 12.95 15.91 17.94
N VAL B 230 13.60 14.75 17.83
CA VAL B 230 14.28 14.38 16.61
C VAL B 230 13.29 14.10 15.47
N ASP B 231 13.34 14.91 14.39
CA ASP B 231 12.65 14.55 13.17
C ASP B 231 13.45 13.67 12.24
N LEU B 232 14.77 13.73 12.31
CA LEU B 232 15.57 12.96 11.34
C LEU B 232 16.83 12.45 11.98
N VAL B 233 17.09 11.17 11.79
CA VAL B 233 18.36 10.56 12.25
C VAL B 233 19.22 10.28 11.00
N THR B 234 20.43 10.84 10.96
CA THR B 234 21.32 10.53 9.82
C THR B 234 22.52 9.80 10.41
N PHE B 235 22.73 8.58 9.96
CA PHE B 235 23.69 7.63 10.55
C PHE B 235 24.59 7.05 9.43
N THR B 236 25.89 7.09 9.66
CA THR B 236 26.84 6.37 8.80
C THR B 236 27.67 5.41 9.64
N GLY B 237 27.74 4.14 9.24
CA GLY B 237 28.47 3.16 10.07
C GLY B 237 28.19 1.72 9.58
N SER B 238 28.32 0.77 10.47
CA SER B 238 28.33 -0.63 10.10
C SER B 238 26.92 -1.18 9.85
N VAL B 239 26.83 -2.24 9.04
CA VAL B 239 25.55 -2.92 8.81
C VAL B 239 24.83 -3.29 10.11
N PRO B 240 25.48 -4.02 11.05
CA PRO B 240 24.76 -4.41 12.26
C PRO B 240 24.25 -3.23 13.04
N VAL B 241 25.07 -2.19 13.21
CA VAL B 241 24.55 -1.03 13.97
C VAL B 241 23.43 -0.34 13.21
N GLY B 242 23.55 -0.30 11.88
CA GLY B 242 22.47 0.25 11.03
C GLY B 242 21.12 -0.47 11.20
N LYS B 243 21.13 -1.80 11.25
CA LYS B 243 19.88 -2.58 11.30
C LYS B 243 19.33 -2.51 12.70
N LEU B 244 20.21 -2.34 13.68
CA LEU B 244 19.75 -2.08 15.04
C LEU B 244 18.95 -0.77 15.08
N ILE B 245 19.53 0.34 14.59
CA ILE B 245 18.86 1.63 14.52
C ILE B 245 17.54 1.52 13.73
N ALA B 246 17.55 0.77 12.63
CA ALA B 246 16.34 0.63 11.82
C ALA B 246 15.19 -0.11 12.60
N ALA B 247 15.55 -0.98 13.53
CA ALA B 247 14.57 -1.65 14.40
C ALA B 247 14.03 -0.77 15.54
N ASN B 248 14.50 0.50 15.62
CA ASN B 248 14.16 1.48 16.71
C ASN B 248 13.88 2.98 16.42
N ALA B 249 13.66 3.47 15.21
CA ALA B 249 13.48 4.94 15.26
C ALA B 249 12.11 5.38 14.88
N HIS B 250 11.22 4.46 15.16
CA HIS B 250 9.79 4.69 15.28
C HIS B 250 9.31 6.10 15.09
N TYR B 251 8.86 6.25 13.87
CA TYR B 251 8.17 7.35 13.32
C TYR B 251 9.05 8.51 12.76
N LYS B 252 10.35 8.53 13.11
CA LYS B 252 11.39 9.44 12.53
C LYS B 252 11.84 9.01 11.12
N ARG B 253 12.22 9.95 10.26
CA ARG B 253 12.99 9.62 9.07
C ARG B 253 14.38 9.19 9.50
N GLN B 254 14.93 8.18 8.83
CA GLN B 254 16.30 7.73 9.02
C GLN B 254 16.95 7.59 7.66
N VAL B 255 18.16 8.12 7.56
CA VAL B 255 19.03 7.98 6.40
C VAL B 255 20.15 7.15 6.98
N LEU B 256 20.26 5.91 6.51
CA LEU B 256 21.23 4.97 7.02
C LEU B 256 22.19 4.60 5.87
N GLU B 257 23.47 4.87 6.08
CA GLU B 257 24.49 4.72 5.01
C GLU B 257 25.46 3.77 5.68
N LEU B 258 25.46 2.53 5.21
CA LEU B 258 26.06 1.43 5.87
C LEU B 258 27.27 0.89 5.04
N GLY B 259 27.62 -0.38 5.22
CA GLY B 259 28.93 -0.81 4.69
C GLY B 259 28.98 -0.87 3.19
N GLY B 260 30.18 -0.74 2.65
CA GLY B 260 30.42 -1.03 1.25
C GLY B 260 31.43 -2.18 1.12
N ASN B 261 31.56 -2.73 -0.08
CA ASN B 261 32.51 -3.81 -0.35
C ASN B 261 32.66 -3.73 -1.84
N ASP B 262 33.47 -2.77 -2.27
CA ASP B 262 33.33 -2.29 -3.62
C ASP B 262 34.42 -2.79 -4.61
N PRO B 263 34.00 -3.12 -5.83
CA PRO B 263 34.99 -3.69 -6.75
C PRO B 263 35.67 -2.69 -7.64
N LEU B 264 36.90 -3.02 -8.09
CA LEU B 264 37.52 -2.36 -9.25
C LEU B 264 37.61 -3.48 -10.28
N ILE B 265 36.97 -3.33 -11.43
CA ILE B 265 36.85 -4.45 -12.35
C ILE B 265 37.76 -4.13 -13.55
N ILE B 266 38.66 -5.07 -13.88
CA ILE B 266 39.68 -4.86 -14.92
C ILE B 266 39.26 -5.64 -16.12
N LEU B 267 38.91 -5.02 -17.25
CA LEU B 267 38.38 -5.83 -18.32
C LEU B 267 39.52 -6.27 -19.28
N ASN B 268 39.31 -7.40 -19.97
CA ASN B 268 40.31 -7.94 -20.89
C ASN B 268 40.67 -7.16 -22.19
N ASP B 269 40.00 -6.06 -22.53
CA ASP B 269 40.41 -5.28 -23.72
C ASP B 269 41.59 -4.34 -23.47
N LEU B 270 42.12 -4.26 -22.26
CA LEU B 270 43.12 -3.23 -21.99
C LEU B 270 44.56 -3.54 -22.53
N SER B 271 45.28 -2.51 -22.96
CA SER B 271 46.66 -2.61 -23.42
C SER B 271 47.52 -2.67 -22.17
N ASP B 272 48.81 -3.02 -22.35
CA ASP B 272 49.72 -3.11 -21.23
C ASP B 272 49.83 -1.77 -20.53
N ASP B 273 49.88 -0.67 -21.29
CA ASP B 273 49.93 0.67 -20.69
C ASP B 273 48.64 0.97 -19.93
N ASP B 274 47.49 0.59 -20.45
CA ASP B 274 46.25 0.75 -19.69
C ASP B 274 46.31 -0.06 -18.38
N LEU B 275 46.92 -1.26 -18.41
CA LEU B 275 46.99 -2.11 -17.21
C LEU B 275 47.82 -1.46 -16.12
N ALA B 276 48.85 -0.70 -16.50
CA ALA B 276 49.64 0.05 -15.55
C ALA B 276 48.77 1.11 -14.93
N ARG B 277 47.90 1.77 -15.72
CA ARG B 277 47.11 2.86 -15.17
C ARG B 277 46.07 2.26 -14.27
N ALA B 278 45.52 1.10 -14.66
CA ALA B 278 44.53 0.36 -13.82
C ALA B 278 45.17 -0.11 -12.49
N ALA B 279 46.47 -0.46 -12.55
CA ALA B 279 47.17 -0.94 -11.38
C ALA B 279 47.43 0.22 -10.43
N ASP B 280 47.71 1.40 -11.01
CA ASP B 280 47.77 2.63 -10.21
C ASP B 280 46.44 2.85 -9.46
N LEU B 281 45.31 2.78 -10.19
CA LEU B 281 44.00 2.96 -9.52
C LEU B 281 43.79 1.83 -8.49
N ALA B 282 44.10 0.58 -8.81
CA ALA B 282 43.93 -0.51 -7.83
C ALA B 282 44.63 -0.25 -6.51
N VAL B 283 45.92 0.12 -6.56
CA VAL B 283 46.70 0.21 -5.30
C VAL B 283 46.28 1.40 -4.48
N ALA B 284 46.09 2.54 -5.15
CA ALA B 284 45.55 3.74 -4.49
C ALA B 284 44.12 3.50 -3.88
N GLY B 285 43.23 2.94 -4.67
CA GLY B 285 41.86 2.59 -4.19
C GLY B 285 41.81 1.67 -2.96
N ALA B 286 42.74 0.72 -2.87
CA ALA B 286 42.73 -0.29 -1.83
C ALA B 286 43.36 0.25 -0.54
N THR B 287 44.29 1.21 -0.68
CA THR B 287 45.10 1.65 0.44
C THR B 287 44.86 3.07 1.00
N LYS B 288 44.27 3.95 0.23
CA LYS B 288 44.02 5.36 0.71
C LYS B 288 43.27 5.32 2.05
N ASN B 289 43.66 6.18 2.98
CA ASN B 289 43.06 6.22 4.30
C ASN B 289 43.20 4.92 5.04
N SER B 290 44.30 4.19 4.77
CA SER B 290 44.55 2.82 5.27
C SER B 290 43.43 1.90 4.84
N GLY B 291 42.86 2.12 3.65
CA GLY B 291 41.80 1.18 3.27
C GLY B 291 40.46 1.43 3.96
N GLN B 292 40.39 2.44 4.84
CA GLN B 292 39.20 2.70 5.70
C GLN B 292 38.25 3.68 5.03
N ARG B 293 37.68 3.29 3.88
CA ARG B 293 36.61 4.04 3.20
C ARG B 293 35.54 3.05 2.94
N CYS B 294 34.28 3.49 3.01
CA CYS B 294 33.23 2.54 2.64
C CYS B 294 33.28 2.23 1.13
N THR B 295 33.84 3.17 0.36
CA THR B 295 33.99 2.99 -1.07
C THR B 295 35.42 2.63 -1.48
N ALA B 296 36.22 2.13 -0.55
CA ALA B 296 37.55 1.60 -0.87
C ALA B 296 37.47 0.46 -1.83
N VAL B 297 38.53 0.28 -2.65
CA VAL B 297 38.63 -0.95 -3.43
C VAL B 297 38.88 -2.10 -2.42
N LYS B 298 37.96 -3.05 -2.40
CA LYS B 298 38.03 -4.16 -1.44
C LYS B 298 38.05 -5.49 -2.23
N ARG B 299 37.89 -5.40 -3.54
CA ARG B 299 37.89 -6.59 -4.40
C ARG B 299 38.33 -6.07 -5.74
N ILE B 300 39.44 -6.59 -6.25
CA ILE B 300 39.89 -6.22 -7.60
C ILE B 300 39.51 -7.42 -8.47
N LEU B 301 38.54 -7.24 -9.35
CA LEU B 301 38.10 -8.36 -10.16
C LEU B 301 38.75 -8.29 -11.51
N CYS B 302 39.70 -9.18 -11.75
CA CYS B 302 40.53 -9.06 -12.93
C CYS B 302 40.28 -10.22 -13.85
N GLN B 303 39.82 -9.93 -15.07
CA GLN B 303 39.52 -10.93 -16.07
C GLN B 303 40.77 -11.77 -16.37
N GLU B 304 40.57 -13.09 -16.43
CA GLU B 304 41.65 -14.09 -16.55
C GLU B 304 42.76 -13.71 -17.52
N SER B 305 42.39 -13.37 -18.74
CA SER B 305 43.38 -13.25 -19.78
C SER B 305 44.31 -12.04 -19.65
N VAL B 306 44.04 -11.10 -18.72
CA VAL B 306 44.99 -10.00 -18.49
C VAL B 306 45.68 -10.09 -17.14
N ALA B 307 45.27 -11.05 -16.33
CA ALA B 307 45.72 -11.07 -14.92
C ALA B 307 47.24 -11.26 -14.82
N ASP B 308 47.77 -12.14 -15.69
CA ASP B 308 49.20 -12.49 -15.63
C ASP B 308 50.05 -11.25 -15.86
N ARG B 309 49.58 -10.39 -16.75
CA ARG B 309 50.21 -9.08 -16.95
C ARG B 309 49.88 -8.04 -15.84
N PHE B 310 48.65 -8.05 -15.33
CA PHE B 310 48.18 -6.99 -14.39
C PHE B 310 48.78 -7.13 -12.99
N VAL B 311 48.79 -8.36 -12.48
CA VAL B 311 49.19 -8.60 -11.10
C VAL B 311 50.66 -8.17 -10.82
N PRO B 312 51.62 -8.54 -11.71
CA PRO B 312 52.97 -7.98 -11.38
C PRO B 312 53.03 -6.44 -11.34
N LEU B 313 52.20 -5.75 -12.12
CA LEU B 313 52.15 -4.24 -12.06
C LEU B 313 51.60 -3.75 -10.70
N VAL B 314 50.61 -4.48 -10.18
CA VAL B 314 50.02 -4.13 -8.85
C VAL B 314 51.11 -4.29 -7.77
N LEU B 315 51.81 -5.44 -7.83
CA LEU B 315 52.84 -5.82 -6.84
C LEU B 315 53.95 -4.79 -6.79
N GLU B 316 54.50 -4.50 -7.97
CA GLU B 316 55.48 -3.39 -8.10
C GLU B 316 55.00 -2.09 -7.42
N ARG B 317 53.81 -1.60 -7.78
CA ARG B 317 53.29 -0.40 -7.10
C ARG B 317 53.06 -0.54 -5.58
N ALA B 318 52.50 -1.65 -5.14
CA ALA B 318 52.31 -1.84 -3.67
C ALA B 318 53.63 -1.77 -2.93
N LYS B 319 54.70 -2.35 -3.52
CA LYS B 319 56.00 -2.34 -2.79
C LYS B 319 56.59 -0.96 -2.63
N ARG B 320 56.18 0.02 -3.46
CA ARG B 320 56.66 1.38 -3.25
C ARG B 320 56.06 2.05 -2.05
N LEU B 321 54.94 1.52 -1.55
CA LEU B 321 54.24 2.23 -0.47
C LEU B 321 55.05 2.19 0.81
N ARG B 322 55.21 3.36 1.41
CA ARG B 322 55.91 3.54 2.63
C ARG B 322 54.84 3.49 3.75
N PHE B 323 54.92 2.47 4.59
CA PHE B 323 53.98 2.27 5.73
C PHE B 323 54.73 2.34 7.05
N GLY B 324 54.21 3.11 8.01
CA GLY B 324 54.91 3.37 9.26
C GLY B 324 54.38 4.57 10.00
N ASP B 325 55.27 5.22 10.72
CA ASP B 325 54.92 6.34 11.59
C ASP B 325 53.99 7.36 10.91
N PRO B 326 52.75 7.49 11.43
CA PRO B 326 51.77 8.30 10.74
C PRO B 326 52.12 9.77 10.76
N MET B 327 52.84 10.22 11.78
CA MET B 327 53.24 11.62 11.93
C MET B 327 54.38 12.02 10.96
N ASP B 328 55.06 11.03 10.39
CA ASP B 328 56.08 11.30 9.36
C ASP B 328 55.37 11.67 8.05
N ARG B 329 55.57 12.91 7.60
CA ARG B 329 54.96 13.44 6.33
C ARG B 329 55.34 12.66 5.11
N SER B 330 56.36 11.80 5.20
CA SER B 330 56.69 10.94 4.02
C SER B 330 56.05 9.56 4.10
N THR B 331 55.34 9.28 5.18
CA THR B 331 54.63 8.00 5.24
C THR B 331 53.39 8.10 4.32
N ASP B 332 53.17 7.06 3.54
CA ASP B 332 51.94 6.92 2.74
C ASP B 332 50.81 6.24 3.53
N LEU B 333 51.14 5.12 4.16
CA LEU B 333 50.18 4.32 4.87
C LEU B 333 50.48 4.30 6.38
N GLY B 334 49.56 4.90 7.17
CA GLY B 334 49.53 4.86 8.62
C GLY B 334 48.90 3.57 9.13
N THR B 335 48.43 3.56 10.37
CA THR B 335 47.85 2.31 10.93
C THR B 335 46.38 2.23 10.58
N VAL B 336 45.75 1.10 10.88
CA VAL B 336 44.28 1.01 10.95
C VAL B 336 43.81 1.44 12.35
N ILE B 337 42.50 1.41 12.58
CA ILE B 337 41.90 2.02 13.77
C ILE B 337 42.44 1.38 15.07
N HIS B 338 42.65 0.08 15.10
CA HIS B 338 43.25 -0.55 16.30
C HIS B 338 43.81 -1.87 15.92
N GLU B 339 44.52 -2.50 16.84
CA GLU B 339 45.21 -3.76 16.57
C GLU B 339 44.26 -4.92 16.36
N LYS B 340 43.17 -4.89 17.10
CA LYS B 340 42.16 -5.91 16.86
C LYS B 340 41.72 -5.95 15.36
N ALA B 341 41.36 -4.79 14.79
CA ALA B 341 40.99 -4.75 13.37
C ALA B 341 42.17 -5.25 12.52
N ALA B 342 43.40 -4.84 12.85
CA ALA B 342 44.53 -5.30 12.01
C ALA B 342 44.69 -6.86 11.96
N ALA B 343 44.77 -7.42 13.16
CA ALA B 343 44.82 -8.86 13.41
C ALA B 343 43.72 -9.56 12.66
N LEU B 344 42.51 -9.01 12.64
CA LEU B 344 41.43 -9.63 11.88
C LEU B 344 41.61 -9.62 10.34
N PHE B 345 42.11 -8.52 9.81
CA PHE B 345 42.32 -8.50 8.36
C PHE B 345 43.47 -9.48 7.99
N GLU B 346 44.51 -9.52 8.81
CA GLU B 346 45.59 -10.49 8.62
C GLU B 346 45.04 -11.92 8.61
N GLU B 347 44.12 -12.24 9.52
CA GLU B 347 43.56 -13.60 9.57
C GLU B 347 42.81 -13.92 8.33
N ARG B 348 41.99 -12.98 7.88
CA ARG B 348 41.27 -13.22 6.64
C ARG B 348 42.25 -13.53 5.48
N VAL B 349 43.41 -12.85 5.46
CA VAL B 349 44.39 -13.10 4.38
C VAL B 349 44.91 -14.51 4.53
N MET B 350 45.42 -14.81 5.73
CA MET B 350 45.98 -16.13 6.02
C MET B 350 44.94 -17.19 5.69
N ARG B 351 43.67 -16.93 5.97
CA ARG B 351 42.64 -17.92 5.62
C ARG B 351 42.35 -18.03 4.13
N ALA B 352 42.25 -16.91 3.43
CA ALA B 352 42.20 -16.97 1.96
C ALA B 352 43.41 -17.75 1.41
N ALA B 353 44.57 -17.65 2.04
CA ALA B 353 45.69 -18.44 1.52
C ALA B 353 45.57 -19.96 1.76
N GLU B 354 44.77 -20.38 2.75
CA GLU B 354 44.59 -21.82 3.00
C GLU B 354 43.59 -22.30 2.01
N GLU B 355 42.75 -21.41 1.52
CA GLU B 355 41.76 -21.78 0.52
C GLU B 355 42.25 -21.61 -0.94
N GLY B 356 43.52 -21.29 -1.15
CA GLY B 356 44.05 -21.30 -2.51
C GLY B 356 44.60 -19.96 -3.00
N ALA B 357 44.52 -18.92 -2.17
CA ALA B 357 45.06 -17.64 -2.53
C ALA B 357 46.58 -17.76 -2.45
N ASP B 358 47.25 -16.80 -3.03
CA ASP B 358 48.66 -16.78 -3.23
C ASP B 358 49.08 -15.40 -2.70
N ILE B 359 49.64 -15.34 -1.51
CA ILE B 359 50.07 -14.08 -0.94
C ILE B 359 51.36 -13.65 -1.62
N LEU B 360 51.46 -12.43 -2.13
CA LEU B 360 52.61 -12.06 -2.96
C LEU B 360 53.47 -11.02 -2.29
N TYR B 361 52.93 -10.37 -1.27
CA TYR B 361 53.65 -9.37 -0.53
C TYR B 361 53.02 -9.24 0.87
N HIS B 362 53.80 -9.50 1.90
CA HIS B 362 53.30 -9.36 3.25
C HIS B 362 54.49 -9.21 4.16
N PRO B 363 55.00 -7.98 4.30
CA PRO B 363 56.19 -7.83 5.10
C PRO B 363 55.96 -7.95 6.61
N GLY B 364 54.73 -8.22 7.05
CA GLY B 364 54.45 -8.38 8.48
C GLY B 364 53.79 -7.22 9.23
N ARG B 365 52.79 -7.59 10.04
CA ARG B 365 52.02 -6.69 10.84
C ARG B 365 52.81 -6.23 12.01
N SER B 366 52.61 -5.01 12.45
CA SER B 366 53.21 -4.61 13.70
C SER B 366 52.17 -3.87 14.62
N GLY B 367 51.45 -4.59 15.47
CA GLY B 367 50.27 -3.99 16.14
C GLY B 367 49.18 -3.58 15.14
N ALA B 368 48.81 -2.31 15.17
CA ALA B 368 47.74 -1.74 14.32
C ALA B 368 48.26 -1.37 12.91
N LEU B 369 49.58 -1.50 12.71
CA LEU B 369 50.23 -1.09 11.44
C LEU B 369 50.21 -2.27 10.53
N LEU B 370 49.36 -2.21 9.51
CA LEU B 370 49.33 -3.22 8.48
C LEU B 370 50.00 -2.73 7.19
N PRO B 371 50.87 -3.54 6.61
CA PRO B 371 51.39 -3.22 5.31
C PRO B 371 50.33 -3.43 4.22
N PRO B 372 50.56 -2.88 3.01
CA PRO B 372 49.60 -3.09 1.95
C PRO B 372 49.72 -4.46 1.32
N ILE B 373 49.24 -5.48 2.02
CA ILE B 373 49.38 -6.88 1.59
C ILE B 373 48.69 -7.13 0.27
N VAL B 374 49.40 -7.82 -0.65
CA VAL B 374 48.88 -8.15 -2.00
C VAL B 374 48.65 -9.63 -2.05
N VAL B 375 47.46 -10.03 -2.45
CA VAL B 375 47.12 -11.46 -2.53
C VAL B 375 46.39 -11.67 -3.81
N ASP B 376 46.79 -12.70 -4.57
CA ASP B 376 46.27 -12.96 -5.84
C ASP B 376 45.54 -14.28 -5.73
N ARG B 377 44.75 -14.61 -6.76
CA ARG B 377 43.85 -15.77 -6.76
C ARG B 377 42.99 -15.89 -5.47
N VAL B 378 42.39 -14.78 -5.03
CA VAL B 378 41.50 -14.83 -3.89
C VAL B 378 40.18 -15.47 -4.30
N PRO B 379 39.76 -16.56 -3.59
CA PRO B 379 38.41 -17.09 -3.91
C PRO B 379 37.33 -15.99 -3.61
N HIS B 380 36.36 -15.83 -4.50
CA HIS B 380 35.29 -14.83 -4.31
C HIS B 380 34.44 -15.07 -3.10
N GLN B 381 34.32 -16.32 -2.67
CA GLN B 381 33.53 -16.60 -1.48
C GLN B 381 34.33 -16.56 -0.12
N SER B 382 35.64 -16.34 -0.12
CA SER B 382 36.37 -16.23 1.18
C SER B 382 36.01 -14.94 1.91
N ASP B 383 36.00 -15.03 3.26
CA ASP B 383 35.74 -13.92 4.20
C ASP B 383 36.37 -12.61 3.76
N LEU B 384 37.65 -12.67 3.35
CA LEU B 384 38.42 -11.49 2.87
C LEU B 384 37.66 -10.59 1.87
N VAL B 385 37.07 -11.18 0.83
CA VAL B 385 36.35 -10.44 -0.19
C VAL B 385 34.81 -10.55 -0.11
N LEU B 386 34.26 -11.52 0.64
CA LEU B 386 32.81 -11.62 0.65
C LEU B 386 32.29 -10.69 1.76
N GLU B 387 32.98 -10.67 2.88
CA GLU B 387 32.68 -9.74 3.97
C GLU B 387 33.43 -8.42 3.64
N GLU B 388 33.01 -7.30 4.25
CA GLU B 388 33.76 -6.03 4.20
C GLU B 388 35.04 -6.08 5.05
N THR B 389 36.21 -5.93 4.39
CA THR B 389 37.56 -5.88 5.06
C THR B 389 38.12 -4.45 5.02
N PHE B 390 37.90 -3.77 6.13
CA PHE B 390 38.07 -2.33 6.21
C PHE B 390 39.57 -1.94 6.49
N GLY B 391 40.47 -2.37 5.59
CA GLY B 391 41.93 -2.13 5.76
C GLY B 391 42.69 -2.26 4.42
N PRO B 392 44.04 -2.05 4.44
CA PRO B 392 44.79 -1.81 3.21
C PRO B 392 45.17 -3.05 2.47
N ILE B 393 44.27 -4.05 2.42
CA ILE B 393 44.53 -5.28 1.67
C ILE B 393 44.29 -5.02 0.22
N ILE B 394 45.07 -5.65 -0.64
CA ILE B 394 44.96 -5.42 -2.05
C ILE B 394 44.70 -6.79 -2.59
N PRO B 395 43.43 -7.21 -2.70
CA PRO B 395 43.16 -8.58 -3.09
C PRO B 395 42.66 -8.73 -4.49
N ILE B 396 43.37 -9.54 -5.29
CA ILE B 396 42.91 -9.78 -6.66
C ILE B 396 42.10 -11.06 -6.80
N VAL B 397 40.92 -10.97 -7.40
CA VAL B 397 40.06 -12.12 -7.57
C VAL B 397 40.06 -12.33 -9.06
N ARG B 398 40.47 -13.50 -9.54
CA ARG B 398 40.53 -13.67 -10.97
C ARG B 398 39.18 -14.07 -11.42
N VAL B 399 38.64 -13.42 -12.46
CA VAL B 399 37.30 -13.72 -12.92
C VAL B 399 37.34 -14.13 -14.40
N PRO B 400 36.30 -14.86 -14.86
CA PRO B 400 36.21 -15.35 -16.23
C PRO B 400 36.19 -14.23 -17.28
N ASP B 401 36.76 -14.49 -18.46
CA ASP B 401 36.66 -13.60 -19.61
C ASP B 401 35.28 -13.51 -20.18
N ASP B 402 34.29 -13.22 -19.35
CA ASP B 402 32.90 -13.19 -19.73
C ASP B 402 32.22 -12.13 -18.84
N ASP B 403 31.64 -11.13 -19.48
CA ASP B 403 31.00 -10.02 -18.76
C ASP B 403 29.81 -10.45 -17.85
N ASP B 404 28.88 -11.23 -18.36
CA ASP B 404 27.78 -11.74 -17.51
C ASP B 404 28.25 -12.45 -16.27
N ALA B 405 29.24 -13.36 -16.40
CA ALA B 405 29.71 -14.05 -15.22
C ALA B 405 30.41 -13.03 -14.28
N THR B 406 31.13 -12.06 -14.87
CA THR B 406 31.81 -11.06 -14.07
C THR B 406 30.78 -10.16 -13.30
N ILE B 407 29.69 -9.77 -13.97
CA ILE B 407 28.68 -8.91 -13.39
C ILE B 407 27.99 -9.68 -12.30
N THR B 408 27.68 -10.97 -12.58
CA THR B 408 27.05 -11.86 -11.58
C THR B 408 27.87 -11.95 -10.30
N LEU B 409 29.16 -12.13 -10.44
CA LEU B 409 30.06 -12.31 -9.31
C LEU B 409 30.23 -10.97 -8.59
N SER B 410 30.26 -9.87 -9.35
CA SER B 410 30.46 -8.57 -8.72
C SER B 410 29.25 -8.21 -7.82
N ASN B 411 28.07 -8.59 -8.30
CA ASN B 411 26.78 -8.45 -7.59
C ASN B 411 26.50 -9.49 -6.50
N SER B 412 27.45 -10.40 -6.21
CA SER B 412 27.05 -11.58 -5.39
C SER B 412 27.27 -11.39 -3.89
N THR B 413 27.61 -10.20 -3.45
CA THR B 413 27.73 -10.02 -2.01
C THR B 413 26.46 -9.31 -1.54
N ALA B 414 26.38 -9.08 -0.22
CA ALA B 414 25.23 -8.40 0.38
C ALA B 414 25.22 -6.86 0.06
N PHE B 415 26.31 -6.35 -0.52
CA PHE B 415 26.60 -4.92 -0.53
C PHE B 415 26.34 -4.38 -1.90
N GLY B 416 26.16 -3.07 -1.97
CA GLY B 416 26.03 -2.38 -3.24
C GLY B 416 26.17 -0.89 -3.11
N LEU B 417 27.39 -0.42 -3.03
CA LEU B 417 27.56 0.99 -2.83
C LEU B 417 28.12 1.62 -4.14
N SER B 418 29.42 1.48 -4.40
CA SER B 418 30.00 2.07 -5.61
C SER B 418 30.79 0.98 -6.34
N SER B 419 31.42 1.31 -7.45
CA SER B 419 32.22 0.35 -8.25
C SER B 419 33.03 1.18 -9.22
N GLY B 420 34.08 0.56 -9.73
CA GLY B 420 35.02 1.16 -10.73
C GLY B 420 35.15 0.11 -11.86
N VAL B 421 35.05 0.51 -13.12
CA VAL B 421 35.32 -0.45 -14.20
C VAL B 421 36.36 0.11 -15.17
N CYS B 422 37.42 -0.63 -15.46
CA CYS B 422 38.41 -0.12 -16.45
C CYS B 422 38.30 -0.88 -17.78
N THR B 423 38.05 -0.15 -18.87
CA THR B 423 37.75 -0.71 -20.20
C THR B 423 37.68 0.47 -21.13
N ASN B 424 37.90 0.25 -22.43
CA ASN B 424 37.81 1.32 -23.44
C ASN B 424 36.65 1.11 -24.41
N ASP B 425 36.02 -0.06 -24.29
CA ASP B 425 34.92 -0.54 -25.15
C ASP B 425 33.59 0.00 -24.56
N TYR B 426 32.96 0.88 -25.30
CA TYR B 426 31.75 1.58 -24.85
C TYR B 426 30.58 0.59 -24.62
N ARG B 427 30.33 -0.31 -25.55
CA ARG B 427 29.35 -1.36 -25.37
C ARG B 427 29.47 -2.03 -23.96
N ARG B 428 30.68 -2.31 -23.53
CA ARG B 428 30.83 -3.00 -22.27
C ARG B 428 30.67 -2.05 -21.05
N MET B 429 31.19 -0.81 -21.17
CA MET B 429 30.95 0.21 -20.19
C MET B 429 29.45 0.28 -19.88
N GLN B 430 28.62 0.52 -20.89
CA GLN B 430 27.18 0.61 -20.74
C GLN B 430 26.60 -0.67 -20.11
N LYS B 431 27.13 -1.85 -20.46
CA LYS B 431 26.62 -3.09 -19.88
C LYS B 431 26.87 -3.14 -18.38
N TYR B 432 28.08 -2.78 -17.95
CA TYR B 432 28.37 -2.71 -16.51
C TYR B 432 27.58 -1.59 -15.83
N ILE B 433 27.35 -0.49 -16.55
CA ILE B 433 26.64 0.63 -15.91
C ILE B 433 25.21 0.18 -15.57
N ALA B 434 24.58 -0.53 -16.52
CA ALA B 434 23.22 -0.99 -16.40
C ALA B 434 23.22 -2.19 -15.46
N GLY B 435 24.26 -3.01 -15.48
CA GLY B 435 24.21 -4.33 -14.77
C GLY B 435 24.70 -4.42 -13.36
N LEU B 436 25.55 -3.49 -12.93
CA LEU B 436 26.00 -3.62 -11.54
C LEU B 436 24.90 -3.05 -10.65
N LYS B 437 24.60 -3.79 -9.57
CA LYS B 437 23.54 -3.38 -8.63
C LYS B 437 24.20 -2.55 -7.50
N VAL B 438 24.46 -1.28 -7.79
CA VAL B 438 25.26 -0.43 -6.90
C VAL B 438 24.66 0.99 -7.00
N GLY B 439 25.04 1.89 -6.10
CA GLY B 439 24.66 3.31 -6.19
C GLY B 439 25.37 4.12 -7.28
N THR B 440 26.59 3.72 -7.62
CA THR B 440 27.48 4.47 -8.54
C THR B 440 28.39 3.51 -9.30
N VAL B 441 28.59 3.80 -10.59
CA VAL B 441 29.56 3.08 -11.39
C VAL B 441 30.50 4.10 -11.99
N ASN B 442 31.76 4.03 -11.63
CA ASN B 442 32.75 4.98 -12.16
C ASN B 442 33.56 4.27 -13.27
N ILE B 443 33.57 4.83 -14.48
CA ILE B 443 34.40 4.26 -15.57
C ILE B 443 35.80 4.85 -15.51
N TRP B 444 36.81 3.99 -15.34
CA TRP B 444 38.18 4.45 -15.29
C TRP B 444 38.44 5.36 -14.09
N GLU B 445 37.75 5.07 -13.01
CA GLU B 445 38.11 5.63 -11.71
C GLU B 445 37.83 4.56 -10.65
N VAL B 446 38.34 4.78 -9.44
CA VAL B 446 38.11 3.87 -8.34
C VAL B 446 36.66 4.10 -7.85
N PRO B 447 36.10 3.10 -7.19
CA PRO B 447 34.75 3.29 -6.64
C PRO B 447 34.67 4.53 -5.69
N GLY B 448 35.76 4.89 -5.03
CA GLY B 448 35.81 6.04 -4.11
C GLY B 448 35.61 7.41 -4.78
N TYR B 449 35.74 7.48 -6.10
CA TYR B 449 35.57 8.77 -6.75
C TYR B 449 34.14 9.35 -6.76
N ARG B 450 33.98 10.56 -6.22
CA ARG B 450 32.74 11.35 -6.24
C ARG B 450 33.12 12.84 -6.05
N ILE B 451 32.20 13.75 -6.32
CA ILE B 451 32.45 15.15 -5.92
C ILE B 451 31.57 15.37 -4.72
N GLU B 452 31.80 16.44 -3.95
CA GLU B 452 31.13 16.53 -2.61
C GLU B 452 29.64 16.77 -2.71
N MET B 453 29.20 17.16 -3.90
CA MET B 453 27.83 17.48 -4.08
C MET B 453 27.03 16.54 -5.04
N SER B 454 27.61 15.46 -5.62
CA SER B 454 26.84 14.55 -6.43
C SER B 454 26.04 13.59 -5.50
N PRO B 455 24.99 12.93 -6.01
CA PRO B 455 24.22 12.04 -5.12
C PRO B 455 25.06 10.84 -4.68
N PHE B 456 25.07 10.54 -3.37
CA PHE B 456 25.87 9.46 -2.86
C PHE B 456 25.05 8.58 -1.91
N GLY B 457 24.98 7.27 -2.20
CA GLY B 457 24.40 6.27 -1.27
C GLY B 457 24.18 4.95 -1.98
N GLY B 458 24.16 3.85 -1.25
CA GLY B 458 24.01 2.57 -1.85
C GLY B 458 22.66 1.92 -1.67
N ILE B 459 22.58 0.64 -2.03
CA ILE B 459 21.34 -0.14 -1.96
C ILE B 459 21.73 -1.43 -1.25
N LYS B 460 20.79 -2.41 -1.21
CA LYS B 460 21.06 -3.70 -0.55
C LYS B 460 21.51 -3.42 0.89
N ASP B 461 22.57 -4.07 1.41
CA ASP B 461 22.96 -3.79 2.75
C ASP B 461 23.76 -2.54 2.90
N SER B 462 24.02 -1.81 1.82
CA SER B 462 24.89 -0.63 1.95
C SER B 462 24.11 0.61 2.37
N GLY B 463 22.79 0.55 2.27
CA GLY B 463 21.97 1.65 2.72
C GLY B 463 20.49 1.41 2.53
N ASN B 464 19.70 2.13 3.32
CA ASN B 464 18.25 2.07 3.18
C ASN B 464 17.68 2.83 2.02
N GLY B 465 18.49 3.34 1.11
CA GLY B 465 17.95 3.92 -0.16
C GLY B 465 17.82 5.46 -0.32
N TYR B 466 18.43 6.25 0.56
CA TYR B 466 18.38 7.72 0.47
C TYR B 466 19.76 8.17 0.07
N LYS B 467 19.81 9.24 -0.69
CA LYS B 467 21.06 9.74 -1.17
C LYS B 467 21.54 10.83 -0.27
N GLU B 468 22.85 11.01 -0.22
CA GLU B 468 23.51 12.06 0.54
C GLU B 468 24.42 12.84 -0.41
N GLY B 469 25.48 13.46 0.17
CA GLY B 469 26.28 14.50 -0.49
C GLY B 469 25.55 15.78 -0.20
N VAL B 470 26.18 16.93 -0.47
CA VAL B 470 25.67 18.21 0.05
C VAL B 470 24.26 18.54 -0.46
N ILE B 471 24.05 18.38 -1.76
CA ILE B 471 22.75 18.71 -2.39
C ILE B 471 21.55 17.85 -1.86
N GLU B 472 21.70 16.52 -1.82
CA GLU B 472 20.64 15.64 -1.39
C GLU B 472 20.45 15.75 0.14
N ALA B 473 21.53 15.92 0.89
CA ALA B 473 21.39 16.11 2.31
C ALA B 473 20.57 17.37 2.61
N MET B 474 20.83 18.44 1.87
CA MET B 474 20.07 19.67 2.06
C MET B 474 18.59 19.45 1.83
N LYS B 475 18.26 18.72 0.78
CA LYS B 475 16.84 18.34 0.52
C LYS B 475 16.26 17.47 1.65
N SER B 476 17.01 16.46 2.06
CA SER B 476 16.65 15.56 3.18
C SER B 476 16.33 16.28 4.46
N PHE B 477 17.02 17.38 4.67
CA PHE B 477 16.99 18.06 5.97
C PHE B 477 15.89 19.08 6.00
N THR B 478 15.00 19.07 5.02
CA THR B 478 13.89 20.05 5.05
C THR B 478 12.55 19.35 4.76
N ASN B 479 11.45 20.05 5.01
CA ASN B 479 10.11 19.64 4.56
C ASN B 479 9.71 20.57 3.45
N VAL B 480 9.16 20.03 2.37
CA VAL B 480 8.58 20.90 1.32
C VAL B 480 7.17 21.29 1.76
N LYS B 481 6.82 22.60 1.75
CA LYS B 481 5.49 23.08 2.02
C LYS B 481 4.98 23.63 0.68
N THR B 482 3.73 23.35 0.30
CA THR B 482 3.17 24.02 -0.87
C THR B 482 2.18 25.09 -0.47
N PHE B 483 1.96 26.07 -1.35
CA PHE B 483 0.89 27.01 -1.09
C PHE B 483 0.27 27.33 -2.44
N SER B 484 -0.99 27.66 -2.47
CA SER B 484 -1.62 27.97 -3.74
C SER B 484 -2.32 29.30 -3.60
N LEU B 485 -2.36 30.01 -4.73
CA LEU B 485 -2.97 31.34 -4.81
C LEU B 485 -3.89 31.43 -6.02
N PRO B 486 -5.04 32.12 -5.86
CA PRO B 486 -5.92 32.41 -6.97
C PRO B 486 -5.09 33.03 -8.10
N TRP B 487 -5.34 32.67 -9.35
CA TRP B 487 -4.62 33.27 -10.46
C TRP B 487 -5.52 33.47 -11.68
N PRO B 488 -6.52 34.35 -11.59
CA PRO B 488 -7.54 34.47 -12.65
C PRO B 488 -6.96 34.92 -14.02
N ARG C 14 5.11 -20.60 15.64
CA ARG C 14 4.75 -19.15 15.94
C ARG C 14 5.78 -18.33 16.75
N HIS C 15 6.44 -17.38 16.11
CA HIS C 15 7.35 -16.53 16.81
C HIS C 15 6.71 -15.22 17.34
N GLU C 16 6.87 -14.91 18.63
CA GLU C 16 6.24 -13.68 19.21
C GLU C 16 7.23 -12.76 19.96
N PRO C 17 7.40 -11.51 19.51
CA PRO C 17 8.22 -10.50 20.20
C PRO C 17 7.63 -10.04 21.57
N MET C 18 8.46 -9.46 22.42
CA MET C 18 8.00 -8.68 23.58
C MET C 18 7.12 -7.50 23.12
N ARG C 19 6.21 -7.08 24.00
CA ARG C 19 5.45 -5.87 23.85
C ARG C 19 6.05 -4.87 24.85
N ILE C 20 6.87 -3.93 24.39
CA ILE C 20 7.37 -2.89 25.28
C ILE C 20 6.63 -1.58 25.00
N ALA C 21 5.63 -1.32 25.83
CA ALA C 21 4.79 -0.13 25.71
C ALA C 21 4.18 -0.11 24.31
N GLY C 22 3.71 -1.26 23.88
CA GLY C 22 3.17 -1.28 22.53
C GLY C 22 4.12 -1.62 21.38
N ARG C 23 5.44 -1.46 21.50
CA ARG C 23 6.33 -1.83 20.38
C ARG C 23 6.65 -3.32 20.43
N LEU C 24 6.83 -3.91 19.25
CA LEU C 24 7.21 -5.29 19.18
C LEU C 24 8.71 -5.26 19.24
N VAL C 25 9.31 -5.90 20.25
CA VAL C 25 10.76 -5.91 20.41
C VAL C 25 11.28 -7.34 20.42
N ASP C 26 12.40 -7.52 19.69
CA ASP C 26 12.90 -8.84 19.31
C ASP C 26 14.37 -8.97 19.62
N THR C 27 14.84 -10.19 19.83
CA THR C 27 16.27 -10.41 20.08
C THR C 27 16.73 -11.49 19.09
N ASP C 28 18.03 -11.68 18.95
CA ASP C 28 18.58 -12.81 18.18
C ASP C 28 18.18 -14.16 18.78
N ASP C 29 18.47 -14.33 20.07
CA ASP C 29 18.20 -15.57 20.79
C ASP C 29 16.73 -15.71 21.11
N ARG C 30 16.26 -16.94 21.13
CA ARG C 30 14.86 -17.23 21.35
C ARG C 30 14.72 -18.16 22.57
N VAL C 31 13.57 -18.12 23.22
CA VAL C 31 13.21 -19.15 24.16
C VAL C 31 12.10 -19.94 23.45
N GLU C 32 12.28 -21.26 23.34
CA GLU C 32 11.25 -22.11 22.72
C GLU C 32 10.22 -22.45 23.77
N VAL C 33 8.97 -22.46 23.37
CA VAL C 33 7.88 -22.86 24.20
C VAL C 33 7.30 -24.17 23.66
N ARG C 34 7.15 -25.14 24.56
CA ARG C 34 6.78 -26.48 24.13
C ARG C 34 5.46 -26.84 24.63
N TYR C 35 4.79 -27.71 23.91
CA TYR C 35 3.46 -28.10 24.22
C TYR C 35 3.66 -29.34 25.07
N PRO C 36 3.17 -29.36 26.33
CA PRO C 36 3.62 -30.49 27.16
C PRO C 36 3.00 -31.83 26.74
N TRP C 37 1.96 -31.79 25.91
CA TRP C 37 1.31 -33.05 25.49
C TRP C 37 2.24 -33.95 24.65
N ASN C 38 3.02 -33.38 23.75
CA ASN C 38 3.87 -34.17 22.83
C ASN C 38 5.22 -33.58 22.75
N ASP C 39 5.52 -32.67 23.66
CA ASP C 39 6.82 -32.01 23.68
C ASP C 39 7.24 -31.24 22.40
N THR C 40 6.32 -30.95 21.49
CA THR C 40 6.76 -30.16 20.32
C THR C 40 6.88 -28.64 20.60
N VAL C 41 7.80 -27.97 19.91
CA VAL C 41 7.91 -26.54 20.04
C VAL C 41 6.70 -25.88 19.42
N VAL C 42 5.89 -25.15 20.18
CA VAL C 42 4.68 -24.53 19.59
C VAL C 42 4.81 -23.01 19.40
N GLY C 43 5.95 -22.46 19.79
CA GLY C 43 6.10 -21.00 19.67
C GLY C 43 7.46 -20.64 20.20
N THR C 44 7.81 -19.39 20.01
CA THR C 44 9.09 -18.90 20.44
C THR C 44 8.94 -17.44 20.97
N VAL C 45 9.72 -17.03 21.98
CA VAL C 45 9.66 -15.62 22.45
C VAL C 45 11.10 -15.19 22.61
N PRO C 46 11.38 -13.86 22.71
CA PRO C 46 12.76 -13.37 22.80
C PRO C 46 13.45 -13.78 24.07
N ALA C 47 14.75 -13.99 24.01
CA ALA C 47 15.55 -14.20 25.20
C ALA C 47 15.86 -12.82 25.71
N GLY C 48 14.82 -12.08 26.14
CA GLY C 48 15.01 -10.73 26.72
C GLY C 48 16.14 -10.64 27.75
N ARG C 49 16.81 -9.49 27.83
CA ARG C 49 17.88 -9.24 28.84
C ARG C 49 17.53 -8.03 29.73
N ALA C 50 18.36 -7.73 30.75
CA ALA C 50 18.08 -6.61 31.67
C ALA C 50 17.70 -5.28 30.94
N GLU C 51 18.35 -5.00 29.79
CA GLU C 51 18.13 -3.74 29.10
C GLU C 51 16.72 -3.59 28.63
N HIS C 52 16.03 -4.70 28.35
CA HIS C 52 14.61 -4.61 27.89
C HIS C 52 13.67 -4.25 29.01
N ALA C 53 13.90 -4.87 30.16
CA ALA C 53 13.18 -4.53 31.38
C ALA C 53 13.50 -3.07 31.77
N ARG C 54 14.75 -2.69 31.79
CA ARG C 54 15.11 -1.31 32.07
C ARG C 54 14.34 -0.27 31.18
N GLU C 55 14.25 -0.55 29.88
CA GLU C 55 13.64 0.32 28.96
C GLU C 55 12.17 0.32 29.28
N ALA C 56 11.63 -0.85 29.57
CA ALA C 56 10.21 -0.91 29.87
C ALA C 56 9.85 -0.04 31.08
N PHE C 57 10.77 0.01 32.07
CA PHE C 57 10.54 0.65 33.37
C PHE C 57 10.74 2.15 33.20
N ALA C 58 11.69 2.55 32.37
CA ALA C 58 11.83 3.98 32.02
C ALA C 58 10.53 4.56 31.43
N ILE C 59 9.90 3.81 30.52
CA ILE C 59 8.68 4.26 29.91
C ILE C 59 7.56 4.32 30.92
N ALA C 60 7.44 3.28 31.76
CA ALA C 60 6.36 3.22 32.79
C ALA C 60 6.50 4.43 33.75
N ALA C 61 7.74 4.69 34.12
CA ALA C 61 8.04 5.76 35.07
C ALA C 61 7.65 7.17 34.57
N ALA C 62 8.03 7.48 33.32
CA ALA C 62 7.87 8.83 32.78
C ALA C 62 6.40 9.09 32.41
N TYR C 63 5.61 8.07 32.08
CA TYR C 63 4.25 8.31 31.69
C TYR C 63 3.34 8.46 32.92
N GLN C 64 2.45 9.48 32.90
CA GLN C 64 1.51 9.77 33.97
C GLN C 64 0.07 9.60 33.50
N PRO C 65 -0.56 8.49 33.85
CA PRO C 65 -1.87 8.32 33.29
C PRO C 65 -2.94 9.39 33.64
N LYS C 66 -3.86 9.71 32.71
CA LYS C 66 -4.87 10.70 33.00
C LYS C 66 -6.25 10.12 32.80
N LEU C 67 -6.36 8.81 32.74
CA LEU C 67 -7.65 8.27 32.44
C LEU C 67 -8.62 8.59 33.60
N THR C 68 -9.79 9.10 33.28
CA THR C 68 -10.85 9.19 34.23
C THR C 68 -11.28 7.77 34.68
N ARG C 69 -11.92 7.70 35.82
CA ARG C 69 -12.51 6.47 36.22
C ARG C 69 -13.43 5.87 35.13
N TYR C 70 -14.23 6.70 34.45
CA TYR C 70 -15.03 6.24 33.33
C TYR C 70 -14.16 5.55 32.26
N GLU C 71 -13.12 6.21 31.81
CA GLU C 71 -12.34 5.67 30.77
C GLU C 71 -11.79 4.28 31.13
N ARG C 72 -11.34 4.17 32.40
CA ARG C 72 -10.73 2.98 32.92
C ARG C 72 -11.74 1.92 32.87
N GLN C 73 -12.97 2.25 33.30
CA GLN C 73 -14.09 1.30 33.28
C GLN C 73 -14.29 0.76 31.86
N LYS C 74 -14.48 1.67 30.90
CA LYS C 74 -14.59 1.38 29.44
C LYS C 74 -13.51 0.40 28.91
N ILE C 75 -12.24 0.69 29.17
CA ILE C 75 -11.18 -0.17 28.73
C ILE C 75 -11.20 -1.58 29.34
N LEU C 76 -11.58 -1.66 30.61
CA LEU C 76 -11.55 -2.89 31.34
C LEU C 76 -12.73 -3.77 30.95
N LEU C 77 -13.89 -3.14 30.76
CA LEU C 77 -15.06 -3.91 30.32
C LEU C 77 -14.93 -4.35 28.84
N ALA C 78 -14.16 -3.58 28.07
CA ALA C 78 -13.96 -3.90 26.64
C ALA C 78 -12.99 -5.10 26.53
N THR C 79 -12.00 -5.13 27.44
CA THR C 79 -11.12 -6.25 27.63
C THR C 79 -11.92 -7.45 28.05
N ALA C 80 -12.78 -7.30 29.05
CA ALA C 80 -13.63 -8.43 29.39
C ALA C 80 -14.42 -8.96 28.16
N GLU C 81 -15.06 -8.06 27.41
CA GLU C 81 -15.93 -8.47 26.25
C GLU C 81 -15.11 -9.16 25.15
N ALA C 82 -13.86 -8.69 24.99
CA ALA C 82 -12.89 -9.25 24.07
C ALA C 82 -12.47 -10.67 24.46
N LEU C 83 -12.31 -10.89 25.76
CA LEU C 83 -11.95 -12.23 26.24
C LEU C 83 -13.09 -13.17 25.98
N ALA C 84 -14.34 -12.73 26.28
CA ALA C 84 -15.52 -13.54 25.97
C ALA C 84 -15.58 -13.79 24.44
N ALA C 85 -15.47 -12.74 23.62
CA ALA C 85 -15.53 -12.91 22.16
C ALA C 85 -14.46 -13.91 21.65
N ARG C 86 -13.25 -13.81 22.19
CA ARG C 86 -12.16 -14.63 21.70
C ARG C 86 -11.84 -15.87 22.57
N LYS C 87 -12.80 -16.38 23.30
CA LYS C 87 -12.43 -17.36 24.33
C LYS C 87 -11.82 -18.63 23.74
N GLU C 88 -12.29 -19.05 22.57
CA GLU C 88 -11.75 -20.28 21.90
C GLU C 88 -10.31 -20.07 21.50
N GLU C 89 -10.04 -18.95 20.87
CA GLU C 89 -8.71 -18.67 20.41
C GLU C 89 -7.82 -18.65 21.65
N ILE C 90 -8.24 -17.95 22.72
CA ILE C 90 -7.33 -17.76 23.86
C ILE C 90 -7.09 -19.08 24.64
N SER C 91 -8.15 -19.87 24.85
CA SER C 91 -7.97 -21.12 25.55
C SER C 91 -7.08 -22.06 24.79
N ASP C 92 -7.06 -21.95 23.45
CA ASP C 92 -6.15 -22.77 22.62
C ASP C 92 -4.75 -22.33 22.90
N VAL C 93 -4.49 -21.02 22.93
CA VAL C 93 -3.14 -20.61 23.28
C VAL C 93 -2.75 -21.13 24.70
N ILE C 94 -3.69 -21.11 25.67
CA ILE C 94 -3.31 -21.56 27.04
C ILE C 94 -2.93 -23.07 27.03
N THR C 95 -3.78 -23.86 26.40
CA THR C 95 -3.67 -25.31 26.41
C THR C 95 -2.42 -25.68 25.63
N LEU C 96 -2.18 -24.99 24.54
CA LEU C 96 -0.93 -25.28 23.79
C LEU C 96 0.39 -25.07 24.53
N GLU C 97 0.47 -24.08 25.44
CA GLU C 97 1.76 -23.96 26.14
C GLU C 97 1.79 -24.62 27.54
N LEU C 98 0.61 -24.86 28.12
CA LEU C 98 0.50 -25.32 29.50
C LEU C 98 0.11 -26.82 29.58
N GLY C 99 -0.81 -27.25 28.73
CA GLY C 99 -1.19 -28.69 28.62
C GLY C 99 -2.42 -29.00 29.40
N ILE C 100 -2.95 -28.03 30.18
CA ILE C 100 -4.23 -28.28 30.85
C ILE C 100 -5.31 -28.51 29.79
N SER C 101 -6.42 -29.18 30.14
CA SER C 101 -7.43 -29.50 29.18
C SER C 101 -8.14 -28.22 28.74
N LYS C 102 -8.71 -28.27 27.52
CA LYS C 102 -9.57 -27.17 27.04
C LYS C 102 -10.66 -26.80 27.99
N ALA C 103 -11.20 -27.79 28.68
CA ALA C 103 -12.24 -27.49 29.65
C ALA C 103 -11.68 -26.53 30.77
N ASP C 104 -10.49 -26.84 31.26
CA ASP C 104 -9.84 -25.97 32.26
C ASP C 104 -9.36 -24.65 31.62
N SER C 105 -8.82 -24.66 30.38
CA SER C 105 -8.30 -23.39 29.82
C SER C 105 -9.51 -22.48 29.50
N LEU C 106 -10.63 -23.05 29.04
CA LEU C 106 -11.88 -22.28 28.86
C LEU C 106 -12.38 -21.69 30.20
N TYR C 107 -12.34 -22.48 31.27
CA TYR C 107 -12.81 -22.00 32.55
C TYR C 107 -11.92 -20.80 33.00
N GLU C 108 -10.60 -20.86 32.69
CA GLU C 108 -9.67 -19.77 33.02
C GLU C 108 -10.02 -18.48 32.30
N VAL C 109 -10.46 -18.58 31.04
CA VAL C 109 -10.86 -17.40 30.30
C VAL C 109 -12.07 -16.78 31.01
N GLY C 110 -13.00 -17.60 31.45
CA GLY C 110 -14.13 -17.21 32.30
C GLY C 110 -13.72 -16.37 33.51
N ARG C 111 -12.70 -16.86 34.22
CA ARG C 111 -12.22 -16.18 35.40
C ARG C 111 -11.56 -14.85 35.11
N ALA C 112 -10.71 -14.79 34.07
CA ALA C 112 -10.12 -13.53 33.66
C ALA C 112 -11.18 -12.50 33.18
N PHE C 113 -12.21 -12.97 32.48
CA PHE C 113 -13.41 -12.18 32.21
C PHE C 113 -13.97 -11.57 33.52
N ASP C 114 -14.09 -12.38 34.57
CA ASP C 114 -14.58 -11.92 35.87
C ASP C 114 -13.69 -10.84 36.50
N VAL C 115 -12.37 -11.07 36.48
CA VAL C 115 -11.38 -10.15 36.99
C VAL C 115 -11.54 -8.78 36.31
N PHE C 116 -11.58 -8.78 34.96
CA PHE C 116 -11.67 -7.53 34.22
C PHE C 116 -13.01 -6.86 34.46
N THR C 117 -14.10 -7.63 34.47
CA THR C 117 -15.41 -7.10 34.78
C THR C 117 -15.43 -6.45 36.18
N LEU C 118 -15.08 -7.22 37.20
CA LEU C 118 -15.05 -6.70 38.58
C LEU C 118 -14.07 -5.51 38.75
N ALA C 119 -12.92 -5.56 38.12
CA ALA C 119 -12.02 -4.40 38.18
C ALA C 119 -12.63 -3.17 37.56
N GLY C 120 -13.35 -3.37 36.46
CA GLY C 120 -14.07 -2.25 35.83
C GLY C 120 -15.13 -1.63 36.73
N GLN C 121 -15.90 -2.45 37.43
CA GLN C 121 -16.97 -2.01 38.27
C GLN C 121 -16.40 -1.28 39.51
N MET C 122 -15.14 -1.59 39.83
CA MET C 122 -14.46 -1.05 41.01
C MET C 122 -13.97 0.36 40.85
N CYS C 123 -13.76 0.82 39.61
CA CYS C 123 -13.44 2.27 39.33
C CYS C 123 -14.50 3.29 39.77
N ILE C 124 -15.75 2.89 39.80
CA ILE C 124 -16.76 3.77 40.37
C ILE C 124 -16.59 3.96 41.90
N ARG C 125 -15.95 3.01 42.60
CA ARG C 125 -15.83 3.15 44.04
C ARG C 125 -14.70 4.08 44.49
N ASP C 126 -15.05 4.97 45.40
CA ASP C 126 -14.08 5.87 46.07
C ASP C 126 -14.15 5.56 47.58
N ASP C 127 -13.10 4.95 48.13
CA ASP C 127 -13.05 4.55 49.55
C ASP C 127 -12.41 5.63 50.47
N GLY C 128 -12.38 6.88 50.02
CA GLY C 128 -11.75 7.97 50.79
C GLY C 128 -12.49 8.19 52.08
N GLU C 129 -11.75 8.64 53.11
CA GLU C 129 -12.38 8.82 54.43
C GLU C 129 -12.25 10.25 54.93
N ILE C 130 -13.00 10.61 55.95
CA ILE C 130 -13.00 11.98 56.47
C ILE C 130 -12.84 11.83 57.99
N PHE C 131 -11.97 12.64 58.60
CA PHE C 131 -11.80 12.62 60.08
C PHE C 131 -12.10 14.01 60.59
N SER C 132 -12.82 14.12 61.70
CA SER C 132 -12.99 15.40 62.36
C SER C 132 -11.87 15.52 63.36
N CYS C 133 -11.40 16.74 63.57
CA CYS C 133 -10.18 16.93 64.37
C CYS C 133 -10.39 17.46 65.81
N ASP C 134 -11.63 17.74 66.22
CA ASP C 134 -11.85 18.38 67.54
C ASP C 134 -12.08 17.31 68.62
N LEU C 135 -11.10 16.40 68.76
CA LEU C 135 -11.31 15.10 69.44
C LEU C 135 -10.73 14.92 70.85
N THR C 136 -9.73 15.74 71.16
CA THR C 136 -8.94 15.50 72.33
C THR C 136 -8.75 16.90 72.91
N PRO C 137 -8.02 17.00 74.02
CA PRO C 137 -7.79 18.38 74.53
C PRO C 137 -6.92 19.21 73.55
N HIS C 138 -6.03 18.54 72.79
CA HIS C 138 -5.23 19.19 71.71
C HIS C 138 -6.03 19.32 70.38
N GLY C 139 -7.38 19.26 70.39
CA GLY C 139 -8.20 19.31 69.13
C GLY C 139 -8.25 20.66 68.40
N LYS C 140 -8.47 20.65 67.08
CA LYS C 140 -8.62 21.86 66.25
C LYS C 140 -9.91 21.72 65.44
N ALA C 141 -10.45 22.83 64.95
CA ALA C 141 -11.65 22.82 64.11
C ALA C 141 -11.17 22.66 62.63
N ARG C 142 -11.08 21.40 62.18
CA ARG C 142 -10.36 21.07 61.00
C ARG C 142 -10.89 19.70 60.54
N LYS C 143 -10.77 19.37 59.26
CA LYS C 143 -11.19 18.09 58.80
C LYS C 143 -10.03 17.51 58.03
N ILE C 144 -9.81 16.21 58.20
CA ILE C 144 -8.80 15.53 57.40
C ILE C 144 -9.54 14.66 56.34
N PHE C 145 -9.02 14.65 55.10
CA PHE C 145 -9.58 13.89 53.99
C PHE C 145 -8.47 13.01 53.43
N THR C 146 -8.86 11.87 52.86
CA THR C 146 -7.89 10.97 52.25
C THR C 146 -8.16 10.83 50.72
N MET C 147 -7.11 10.57 49.96
CA MET C 147 -7.25 10.29 48.55
C MET C 147 -6.12 9.31 48.18
N ARG C 148 -6.28 8.60 47.08
CA ARG C 148 -5.24 7.66 46.71
C ARG C 148 -4.50 8.09 45.50
N GLU C 149 -3.22 7.82 45.40
CA GLU C 149 -2.54 8.15 44.17
C GLU C 149 -1.77 6.96 43.65
N PRO C 150 -1.50 6.89 42.30
CA PRO C 150 -0.75 5.69 41.80
C PRO C 150 0.72 5.76 42.14
N LEU C 151 1.43 4.63 41.98
CA LEU C 151 2.87 4.62 42.10
C LEU C 151 3.54 5.00 40.81
N THR C 152 4.87 5.06 40.86
CA THR C 152 5.68 5.34 39.73
C THR C 152 5.62 4.19 38.71
N ALA C 153 5.94 2.96 39.16
CA ALA C 153 5.93 1.72 38.32
C ALA C 153 5.84 0.47 39.20
N ILE C 154 5.02 -0.47 38.75
CA ILE C 154 4.85 -1.76 39.37
C ILE C 154 5.54 -2.84 38.51
N SER C 155 6.34 -3.68 39.19
CA SER C 155 6.99 -4.87 38.59
C SER C 155 6.17 -6.10 38.90
N ALA C 156 5.63 -6.80 37.88
CA ALA C 156 4.84 -8.01 38.11
C ALA C 156 5.50 -9.23 37.51
N ILE C 157 5.62 -10.27 38.32
CA ILE C 157 6.28 -11.54 37.94
C ILE C 157 5.31 -12.70 38.17
N THR C 158 5.02 -13.50 37.14
CA THR C 158 3.91 -14.40 37.24
C THR C 158 4.34 -15.87 36.99
N PRO C 159 3.57 -16.82 37.54
CA PRO C 159 3.88 -18.23 37.41
C PRO C 159 3.13 -18.86 36.22
N PHE C 160 3.24 -20.18 36.06
CA PHE C 160 2.84 -20.87 34.82
C PHE C 160 1.46 -21.38 34.94
N ASN C 161 0.95 -21.45 36.17
CA ASN C 161 -0.24 -22.26 36.34
C ASN C 161 -1.54 -21.62 35.86
N HIS C 162 -1.58 -20.28 35.79
CA HIS C 162 -2.73 -19.60 35.13
C HIS C 162 -2.13 -18.59 34.22
N PRO C 163 -1.73 -19.01 33.01
CA PRO C 163 -0.93 -18.14 32.17
C PRO C 163 -1.73 -16.89 31.75
N LEU C 164 -3.07 -16.95 31.78
CA LEU C 164 -3.87 -15.71 31.52
C LEU C 164 -4.28 -15.02 32.87
N ASN C 165 -4.94 -15.76 33.75
CA ASN C 165 -5.53 -15.17 34.98
C ASN C 165 -4.53 -14.55 35.96
N MET C 166 -3.27 -15.02 35.99
CA MET C 166 -2.32 -14.54 36.95
C MET C 166 -1.90 -13.22 36.41
N VAL C 167 -1.84 -13.14 35.09
CA VAL C 167 -1.53 -11.85 34.45
C VAL C 167 -2.68 -10.87 34.66
N ALA C 168 -3.90 -11.31 34.43
CA ALA C 168 -5.10 -10.48 34.66
C ALA C 168 -5.17 -9.86 36.11
N HIS C 169 -4.99 -10.70 37.13
CA HIS C 169 -4.96 -10.27 38.56
C HIS C 169 -3.92 -9.22 38.87
N LYS C 170 -2.86 -9.18 38.10
CA LYS C 170 -1.82 -8.24 38.34
C LYS C 170 -2.09 -6.92 37.60
N VAL C 171 -2.66 -7.01 36.38
CA VAL C 171 -2.72 -5.90 35.46
C VAL C 171 -4.04 -5.12 35.55
N ALA C 172 -5.17 -5.80 35.67
CA ALA C 172 -6.45 -5.17 35.84
C ALA C 172 -6.48 -4.14 37.00
N PRO C 173 -5.94 -4.48 38.21
CA PRO C 173 -5.90 -3.48 39.31
C PRO C 173 -4.97 -2.34 39.06
N ALA C 174 -3.85 -2.61 38.39
CA ALA C 174 -2.95 -1.56 38.06
C ALA C 174 -3.64 -0.56 37.12
N ILE C 175 -4.38 -1.05 36.13
CA ILE C 175 -5.02 -0.18 35.17
C ILE C 175 -6.13 0.63 35.88
N ALA C 176 -6.96 -0.06 36.67
CA ALA C 176 -8.01 0.58 37.39
C ALA C 176 -7.54 1.73 38.34
N THR C 177 -6.26 1.86 38.53
CA THR C 177 -5.68 2.63 39.58
C THR C 177 -4.67 3.60 38.93
N ASN C 178 -4.69 3.67 37.59
CA ASN C 178 -3.77 4.58 36.82
C ASN C 178 -2.30 4.40 37.02
N ASN C 179 -1.89 3.15 37.24
CA ASN C 179 -0.49 2.74 37.36
C ASN C 179 0.09 2.23 36.07
N CYS C 180 1.41 2.18 35.98
CA CYS C 180 2.06 1.57 34.84
C CYS C 180 2.80 0.29 35.26
N VAL C 181 2.51 -0.83 34.59
CA VAL C 181 3.06 -2.14 35.00
C VAL C 181 3.87 -2.79 33.87
N VAL C 182 4.98 -3.42 34.28
CA VAL C 182 5.84 -4.25 33.49
C VAL C 182 5.74 -5.71 34.05
N VAL C 183 5.26 -6.64 33.21
CA VAL C 183 5.04 -8.05 33.55
C VAL C 183 6.13 -8.91 32.90
N LYS C 184 6.80 -9.74 33.71
CA LYS C 184 7.67 -10.81 33.17
C LYS C 184 7.02 -12.16 33.38
N PRO C 185 6.30 -12.68 32.37
CA PRO C 185 5.62 -13.94 32.59
C PRO C 185 6.69 -15.05 32.77
N THR C 186 6.36 -16.21 33.32
CA THR C 186 7.32 -17.32 33.30
C THR C 186 7.68 -17.66 31.83
N GLU C 187 8.94 -17.99 31.57
CA GLU C 187 9.39 -18.52 30.26
C GLU C 187 8.73 -19.83 29.82
N LEU C 188 8.03 -20.54 30.69
CA LEU C 188 7.31 -21.73 30.26
C LEU C 188 5.99 -21.42 29.56
N THR C 189 5.34 -20.31 29.92
CA THR C 189 3.98 -20.01 29.39
C THR C 189 3.71 -18.52 29.06
N PRO C 190 4.61 -17.89 28.28
CA PRO C 190 4.60 -16.44 28.06
C PRO C 190 3.64 -15.98 26.94
N MET C 191 3.20 -16.88 26.07
CA MET C 191 2.47 -16.43 24.87
C MET C 191 1.09 -15.89 25.24
N THR C 192 0.42 -16.52 26.20
CA THR C 192 -0.86 -16.02 26.70
C THR C 192 -0.76 -14.56 27.22
N ALA C 193 0.35 -14.20 27.83
CA ALA C 193 0.54 -12.89 28.44
C ALA C 193 0.79 -11.84 27.36
N LEU C 194 1.51 -12.23 26.30
CA LEU C 194 1.69 -11.38 25.13
C LEU C 194 0.43 -11.15 24.32
N LEU C 195 -0.44 -12.15 24.19
CA LEU C 195 -1.78 -12.02 23.59
C LEU C 195 -2.72 -11.13 24.44
N LEU C 196 -2.70 -11.32 25.77
CA LEU C 196 -3.44 -10.36 26.64
C LEU C 196 -2.99 -8.89 26.46
N ALA C 197 -1.69 -8.67 26.37
CA ALA C 197 -1.20 -7.33 26.12
C ALA C 197 -1.86 -6.71 24.84
N ASP C 198 -1.92 -7.48 23.74
CA ASP C 198 -2.51 -6.97 22.51
C ASP C 198 -3.98 -6.72 22.66
N ILE C 199 -4.74 -7.60 23.31
CA ILE C 199 -6.14 -7.32 23.61
C ILE C 199 -6.34 -6.03 24.42
N LEU C 200 -5.37 -5.73 25.29
CA LEU C 200 -5.49 -4.53 26.12
C LEU C 200 -5.20 -3.30 25.30
N TYR C 201 -4.12 -3.29 24.52
CA TYR C 201 -3.86 -2.16 23.63
C TYR C 201 -5.08 -1.95 22.72
N GLU C 202 -5.59 -3.02 22.16
CA GLU C 202 -6.66 -2.88 21.24
C GLU C 202 -7.92 -2.42 21.92
N ALA C 203 -8.13 -2.77 23.20
CA ALA C 203 -9.30 -2.24 23.92
C ALA C 203 -9.13 -0.76 24.34
N GLY C 204 -8.00 -0.16 24.03
CA GLY C 204 -7.91 1.24 24.31
C GLY C 204 -6.90 1.62 25.35
N LEU C 205 -6.11 0.66 25.90
CA LEU C 205 -5.10 1.02 26.93
C LEU C 205 -3.97 1.83 26.35
N PRO C 206 -3.69 3.04 26.91
CA PRO C 206 -2.53 3.80 26.52
C PRO C 206 -1.39 2.87 26.66
N PRO C 207 -0.62 2.64 25.57
CA PRO C 207 0.47 1.64 25.54
C PRO C 207 1.48 1.74 26.66
N GLU C 208 1.81 2.96 27.12
CA GLU C 208 2.88 3.09 28.10
C GLU C 208 2.51 2.49 29.46
N MET C 209 1.22 2.22 29.67
CA MET C 209 0.73 1.63 30.96
C MET C 209 0.94 0.08 31.11
N LEU C 210 1.45 -0.60 30.06
CA LEU C 210 1.72 -2.05 30.11
C LEU C 210 2.78 -2.48 29.19
N SER C 211 3.83 -3.12 29.72
CA SER C 211 4.78 -3.93 28.94
C SER C 211 4.74 -5.41 29.36
N VAL C 212 4.94 -6.33 28.40
CA VAL C 212 5.17 -7.74 28.69
C VAL C 212 6.53 -8.10 28.14
N VAL C 213 7.49 -8.36 29.03
CA VAL C 213 8.83 -8.72 28.61
C VAL C 213 9.00 -10.24 28.92
N THR C 214 9.93 -10.89 28.22
CA THR C 214 10.14 -12.33 28.32
C THR C 214 11.64 -12.61 28.34
N GLY C 215 12.04 -13.81 28.73
CA GLY C 215 13.48 -14.14 28.83
C GLY C 215 13.73 -15.15 29.95
N TRP C 216 14.96 -15.66 30.03
CA TRP C 216 15.43 -16.54 31.10
C TRP C 216 15.43 -15.76 32.38
N PRO C 217 15.03 -16.41 33.49
CA PRO C 217 15.07 -15.75 34.78
C PRO C 217 16.46 -15.26 35.22
N ALA C 218 17.54 -15.91 34.79
CA ALA C 218 18.93 -15.38 34.98
C ALA C 218 19.19 -13.97 34.38
N ASP C 219 18.89 -13.77 33.11
CA ASP C 219 19.24 -12.51 32.43
C ASP C 219 18.39 -11.28 32.79
N ILE C 220 17.09 -11.48 33.05
CA ILE C 220 16.04 -10.43 33.15
C ILE C 220 15.31 -10.36 34.52
N GLY C 221 15.47 -11.41 35.34
CA GLY C 221 14.76 -11.48 36.59
C GLY C 221 15.23 -10.51 37.67
N MET C 222 16.56 -10.34 37.75
CA MET C 222 17.16 -9.40 38.67
C MET C 222 16.72 -7.99 38.35
N GLU C 223 16.68 -7.60 37.08
CA GLU C 223 16.22 -6.25 36.71
C GLU C 223 14.76 -6.01 37.18
N MET C 224 13.92 -7.06 37.11
CA MET C 224 12.53 -6.93 37.58
C MET C 224 12.48 -6.62 39.09
N ILE C 225 13.57 -6.97 39.78
CA ILE C 225 13.55 -6.92 41.24
C ILE C 225 14.17 -5.64 41.70
N THR C 226 15.17 -5.16 40.98
CA THR C 226 16.04 -4.10 41.49
C THR C 226 16.01 -2.78 40.71
N ASN C 227 15.19 -2.66 39.65
CA ASN C 227 15.18 -1.46 38.85
C ASN C 227 14.77 -0.23 39.73
N PRO C 228 15.44 0.93 39.55
CA PRO C 228 15.18 2.05 40.48
C PRO C 228 13.81 2.70 40.39
N HIS C 229 13.17 2.65 39.24
CA HIS C 229 11.84 3.18 39.17
C HIS C 229 10.79 2.34 39.86
N VAL C 230 11.12 1.10 40.25
CA VAL C 230 10.09 0.21 40.75
C VAL C 230 9.74 0.57 42.19
N ASP C 231 8.47 0.85 42.45
CA ASP C 231 7.96 1.10 43.81
C ASP C 231 7.32 -0.17 44.47
N LEU C 232 6.88 -1.13 43.67
CA LEU C 232 6.21 -2.32 44.22
C LEU C 232 6.49 -3.53 43.33
N VAL C 233 6.89 -4.65 43.91
CA VAL C 233 7.11 -5.90 43.19
C VAL C 233 5.96 -6.80 43.63
N THR C 234 5.15 -7.27 42.67
CA THR C 234 4.12 -8.23 42.99
C THR C 234 4.48 -9.57 42.32
N PHE C 235 4.67 -10.59 43.17
CA PHE C 235 5.17 -11.84 42.74
C PHE C 235 4.27 -12.95 43.20
N THR C 236 4.00 -13.87 42.29
CA THR C 236 3.34 -15.11 42.64
C THR C 236 4.19 -16.27 42.13
N GLY C 237 4.43 -17.28 42.98
CA GLY C 237 5.36 -18.33 42.60
C GLY C 237 5.73 -19.14 43.81
N SER C 238 6.88 -19.80 43.70
CA SER C 238 7.30 -20.85 44.58
C SER C 238 7.98 -20.21 45.81
N VAL C 239 7.97 -20.90 46.97
CA VAL C 239 8.66 -20.45 48.19
C VAL C 239 10.16 -20.09 47.97
N PRO C 240 10.92 -21.00 47.33
CA PRO C 240 12.35 -20.59 47.22
C PRO C 240 12.60 -19.30 46.40
N VAL C 241 11.87 -19.08 45.30
CA VAL C 241 12.09 -17.86 44.48
C VAL C 241 11.52 -16.64 45.20
N GLY C 242 10.37 -16.78 45.86
CA GLY C 242 9.88 -15.69 46.73
C GLY C 242 10.86 -15.25 47.83
N LYS C 243 11.52 -16.21 48.50
CA LYS C 243 12.56 -15.88 49.52
C LYS C 243 13.74 -15.15 48.88
N LEU C 244 14.11 -15.56 47.66
CA LEU C 244 15.16 -14.89 46.93
C LEU C 244 14.78 -13.47 46.65
N ILE C 245 13.56 -13.25 46.13
CA ILE C 245 13.08 -11.87 45.82
C ILE C 245 13.09 -10.96 47.07
N ALA C 246 12.61 -11.50 48.21
CA ALA C 246 12.57 -10.77 49.49
C ALA C 246 13.97 -10.32 49.82
N ALA C 247 14.95 -11.20 49.59
CA ALA C 247 16.34 -10.88 49.94
C ALA C 247 17.06 -9.86 49.04
N ASN C 248 16.44 -9.48 47.93
CA ASN C 248 16.99 -8.55 46.94
C ASN C 248 16.18 -7.27 46.62
N ALA C 249 14.90 -7.22 47.00
CA ALA C 249 14.00 -6.10 46.64
C ALA C 249 14.12 -4.88 47.60
N HIS C 250 15.14 -4.95 48.47
CA HIS C 250 15.53 -3.91 49.45
C HIS C 250 14.52 -2.92 49.97
N TYR C 251 14.42 -1.77 49.33
CA TYR C 251 13.52 -0.73 49.82
C TYR C 251 12.43 -0.58 48.74
N LYS C 252 11.67 -1.65 48.54
CA LYS C 252 10.53 -1.62 47.63
C LYS C 252 9.39 -2.25 48.38
N ARG C 253 8.15 -1.86 48.16
CA ARG C 253 7.09 -2.67 48.67
C ARG C 253 7.12 -4.01 47.93
N GLN C 254 6.68 -5.04 48.59
CA GLN C 254 6.67 -6.38 47.99
C GLN C 254 5.41 -7.10 48.39
N VAL C 255 4.69 -7.64 47.40
CA VAL C 255 3.53 -8.47 47.65
C VAL C 255 3.96 -9.86 47.12
N LEU C 256 4.24 -10.78 48.04
CA LEU C 256 4.76 -12.09 47.69
C LEU C 256 3.69 -13.11 48.00
N GLU C 257 3.22 -13.78 46.97
CA GLU C 257 2.23 -14.85 47.22
C GLU C 257 2.82 -16.15 46.80
N LEU C 258 2.94 -17.09 47.74
CA LEU C 258 3.90 -18.21 47.55
C LEU C 258 3.16 -19.54 47.65
N GLY C 259 3.80 -20.64 47.98
CA GLY C 259 3.09 -21.92 47.68
C GLY C 259 1.91 -22.18 48.62
N GLY C 260 1.04 -23.11 48.27
CA GLY C 260 0.05 -23.53 49.26
C GLY C 260 0.13 -25.04 49.44
N ASN C 261 -0.61 -25.58 50.40
CA ASN C 261 -0.65 -27.04 50.58
C ASN C 261 -1.92 -27.33 51.35
N ASP C 262 -3.06 -27.18 50.70
CA ASP C 262 -4.23 -26.93 51.47
C ASP C 262 -5.02 -28.20 51.66
N PRO C 263 -5.54 -28.38 52.85
CA PRO C 263 -6.39 -29.53 53.18
C PRO C 263 -7.88 -29.42 52.87
N LEU C 264 -8.51 -30.55 52.57
CA LEU C 264 -9.97 -30.67 52.63
C LEU C 264 -10.16 -31.65 53.78
N ILE C 265 -10.91 -31.20 54.79
CA ILE C 265 -11.00 -31.96 56.02
C ILE C 265 -12.43 -32.50 56.11
N ILE C 266 -12.54 -33.78 56.36
CA ILE C 266 -13.84 -34.45 56.38
C ILE C 266 -14.15 -34.93 57.79
N LEU C 267 -15.18 -34.38 58.41
CA LEU C 267 -15.41 -34.68 59.78
C LEU C 267 -16.35 -35.87 59.95
N ASN C 268 -16.30 -36.43 61.13
CA ASN C 268 -16.98 -37.71 61.34
C ASN C 268 -18.47 -37.63 61.65
N ASP C 269 -19.07 -36.44 61.53
CA ASP C 269 -20.50 -36.30 61.73
C ASP C 269 -21.33 -36.47 60.42
N LEU C 270 -20.65 -36.63 59.29
CA LEU C 270 -21.35 -36.68 58.02
C LEU C 270 -22.09 -38.01 57.77
N SER C 271 -23.29 -37.90 57.20
CA SER C 271 -24.10 -39.06 56.79
C SER C 271 -23.50 -39.56 55.47
N ASP C 272 -23.97 -40.72 55.01
CA ASP C 272 -23.38 -41.28 53.77
C ASP C 272 -23.64 -40.38 52.57
N ASP C 273 -24.82 -39.77 52.46
CA ASP C 273 -25.01 -38.80 51.36
C ASP C 273 -24.04 -37.62 51.43
N ASP C 274 -23.78 -37.14 52.62
CA ASP C 274 -22.79 -36.06 52.80
C ASP C 274 -21.40 -36.52 52.36
N LEU C 275 -21.01 -37.76 52.70
CA LEU C 275 -19.73 -38.25 52.25
C LEU C 275 -19.61 -38.23 50.75
N ALA C 276 -20.71 -38.50 50.06
CA ALA C 276 -20.68 -38.55 48.58
C ALA C 276 -20.48 -37.12 48.08
N ARG C 277 -21.16 -36.15 48.69
CA ARG C 277 -20.91 -34.73 48.28
C ARG C 277 -19.46 -34.30 48.58
N ALA C 278 -18.94 -34.76 49.71
CA ALA C 278 -17.58 -34.42 50.10
C ALA C 278 -16.56 -35.02 49.12
N ALA C 279 -16.85 -36.24 48.66
CA ALA C 279 -15.92 -36.94 47.80
C ALA C 279 -15.95 -36.26 46.46
N ASP C 280 -17.10 -35.68 46.06
CA ASP C 280 -17.10 -34.78 44.86
C ASP C 280 -16.16 -33.57 44.99
N LEU C 281 -16.31 -32.84 46.10
CA LEU C 281 -15.41 -31.71 46.40
C LEU C 281 -13.96 -32.19 46.39
N ALA C 282 -13.68 -33.36 47.01
CA ALA C 282 -12.27 -33.81 47.06
C ALA C 282 -11.69 -34.09 45.71
N VAL C 283 -12.45 -34.73 44.81
CA VAL C 283 -11.86 -35.10 43.52
C VAL C 283 -11.68 -33.87 42.63
N ALA C 284 -12.73 -33.01 42.52
CA ALA C 284 -12.60 -31.75 41.74
C ALA C 284 -11.49 -30.88 42.31
N GLY C 285 -11.46 -30.76 43.63
CA GLY C 285 -10.41 -29.86 44.31
C GLY C 285 -8.97 -30.32 44.07
N ALA C 286 -8.76 -31.65 44.06
CA ALA C 286 -7.42 -32.23 43.85
C ALA C 286 -6.96 -32.21 42.42
N THR C 287 -7.91 -32.19 41.49
CA THR C 287 -7.54 -32.40 40.04
C THR C 287 -7.82 -31.26 39.11
N LYS C 288 -8.74 -30.37 39.49
CA LYS C 288 -8.97 -29.17 38.65
C LYS C 288 -7.67 -28.45 38.31
N ASN C 289 -7.60 -27.96 37.06
CA ASN C 289 -6.38 -27.41 36.50
C ASN C 289 -5.17 -28.36 36.55
N SER C 290 -5.43 -29.67 36.48
CA SER C 290 -4.35 -30.69 36.68
C SER C 290 -3.64 -30.58 38.03
N GLY C 291 -4.39 -30.15 39.04
CA GLY C 291 -3.84 -30.00 40.41
C GLY C 291 -2.99 -28.74 40.58
N GLN C 292 -2.77 -27.98 39.50
CA GLN C 292 -1.81 -26.91 39.51
C GLN C 292 -2.51 -25.59 39.96
N ARG C 293 -2.93 -25.53 41.24
CA ARG C 293 -3.43 -24.32 41.91
C ARG C 293 -2.77 -24.24 43.26
N CYS C 294 -2.37 -23.04 43.68
CA CYS C 294 -1.86 -22.89 45.06
C CYS C 294 -2.93 -23.28 46.08
N THR C 295 -4.23 -23.23 45.75
CA THR C 295 -5.23 -23.60 46.72
C THR C 295 -5.90 -24.95 46.31
N ALA C 296 -5.21 -25.75 45.52
CA ALA C 296 -5.72 -27.11 45.20
C ALA C 296 -5.80 -27.95 46.50
N VAL C 297 -6.73 -28.88 46.56
CA VAL C 297 -6.71 -29.88 47.61
C VAL C 297 -5.44 -30.70 47.37
N LYS C 298 -4.53 -30.59 48.33
CA LYS C 298 -3.28 -31.33 48.32
C LYS C 298 -3.20 -32.36 49.45
N ARG C 299 -4.15 -32.35 50.39
CA ARG C 299 -4.19 -33.29 51.52
C ARG C 299 -5.66 -33.42 51.83
N ILE C 300 -6.22 -34.61 51.71
CA ILE C 300 -7.59 -34.80 52.14
C ILE C 300 -7.50 -35.44 53.52
N LEU C 301 -7.86 -34.72 54.58
CA LEU C 301 -7.63 -35.23 55.91
C LEU C 301 -8.96 -35.80 56.32
N CYS C 302 -9.06 -37.14 56.34
CA CYS C 302 -10.33 -37.80 56.61
C CYS C 302 -10.33 -38.42 58.00
N GLN C 303 -11.25 -38.00 58.88
CA GLN C 303 -11.34 -38.55 60.22
C GLN C 303 -11.60 -40.08 60.15
N GLU C 304 -10.90 -40.84 61.00
CA GLU C 304 -10.77 -42.29 60.88
C GLU C 304 -12.14 -42.99 60.77
N SER C 305 -13.11 -42.62 61.58
CA SER C 305 -14.30 -43.38 61.65
C SER C 305 -15.21 -43.19 60.45
N VAL C 306 -14.84 -42.32 59.52
CA VAL C 306 -15.60 -42.30 58.29
C VAL C 306 -14.78 -42.69 57.09
N ALA C 307 -13.47 -42.97 57.26
CA ALA C 307 -12.64 -43.21 56.05
C ALA C 307 -13.12 -44.43 55.21
N ASP C 308 -13.52 -45.50 55.89
CA ASP C 308 -13.95 -46.72 55.18
C ASP C 308 -15.14 -46.52 54.25
N ARG C 309 -16.09 -45.69 54.64
CA ARG C 309 -17.12 -45.28 53.71
C ARG C 309 -16.65 -44.22 52.70
N PHE C 310 -15.79 -43.30 53.13
CA PHE C 310 -15.53 -42.11 52.27
C PHE C 310 -14.60 -42.48 51.13
N VAL C 311 -13.63 -43.33 51.41
CA VAL C 311 -12.61 -43.65 50.42
C VAL C 311 -13.13 -44.38 49.13
N PRO C 312 -14.08 -45.32 49.25
CA PRO C 312 -14.59 -45.95 48.01
C PRO C 312 -15.39 -44.92 47.16
N LEU C 313 -16.04 -43.97 47.83
CA LEU C 313 -16.69 -42.88 47.05
C LEU C 313 -15.73 -42.03 46.25
N VAL C 314 -14.57 -41.74 46.83
CA VAL C 314 -13.57 -40.96 46.15
C VAL C 314 -13.00 -41.73 45.00
N LEU C 315 -12.74 -43.02 45.27
CA LEU C 315 -12.16 -43.85 44.26
C LEU C 315 -13.10 -43.95 43.04
N GLU C 316 -14.42 -44.12 43.29
CA GLU C 316 -15.40 -44.23 42.24
C GLU C 316 -15.39 -42.99 41.33
N ARG C 317 -15.43 -41.80 41.94
CA ARG C 317 -15.39 -40.51 41.18
C ARG C 317 -14.09 -40.28 40.46
N ALA C 318 -12.97 -40.68 41.05
CA ALA C 318 -11.68 -40.48 40.38
C ALA C 318 -11.59 -41.33 39.06
N LYS C 319 -12.25 -42.48 39.08
CA LYS C 319 -12.24 -43.38 37.91
C LYS C 319 -13.10 -42.84 36.80
N ARG C 320 -14.10 -42.00 37.11
CA ARG C 320 -14.89 -41.40 36.07
C ARG C 320 -14.15 -40.39 35.25
N LEU C 321 -13.04 -39.85 35.76
CA LEU C 321 -12.39 -38.70 35.09
C LEU C 321 -11.70 -39.09 33.79
N ARG C 322 -11.87 -38.28 32.75
CA ARG C 322 -11.24 -38.56 31.50
C ARG C 322 -9.96 -37.77 31.41
N PHE C 323 -8.86 -38.49 31.39
CA PHE C 323 -7.59 -37.87 31.29
C PHE C 323 -6.92 -38.21 29.97
N GLY C 324 -6.29 -37.23 29.35
CA GLY C 324 -5.64 -37.51 28.07
C GLY C 324 -5.51 -36.23 27.30
N ASP C 325 -5.62 -36.34 25.96
CA ASP C 325 -5.36 -35.23 25.03
C ASP C 325 -6.07 -33.96 25.47
N PRO C 326 -5.27 -32.91 25.80
CA PRO C 326 -5.93 -31.70 26.30
C PRO C 326 -6.76 -30.99 25.25
N MET C 327 -6.50 -31.19 23.95
CA MET C 327 -7.31 -30.56 22.90
C MET C 327 -8.66 -31.23 22.63
N ASP C 328 -8.81 -32.46 23.05
CA ASP C 328 -10.13 -33.08 23.05
C ASP C 328 -11.06 -32.42 24.07
N ARG C 329 -12.23 -31.93 23.62
CA ARG C 329 -13.20 -31.29 24.53
C ARG C 329 -13.87 -32.25 25.48
N SER C 330 -13.57 -33.53 25.36
CA SER C 330 -14.09 -34.45 26.36
C SER C 330 -13.07 -34.80 27.46
N THR C 331 -11.84 -34.34 27.30
CA THR C 331 -10.84 -34.51 28.33
C THR C 331 -11.19 -33.70 29.58
N ASP C 332 -11.26 -34.33 30.75
CA ASP C 332 -11.40 -33.56 32.00
C ASP C 332 -10.01 -33.08 32.42
N LEU C 333 -9.06 -34.02 32.39
CA LEU C 333 -7.73 -33.76 32.92
C LEU C 333 -6.72 -33.84 31.82
N GLY C 334 -6.03 -32.71 31.62
CA GLY C 334 -4.83 -32.67 30.76
C GLY C 334 -3.51 -33.03 31.42
N THR C 335 -2.36 -32.65 30.84
CA THR C 335 -1.11 -33.01 31.45
C THR C 335 -0.82 -32.01 32.61
N VAL C 336 0.30 -32.23 33.29
CA VAL C 336 0.95 -31.20 34.08
C VAL C 336 2.02 -30.51 33.25
N ILE C 337 2.69 -29.53 33.85
CA ILE C 337 3.54 -28.60 33.11
C ILE C 337 4.61 -29.25 32.27
N HIS C 338 5.23 -30.34 32.73
CA HIS C 338 6.21 -31.07 31.92
C HIS C 338 6.54 -32.41 32.51
N GLU C 339 7.44 -33.12 31.84
CA GLU C 339 7.64 -34.57 32.15
C GLU C 339 8.37 -34.64 33.50
N LYS C 340 9.34 -33.78 33.69
CA LYS C 340 10.00 -33.71 34.94
C LYS C 340 9.03 -33.57 36.17
N ALA C 341 8.07 -32.65 36.11
CA ALA C 341 7.14 -32.50 37.20
C ALA C 341 6.28 -33.71 37.36
N ALA C 342 5.80 -34.30 36.25
CA ALA C 342 4.98 -35.52 36.35
C ALA C 342 5.79 -36.64 37.01
N ALA C 343 7.07 -36.74 36.66
CA ALA C 343 7.90 -37.87 37.17
C ALA C 343 8.15 -37.67 38.70
N LEU C 344 8.38 -36.41 39.07
CA LEU C 344 8.55 -36.09 40.46
C LEU C 344 7.28 -36.46 41.24
N PHE C 345 6.13 -36.13 40.72
CA PHE C 345 4.96 -36.45 41.50
C PHE C 345 4.70 -37.94 41.64
N GLU C 346 4.91 -38.70 40.54
CA GLU C 346 4.80 -40.17 40.65
C GLU C 346 5.81 -40.75 41.64
N GLU C 347 7.04 -40.26 41.58
CA GLU C 347 8.02 -40.68 42.55
C GLU C 347 7.55 -40.49 44.00
N ARG C 348 6.97 -39.33 44.32
CA ARG C 348 6.48 -39.13 45.70
C ARG C 348 5.38 -40.10 46.02
N VAL C 349 4.53 -40.42 45.04
CA VAL C 349 3.45 -41.39 45.31
C VAL C 349 4.13 -42.78 45.66
N MET C 350 5.17 -43.12 44.93
CA MET C 350 5.82 -44.44 45.09
C MET C 350 6.57 -44.46 46.44
N ARG C 351 7.27 -43.40 46.79
CA ARG C 351 7.85 -43.24 48.11
C ARG C 351 6.80 -43.28 49.20
N ALA C 352 5.62 -42.67 48.99
CA ALA C 352 4.63 -42.76 50.06
C ALA C 352 4.17 -44.21 50.26
N ALA C 353 4.07 -44.99 49.17
CA ALA C 353 3.64 -46.40 49.26
C ALA C 353 4.70 -47.15 50.05
N GLU C 354 5.97 -46.93 49.74
CA GLU C 354 7.05 -47.54 50.54
C GLU C 354 6.93 -47.30 52.05
N GLU C 355 6.37 -46.14 52.43
CA GLU C 355 6.21 -45.68 53.84
C GLU C 355 4.87 -45.99 54.43
N GLY C 356 4.07 -46.82 53.78
CA GLY C 356 2.81 -47.20 54.42
C GLY C 356 1.61 -47.00 53.54
N ALA C 357 1.70 -46.15 52.53
CA ALA C 357 0.45 -45.73 51.77
C ALA C 357 -0.14 -46.83 50.85
N ASP C 358 -1.43 -46.76 50.58
CA ASP C 358 -2.06 -47.76 49.75
C ASP C 358 -2.54 -47.14 48.40
N ILE C 359 -1.79 -47.38 47.31
CA ILE C 359 -2.13 -46.80 45.97
C ILE C 359 -3.33 -47.57 45.50
N LEU C 360 -4.47 -46.86 45.35
CA LEU C 360 -5.77 -47.45 45.03
C LEU C 360 -6.12 -47.31 43.53
N TYR C 361 -5.56 -46.32 42.84
CA TYR C 361 -5.79 -46.26 41.42
C TYR C 361 -4.62 -45.57 40.81
N HIS C 362 -4.01 -46.21 39.80
CA HIS C 362 -2.81 -45.67 39.17
C HIS C 362 -2.57 -46.34 37.84
N PRO C 363 -3.28 -45.92 36.80
CA PRO C 363 -3.16 -46.63 35.48
C PRO C 363 -1.87 -46.42 34.68
N GLY C 364 -0.95 -45.62 35.19
CA GLY C 364 0.30 -45.44 34.48
C GLY C 364 0.45 -44.02 33.95
N ARG C 365 1.62 -43.46 34.16
CA ARG C 365 1.94 -42.12 33.70
C ARG C 365 2.36 -42.20 32.27
N SER C 366 2.18 -41.12 31.52
CA SER C 366 2.73 -41.14 30.18
C SER C 366 3.34 -39.77 29.83
N GLY C 367 4.66 -39.68 29.89
CA GLY C 367 5.36 -38.40 29.79
C GLY C 367 4.82 -37.42 30.84
N ALA C 368 4.24 -36.30 30.40
CA ALA C 368 3.64 -35.26 31.30
C ALA C 368 2.20 -35.55 31.70
N LEU C 369 1.56 -36.55 31.08
CA LEU C 369 0.21 -36.90 31.44
C LEU C 369 0.16 -37.81 32.68
N LEU C 370 -0.43 -37.28 33.74
CA LEU C 370 -0.55 -38.02 34.97
C LEU C 370 -2.03 -38.33 35.17
N PRO C 371 -2.38 -39.59 35.48
CA PRO C 371 -3.76 -39.90 35.89
C PRO C 371 -4.10 -39.29 37.28
N PRO C 372 -5.42 -39.16 37.61
CA PRO C 372 -5.77 -38.67 38.95
C PRO C 372 -5.54 -39.82 39.95
N ILE C 373 -4.28 -40.06 40.29
CA ILE C 373 -3.87 -41.13 41.18
C ILE C 373 -4.54 -40.99 42.55
N VAL C 374 -5.20 -42.05 43.00
CA VAL C 374 -5.79 -42.07 44.34
C VAL C 374 -4.88 -42.92 45.24
N VAL C 375 -4.48 -42.36 46.39
CA VAL C 375 -3.61 -43.04 47.34
C VAL C 375 -4.24 -42.84 48.70
N ASP C 376 -4.49 -43.92 49.44
CA ASP C 376 -5.11 -43.85 50.79
C ASP C 376 -4.03 -44.14 51.86
N ARG C 377 -4.35 -43.89 53.13
CA ARG C 377 -3.38 -44.07 54.24
C ARG C 377 -2.06 -43.33 54.05
N VAL C 378 -2.11 -42.13 53.49
CA VAL C 378 -0.90 -41.41 53.18
C VAL C 378 -0.25 -41.05 54.53
N PRO C 379 1.04 -41.40 54.73
CA PRO C 379 1.70 -40.99 56.01
C PRO C 379 1.80 -39.47 56.07
N HIS C 380 1.56 -38.90 57.24
CA HIS C 380 1.59 -37.43 57.42
C HIS C 380 2.90 -36.80 57.09
N GLN C 381 3.97 -37.54 57.28
CA GLN C 381 5.30 -36.96 57.09
C GLN C 381 5.87 -37.23 55.71
N SER C 382 5.19 -37.94 54.84
CA SER C 382 5.82 -38.23 53.52
C SER C 382 5.83 -36.97 52.68
N ASP C 383 6.80 -36.90 51.77
CA ASP C 383 6.97 -35.78 50.86
C ASP C 383 5.73 -35.45 50.07
N LEU C 384 4.95 -36.50 49.73
CA LEU C 384 3.75 -36.33 48.94
C LEU C 384 2.88 -35.17 49.56
N VAL C 385 2.67 -35.20 50.86
CA VAL C 385 1.71 -34.30 51.50
C VAL C 385 2.40 -33.25 52.44
N LEU C 386 3.69 -33.44 52.74
CA LEU C 386 4.40 -32.50 53.62
C LEU C 386 4.89 -31.36 52.80
N GLU C 387 5.51 -31.67 51.64
CA GLU C 387 5.82 -30.71 50.58
C GLU C 387 4.62 -30.42 49.64
N GLU C 388 4.60 -29.26 49.00
CA GLU C 388 3.57 -28.98 47.99
C GLU C 388 3.77 -29.89 46.73
N THR C 389 2.73 -30.68 46.40
CA THR C 389 2.80 -31.60 45.21
C THR C 389 1.79 -31.07 44.22
N PHE C 390 2.31 -30.37 43.21
CA PHE C 390 1.52 -29.46 42.41
C PHE C 390 0.97 -30.23 41.21
N GLY C 391 0.28 -31.35 41.49
CA GLY C 391 -0.32 -32.17 40.44
C GLY C 391 -1.55 -32.87 40.90
N PRO C 392 -2.16 -33.69 39.97
CA PRO C 392 -3.54 -34.17 40.15
C PRO C 392 -3.59 -35.36 41.00
N ILE C 393 -2.72 -35.40 42.03
CA ILE C 393 -2.80 -36.49 43.02
C ILE C 393 -4.02 -36.28 43.94
N ILE C 394 -4.69 -37.38 44.25
CA ILE C 394 -5.78 -37.45 45.18
C ILE C 394 -5.35 -38.19 46.47
N PRO C 395 -4.88 -37.43 47.49
CA PRO C 395 -4.23 -38.19 48.59
C PRO C 395 -4.97 -38.08 49.90
N ILE C 396 -5.46 -39.23 50.39
CA ILE C 396 -6.18 -39.34 51.66
C ILE C 396 -5.26 -39.68 52.84
N VAL C 397 -5.22 -38.79 53.85
CA VAL C 397 -4.51 -38.89 55.10
C VAL C 397 -5.61 -39.18 56.07
N ARG C 398 -5.52 -40.35 56.74
CA ARG C 398 -6.42 -40.64 57.82
C ARG C 398 -5.99 -39.95 59.11
N VAL C 399 -6.94 -39.33 59.82
CA VAL C 399 -6.60 -38.59 61.01
C VAL C 399 -7.55 -38.99 62.13
N PRO C 400 -7.15 -38.74 63.38
CA PRO C 400 -7.90 -39.18 64.53
C PRO C 400 -9.30 -38.58 64.51
N ASP C 401 -10.26 -39.27 65.16
CA ASP C 401 -11.57 -38.69 65.48
C ASP C 401 -11.47 -37.76 66.66
N ASP C 402 -10.66 -36.73 66.50
CA ASP C 402 -10.42 -35.75 67.57
C ASP C 402 -10.08 -34.49 66.83
N ASP C 403 -10.78 -33.41 67.11
CA ASP C 403 -10.65 -32.21 66.36
C ASP C 403 -9.35 -31.47 66.73
N ASP C 404 -8.99 -31.44 68.00
CA ASP C 404 -7.72 -30.80 68.36
C ASP C 404 -6.54 -31.46 67.66
N ALA C 405 -6.54 -32.78 67.56
CA ALA C 405 -5.42 -33.47 66.94
C ALA C 405 -5.44 -33.25 65.41
N THR C 406 -6.65 -33.22 64.85
CA THR C 406 -6.79 -32.89 63.41
C THR C 406 -6.29 -31.49 63.11
N ILE C 407 -6.70 -30.50 63.91
CA ILE C 407 -6.32 -29.14 63.61
C ILE C 407 -4.81 -29.03 63.71
N THR C 408 -4.21 -29.62 64.76
CA THR C 408 -2.75 -29.61 64.98
C THR C 408 -2.10 -30.24 63.79
N LEU C 409 -2.61 -31.40 63.38
CA LEU C 409 -2.10 -32.01 62.19
C LEU C 409 -2.20 -31.08 60.95
N SER C 410 -3.37 -30.47 60.76
CA SER C 410 -3.56 -29.60 59.60
C SER C 410 -2.54 -28.43 59.59
N ASN C 411 -2.29 -27.86 60.76
CA ASN C 411 -1.36 -26.78 60.92
C ASN C 411 0.11 -27.17 60.96
N SER C 412 0.46 -28.44 60.76
CA SER C 412 1.83 -28.84 61.05
C SER C 412 2.76 -28.65 59.88
N THR C 413 2.28 -28.20 58.74
CA THR C 413 3.21 -27.95 57.64
C THR C 413 3.68 -26.49 57.63
N ALA C 414 4.60 -26.18 56.72
CA ALA C 414 5.12 -24.80 56.58
C ALA C 414 4.10 -23.80 55.96
N PHE C 415 3.04 -24.31 55.37
CA PHE C 415 2.14 -23.54 54.52
C PHE C 415 0.90 -23.09 55.32
N GLY C 416 0.26 -22.01 54.91
CA GLY C 416 -1.01 -21.64 55.50
C GLY C 416 -1.78 -20.70 54.59
N LEU C 417 -2.40 -21.27 53.57
CA LEU C 417 -3.06 -20.52 52.52
C LEU C 417 -4.60 -20.62 52.64
N SER C 418 -5.22 -21.67 52.07
CA SER C 418 -6.63 -21.85 52.27
C SER C 418 -6.90 -23.24 52.85
N SER C 419 -8.18 -23.59 53.04
CA SER C 419 -8.57 -24.87 53.64
C SER C 419 -10.08 -25.07 53.36
N GLY C 420 -10.56 -26.31 53.35
CA GLY C 420 -11.98 -26.52 53.32
C GLY C 420 -12.37 -27.55 54.38
N VAL C 421 -13.51 -27.35 55.01
CA VAL C 421 -13.96 -28.31 56.04
C VAL C 421 -15.45 -28.70 55.76
N CYS C 422 -15.74 -29.99 55.76
CA CYS C 422 -17.09 -30.47 55.55
C CYS C 422 -17.60 -31.04 56.85
N THR C 423 -18.67 -30.42 57.36
CA THR C 423 -19.31 -30.83 58.60
C THR C 423 -20.66 -30.12 58.68
N ASN C 424 -21.59 -30.61 59.49
CA ASN C 424 -22.89 -29.93 59.66
C ASN C 424 -22.99 -29.36 61.08
N ASP C 425 -21.99 -29.66 61.89
CA ASP C 425 -22.02 -29.28 63.33
C ASP C 425 -21.43 -27.85 63.48
N TYR C 426 -22.27 -26.86 63.76
CA TYR C 426 -21.75 -25.46 63.86
C TYR C 426 -20.58 -25.28 64.86
N ARG C 427 -20.74 -25.79 66.07
CA ARG C 427 -19.70 -25.74 67.09
C ARG C 427 -18.33 -26.12 66.49
N ARG C 428 -18.32 -27.21 65.71
CA ARG C 428 -17.10 -27.64 65.05
C ARG C 428 -16.67 -26.75 63.88
N MET C 429 -17.62 -26.29 63.08
CA MET C 429 -17.25 -25.28 62.05
C MET C 429 -16.51 -24.13 62.67
N GLN C 430 -17.08 -23.56 63.74
CA GLN C 430 -16.45 -22.36 64.37
C GLN C 430 -15.06 -22.76 64.91
N LYS C 431 -14.93 -23.97 65.48
CA LYS C 431 -13.60 -24.40 66.00
C LYS C 431 -12.46 -24.42 64.96
N TYR C 432 -12.74 -24.99 63.79
CA TYR C 432 -11.81 -25.02 62.65
C TYR C 432 -11.59 -23.62 62.06
N ILE C 433 -12.63 -22.81 61.95
CA ILE C 433 -12.45 -21.51 61.45
C ILE C 433 -11.45 -20.71 62.33
N ALA C 434 -11.66 -20.75 63.65
CA ALA C 434 -10.77 -20.03 64.60
C ALA C 434 -9.41 -20.66 64.64
N GLY C 435 -9.36 -22.00 64.54
CA GLY C 435 -8.17 -22.77 64.80
C GLY C 435 -7.19 -23.04 63.64
N LEU C 436 -7.66 -23.05 62.40
CA LEU C 436 -6.75 -23.36 61.30
C LEU C 436 -5.91 -22.16 61.06
N LYS C 437 -4.59 -22.37 60.94
CA LYS C 437 -3.67 -21.24 60.69
C LYS C 437 -3.46 -20.98 59.18
N VAL C 438 -4.43 -20.24 58.61
CA VAL C 438 -4.58 -20.15 57.16
C VAL C 438 -5.15 -18.76 56.88
N GLY C 439 -5.15 -18.36 55.60
CA GLY C 439 -5.80 -17.07 55.18
C GLY C 439 -7.30 -17.21 54.94
N THR C 440 -7.77 -18.43 54.71
CA THR C 440 -9.18 -18.69 54.36
C THR C 440 -9.63 -20.07 54.82
N VAL C 441 -10.88 -20.12 55.33
CA VAL C 441 -11.48 -21.41 55.73
C VAL C 441 -12.85 -21.51 55.08
N ASN C 442 -12.94 -22.42 54.12
CA ASN C 442 -14.23 -22.59 53.42
C ASN C 442 -15.05 -23.76 54.03
N ILE C 443 -16.27 -23.49 54.49
CA ILE C 443 -17.10 -24.57 55.03
C ILE C 443 -17.94 -25.15 53.86
N TRP C 444 -17.79 -26.44 53.69
CA TRP C 444 -18.45 -27.21 52.62
C TRP C 444 -18.07 -26.72 51.28
N GLU C 445 -16.79 -26.32 51.14
CA GLU C 445 -16.24 -26.05 49.82
C GLU C 445 -14.78 -26.41 49.77
N VAL C 446 -14.20 -26.45 48.57
CA VAL C 446 -12.79 -26.73 48.48
C VAL C 446 -12.00 -25.49 48.93
N PRO C 447 -10.70 -25.65 49.27
CA PRO C 447 -9.89 -24.50 49.67
C PRO C 447 -9.79 -23.46 48.54
N GLY C 448 -9.95 -23.93 47.29
CA GLY C 448 -9.84 -23.10 46.09
C GLY C 448 -11.01 -22.14 45.86
N TYR C 449 -12.09 -22.25 46.61
CA TYR C 449 -13.25 -21.38 46.40
C TYR C 449 -13.01 -19.95 46.91
N ARG C 450 -13.26 -18.97 46.02
CA ARG C 450 -13.30 -17.51 46.35
C ARG C 450 -14.08 -16.84 45.24
N ILE C 451 -14.49 -15.60 45.44
CA ILE C 451 -14.96 -14.74 44.36
C ILE C 451 -13.76 -13.80 44.02
N GLU C 452 -13.77 -13.11 42.88
CA GLU C 452 -12.56 -12.38 42.42
C GLU C 452 -12.12 -11.17 43.28
N MET C 453 -13.07 -10.66 44.04
CA MET C 453 -12.88 -9.50 44.84
C MET C 453 -12.75 -9.73 46.37
N SER C 454 -12.78 -10.97 46.84
CA SER C 454 -12.61 -11.22 48.25
C SER C 454 -11.12 -11.18 48.56
N PRO C 455 -10.76 -10.82 49.83
CA PRO C 455 -9.32 -10.73 50.12
C PRO C 455 -8.63 -12.10 49.98
N PHE C 456 -7.48 -12.16 49.31
CA PHE C 456 -6.85 -13.46 49.07
C PHE C 456 -5.38 -13.41 49.45
N GLY C 457 -4.96 -14.29 50.35
CA GLY C 457 -3.55 -14.48 50.56
C GLY C 457 -3.30 -15.28 51.81
N GLY C 458 -2.06 -15.73 51.98
CA GLY C 458 -1.77 -16.74 53.00
C GLY C 458 -0.82 -16.18 54.03
N ILE C 459 -0.49 -16.98 55.05
CA ILE C 459 0.46 -16.63 56.13
C ILE C 459 1.55 -17.71 56.11
N LYS C 460 2.43 -17.68 57.11
CA LYS C 460 3.50 -18.67 57.20
C LYS C 460 4.29 -18.61 55.92
N ASP C 461 4.66 -19.76 55.31
CA ASP C 461 5.43 -19.72 54.07
C ASP C 461 4.60 -19.42 52.80
N SER C 462 3.28 -19.32 52.93
CA SER C 462 2.39 -19.19 51.78
C SER C 462 2.32 -17.75 51.34
N GLY C 463 2.80 -16.85 52.16
CA GLY C 463 2.94 -15.49 51.69
C GLY C 463 3.42 -14.49 52.74
N ASN C 464 3.94 -13.34 52.29
CA ASN C 464 4.52 -12.35 53.26
C ASN C 464 3.46 -11.56 54.04
N GLY C 465 2.19 -11.95 53.95
CA GLY C 465 1.11 -11.36 54.76
C GLY C 465 0.43 -10.10 54.21
N TYR C 466 0.43 -9.93 52.89
CA TYR C 466 -0.45 -8.95 52.21
C TYR C 466 -1.53 -9.64 51.40
N LYS C 467 -2.75 -9.15 51.49
CA LYS C 467 -3.82 -9.69 50.68
C LYS C 467 -3.82 -9.15 49.28
N GLU C 468 -4.33 -9.98 48.37
CA GLU C 468 -4.66 -9.53 47.03
C GLU C 468 -6.07 -9.98 46.68
N GLY C 469 -6.35 -10.26 45.40
CA GLY C 469 -7.73 -10.12 44.91
C GLY C 469 -7.88 -8.68 44.38
N VAL C 470 -8.92 -8.39 43.57
CA VAL C 470 -8.92 -7.10 42.86
C VAL C 470 -8.98 -5.87 43.87
N ILE C 471 -9.87 -5.94 44.84
CA ILE C 471 -9.98 -4.84 45.81
C ILE C 471 -8.72 -4.52 46.59
N GLU C 472 -8.10 -5.54 47.15
CA GLU C 472 -6.88 -5.36 47.98
C GLU C 472 -5.69 -5.00 47.11
N ALA C 473 -5.62 -5.51 45.85
CA ALA C 473 -4.54 -5.10 44.94
C ALA C 473 -4.67 -3.63 44.59
N MET C 474 -5.91 -3.18 44.35
CA MET C 474 -6.09 -1.72 44.04
C MET C 474 -5.57 -0.87 45.19
N LYS C 475 -5.82 -1.28 46.44
CA LYS C 475 -5.22 -0.57 47.58
C LYS C 475 -3.70 -0.60 47.66
N SER C 476 -3.07 -1.78 47.52
CA SER C 476 -1.61 -1.89 47.59
C SER C 476 -0.98 -1.13 46.49
N PHE C 477 -1.66 -1.00 45.33
CA PHE C 477 -1.01 -0.35 44.19
C PHE C 477 -1.09 1.18 44.29
N THR C 478 -1.52 1.73 45.43
CA THR C 478 -1.62 3.16 45.58
C THR C 478 -0.98 3.66 46.89
N ASN C 479 -0.74 4.96 46.93
CA ASN C 479 -0.36 5.71 48.11
C ASN C 479 -1.53 6.52 48.57
N VAL C 480 -1.81 6.46 49.88
CA VAL C 480 -2.79 7.32 50.50
C VAL C 480 -2.18 8.68 50.78
N LYS C 481 -2.83 9.74 50.29
CA LYS C 481 -2.39 11.08 50.71
C LYS C 481 -3.49 11.67 51.58
N THR C 482 -3.12 12.37 52.66
CA THR C 482 -4.16 12.99 53.43
C THR C 482 -4.06 14.48 53.16
N PHE C 483 -5.16 15.22 53.30
CA PHE C 483 -5.03 16.67 53.37
C PHE C 483 -6.01 17.20 54.39
N SER C 484 -5.66 18.33 55.04
CA SER C 484 -6.60 18.87 56.01
C SER C 484 -6.91 20.32 55.65
N LEU C 485 -8.15 20.72 55.92
CA LEU C 485 -8.63 22.06 55.67
C LEU C 485 -9.22 22.66 56.96
N PRO C 486 -9.00 23.98 57.19
CA PRO C 486 -9.76 24.61 58.29
C PRO C 486 -11.23 24.36 58.16
N TRP C 487 -11.89 24.15 59.29
CA TRP C 487 -13.33 23.95 59.29
C TRP C 487 -13.94 24.61 60.55
N PRO C 488 -13.99 25.96 60.64
CA PRO C 488 -14.47 26.62 61.89
C PRO C 488 -15.95 26.39 62.22
N VAL D 13 47.32 64.17 -13.81
CA VAL D 13 46.05 63.39 -13.82
C VAL D 13 45.32 63.62 -15.18
N ARG D 14 45.11 62.63 -16.09
CA ARG D 14 45.64 61.22 -16.24
C ARG D 14 45.19 60.47 -17.57
N HIS D 15 46.14 59.89 -18.29
CA HIS D 15 45.95 59.39 -19.67
C HIS D 15 46.02 57.88 -19.74
N GLU D 16 45.04 57.25 -20.39
CA GLU D 16 44.84 55.77 -20.34
C GLU D 16 44.85 55.13 -21.74
N PRO D 17 45.65 54.07 -21.92
CA PRO D 17 45.58 53.31 -23.16
C PRO D 17 44.39 52.29 -23.23
N MET D 18 44.01 51.84 -24.42
CA MET D 18 43.21 50.65 -24.56
C MET D 18 43.95 49.45 -23.96
N ARG D 19 43.18 48.43 -23.63
CA ARG D 19 43.77 47.18 -23.17
C ARG D 19 43.41 46.18 -24.23
N ILE D 20 44.39 45.77 -25.02
CA ILE D 20 44.06 44.79 -26.05
C ILE D 20 44.73 43.47 -25.65
N ALA D 21 43.91 42.52 -25.22
CA ALA D 21 44.41 41.25 -24.68
C ALA D 21 45.62 41.52 -23.78
N GLY D 22 45.50 42.50 -22.90
CA GLY D 22 46.50 42.70 -21.88
C GLY D 22 47.60 43.68 -22.26
N ARG D 23 47.61 44.13 -23.52
CA ARG D 23 48.61 45.06 -24.02
C ARG D 23 48.10 46.48 -23.96
N LEU D 24 48.85 47.38 -23.37
CA LEU D 24 48.49 48.80 -23.39
C LEU D 24 48.65 49.33 -24.81
N VAL D 25 47.57 49.68 -25.49
CA VAL D 25 47.65 50.13 -26.89
C VAL D 25 47.16 51.54 -27.04
N ASP D 26 48.08 52.39 -27.47
CA ASP D 26 47.86 53.81 -27.52
C ASP D 26 47.63 54.33 -28.93
N THR D 27 47.25 55.59 -29.02
CA THR D 27 46.83 56.16 -30.30
C THR D 27 47.19 57.64 -30.28
N ASP D 28 47.33 58.24 -31.46
CA ASP D 28 47.65 59.70 -31.55
C ASP D 28 46.58 60.64 -30.97
N ASP D 29 45.40 60.67 -31.61
CA ASP D 29 44.26 61.43 -31.12
C ASP D 29 43.76 60.83 -29.80
N ARG D 30 42.93 61.58 -29.10
CA ARG D 30 42.65 61.30 -27.71
C ARG D 30 41.18 61.62 -27.62
N VAL D 31 40.46 60.88 -26.78
CA VAL D 31 39.10 61.26 -26.50
C VAL D 31 39.24 61.76 -25.07
N GLU D 32 38.79 62.99 -24.87
CA GLU D 32 38.90 63.62 -23.56
C GLU D 32 37.72 63.17 -22.69
N VAL D 33 37.97 62.92 -21.41
CA VAL D 33 36.90 62.60 -20.47
C VAL D 33 36.78 63.67 -19.45
N ARG D 34 35.61 64.27 -19.44
CA ARG D 34 35.26 65.39 -18.57
C ARG D 34 34.40 65.05 -17.31
N TYR D 35 34.72 65.68 -16.17
CA TYR D 35 34.03 65.53 -14.88
C TYR D 35 32.80 66.42 -14.94
N PRO D 36 31.56 65.85 -14.87
CA PRO D 36 30.42 66.74 -15.13
C PRO D 36 30.17 67.82 -14.08
N TRP D 37 30.72 67.63 -12.89
CA TRP D 37 30.58 68.61 -11.82
C TRP D 37 31.17 69.98 -12.15
N ASN D 38 32.26 69.99 -12.89
CA ASN D 38 32.94 71.24 -13.24
C ASN D 38 33.41 71.24 -14.69
N ASP D 39 32.83 70.37 -15.52
CA ASP D 39 33.11 70.36 -16.97
C ASP D 39 34.61 70.39 -17.31
N THR D 40 35.42 69.73 -16.49
CA THR D 40 36.87 69.74 -16.76
C THR D 40 37.47 68.35 -17.07
N VAL D 41 38.50 68.36 -17.91
CA VAL D 41 39.07 67.13 -18.38
C VAL D 41 39.77 66.47 -17.23
N VAL D 42 39.40 65.22 -16.95
CA VAL D 42 40.02 64.44 -15.89
C VAL D 42 40.84 63.26 -16.41
N GLY D 43 40.78 63.00 -17.72
CA GLY D 43 41.34 61.77 -18.28
C GLY D 43 41.26 61.81 -19.78
N THR D 44 42.13 61.05 -20.46
CA THR D 44 41.93 60.82 -21.87
C THR D 44 42.15 59.32 -22.20
N VAL D 45 41.52 58.88 -23.29
CA VAL D 45 41.68 57.53 -23.82
C VAL D 45 41.91 57.62 -25.32
N PRO D 46 42.45 56.55 -25.95
CA PRO D 46 42.61 56.60 -27.40
C PRO D 46 41.35 56.88 -28.20
N ALA D 47 41.54 57.61 -29.29
CA ALA D 47 40.52 57.66 -30.31
C ALA D 47 40.70 56.40 -31.22
N GLY D 48 40.28 55.21 -30.71
CA GLY D 48 40.44 53.95 -31.44
C GLY D 48 39.63 53.86 -32.70
N ARG D 49 40.07 53.02 -33.63
CA ARG D 49 39.41 52.93 -34.92
C ARG D 49 39.01 51.48 -35.22
N ALA D 50 38.32 51.24 -36.35
CA ALA D 50 37.97 49.87 -36.74
C ALA D 50 39.15 48.85 -36.60
N GLU D 51 40.39 49.27 -36.89
CA GLU D 51 41.52 48.31 -36.88
C GLU D 51 41.86 47.81 -35.47
N HIS D 52 41.48 48.57 -34.43
CA HIS D 52 41.80 48.12 -33.05
C HIS D 52 40.82 47.09 -32.56
N ALA D 53 39.52 47.33 -32.81
CA ALA D 53 38.50 46.35 -32.55
C ALA D 53 38.87 45.10 -33.38
N ARG D 54 39.14 45.29 -34.66
CA ARG D 54 39.61 44.19 -35.53
C ARG D 54 40.73 43.31 -34.89
N GLU D 55 41.81 43.92 -34.43
CA GLU D 55 42.86 43.19 -33.81
C GLU D 55 42.37 42.46 -32.52
N ALA D 56 41.57 43.16 -31.69
CA ALA D 56 41.03 42.57 -30.48
C ALA D 56 40.24 41.25 -30.77
N PHE D 57 39.35 41.31 -31.76
CA PHE D 57 38.48 40.20 -32.16
C PHE D 57 39.26 39.07 -32.79
N ALA D 58 40.31 39.38 -33.54
CA ALA D 58 41.16 38.31 -34.10
C ALA D 58 41.80 37.51 -32.96
N ILE D 59 42.39 38.19 -31.98
CA ILE D 59 42.96 37.53 -30.81
C ILE D 59 41.88 36.75 -29.95
N ALA D 60 40.69 37.36 -29.73
CA ALA D 60 39.56 36.67 -29.08
C ALA D 60 39.19 35.37 -29.82
N ALA D 61 39.02 35.45 -31.15
CA ALA D 61 38.65 34.30 -31.92
C ALA D 61 39.75 33.23 -31.90
N ALA D 62 41.02 33.62 -32.08
CA ALA D 62 42.07 32.61 -32.08
C ALA D 62 42.14 31.83 -30.76
N TYR D 63 41.94 32.50 -29.64
CA TYR D 63 42.21 31.90 -28.34
C TYR D 63 41.10 30.95 -27.82
N GLN D 64 41.48 29.74 -27.43
CA GLN D 64 40.55 28.75 -26.90
C GLN D 64 40.79 28.58 -25.41
N PRO D 65 39.97 29.24 -24.57
CA PRO D 65 40.20 29.12 -23.14
C PRO D 65 40.09 27.66 -22.65
N LYS D 66 40.91 27.29 -21.66
CA LYS D 66 40.93 25.92 -21.11
C LYS D 66 40.72 25.93 -19.58
N LEU D 67 40.30 27.07 -19.02
CA LEU D 67 40.14 27.18 -17.59
C LEU D 67 39.10 26.17 -17.11
N THR D 68 39.45 25.42 -16.07
CA THR D 68 38.45 24.60 -15.42
C THR D 68 37.41 25.51 -14.75
N ARG D 69 36.29 24.92 -14.39
CA ARG D 69 35.26 25.63 -13.66
C ARG D 69 35.86 26.18 -12.36
N TYR D 70 36.75 25.42 -11.75
CA TYR D 70 37.40 25.86 -10.54
C TYR D 70 38.28 27.15 -10.74
N GLU D 71 39.08 27.15 -11.81
CA GLU D 71 39.89 28.29 -12.18
C GLU D 71 39.08 29.53 -12.43
N ARG D 72 37.94 29.36 -13.11
CA ARG D 72 37.13 30.48 -13.40
C ARG D 72 36.54 31.05 -12.11
N GLN D 73 36.14 30.18 -11.19
CA GLN D 73 35.51 30.61 -9.91
C GLN D 73 36.54 31.44 -9.14
N LYS D 74 37.79 30.94 -9.14
CA LYS D 74 38.93 31.55 -8.45
C LYS D 74 39.17 33.00 -8.95
N ILE D 75 39.22 33.16 -10.27
CA ILE D 75 39.44 34.47 -10.90
C ILE D 75 38.29 35.38 -10.53
N LEU D 76 37.07 34.86 -10.63
CA LEU D 76 35.91 35.73 -10.43
C LEU D 76 35.81 36.15 -8.97
N LEU D 77 36.16 35.25 -8.04
CA LEU D 77 36.09 35.61 -6.62
C LEU D 77 37.29 36.52 -6.21
N ALA D 78 38.44 36.33 -6.86
CA ALA D 78 39.58 37.22 -6.67
C ALA D 78 39.23 38.64 -7.18
N THR D 79 38.52 38.76 -8.31
CA THR D 79 38.01 40.04 -8.80
C THR D 79 37.09 40.69 -7.76
N ALA D 80 36.13 39.92 -7.24
CA ALA D 80 35.23 40.49 -6.27
C ALA D 80 36.04 41.04 -5.08
N GLU D 81 37.04 40.28 -4.63
CA GLU D 81 37.81 40.69 -3.47
C GLU D 81 38.61 41.98 -3.72
N ALA D 82 39.16 42.10 -4.93
CA ALA D 82 39.83 43.32 -5.36
C ALA D 82 38.84 44.52 -5.42
N LEU D 83 37.59 44.29 -5.75
CA LEU D 83 36.74 45.43 -5.99
C LEU D 83 36.41 45.96 -4.61
N ALA D 84 36.27 45.05 -3.64
CA ALA D 84 35.99 45.43 -2.29
C ALA D 84 37.24 46.06 -1.65
N ALA D 85 38.42 45.45 -1.81
CA ALA D 85 39.67 46.07 -1.37
C ALA D 85 39.93 47.48 -1.95
N ARG D 86 39.57 47.71 -3.22
CA ARG D 86 39.86 48.97 -3.88
C ARG D 86 38.62 49.89 -4.10
N LYS D 87 37.56 49.66 -3.32
CA LYS D 87 36.30 50.36 -3.57
C LYS D 87 36.46 51.86 -3.54
N GLU D 88 37.25 52.40 -2.60
CA GLU D 88 37.44 53.91 -2.61
C GLU D 88 38.06 54.43 -3.91
N GLU D 89 39.13 53.77 -4.35
CA GLU D 89 39.80 54.13 -5.58
C GLU D 89 38.81 54.04 -6.77
N ILE D 90 38.13 52.89 -6.93
CA ILE D 90 37.25 52.64 -8.11
C ILE D 90 36.08 53.61 -8.09
N SER D 91 35.48 53.83 -6.94
CA SER D 91 34.37 54.78 -6.89
C SER D 91 34.75 56.27 -7.16
N ASP D 92 35.96 56.66 -6.76
CA ASP D 92 36.53 57.95 -7.21
C ASP D 92 36.56 57.99 -8.73
N VAL D 93 37.08 56.95 -9.37
CA VAL D 93 37.17 57.00 -10.86
C VAL D 93 35.76 57.09 -11.41
N ILE D 94 34.82 56.37 -10.79
CA ILE D 94 33.46 56.44 -11.31
C ILE D 94 32.92 57.85 -11.18
N THR D 95 33.05 58.40 -9.97
CA THR D 95 32.43 59.69 -9.70
C THR D 95 33.06 60.75 -10.59
N LEU D 96 34.37 60.67 -10.78
CA LEU D 96 35.06 61.64 -11.66
C LEU D 96 34.60 61.66 -13.11
N GLU D 97 34.20 60.51 -13.69
CA GLU D 97 33.73 60.58 -15.08
C GLU D 97 32.21 60.68 -15.24
N LEU D 98 31.49 60.29 -14.21
CA LEU D 98 30.03 60.22 -14.33
C LEU D 98 29.33 61.39 -13.63
N GLY D 99 29.80 61.76 -12.45
CA GLY D 99 29.24 62.91 -11.71
C GLY D 99 28.32 62.46 -10.58
N ILE D 100 28.08 61.13 -10.47
CA ILE D 100 27.17 60.64 -9.44
C ILE D 100 27.89 60.81 -8.10
N SER D 101 27.13 61.00 -7.02
CA SER D 101 27.71 61.16 -5.69
C SER D 101 28.56 59.94 -5.34
N LYS D 102 29.51 60.12 -4.42
CA LYS D 102 30.29 59.02 -3.86
C LYS D 102 29.40 57.93 -3.25
N ALA D 103 28.31 58.33 -2.58
CA ALA D 103 27.40 57.32 -2.04
C ALA D 103 26.88 56.41 -3.20
N ASP D 104 26.48 57.01 -4.30
CA ASP D 104 26.02 56.23 -5.46
C ASP D 104 27.16 55.40 -6.13
N SER D 105 28.41 55.90 -6.15
CA SER D 105 29.53 55.21 -6.79
C SER D 105 29.93 54.07 -5.92
N LEU D 106 30.03 54.30 -4.60
CA LEU D 106 30.34 53.21 -3.66
C LEU D 106 29.34 52.07 -3.79
N TYR D 107 28.07 52.41 -3.78
CA TYR D 107 27.02 51.45 -3.95
C TYR D 107 27.22 50.66 -5.28
N GLU D 108 27.51 51.35 -6.40
CA GLU D 108 27.87 50.67 -7.66
C GLU D 108 28.98 49.60 -7.55
N VAL D 109 30.05 49.91 -6.84
CA VAL D 109 31.11 48.93 -6.61
C VAL D 109 30.56 47.75 -5.83
N GLY D 110 29.68 48.02 -4.84
CA GLY D 110 29.03 46.92 -4.10
C GLY D 110 28.19 46.01 -4.99
N ARG D 111 27.46 46.55 -5.97
CA ARG D 111 26.81 45.69 -7.00
C ARG D 111 27.81 44.92 -7.88
N ALA D 112 28.91 45.53 -8.25
CA ALA D 112 29.81 44.79 -9.12
C ALA D 112 30.42 43.67 -8.32
N PHE D 113 30.61 43.89 -7.03
CA PHE D 113 31.15 42.86 -6.14
C PHE D 113 30.19 41.63 -6.12
N ASP D 114 28.87 41.91 -6.10
CA ASP D 114 27.85 40.86 -6.07
C ASP D 114 27.80 40.14 -7.43
N VAL D 115 27.88 40.89 -8.54
CA VAL D 115 28.03 40.30 -9.86
C VAL D 115 29.14 39.29 -9.98
N PHE D 116 30.37 39.69 -9.66
CA PHE D 116 31.46 38.78 -9.74
C PHE D 116 31.34 37.59 -8.76
N THR D 117 30.85 37.82 -7.55
CA THR D 117 30.68 36.74 -6.57
C THR D 117 29.64 35.72 -7.02
N LEU D 118 28.47 36.20 -7.46
CA LEU D 118 27.46 35.31 -7.97
C LEU D 118 27.90 34.57 -9.25
N ALA D 119 28.54 35.27 -10.17
CA ALA D 119 29.05 34.62 -11.35
C ALA D 119 30.06 33.52 -11.00
N GLY D 120 31.00 33.83 -10.09
CA GLY D 120 31.95 32.82 -9.53
C GLY D 120 31.24 31.61 -8.91
N GLN D 121 30.17 31.83 -8.18
CA GLN D 121 29.49 30.71 -7.54
C GLN D 121 28.66 29.91 -8.55
N MET D 122 28.13 30.60 -9.54
CA MET D 122 27.43 29.93 -10.69
C MET D 122 28.30 28.93 -11.47
N CYS D 123 29.61 28.95 -11.25
CA CYS D 123 30.53 28.07 -12.01
C CYS D 123 30.45 26.61 -11.69
N ILE D 124 30.06 26.30 -10.48
CA ILE D 124 29.88 24.96 -10.10
C ILE D 124 28.63 24.31 -10.76
N ARG D 125 27.73 25.11 -11.37
CA ARG D 125 26.41 24.60 -11.72
C ARG D 125 26.44 24.04 -13.11
N ASP D 126 25.84 22.87 -13.29
CA ASP D 126 25.82 22.24 -14.61
C ASP D 126 24.37 21.94 -14.86
N ASP D 127 23.73 22.64 -15.81
CA ASP D 127 22.31 22.47 -16.04
C ASP D 127 22.03 21.47 -17.23
N GLY D 128 22.99 20.64 -17.66
CA GLY D 128 22.71 19.65 -18.73
C GLY D 128 21.54 18.72 -18.42
N GLU D 129 20.83 18.26 -19.44
CA GLU D 129 19.63 17.43 -19.30
C GLU D 129 19.90 16.09 -19.93
N ILE D 130 19.00 15.14 -19.64
CA ILE D 130 19.05 13.80 -20.20
C ILE D 130 17.67 13.44 -20.70
N PHE D 131 17.59 12.87 -21.89
CA PHE D 131 16.32 12.45 -22.45
C PHE D 131 16.41 10.98 -22.76
N SER D 132 15.36 10.25 -22.42
CA SER D 132 15.18 8.85 -22.80
C SER D 132 14.45 8.84 -24.15
N CYS D 133 14.83 7.92 -25.04
CA CYS D 133 14.39 7.95 -26.43
C CYS D 133 13.29 6.93 -26.76
N ASP D 134 12.98 6.02 -25.83
CA ASP D 134 11.94 4.98 -26.11
C ASP D 134 10.49 5.43 -25.86
N LEU D 135 10.09 6.57 -26.48
CA LEU D 135 8.88 7.33 -26.18
C LEU D 135 7.68 7.16 -27.12
N THR D 136 7.94 6.64 -28.31
CA THR D 136 6.99 6.56 -29.40
C THR D 136 7.07 5.13 -29.99
N PRO D 137 6.16 4.76 -30.92
CA PRO D 137 6.38 3.39 -31.47
C PRO D 137 7.71 3.32 -32.33
N HIS D 138 8.12 4.44 -32.93
CA HIS D 138 9.51 4.65 -33.34
C HIS D 138 10.48 4.19 -32.26
N GLY D 139 10.47 4.90 -31.12
CA GLY D 139 11.60 5.01 -30.16
C GLY D 139 12.75 4.02 -30.18
N LYS D 140 13.95 4.46 -29.82
CA LYS D 140 15.16 3.66 -29.73
C LYS D 140 15.59 3.54 -28.29
N ALA D 141 16.35 2.48 -27.97
CA ALA D 141 16.99 2.29 -26.65
C ALA D 141 18.27 3.16 -26.66
N ARG D 142 18.10 4.44 -26.35
CA ARG D 142 19.17 5.39 -26.55
C ARG D 142 18.92 6.55 -25.56
N LYS D 143 19.97 7.26 -25.17
CA LYS D 143 19.80 8.43 -24.37
C LYS D 143 20.46 9.63 -25.08
N ILE D 144 19.78 10.77 -25.03
CA ILE D 144 20.35 12.05 -25.47
C ILE D 144 20.78 12.87 -24.23
N PHE D 145 21.96 13.46 -24.30
CA PHE D 145 22.56 14.28 -23.26
C PHE D 145 22.87 15.66 -23.85
N THR D 146 23.00 16.67 -22.99
CA THR D 146 23.18 18.05 -23.43
C THR D 146 24.46 18.53 -22.72
N MET D 147 25.21 19.44 -23.37
CA MET D 147 26.34 20.13 -22.78
C MET D 147 26.37 21.51 -23.45
N ARG D 148 27.09 22.44 -22.85
CA ARG D 148 27.20 23.77 -23.40
C ARG D 148 28.62 24.00 -23.83
N GLU D 149 28.84 24.80 -24.84
CA GLU D 149 30.19 25.16 -25.26
C GLU D 149 30.26 26.68 -25.49
N PRO D 150 31.45 27.32 -25.33
CA PRO D 150 31.50 28.78 -25.54
C PRO D 150 31.36 29.20 -27.00
N LEU D 151 31.14 30.49 -27.26
CA LEU D 151 31.15 31.02 -28.63
C LEU D 151 32.55 31.36 -29.12
N THR D 152 32.66 31.82 -30.38
CA THR D 152 33.98 32.24 -30.93
C THR D 152 34.47 33.54 -30.27
N ALA D 153 33.64 34.60 -30.34
CA ALA D 153 33.91 35.84 -29.66
C ALA D 153 32.62 36.62 -29.36
N ILE D 154 32.63 37.32 -28.23
CA ILE D 154 31.53 38.17 -27.87
C ILE D 154 31.89 39.65 -27.97
N SER D 155 30.95 40.42 -28.53
CA SER D 155 31.07 41.87 -28.65
C SER D 155 30.13 42.53 -27.62
N ALA D 156 30.66 43.33 -26.69
CA ALA D 156 29.83 43.99 -25.64
C ALA D 156 29.93 45.50 -25.77
N ILE D 157 28.80 46.20 -25.83
CA ILE D 157 28.77 47.68 -25.98
C ILE D 157 27.93 48.20 -24.81
N THR D 158 28.49 49.11 -24.04
CA THR D 158 27.92 49.47 -22.75
C THR D 158 27.59 50.95 -22.62
N PRO D 159 26.62 51.31 -21.73
CA PRO D 159 26.20 52.71 -21.63
C PRO D 159 26.95 53.43 -20.52
N PHE D 160 26.64 54.72 -20.36
CA PHE D 160 27.39 55.52 -19.36
C PHE D 160 26.86 55.37 -17.99
N ASN D 161 25.64 54.86 -17.81
CA ASN D 161 25.03 55.03 -16.46
C ASN D 161 25.57 54.17 -15.27
N HIS D 162 26.22 53.04 -15.58
CA HIS D 162 26.93 52.23 -14.57
C HIS D 162 28.21 51.84 -15.26
N PRO D 163 29.20 52.75 -15.27
CA PRO D 163 30.50 52.55 -15.89
C PRO D 163 31.21 51.30 -15.41
N LEU D 164 31.01 50.88 -14.16
CA LEU D 164 31.61 49.62 -13.68
C LEU D 164 30.59 48.44 -13.86
N ASN D 165 29.37 48.58 -13.36
CA ASN D 165 28.50 47.40 -13.21
C ASN D 165 28.01 46.89 -14.54
N MET D 166 27.82 47.82 -15.49
CA MET D 166 27.41 47.43 -16.82
C MET D 166 28.45 46.58 -17.51
N VAL D 167 29.74 46.86 -17.24
CA VAL D 167 30.82 46.08 -17.82
C VAL D 167 30.88 44.75 -17.05
N ALA D 168 30.79 44.77 -15.69
CA ALA D 168 30.79 43.57 -14.90
C ALA D 168 29.69 42.58 -15.42
N HIS D 169 28.48 43.07 -15.68
CA HIS D 169 27.34 42.22 -16.15
C HIS D 169 27.59 41.55 -17.48
N LYS D 170 28.42 42.16 -18.35
CA LYS D 170 28.73 41.56 -19.62
C LYS D 170 29.95 40.65 -19.56
N VAL D 171 30.95 41.01 -18.74
CA VAL D 171 32.23 40.30 -18.71
C VAL D 171 32.26 39.10 -17.76
N ALA D 172 31.67 39.23 -16.58
CA ALA D 172 31.72 38.16 -15.61
C ALA D 172 31.03 36.86 -16.15
N PRO D 173 29.87 36.99 -16.82
CA PRO D 173 29.28 35.73 -17.34
C PRO D 173 30.08 35.17 -18.50
N ALA D 174 30.79 36.03 -19.23
CA ALA D 174 31.63 35.56 -20.35
C ALA D 174 32.79 34.77 -19.80
N ILE D 175 33.39 35.24 -18.72
CA ILE D 175 34.53 34.60 -18.17
C ILE D 175 34.09 33.23 -17.61
N ALA D 176 32.94 33.21 -16.92
CA ALA D 176 32.43 32.04 -16.23
C ALA D 176 32.15 30.87 -17.24
N THR D 177 32.22 31.13 -18.53
CA THR D 177 31.62 30.36 -19.59
C THR D 177 32.72 30.13 -20.63
N ASN D 178 33.96 30.46 -20.27
CA ASN D 178 35.12 30.36 -21.20
C ASN D 178 34.99 31.07 -22.57
N ASN D 179 34.35 32.23 -22.55
CA ASN D 179 34.30 33.11 -23.70
C ASN D 179 35.43 34.16 -23.73
N CYS D 180 35.62 34.79 -24.87
CA CYS D 180 36.59 35.82 -25.08
C CYS D 180 35.73 37.02 -25.44
N VAL D 181 35.87 38.10 -24.70
CA VAL D 181 34.96 39.24 -24.96
C VAL D 181 35.76 40.51 -25.28
N VAL D 182 35.20 41.32 -26.17
CA VAL D 182 35.76 42.63 -26.41
C VAL D 182 34.71 43.64 -26.03
N VAL D 183 35.04 44.55 -25.14
CA VAL D 183 34.10 45.58 -24.71
C VAL D 183 34.49 46.97 -25.28
N LYS D 184 33.52 47.69 -25.79
CA LYS D 184 33.74 49.07 -26.16
C LYS D 184 32.83 49.87 -25.22
N PRO D 185 33.34 50.37 -24.07
CA PRO D 185 32.46 51.16 -23.23
C PRO D 185 32.16 52.50 -23.90
N THR D 186 31.16 53.18 -23.38
CA THR D 186 30.86 54.53 -23.89
C THR D 186 32.11 55.46 -23.81
N GLU D 187 32.20 56.39 -24.76
CA GLU D 187 33.23 57.48 -24.72
C GLU D 187 33.11 58.40 -23.54
N LEU D 188 31.90 58.51 -22.94
CA LEU D 188 31.63 59.45 -21.84
C LEU D 188 32.20 58.92 -20.53
N THR D 189 32.30 57.59 -20.43
CA THR D 189 32.78 56.98 -19.17
C THR D 189 33.68 55.72 -19.28
N PRO D 190 34.77 55.82 -20.05
CA PRO D 190 35.52 54.62 -20.37
C PRO D 190 36.58 54.28 -19.33
N MET D 191 36.91 55.18 -18.43
CA MET D 191 38.07 54.88 -17.60
C MET D 191 37.80 53.75 -16.57
N THR D 192 36.58 53.65 -16.08
CA THR D 192 36.24 52.58 -15.15
C THR D 192 36.42 51.18 -15.83
N ALA D 193 36.08 51.06 -17.10
CA ALA D 193 36.16 49.74 -17.81
C ALA D 193 37.57 49.36 -18.02
N LEU D 194 38.47 50.35 -18.33
CA LEU D 194 39.91 50.11 -18.45
C LEU D 194 40.48 49.64 -17.11
N LEU D 195 40.15 50.36 -16.03
CA LEU D 195 40.56 49.91 -14.71
C LEU D 195 40.06 48.46 -14.37
N LEU D 196 38.78 48.17 -14.62
CA LEU D 196 38.25 46.80 -14.40
C LEU D 196 39.05 45.76 -15.18
N ALA D 197 39.42 46.06 -16.41
CA ALA D 197 40.31 45.18 -17.17
C ALA D 197 41.62 44.90 -16.41
N ASP D 198 42.29 45.90 -15.86
CA ASP D 198 43.57 45.62 -15.15
C ASP D 198 43.34 44.75 -13.94
N ILE D 199 42.23 45.02 -13.22
CA ILE D 199 41.87 44.20 -12.07
C ILE D 199 41.71 42.70 -12.43
N LEU D 200 41.00 42.46 -13.52
CA LEU D 200 40.81 41.09 -14.04
C LEU D 200 42.09 40.43 -14.48
N TYR D 201 42.93 41.13 -15.24
CA TYR D 201 44.26 40.57 -15.52
C TYR D 201 45.05 40.20 -14.25
N GLU D 202 44.99 41.06 -13.23
CA GLU D 202 45.78 40.85 -12.04
C GLU D 202 45.15 39.75 -11.21
N ALA D 203 43.85 39.53 -11.41
CA ALA D 203 43.18 38.47 -10.70
C ALA D 203 43.45 37.12 -11.35
N GLY D 204 44.12 37.12 -12.51
CA GLY D 204 44.55 35.85 -13.11
C GLY D 204 43.85 35.52 -14.42
N LEU D 205 43.02 36.44 -14.96
CA LEU D 205 42.37 36.16 -16.23
C LEU D 205 43.43 36.06 -17.35
N PRO D 206 43.43 34.97 -18.18
CA PRO D 206 44.24 34.96 -19.39
C PRO D 206 43.91 36.16 -20.22
N PRO D 207 44.93 36.92 -20.60
CA PRO D 207 44.63 38.25 -21.13
C PRO D 207 43.85 38.23 -22.44
N GLU D 208 44.02 37.18 -23.24
CA GLU D 208 43.29 37.04 -24.52
C GLU D 208 41.74 37.01 -24.35
N MET D 209 41.26 36.74 -23.14
CA MET D 209 39.84 36.59 -22.86
C MET D 209 39.16 37.94 -22.73
N LEU D 210 39.94 39.03 -22.65
CA LEU D 210 39.30 40.33 -22.56
C LEU D 210 40.06 41.47 -23.24
N SER D 211 39.37 42.21 -24.11
CA SER D 211 39.87 43.53 -24.45
C SER D 211 38.89 44.58 -24.07
N VAL D 212 39.40 45.77 -23.72
CA VAL D 212 38.59 46.98 -23.65
C VAL D 212 39.08 48.02 -24.68
N VAL D 213 38.27 48.34 -25.69
CA VAL D 213 38.68 49.28 -26.73
C VAL D 213 37.84 50.58 -26.61
N THR D 214 38.39 51.71 -27.04
CA THR D 214 37.76 53.02 -26.83
C THR D 214 37.85 53.78 -28.14
N GLY D 215 36.95 54.73 -28.33
CA GLY D 215 36.97 55.56 -29.53
C GLY D 215 35.63 56.19 -29.74
N TRP D 216 35.54 57.06 -30.75
CA TRP D 216 34.25 57.66 -31.14
C TRP D 216 33.40 56.56 -31.68
N PRO D 217 32.08 56.60 -31.40
CA PRO D 217 31.21 55.54 -31.89
C PRO D 217 31.17 55.48 -33.42
N ALA D 218 31.34 56.62 -34.11
CA ALA D 218 31.52 56.59 -35.57
C ALA D 218 32.53 55.49 -35.99
N ASP D 219 33.80 55.91 -35.99
CA ASP D 219 35.04 55.14 -36.18
C ASP D 219 35.14 53.63 -35.85
N ILE D 220 34.68 53.23 -34.65
CA ILE D 220 34.95 51.89 -34.05
C ILE D 220 33.71 51.04 -33.74
N GLY D 221 32.55 51.68 -33.70
CA GLY D 221 31.35 51.03 -33.26
C GLY D 221 30.80 50.12 -34.33
N MET D 222 31.09 50.43 -35.58
CA MET D 222 30.55 49.64 -36.67
C MET D 222 31.29 48.32 -36.68
N GLU D 223 32.59 48.38 -36.41
CA GLU D 223 33.38 47.14 -36.30
C GLU D 223 32.88 46.24 -35.14
N MET D 224 32.35 46.83 -34.06
CA MET D 224 31.84 46.03 -32.92
C MET D 224 30.60 45.25 -33.32
N ILE D 225 29.82 45.79 -34.27
CA ILE D 225 28.56 45.18 -34.75
C ILE D 225 28.78 44.14 -35.88
N THR D 226 29.92 44.19 -36.53
CA THR D 226 29.99 43.71 -37.91
C THR D 226 31.16 42.76 -38.11
N ASN D 227 32.15 42.87 -37.24
CA ASN D 227 33.26 41.98 -37.33
C ASN D 227 32.79 40.52 -37.57
N PRO D 228 33.42 39.83 -38.57
CA PRO D 228 32.99 38.46 -38.93
C PRO D 228 33.22 37.40 -37.82
N HIS D 229 34.17 37.62 -36.92
CA HIS D 229 34.42 36.67 -35.83
C HIS D 229 33.40 36.73 -34.70
N VAL D 230 32.66 37.83 -34.60
CA VAL D 230 31.65 37.98 -33.56
C VAL D 230 30.46 37.04 -33.75
N ASP D 231 30.20 36.17 -32.76
CA ASP D 231 28.97 35.33 -32.66
C ASP D 231 27.73 35.92 -31.96
N LEU D 232 27.95 36.89 -31.07
CA LEU D 232 26.86 37.53 -30.37
C LEU D 232 27.27 38.99 -30.05
N VAL D 233 26.36 39.94 -30.22
CA VAL D 233 26.54 41.31 -29.76
C VAL D 233 25.61 41.49 -28.54
N THR D 234 26.14 41.88 -27.38
CA THR D 234 25.30 42.22 -26.26
C THR D 234 25.41 43.72 -26.09
N PHE D 235 24.28 44.41 -26.18
CA PHE D 235 24.28 45.86 -26.12
C PHE D 235 23.26 46.34 -25.13
N THR D 236 23.65 47.34 -24.35
CA THR D 236 22.72 48.09 -23.51
C THR D 236 22.80 49.61 -23.83
N GLY D 237 21.65 50.24 -24.06
CA GLY D 237 21.67 51.64 -24.50
C GLY D 237 20.31 52.16 -24.92
N SER D 238 20.29 53.22 -25.69
CA SER D 238 19.05 53.93 -26.02
C SER D 238 18.36 53.23 -27.17
N VAL D 239 17.04 53.46 -27.27
CA VAL D 239 16.21 52.88 -28.31
C VAL D 239 16.76 53.19 -29.71
N PRO D 240 16.97 54.48 -30.04
CA PRO D 240 17.52 54.76 -31.39
C PRO D 240 18.80 54.01 -31.80
N VAL D 241 19.82 53.98 -30.95
CA VAL D 241 21.07 53.28 -31.26
C VAL D 241 20.84 51.74 -31.33
N GLY D 242 20.07 51.19 -30.38
CA GLY D 242 19.67 49.78 -30.38
C GLY D 242 18.95 49.40 -31.66
N LYS D 243 17.95 50.20 -32.04
CA LYS D 243 17.29 50.06 -33.33
C LYS D 243 18.27 50.09 -34.54
N LEU D 244 19.36 50.83 -34.42
CA LEU D 244 20.33 50.86 -35.48
C LEU D 244 21.22 49.63 -35.52
N ILE D 245 21.66 49.18 -34.35
CA ILE D 245 22.43 47.92 -34.23
C ILE D 245 21.66 46.75 -34.80
N ALA D 246 20.36 46.66 -34.53
CA ALA D 246 19.52 45.58 -35.08
C ALA D 246 19.51 45.53 -36.60
N ALA D 247 19.80 46.67 -37.22
CA ALA D 247 19.78 46.79 -38.68
C ALA D 247 21.11 46.43 -39.34
N ASN D 248 22.19 46.42 -38.55
CA ASN D 248 23.54 46.13 -39.04
C ASN D 248 24.20 44.81 -38.64
N ALA D 249 23.67 44.14 -37.63
CA ALA D 249 24.35 42.96 -37.09
C ALA D 249 24.07 41.79 -38.01
N HIS D 250 22.88 41.82 -38.58
CA HIS D 250 22.54 40.90 -39.64
C HIS D 250 22.51 39.50 -39.15
N TYR D 251 23.58 38.73 -39.34
CA TYR D 251 23.47 37.29 -39.05
C TYR D 251 24.28 36.82 -37.80
N LYS D 252 23.83 37.30 -36.64
CA LYS D 252 24.58 37.24 -35.38
C LYS D 252 23.46 37.28 -34.36
N ARG D 253 23.59 36.53 -33.29
CA ARG D 253 22.67 36.77 -32.21
C ARG D 253 22.90 38.22 -31.69
N GLN D 254 21.83 38.85 -31.25
CA GLN D 254 21.94 40.14 -30.59
C GLN D 254 21.16 40.10 -29.31
N VAL D 255 21.73 40.62 -28.23
CA VAL D 255 20.95 40.88 -26.99
C VAL D 255 20.84 42.42 -26.78
N LEU D 256 19.66 42.99 -26.96
CA LEU D 256 19.53 44.43 -27.02
C LEU D 256 18.65 44.84 -25.84
N GLU D 257 19.23 45.56 -24.88
CA GLU D 257 18.48 46.00 -23.72
C GLU D 257 18.46 47.53 -23.82
N LEU D 258 17.24 48.07 -23.99
CA LEU D 258 17.04 49.44 -24.47
C LEU D 258 16.39 50.28 -23.38
N GLY D 259 15.76 51.38 -23.74
CA GLY D 259 15.28 52.29 -22.66
C GLY D 259 14.20 51.69 -21.75
N GLY D 260 14.10 52.16 -20.52
CA GLY D 260 12.87 51.96 -19.75
C GLY D 260 12.14 53.29 -19.49
N ASN D 261 10.90 53.19 -19.02
CA ASN D 261 10.13 54.36 -18.55
C ASN D 261 9.12 53.84 -17.55
N ASP D 262 9.66 53.54 -16.36
CA ASP D 262 8.96 52.64 -15.42
C ASP D 262 8.14 53.34 -14.37
N PRO D 263 6.93 52.81 -14.11
CA PRO D 263 6.07 53.42 -13.12
C PRO D 263 6.27 52.87 -11.72
N LEU D 264 5.94 53.69 -10.73
CA LEU D 264 5.69 53.17 -9.41
C LEU D 264 4.20 53.51 -9.22
N ILE D 265 3.38 52.51 -8.93
CA ILE D 265 1.93 52.74 -8.88
C ILE D 265 1.45 52.71 -7.44
N ILE D 266 0.62 53.66 -7.03
CA ILE D 266 0.22 53.84 -5.66
C ILE D 266 -1.30 53.65 -5.60
N LEU D 267 -1.72 52.53 -5.00
CA LEU D 267 -3.13 52.17 -5.07
C LEU D 267 -3.88 52.80 -3.89
N ASN D 268 -5.18 53.03 -4.10
CA ASN D 268 -5.97 53.75 -3.11
C ASN D 268 -6.32 52.96 -1.84
N ASP D 269 -5.79 51.73 -1.67
CA ASP D 269 -6.13 51.00 -0.43
C ASP D 269 -5.16 51.30 0.72
N LEU D 270 -4.08 52.03 0.44
CA LEU D 270 -3.00 52.23 1.40
C LEU D 270 -3.44 53.17 2.50
N SER D 271 -3.03 52.88 3.72
CA SER D 271 -3.26 53.77 4.83
C SER D 271 -2.25 54.94 4.75
N ASP D 272 -2.38 55.94 5.64
CA ASP D 272 -1.33 56.96 5.78
C ASP D 272 0.05 56.45 6.09
N ASP D 273 0.19 55.54 7.05
CA ASP D 273 1.52 54.95 7.32
C ASP D 273 2.11 54.23 6.07
N ASP D 274 1.26 53.49 5.32
CA ASP D 274 1.71 52.86 4.09
C ASP D 274 2.08 53.91 3.06
N LEU D 275 1.34 55.03 3.00
CA LEU D 275 1.67 56.08 2.02
C LEU D 275 3.04 56.65 2.28
N ALA D 276 3.41 56.82 3.52
CA ALA D 276 4.76 57.32 3.82
C ALA D 276 5.79 56.30 3.29
N ARG D 277 5.56 55.00 3.47
CA ARG D 277 6.52 54.01 2.95
C ARG D 277 6.61 54.06 1.42
N ALA D 278 5.45 54.23 0.77
CA ALA D 278 5.43 54.37 -0.66
C ALA D 278 6.16 55.64 -1.15
N ALA D 279 6.10 56.70 -0.35
CA ALA D 279 6.78 57.95 -0.65
C ALA D 279 8.30 57.77 -0.52
N ASP D 280 8.78 57.04 0.49
CA ASP D 280 10.20 56.64 0.53
C ASP D 280 10.64 55.88 -0.72
N LEU D 281 9.82 54.94 -1.18
CA LEU D 281 10.13 54.19 -2.43
C LEU D 281 10.16 55.14 -3.62
N ALA D 282 9.16 56.05 -3.72
CA ALA D 282 9.08 56.94 -4.88
C ALA D 282 10.31 57.89 -5.01
N VAL D 283 10.70 58.47 -3.89
CA VAL D 283 11.87 59.38 -3.91
C VAL D 283 13.21 58.67 -4.18
N ALA D 284 13.51 57.58 -3.48
CA ALA D 284 14.73 56.86 -3.78
C ALA D 284 14.70 56.38 -5.24
N GLY D 285 13.55 55.84 -5.65
CA GLY D 285 13.42 55.21 -6.97
C GLY D 285 13.64 56.25 -8.06
N ALA D 286 13.11 57.46 -7.81
CA ALA D 286 13.22 58.50 -8.83
C ALA D 286 14.60 59.15 -8.92
N THR D 287 15.41 58.97 -7.88
CA THR D 287 16.53 59.81 -7.60
C THR D 287 17.90 59.06 -7.47
N LYS D 288 17.85 57.81 -7.04
CA LYS D 288 19.10 57.06 -6.90
C LYS D 288 19.86 57.02 -8.27
N ASN D 289 21.17 57.03 -8.18
CA ASN D 289 22.04 57.20 -9.36
C ASN D 289 21.75 58.47 -10.16
N SER D 290 21.24 59.54 -9.49
CA SER D 290 20.86 60.79 -10.24
C SER D 290 19.75 60.50 -11.27
N GLY D 291 19.00 59.41 -10.99
CA GLY D 291 17.83 59.02 -11.80
C GLY D 291 18.29 58.27 -13.07
N GLN D 292 19.58 58.00 -13.16
CA GLN D 292 20.15 57.45 -14.39
C GLN D 292 20.14 55.88 -14.33
N ARG D 293 18.93 55.30 -14.32
CA ARG D 293 18.71 53.85 -14.37
C ARG D 293 17.63 53.54 -15.40
N CYS D 294 17.79 52.46 -16.19
CA CYS D 294 16.73 52.11 -17.10
C CYS D 294 15.48 51.74 -16.33
N THR D 295 15.64 51.22 -15.10
CA THR D 295 14.53 50.86 -14.23
C THR D 295 14.27 51.95 -13.15
N ALA D 296 14.73 53.20 -13.37
CA ALA D 296 14.39 54.30 -12.43
C ALA D 296 12.88 54.53 -12.39
N VAL D 297 12.34 54.93 -11.25
CA VAL D 297 10.96 55.48 -11.23
C VAL D 297 10.95 56.78 -12.08
N LYS D 298 10.24 56.74 -13.21
CA LYS D 298 10.18 57.86 -14.11
C LYS D 298 8.76 58.33 -14.22
N ARG D 299 7.82 57.63 -13.56
CA ARG D 299 6.45 58.18 -13.39
C ARG D 299 5.81 57.54 -12.19
N ILE D 300 5.29 58.37 -11.32
CA ILE D 300 4.62 57.85 -10.16
C ILE D 300 3.13 58.01 -10.45
N LEU D 301 2.47 56.88 -10.70
CA LEU D 301 1.04 56.89 -11.01
C LEU D 301 0.32 56.71 -9.70
N CYS D 302 -0.22 57.82 -9.21
CA CYS D 302 -0.90 57.83 -7.92
C CYS D 302 -2.41 57.91 -8.17
N GLN D 303 -3.14 56.90 -7.69
CA GLN D 303 -4.61 56.91 -7.64
C GLN D 303 -5.18 58.14 -6.95
N GLU D 304 -6.12 58.71 -7.67
CA GLU D 304 -6.61 60.05 -7.38
C GLU D 304 -6.99 60.26 -5.90
N SER D 305 -7.67 59.28 -5.28
CA SER D 305 -8.14 59.51 -3.91
C SER D 305 -7.09 59.56 -2.81
N VAL D 306 -5.90 58.97 -3.04
CA VAL D 306 -4.86 59.05 -2.04
C VAL D 306 -3.89 60.21 -2.35
N ALA D 307 -3.99 60.85 -3.52
CA ALA D 307 -2.93 61.80 -3.95
C ALA D 307 -2.69 63.00 -3.02
N ASP D 308 -3.76 63.53 -2.45
CA ASP D 308 -3.63 64.68 -1.53
C ASP D 308 -2.89 64.32 -0.27
N ARG D 309 -2.96 63.06 0.16
CA ARG D 309 -2.12 62.67 1.27
C ARG D 309 -0.72 62.19 0.85
N PHE D 310 -0.59 61.70 -0.38
CA PHE D 310 0.70 61.12 -0.82
C PHE D 310 1.71 62.22 -1.20
N VAL D 311 1.27 63.18 -2.01
CA VAL D 311 2.16 64.20 -2.62
C VAL D 311 2.93 64.91 -1.52
N PRO D 312 2.24 65.32 -0.43
CA PRO D 312 3.01 66.01 0.64
C PRO D 312 4.07 65.17 1.32
N LEU D 313 3.84 63.85 1.38
CA LEU D 313 4.88 62.94 1.91
C LEU D 313 6.07 62.89 0.96
N VAL D 314 5.78 62.89 -0.34
CA VAL D 314 6.86 62.93 -1.33
C VAL D 314 7.69 64.25 -1.24
N LEU D 315 7.01 65.40 -1.29
CA LEU D 315 7.64 66.72 -1.13
C LEU D 315 8.56 66.77 0.06
N GLU D 316 8.05 66.41 1.23
CA GLU D 316 8.89 66.44 2.42
C GLU D 316 10.15 65.57 2.29
N ARG D 317 10.02 64.40 1.65
CA ARG D 317 11.20 63.54 1.49
C ARG D 317 12.19 64.10 0.47
N ALA D 318 11.67 64.70 -0.59
CA ALA D 318 12.52 65.24 -1.66
C ALA D 318 13.42 66.36 -1.06
N LYS D 319 12.82 67.16 -0.18
CA LYS D 319 13.46 68.38 0.34
C LYS D 319 14.55 67.98 1.30
N ARG D 320 14.58 66.74 1.74
CA ARG D 320 15.68 66.38 2.61
C ARG D 320 16.92 65.98 1.78
N LEU D 321 16.78 65.81 0.46
CA LEU D 321 17.90 65.25 -0.26
C LEU D 321 18.96 66.36 -0.42
N ARG D 322 20.21 66.02 -0.12
CA ARG D 322 21.38 66.91 -0.31
C ARG D 322 21.99 66.63 -1.68
N PHE D 323 21.87 67.63 -2.55
CA PHE D 323 22.44 67.56 -3.89
C PHE D 323 23.53 68.60 -4.04
N GLY D 324 24.60 68.29 -4.73
CA GLY D 324 25.78 69.16 -4.73
C GLY D 324 27.00 68.36 -5.13
N ASP D 325 28.16 68.89 -4.74
CA ASP D 325 29.49 68.32 -5.00
C ASP D 325 29.44 66.79 -4.77
N PRO D 326 29.60 65.98 -5.85
CA PRO D 326 29.49 64.51 -5.71
C PRO D 326 30.61 63.90 -4.92
N MET D 327 31.78 64.55 -4.88
CA MET D 327 32.84 64.05 -4.02
C MET D 327 32.56 64.28 -2.55
N ASP D 328 31.58 65.12 -2.21
CA ASP D 328 31.32 65.34 -0.79
C ASP D 328 30.56 64.12 -0.22
N ARG D 329 31.11 63.56 0.85
CA ARG D 329 30.56 62.30 1.37
C ARG D 329 29.12 62.39 1.87
N SER D 330 28.65 63.59 2.14
CA SER D 330 27.27 63.70 2.61
C SER D 330 26.36 64.16 1.48
N THR D 331 26.87 64.23 0.23
CA THR D 331 25.97 64.48 -0.91
C THR D 331 25.12 63.22 -1.13
N ASP D 332 23.81 63.37 -1.34
CA ASP D 332 23.00 62.20 -1.75
C ASP D 332 22.97 62.16 -3.28
N LEU D 333 22.70 63.32 -3.89
CA LEU D 333 22.47 63.39 -5.30
C LEU D 333 23.53 64.26 -5.99
N GLY D 334 24.33 63.63 -6.85
CA GLY D 334 25.30 64.37 -7.67
C GLY D 334 24.74 64.90 -8.96
N THR D 335 25.57 65.04 -9.95
CA THR D 335 25.05 65.58 -11.16
C THR D 335 24.36 64.54 -12.08
N VAL D 336 23.74 64.99 -13.16
CA VAL D 336 23.52 64.07 -14.28
C VAL D 336 24.77 64.04 -15.17
N ILE D 337 24.71 63.29 -16.26
CA ILE D 337 25.86 63.08 -17.16
C ILE D 337 26.45 64.37 -17.79
N HIS D 338 25.62 65.31 -18.19
CA HIS D 338 26.14 66.59 -18.68
C HIS D 338 25.12 67.64 -18.65
N GLU D 339 25.58 68.86 -18.94
CA GLU D 339 24.71 70.03 -18.83
C GLU D 339 23.57 69.96 -19.84
N LYS D 340 23.82 69.43 -21.01
CA LYS D 340 22.76 69.35 -22.02
C LYS D 340 21.59 68.38 -21.64
N ALA D 341 21.92 67.30 -20.93
CA ALA D 341 20.88 66.38 -20.45
C ALA D 341 20.13 67.15 -19.34
N ALA D 342 20.89 67.77 -18.43
CA ALA D 342 20.27 68.46 -17.30
C ALA D 342 19.26 69.51 -17.79
N ALA D 343 19.65 70.24 -18.84
CA ALA D 343 18.82 71.27 -19.42
C ALA D 343 17.59 70.71 -20.18
N LEU D 344 17.75 69.60 -20.87
CA LEU D 344 16.63 68.93 -21.51
C LEU D 344 15.55 68.49 -20.46
N PHE D 345 15.99 68.02 -19.29
CA PHE D 345 15.06 67.49 -18.30
C PHE D 345 14.33 68.67 -17.70
N GLU D 346 15.06 69.70 -17.30
CA GLU D 346 14.39 70.96 -16.85
C GLU D 346 13.38 71.48 -17.90
N GLU D 347 13.76 71.48 -19.16
CA GLU D 347 12.78 71.88 -20.18
C GLU D 347 11.52 71.11 -20.15
N ARG D 348 11.64 69.80 -19.90
CA ARG D 348 10.45 68.99 -19.94
C ARG D 348 9.59 69.36 -18.74
N VAL D 349 10.21 69.59 -17.61
CA VAL D 349 9.50 70.03 -16.41
C VAL D 349 8.73 71.35 -16.69
N MET D 350 9.38 72.33 -17.35
CA MET D 350 8.69 73.61 -17.61
C MET D 350 7.54 73.41 -18.59
N ARG D 351 7.75 72.61 -19.65
CA ARG D 351 6.67 72.32 -20.59
C ARG D 351 5.49 71.62 -19.90
N ALA D 352 5.78 70.62 -19.07
CA ALA D 352 4.74 69.96 -18.29
C ALA D 352 3.97 71.00 -17.48
N ALA D 353 4.67 71.89 -16.78
CA ALA D 353 3.95 73.02 -16.12
C ALA D 353 3.11 73.89 -17.09
N GLU D 354 3.62 74.24 -18.25
CA GLU D 354 2.82 75.06 -19.17
C GLU D 354 1.49 74.35 -19.43
N GLU D 355 1.55 73.03 -19.54
CA GLU D 355 0.42 72.19 -19.91
C GLU D 355 -0.47 71.74 -18.71
N GLY D 356 -0.24 72.29 -17.51
CA GLY D 356 -1.15 72.03 -16.39
C GLY D 356 -0.54 71.45 -15.13
N ALA D 357 0.64 70.88 -15.26
CA ALA D 357 1.39 70.37 -14.12
C ALA D 357 1.67 71.45 -13.09
N ASP D 358 2.12 71.04 -11.92
CA ASP D 358 2.26 71.88 -10.82
C ASP D 358 3.64 71.62 -10.19
N ILE D 359 4.62 72.51 -10.41
CA ILE D 359 5.94 72.29 -9.77
C ILE D 359 5.92 72.63 -8.32
N LEU D 360 6.35 71.72 -7.45
CA LEU D 360 6.18 71.92 -6.02
C LEU D 360 7.50 72.22 -5.39
N TYR D 361 8.57 71.90 -6.08
CA TYR D 361 9.90 72.05 -5.55
C TYR D 361 10.85 72.09 -6.73
N HIS D 362 11.63 73.17 -6.81
CA HIS D 362 12.62 73.32 -7.90
C HIS D 362 13.53 74.44 -7.51
N PRO D 363 14.53 74.12 -6.71
CA PRO D 363 15.49 75.13 -6.28
C PRO D 363 16.49 75.55 -7.36
N GLY D 364 16.30 75.16 -8.62
CA GLY D 364 17.14 75.67 -9.71
C GLY D 364 18.35 74.81 -10.09
N ARG D 365 18.56 74.67 -11.40
CA ARG D 365 19.68 73.94 -11.97
C ARG D 365 21.02 74.70 -11.86
N SER D 366 22.15 74.03 -11.59
CA SER D 366 23.48 74.64 -11.87
C SER D 366 24.27 73.76 -12.82
N GLY D 367 24.19 74.02 -14.12
CA GLY D 367 24.97 73.24 -15.07
C GLY D 367 24.40 71.84 -15.18
N ALA D 368 25.18 70.83 -14.79
CA ALA D 368 24.76 69.43 -14.94
C ALA D 368 24.09 69.02 -13.62
N LEU D 369 24.12 69.92 -12.62
CA LEU D 369 23.52 69.63 -11.33
C LEU D 369 22.04 69.96 -11.31
N LEU D 370 21.24 68.89 -11.17
CA LEU D 370 19.80 69.05 -11.13
C LEU D 370 19.33 68.75 -9.73
N PRO D 371 18.47 69.64 -9.18
CA PRO D 371 17.91 69.19 -7.91
C PRO D 371 16.79 68.13 -8.17
N PRO D 372 16.34 67.45 -7.12
CA PRO D 372 15.21 66.49 -7.24
C PRO D 372 13.87 67.19 -7.37
N ILE D 373 13.59 67.67 -8.57
CA ILE D 373 12.41 68.46 -8.84
C ILE D 373 11.17 67.62 -8.57
N VAL D 374 10.28 68.13 -7.71
CA VAL D 374 8.96 67.50 -7.55
C VAL D 374 7.88 68.19 -8.38
N VAL D 375 7.17 67.44 -9.21
CA VAL D 375 6.17 67.98 -10.11
C VAL D 375 4.88 67.13 -9.93
N ASP D 376 3.79 67.76 -9.49
CA ASP D 376 2.50 67.05 -9.35
C ASP D 376 1.63 67.34 -10.55
N ARG D 377 0.52 66.58 -10.71
CA ARG D 377 -0.45 66.75 -11.79
C ARG D 377 0.16 66.73 -13.17
N VAL D 378 1.24 66.00 -13.36
CA VAL D 378 1.76 65.81 -14.72
C VAL D 378 0.77 65.13 -15.68
N PRO D 379 0.50 65.75 -16.84
CA PRO D 379 -0.32 65.07 -17.86
C PRO D 379 0.42 63.82 -18.35
N HIS D 380 -0.32 62.70 -18.49
CA HIS D 380 0.32 61.42 -18.87
C HIS D 380 0.89 61.52 -20.25
N GLN D 381 0.38 62.45 -21.08
CA GLN D 381 0.88 62.57 -22.47
C GLN D 381 2.05 63.51 -22.59
N SER D 382 2.40 64.24 -21.52
CA SER D 382 3.57 65.12 -21.59
C SER D 382 4.92 64.39 -21.76
N ASP D 383 5.83 65.06 -22.45
CA ASP D 383 7.14 64.55 -22.76
C ASP D 383 7.95 64.10 -21.55
N LEU D 384 7.82 64.84 -20.45
CA LEU D 384 8.45 64.51 -19.19
C LEU D 384 8.21 63.01 -18.88
N VAL D 385 6.98 62.52 -19.06
CA VAL D 385 6.63 61.11 -18.70
C VAL D 385 6.29 60.19 -19.85
N LEU D 386 6.23 60.71 -21.08
CA LEU D 386 5.86 59.88 -22.23
C LEU D 386 7.13 59.32 -22.84
N GLU D 387 8.14 60.20 -22.94
CA GLU D 387 9.46 59.82 -23.38
C GLU D 387 10.24 59.45 -22.13
N GLU D 388 11.30 58.66 -22.28
CA GLU D 388 12.15 58.41 -21.17
C GLU D 388 12.92 59.70 -20.79
N THR D 389 12.84 60.14 -19.52
CA THR D 389 13.69 61.22 -18.95
C THR D 389 14.62 60.78 -17.82
N PHE D 390 15.88 60.69 -18.20
CA PHE D 390 16.91 59.97 -17.50
C PHE D 390 17.58 60.87 -16.45
N GLY D 391 16.79 61.48 -15.56
CA GLY D 391 17.27 62.34 -14.51
C GLY D 391 16.40 62.28 -13.24
N PRO D 392 16.81 63.01 -12.17
CA PRO D 392 16.17 62.80 -10.90
C PRO D 392 14.86 63.62 -10.72
N ILE D 393 14.02 63.68 -11.75
CA ILE D 393 12.70 64.30 -11.63
C ILE D 393 11.80 63.28 -10.91
N ILE D 394 10.94 63.81 -10.02
CA ILE D 394 9.96 63.07 -9.21
C ILE D 394 8.58 63.54 -9.71
N PRO D 395 8.03 62.88 -10.75
CA PRO D 395 6.78 63.40 -11.32
C PRO D 395 5.59 62.54 -10.97
N ILE D 396 4.56 63.13 -10.37
CA ILE D 396 3.35 62.41 -9.98
C ILE D 396 2.27 62.65 -11.01
N VAL D 397 1.79 61.56 -11.63
CA VAL D 397 0.69 61.58 -12.55
C VAL D 397 -0.49 61.10 -11.74
N ARG D 398 -1.55 61.91 -11.65
CA ARG D 398 -2.71 61.46 -10.87
C ARG D 398 -3.51 60.56 -11.77
N VAL D 399 -3.83 59.34 -11.35
CA VAL D 399 -4.59 58.47 -12.25
C VAL D 399 -5.94 58.11 -11.63
N PRO D 400 -6.87 57.51 -12.41
CA PRO D 400 -8.20 57.29 -11.78
C PRO D 400 -8.22 56.24 -10.67
N ASP D 401 -9.24 56.32 -9.83
CA ASP D 401 -9.47 55.35 -8.76
C ASP D 401 -10.16 54.14 -9.39
N ASP D 402 -9.52 53.54 -10.38
CA ASP D 402 -10.00 52.39 -11.12
C ASP D 402 -8.76 51.71 -11.72
N ASP D 403 -8.68 50.40 -11.53
CA ASP D 403 -7.48 49.64 -11.83
C ASP D 403 -7.30 49.36 -13.29
N ASP D 404 -8.40 49.06 -14.01
CA ASP D 404 -8.30 48.88 -15.46
C ASP D 404 -7.82 50.14 -16.16
N ALA D 405 -8.34 51.28 -15.72
CA ALA D 405 -7.96 52.55 -16.28
C ALA D 405 -6.46 52.77 -15.94
N THR D 406 -6.07 52.50 -14.69
CA THR D 406 -4.67 52.71 -14.26
C THR D 406 -3.70 51.85 -15.04
N ILE D 407 -4.02 50.56 -15.17
CA ILE D 407 -3.27 49.64 -16.02
C ILE D 407 -3.14 50.09 -17.50
N THR D 408 -4.24 50.50 -18.16
CA THR D 408 -4.15 51.13 -19.53
C THR D 408 -3.14 52.31 -19.54
N LEU D 409 -3.30 53.28 -18.64
CA LEU D 409 -2.37 54.42 -18.60
C LEU D 409 -0.94 53.97 -18.41
N SER D 410 -0.71 52.99 -17.53
CA SER D 410 0.63 52.49 -17.29
C SER D 410 1.22 51.83 -18.54
N ASN D 411 0.38 51.11 -19.28
CA ASN D 411 0.86 50.49 -20.50
C ASN D 411 0.90 51.41 -21.67
N SER D 412 0.57 52.70 -21.50
CA SER D 412 0.37 53.55 -22.68
C SER D 412 1.66 54.09 -23.33
N THR D 413 2.84 53.81 -22.79
CA THR D 413 4.05 54.30 -23.47
C THR D 413 4.63 53.18 -24.32
N ALA D 414 5.73 53.49 -25.00
CA ALA D 414 6.37 52.57 -25.93
C ALA D 414 7.22 51.59 -25.15
N PHE D 415 7.39 51.87 -23.85
CA PHE D 415 8.31 51.06 -23.00
C PHE D 415 7.61 49.95 -22.19
N GLY D 416 8.35 48.87 -21.95
CA GLY D 416 7.87 47.76 -21.15
C GLY D 416 9.03 47.11 -20.43
N LEU D 417 9.57 47.70 -19.36
CA LEU D 417 10.76 47.13 -18.77
C LEU D 417 10.43 46.60 -17.35
N SER D 418 10.35 47.48 -16.38
CA SER D 418 10.00 47.03 -15.05
C SER D 418 8.89 47.91 -14.50
N SER D 419 8.47 47.66 -13.27
CA SER D 419 7.32 48.40 -12.64
C SER D 419 7.38 48.08 -11.16
N GLY D 420 6.73 48.89 -10.36
CA GLY D 420 6.53 48.54 -8.92
C GLY D 420 5.11 48.96 -8.56
N VAL D 421 4.50 48.26 -7.62
CA VAL D 421 3.04 48.46 -7.29
C VAL D 421 2.91 48.37 -5.80
N CYS D 422 2.45 49.43 -5.17
CA CYS D 422 2.24 49.45 -3.73
C CYS D 422 0.75 49.31 -3.42
N THR D 423 0.42 48.19 -2.77
CA THR D 423 -0.99 47.88 -2.40
C THR D 423 -0.95 46.75 -1.39
N ASN D 424 -2.01 46.59 -0.57
CA ASN D 424 -2.01 45.44 0.33
C ASN D 424 -3.01 44.31 -0.05
N ASP D 425 -3.77 44.58 -1.11
CA ASP D 425 -4.90 43.77 -1.52
C ASP D 425 -4.38 42.73 -2.55
N TYR D 426 -4.37 41.47 -2.18
CA TYR D 426 -3.78 40.43 -3.08
C TYR D 426 -4.46 40.42 -4.45
N ARG D 427 -5.78 40.60 -4.49
CA ARG D 427 -6.53 40.40 -5.69
C ARG D 427 -5.97 41.46 -6.70
N ARG D 428 -5.71 42.62 -6.18
CA ARG D 428 -5.22 43.73 -6.99
C ARG D 428 -3.77 43.52 -7.42
N MET D 429 -2.90 43.12 -6.48
CA MET D 429 -1.52 42.72 -6.86
C MET D 429 -1.52 41.78 -8.07
N GLN D 430 -2.33 40.73 -8.01
CA GLN D 430 -2.29 39.70 -9.07
C GLN D 430 -2.82 40.29 -10.36
N LYS D 431 -3.84 41.13 -10.26
CA LYS D 431 -4.31 41.84 -11.45
C LYS D 431 -3.23 42.70 -12.17
N TYR D 432 -2.45 43.50 -11.42
CA TYR D 432 -1.32 44.26 -12.01
C TYR D 432 -0.23 43.33 -12.48
N ILE D 433 0.10 42.32 -11.71
CA ILE D 433 1.13 41.40 -12.15
C ILE D 433 0.81 40.85 -13.55
N ALA D 434 -0.44 40.39 -13.71
CA ALA D 434 -0.80 39.76 -14.95
C ALA D 434 -1.05 40.86 -15.99
N GLY D 435 -1.54 42.02 -15.60
CA GLY D 435 -1.93 43.01 -16.64
C GLY D 435 -0.84 44.00 -17.15
N LEU D 436 0.21 44.25 -16.37
CA LEU D 436 1.25 45.19 -16.81
C LEU D 436 2.11 44.51 -17.86
N LYS D 437 2.30 45.21 -18.96
CA LYS D 437 3.02 44.67 -20.08
C LYS D 437 4.48 45.10 -19.97
N VAL D 438 5.20 44.36 -19.14
CA VAL D 438 6.52 44.71 -18.71
C VAL D 438 7.25 43.39 -18.50
N GLY D 439 8.56 43.47 -18.24
CA GLY D 439 9.34 42.26 -17.97
C GLY D 439 9.32 41.86 -16.49
N THR D 440 9.11 42.84 -15.60
CA THR D 440 9.16 42.61 -14.17
C THR D 440 8.09 43.48 -13.46
N VAL D 441 7.42 42.90 -12.45
CA VAL D 441 6.46 43.60 -11.57
C VAL D 441 6.83 43.33 -10.13
N ASN D 442 7.33 44.37 -9.44
CA ASN D 442 7.73 44.32 -8.06
C ASN D 442 6.61 44.80 -7.16
N ILE D 443 6.15 43.93 -6.25
CA ILE D 443 5.12 44.39 -5.37
C ILE D 443 5.79 45.01 -4.12
N TRP D 444 5.41 46.24 -3.82
CA TRP D 444 5.99 46.93 -2.63
C TRP D 444 7.50 47.17 -2.73
N GLU D 445 8.01 47.33 -3.95
CA GLU D 445 9.41 47.75 -4.16
C GLU D 445 9.42 48.62 -5.40
N VAL D 446 10.52 49.36 -5.60
CA VAL D 446 10.67 50.15 -6.82
C VAL D 446 10.84 49.27 -8.09
N PRO D 447 10.62 49.83 -9.29
CA PRO D 447 10.85 49.04 -10.53
C PRO D 447 12.31 48.55 -10.62
N GLY D 448 13.24 49.26 -9.98
CA GLY D 448 14.65 48.91 -10.07
C GLY D 448 15.11 47.73 -9.23
N TYR D 449 14.26 47.18 -8.38
CA TYR D 449 14.70 46.09 -7.53
C TYR D 449 14.88 44.79 -8.34
N ARG D 450 16.01 44.12 -8.20
CA ARG D 450 16.21 42.77 -8.79
C ARG D 450 17.37 42.26 -8.02
N ILE D 451 17.69 41.00 -8.19
CA ILE D 451 18.93 40.51 -7.62
C ILE D 451 19.83 40.27 -8.84
N GLU D 452 21.14 40.15 -8.67
CA GLU D 452 22.00 40.14 -9.87
C GLU D 452 21.80 38.91 -10.77
N MET D 453 21.26 37.84 -10.20
CA MET D 453 21.11 36.69 -11.01
C MET D 453 19.69 36.34 -11.48
N SER D 454 18.67 37.14 -11.16
CA SER D 454 17.28 36.87 -11.64
C SER D 454 17.13 37.27 -13.12
N PRO D 455 16.11 36.76 -13.86
CA PRO D 455 16.11 37.06 -15.33
C PRO D 455 15.75 38.53 -15.51
N PHE D 456 16.54 39.27 -16.29
CA PHE D 456 16.23 40.70 -16.36
C PHE D 456 16.12 41.13 -17.79
N GLY D 457 15.04 41.82 -18.13
CA GLY D 457 14.95 42.38 -19.45
C GLY D 457 13.54 42.69 -19.84
N GLY D 458 13.37 43.66 -20.76
CA GLY D 458 12.02 44.13 -21.12
C GLY D 458 11.49 43.68 -22.48
N ILE D 459 10.30 44.15 -22.80
CA ILE D 459 9.65 43.87 -24.07
C ILE D 459 9.23 45.23 -24.70
N LYS D 460 8.41 45.22 -25.75
CA LYS D 460 8.03 46.47 -26.43
C LYS D 460 9.30 47.23 -26.90
N ASP D 461 9.46 48.54 -26.68
CA ASP D 461 10.71 49.20 -27.16
C ASP D 461 11.84 49.01 -26.21
N SER D 462 11.60 48.35 -25.05
CA SER D 462 12.61 48.23 -23.97
C SER D 462 13.63 47.15 -24.20
N GLY D 463 13.37 46.28 -25.14
CA GLY D 463 14.40 45.31 -25.48
C GLY D 463 13.93 44.28 -26.51
N ASN D 464 14.87 43.56 -27.14
CA ASN D 464 14.50 42.64 -28.25
C ASN D 464 13.90 41.30 -27.80
N GLY D 465 13.80 41.06 -26.50
CA GLY D 465 13.04 39.90 -26.04
C GLY D 465 13.94 38.86 -25.38
N TYR D 466 15.17 39.24 -25.06
CA TYR D 466 16.10 38.32 -24.44
C TYR D 466 16.36 38.75 -23.00
N LYS D 467 16.50 37.78 -22.11
CA LYS D 467 16.74 38.04 -20.72
C LYS D 467 18.21 38.13 -20.48
N GLU D 468 18.61 39.04 -19.61
CA GLU D 468 19.94 38.97 -19.05
C GLU D 468 19.93 38.82 -17.51
N GLY D 469 20.93 39.31 -16.79
CA GLY D 469 21.18 38.84 -15.43
C GLY D 469 22.18 37.71 -15.56
N VAL D 470 23.00 37.49 -14.53
CA VAL D 470 24.13 36.54 -14.62
C VAL D 470 23.72 35.14 -15.19
N ILE D 471 22.59 34.55 -14.71
CA ILE D 471 22.24 33.15 -15.15
C ILE D 471 21.79 33.15 -16.60
N GLU D 472 20.92 34.08 -16.96
CA GLU D 472 20.49 34.12 -18.37
C GLU D 472 21.62 34.49 -19.34
N ALA D 473 22.52 35.39 -18.92
CA ALA D 473 23.63 35.77 -19.77
C ALA D 473 24.53 34.51 -19.99
N MET D 474 24.81 33.77 -18.93
CA MET D 474 25.60 32.57 -19.07
C MET D 474 25.06 31.55 -20.12
N LYS D 475 23.73 31.37 -20.14
CA LYS D 475 23.11 30.46 -21.16
C LYS D 475 23.23 31.07 -22.54
N SER D 476 22.93 32.34 -22.57
CA SER D 476 22.92 33.12 -23.78
C SER D 476 24.31 33.10 -24.43
N PHE D 477 25.37 33.06 -23.62
CA PHE D 477 26.73 33.12 -24.16
C PHE D 477 27.27 31.72 -24.50
N THR D 478 26.41 30.71 -24.62
CA THR D 478 26.90 29.41 -25.00
C THR D 478 26.10 28.81 -26.18
N ASN D 479 26.64 27.77 -26.81
CA ASN D 479 25.77 26.93 -27.69
C ASN D 479 25.51 25.61 -26.97
N VAL D 480 24.27 25.11 -27.06
CA VAL D 480 23.94 23.81 -26.53
C VAL D 480 24.30 22.76 -27.58
N LYS D 481 25.10 21.78 -27.24
CA LYS D 481 25.36 20.65 -28.10
C LYS D 481 24.70 19.39 -27.47
N THR D 482 24.03 18.57 -28.26
CA THR D 482 23.49 17.34 -27.71
C THR D 482 24.33 16.22 -28.28
N PHE D 483 24.37 15.12 -27.56
CA PHE D 483 24.95 13.91 -28.14
C PHE D 483 24.09 12.76 -27.66
N SER D 484 24.06 11.68 -28.44
CA SER D 484 23.31 10.51 -28.05
C SER D 484 24.13 9.27 -28.09
N LEU D 485 23.85 8.38 -27.15
CA LEU D 485 24.57 7.10 -26.95
C LEU D 485 23.61 5.89 -26.97
N PRO D 486 24.05 4.76 -27.54
CA PRO D 486 23.21 3.53 -27.45
C PRO D 486 22.96 3.23 -25.96
N TRP D 487 21.77 2.82 -25.62
CA TRP D 487 21.48 2.47 -24.22
C TRP D 487 20.58 1.23 -24.13
N PRO D 488 21.07 0.02 -24.50
CA PRO D 488 20.13 -1.15 -24.57
C PRO D 488 19.66 -1.65 -23.23
N VAL E 13 -38.83 -10.68 -6.37
CA VAL E 13 -38.50 -12.09 -6.49
C VAL E 13 -37.16 -12.24 -7.24
N ARG E 14 -37.18 -12.24 -8.59
CA ARG E 14 -36.20 -12.95 -9.45
C ARG E 14 -36.91 -14.05 -10.28
N HIS E 15 -37.27 -13.77 -11.52
CA HIS E 15 -38.03 -14.75 -12.32
C HIS E 15 -37.07 -15.58 -13.13
N GLU E 16 -37.21 -16.89 -13.05
CA GLU E 16 -36.36 -17.82 -13.81
C GLU E 16 -37.23 -18.56 -14.80
N PRO E 17 -36.93 -18.49 -16.11
CA PRO E 17 -37.75 -19.32 -16.96
C PRO E 17 -37.26 -20.82 -16.93
N MET E 18 -38.07 -21.75 -17.42
CA MET E 18 -37.65 -23.14 -17.73
C MET E 18 -36.60 -23.12 -18.80
N ARG E 19 -35.71 -24.12 -18.78
CA ARG E 19 -34.77 -24.36 -19.89
C ARG E 19 -35.19 -25.58 -20.75
N ILE E 20 -35.70 -25.32 -21.94
CA ILE E 20 -36.10 -26.42 -22.80
C ILE E 20 -35.08 -26.49 -23.95
N ALA E 21 -34.18 -27.47 -23.90
CA ALA E 21 -33.07 -27.56 -24.88
C ALA E 21 -32.33 -26.24 -25.13
N GLY E 22 -31.95 -25.55 -24.05
CA GLY E 22 -31.30 -24.28 -24.23
C GLY E 22 -32.21 -23.06 -24.35
N ARG E 23 -33.47 -23.22 -24.73
CA ARG E 23 -34.42 -22.08 -24.83
C ARG E 23 -35.00 -21.70 -23.48
N LEU E 24 -35.08 -20.40 -23.23
CA LEU E 24 -35.75 -19.88 -22.02
C LEU E 24 -37.23 -19.94 -22.30
N VAL E 25 -37.99 -20.71 -21.54
CA VAL E 25 -39.42 -20.83 -21.77
C VAL E 25 -40.25 -20.40 -20.56
N ASP E 26 -41.21 -19.52 -20.82
CA ASP E 26 -42.00 -18.88 -19.76
C ASP E 26 -43.46 -19.21 -19.86
N THR E 27 -44.18 -19.12 -18.73
CA THR E 27 -45.64 -19.19 -18.72
C THR E 27 -46.15 -17.99 -17.89
N ASP E 28 -47.40 -17.61 -18.13
CA ASP E 28 -48.10 -16.63 -17.30
C ASP E 28 -48.17 -16.95 -15.82
N ASP E 29 -48.80 -18.07 -15.48
CA ASP E 29 -48.81 -18.52 -14.10
C ASP E 29 -47.37 -18.89 -13.63
N ARG E 30 -47.09 -18.63 -12.36
CA ARG E 30 -45.77 -18.70 -11.78
C ARG E 30 -45.90 -19.59 -10.60
N VAL E 31 -44.83 -20.31 -10.27
CA VAL E 31 -44.73 -21.02 -8.98
C VAL E 31 -43.84 -20.18 -8.10
N GLU E 32 -44.31 -19.77 -6.92
CA GLU E 32 -43.48 -18.93 -6.03
C GLU E 32 -42.50 -19.79 -5.26
N VAL E 33 -41.23 -19.36 -5.16
CA VAL E 33 -40.27 -20.10 -4.30
C VAL E 33 -40.01 -19.32 -3.00
N ARG E 34 -40.27 -19.94 -1.87
CA ARG E 34 -40.08 -19.26 -0.61
C ARG E 34 -38.88 -19.74 0.21
N TYR E 35 -38.19 -18.78 0.81
CA TYR E 35 -37.11 -19.02 1.77
C TYR E 35 -37.66 -19.48 3.10
N PRO E 36 -37.37 -20.72 3.54
CA PRO E 36 -38.09 -21.16 4.75
C PRO E 36 -37.66 -20.41 6.01
N TRP E 37 -36.57 -19.66 5.95
CA TRP E 37 -36.15 -18.92 7.16
C TRP E 37 -37.15 -17.88 7.58
N ASN E 38 -37.71 -17.12 6.64
CA ASN E 38 -38.66 -16.06 6.99
C ASN E 38 -39.90 -16.09 6.09
N ASP E 39 -40.03 -17.18 5.33
CA ASP E 39 -41.17 -17.40 4.45
C ASP E 39 -41.44 -16.34 3.40
N THR E 40 -40.43 -15.62 2.96
CA THR E 40 -40.66 -14.64 1.88
C THR E 40 -40.31 -15.22 0.51
N VAL E 41 -40.84 -14.63 -0.57
CA VAL E 41 -40.65 -15.18 -1.91
C VAL E 41 -39.28 -14.79 -2.38
N VAL E 42 -38.40 -15.73 -2.70
CA VAL E 42 -37.10 -15.28 -3.24
C VAL E 42 -36.99 -15.53 -4.73
N GLY E 43 -38.00 -16.16 -5.35
CA GLY E 43 -37.86 -16.47 -6.75
C GLY E 43 -39.18 -16.98 -7.27
N THR E 44 -39.26 -16.97 -8.58
CA THR E 44 -40.40 -17.60 -9.13
C THR E 44 -39.98 -18.38 -10.37
N VAL E 45 -40.68 -19.46 -10.72
CA VAL E 45 -40.42 -20.16 -11.96
C VAL E 45 -41.73 -20.44 -12.69
N PRO E 46 -41.66 -20.97 -13.93
CA PRO E 46 -42.99 -21.15 -14.60
C PRO E 46 -43.79 -22.31 -14.02
N ALA E 47 -45.11 -22.10 -13.92
CA ALA E 47 -46.06 -23.20 -13.78
C ALA E 47 -46.17 -23.97 -15.13
N GLY E 48 -45.14 -24.71 -15.54
CA GLY E 48 -45.24 -25.48 -16.80
C GLY E 48 -46.26 -26.61 -16.76
N ARG E 49 -46.60 -27.06 -17.97
CA ARG E 49 -47.75 -27.93 -18.21
C ARG E 49 -47.25 -29.17 -18.97
N ALA E 50 -48.08 -30.20 -19.07
CA ALA E 50 -47.77 -31.41 -19.89
C ALA E 50 -47.06 -31.10 -21.19
N GLU E 51 -47.51 -30.09 -21.89
CA GLU E 51 -47.02 -29.78 -23.23
C GLU E 51 -45.53 -29.35 -23.25
N HIS E 52 -45.04 -28.78 -22.14
CA HIS E 52 -43.66 -28.30 -22.12
C HIS E 52 -42.76 -29.50 -21.97
N ALA E 53 -43.13 -30.42 -21.09
CA ALA E 53 -42.39 -31.67 -20.93
C ALA E 53 -42.46 -32.54 -22.22
N ARG E 54 -43.64 -32.56 -22.81
CA ARG E 54 -43.88 -33.24 -24.07
C ARG E 54 -42.93 -32.77 -25.13
N GLU E 55 -42.77 -31.44 -25.27
CA GLU E 55 -41.83 -30.87 -26.21
C GLU E 55 -40.35 -31.24 -25.89
N ALA E 56 -39.95 -31.13 -24.63
CA ALA E 56 -38.60 -31.49 -24.24
C ALA E 56 -38.24 -32.98 -24.56
N PHE E 57 -39.15 -33.87 -24.29
CA PHE E 57 -38.94 -35.27 -24.57
C PHE E 57 -38.82 -35.51 -26.05
N ALA E 58 -39.56 -34.78 -26.90
CA ALA E 58 -39.48 -35.12 -28.32
C ALA E 58 -38.17 -34.59 -28.81
N ILE E 59 -37.78 -33.44 -28.29
CA ILE E 59 -36.49 -32.90 -28.70
C ILE E 59 -35.38 -33.87 -28.29
N ALA E 60 -35.46 -34.37 -27.06
CA ALA E 60 -34.43 -35.32 -26.51
C ALA E 60 -34.38 -36.65 -27.36
N ALA E 61 -35.57 -37.13 -27.68
CA ALA E 61 -35.74 -38.40 -28.36
C ALA E 61 -35.14 -38.28 -29.76
N ALA E 62 -35.39 -37.14 -30.41
CA ALA E 62 -34.91 -36.92 -31.76
C ALA E 62 -33.40 -36.72 -31.84
N TYR E 63 -32.80 -36.09 -30.84
CA TYR E 63 -31.39 -35.72 -30.93
C TYR E 63 -30.50 -36.94 -30.74
N GLN E 64 -29.59 -37.23 -31.68
CA GLN E 64 -28.61 -38.30 -31.53
C GLN E 64 -27.23 -37.75 -31.16
N PRO E 65 -26.83 -37.81 -29.87
CA PRO E 65 -25.55 -37.15 -29.54
C PRO E 65 -24.38 -37.81 -30.25
N LYS E 66 -23.40 -37.02 -30.64
CA LYS E 66 -22.20 -37.58 -31.29
C LYS E 66 -20.93 -37.23 -30.55
N LEU E 67 -21.08 -36.73 -29.33
CA LEU E 67 -19.92 -36.28 -28.59
C LEU E 67 -18.96 -37.47 -28.47
N THR E 68 -17.69 -37.26 -28.72
CA THR E 68 -16.70 -38.30 -28.39
C THR E 68 -16.55 -38.38 -26.88
N ARG E 69 -15.93 -39.45 -26.37
CA ARG E 69 -15.73 -39.54 -24.93
C ARG E 69 -14.88 -38.33 -24.41
N TYR E 70 -13.92 -37.87 -25.21
CA TYR E 70 -13.14 -36.69 -24.86
C TYR E 70 -14.00 -35.41 -24.72
N GLU E 71 -14.90 -35.18 -25.66
CA GLU E 71 -15.80 -34.02 -25.59
C GLU E 71 -16.67 -34.08 -24.36
N ARG E 72 -17.08 -35.29 -24.00
CA ARG E 72 -17.96 -35.46 -22.82
C ARG E 72 -17.12 -35.14 -21.60
N GLN E 73 -15.87 -35.61 -21.58
CA GLN E 73 -15.10 -35.42 -20.36
C GLN E 73 -14.81 -33.92 -20.20
N LYS E 74 -14.61 -33.25 -21.33
CA LYS E 74 -14.30 -31.80 -21.41
C LYS E 74 -15.50 -31.00 -20.84
N ILE E 75 -16.70 -31.35 -21.25
CA ILE E 75 -17.89 -30.76 -20.69
C ILE E 75 -18.04 -31.01 -19.21
N LEU E 76 -17.89 -32.25 -18.79
CA LEU E 76 -18.12 -32.57 -17.36
C LEU E 76 -17.09 -31.88 -16.45
N LEU E 77 -15.83 -31.89 -16.85
CA LEU E 77 -14.75 -31.26 -16.07
C LEU E 77 -14.87 -29.75 -16.01
N ALA E 78 -15.29 -29.14 -17.12
CA ALA E 78 -15.55 -27.71 -17.17
C ALA E 78 -16.72 -27.36 -16.24
N THR E 79 -17.76 -28.21 -16.23
CA THR E 79 -18.90 -27.95 -15.32
C THR E 79 -18.37 -28.00 -13.90
N ALA E 80 -17.56 -29.01 -13.57
CA ALA E 80 -16.99 -29.10 -12.24
C ALA E 80 -16.18 -27.82 -11.85
N GLU E 81 -15.35 -27.32 -12.77
CA GLU E 81 -14.58 -26.10 -12.54
C GLU E 81 -15.51 -24.91 -12.30
N ALA E 82 -16.62 -24.86 -13.04
CA ALA E 82 -17.56 -23.77 -12.85
C ALA E 82 -18.25 -23.88 -11.52
N LEU E 83 -18.58 -25.09 -11.06
CA LEU E 83 -19.16 -25.24 -9.69
C LEU E 83 -18.18 -24.75 -8.63
N ALA E 84 -16.87 -25.07 -8.78
CA ALA E 84 -15.84 -24.63 -7.83
C ALA E 84 -15.71 -23.13 -7.90
N ALA E 85 -15.68 -22.57 -9.11
CA ALA E 85 -15.50 -21.17 -9.24
C ALA E 85 -16.68 -20.38 -8.72
N ARG E 86 -17.86 -20.98 -8.71
CA ARG E 86 -19.02 -20.23 -8.31
C ARG E 86 -19.66 -20.79 -7.08
N LYS E 87 -18.89 -21.44 -6.22
CA LYS E 87 -19.49 -22.20 -5.14
C LYS E 87 -20.29 -21.34 -4.18
N GLU E 88 -19.80 -20.10 -3.93
CA GLU E 88 -20.51 -19.16 -3.02
C GLU E 88 -21.83 -18.70 -3.66
N GLU E 89 -21.79 -18.32 -4.91
CA GLU E 89 -23.01 -17.94 -5.63
C GLU E 89 -24.06 -19.06 -5.65
N ILE E 90 -23.64 -20.30 -6.00
CA ILE E 90 -24.62 -21.42 -6.16
C ILE E 90 -25.09 -21.79 -4.76
N SER E 91 -24.19 -21.80 -3.78
CA SER E 91 -24.73 -22.17 -2.46
C SER E 91 -25.63 -21.07 -1.77
N ASP E 92 -25.43 -19.80 -2.08
CA ASP E 92 -26.47 -18.81 -1.74
C ASP E 92 -27.81 -19.25 -2.31
N VAL E 93 -27.83 -19.65 -3.56
CA VAL E 93 -29.15 -20.08 -4.15
C VAL E 93 -29.74 -21.27 -3.39
N ILE E 94 -28.91 -22.26 -3.07
CA ILE E 94 -29.38 -23.44 -2.39
C ILE E 94 -29.99 -23.02 -1.04
N THR E 95 -29.23 -22.23 -0.28
CA THR E 95 -29.71 -21.82 1.05
C THR E 95 -30.99 -21.00 0.96
N LEU E 96 -31.07 -20.10 0.00
CA LEU E 96 -32.27 -19.24 -0.14
C LEU E 96 -33.57 -20.04 -0.41
N GLU E 97 -33.45 -21.17 -1.12
CA GLU E 97 -34.68 -21.91 -1.38
C GLU E 97 -34.90 -23.06 -0.46
N LEU E 98 -33.85 -23.59 0.13
CA LEU E 98 -33.97 -24.76 0.99
C LEU E 98 -33.94 -24.43 2.52
N GLY E 99 -33.14 -23.44 2.89
CA GLY E 99 -33.03 -23.06 4.35
C GLY E 99 -31.93 -23.80 5.11
N ILE E 100 -31.22 -24.74 4.46
CA ILE E 100 -30.03 -25.28 5.11
C ILE E 100 -28.95 -24.19 5.25
N SER E 101 -28.14 -24.34 6.27
CA SER E 101 -27.10 -23.34 6.57
C SER E 101 -26.09 -23.27 5.43
N LYS E 102 -25.47 -22.07 5.28
CA LYS E 102 -24.29 -21.94 4.40
C LYS E 102 -23.26 -23.06 4.50
N ALA E 103 -22.87 -23.43 5.70
CA ALA E 103 -21.92 -24.55 5.84
C ALA E 103 -22.44 -25.77 5.03
N ASP E 104 -23.72 -26.12 5.22
CA ASP E 104 -24.26 -27.33 4.55
C ASP E 104 -24.42 -27.11 3.08
N SER E 105 -24.87 -25.91 2.65
CA SER E 105 -24.99 -25.71 1.21
C SER E 105 -23.63 -25.61 0.50
N LEU E 106 -22.61 -25.09 1.17
CA LEU E 106 -21.28 -25.07 0.58
C LEU E 106 -20.76 -26.53 0.47
N TYR E 107 -21.06 -27.33 1.47
CA TYR E 107 -20.68 -28.75 1.43
C TYR E 107 -21.37 -29.46 0.18
N GLU E 108 -22.64 -29.14 -0.05
CA GLU E 108 -23.34 -29.75 -1.16
C GLU E 108 -22.63 -29.42 -2.47
N VAL E 109 -22.23 -28.14 -2.64
CA VAL E 109 -21.60 -27.77 -3.92
C VAL E 109 -20.31 -28.58 -4.08
N GLY E 110 -19.58 -28.80 -2.96
CA GLY E 110 -18.42 -29.70 -2.99
C GLY E 110 -18.75 -31.11 -3.50
N ARG E 111 -19.87 -31.68 -3.04
CA ARG E 111 -20.31 -32.98 -3.53
C ARG E 111 -20.68 -33.03 -5.01
N ALA E 112 -21.34 -31.99 -5.52
CA ALA E 112 -21.67 -31.86 -6.94
C ALA E 112 -20.37 -31.74 -7.80
N PHE E 113 -19.35 -31.12 -7.22
CA PHE E 113 -18.06 -30.95 -7.90
C PHE E 113 -17.38 -32.33 -8.09
N ASP E 114 -17.43 -33.16 -7.04
CA ASP E 114 -17.00 -34.55 -7.09
C ASP E 114 -17.80 -35.39 -8.05
N VAL E 115 -19.15 -35.27 -8.00
CA VAL E 115 -19.99 -35.92 -8.99
C VAL E 115 -19.55 -35.63 -10.41
N PHE E 116 -19.46 -34.36 -10.78
CA PHE E 116 -19.10 -34.05 -12.14
C PHE E 116 -17.66 -34.50 -12.50
N THR E 117 -16.78 -34.41 -11.50
CA THR E 117 -15.38 -34.81 -11.65
C THR E 117 -15.28 -36.31 -11.91
N LEU E 118 -15.92 -37.12 -11.07
CA LEU E 118 -15.93 -38.56 -11.22
C LEU E 118 -16.60 -39.01 -12.54
N ALA E 119 -17.69 -38.33 -12.91
CA ALA E 119 -18.32 -38.70 -14.16
C ALA E 119 -17.39 -38.39 -15.34
N GLY E 120 -16.74 -37.22 -15.28
CA GLY E 120 -15.75 -36.90 -16.32
C GLY E 120 -14.59 -37.89 -16.41
N GLN E 121 -14.08 -38.35 -15.30
CA GLN E 121 -13.04 -39.40 -15.31
C GLN E 121 -13.52 -40.78 -15.84
N MET E 122 -14.73 -41.21 -15.51
CA MET E 122 -15.28 -42.52 -15.99
C MET E 122 -15.58 -42.57 -17.51
N CYS E 123 -15.63 -41.43 -18.20
CA CYS E 123 -15.64 -41.36 -19.69
C CYS E 123 -14.63 -42.09 -20.45
N ILE E 124 -13.42 -42.18 -19.92
CA ILE E 124 -12.37 -42.87 -20.59
C ILE E 124 -12.59 -44.38 -20.53
N ARG E 125 -13.43 -44.85 -19.61
CA ARG E 125 -13.45 -46.27 -19.22
C ARG E 125 -14.41 -47.04 -20.09
N ASP E 126 -13.95 -48.14 -20.63
CA ASP E 126 -14.78 -49.00 -21.47
C ASP E 126 -14.87 -50.36 -20.79
N ASP E 127 -16.06 -50.79 -20.34
CA ASP E 127 -16.11 -52.08 -19.66
C ASP E 127 -16.59 -53.20 -20.60
N GLY E 128 -16.41 -53.03 -21.90
CA GLY E 128 -16.71 -54.11 -22.83
C GLY E 128 -16.05 -55.43 -22.53
N GLU E 129 -16.72 -56.53 -22.88
CA GLU E 129 -16.19 -57.89 -22.63
C GLU E 129 -16.16 -58.70 -23.91
N ILE E 130 -15.36 -59.79 -23.92
CA ILE E 130 -15.16 -60.64 -25.08
C ILE E 130 -15.39 -62.08 -24.61
N PHE E 131 -16.20 -62.86 -25.35
CA PHE E 131 -16.36 -64.29 -25.07
C PHE E 131 -15.84 -65.11 -26.21
N SER E 132 -15.16 -66.19 -25.89
CA SER E 132 -14.77 -67.18 -26.96
C SER E 132 -15.85 -68.22 -27.02
N CYS E 133 -16.10 -68.76 -28.18
CA CYS E 133 -17.35 -69.54 -28.29
C CYS E 133 -17.11 -71.02 -28.51
N ASP E 134 -15.87 -71.46 -28.55
CA ASP E 134 -15.61 -72.89 -28.84
C ASP E 134 -15.69 -73.66 -27.48
N LEU E 135 -16.78 -73.53 -26.72
CA LEU E 135 -16.77 -73.97 -25.29
C LEU E 135 -17.50 -75.26 -24.98
N THR E 136 -18.20 -75.80 -25.95
CA THR E 136 -19.11 -76.92 -25.74
C THR E 136 -18.92 -77.83 -26.96
N PRO E 137 -19.53 -79.04 -26.95
CA PRO E 137 -19.31 -79.77 -28.24
C PRO E 137 -20.10 -79.10 -29.40
N HIS E 138 -21.19 -78.36 -29.05
CA HIS E 138 -21.92 -77.26 -29.82
C HIS E 138 -21.12 -76.03 -30.35
N GLY E 139 -19.92 -75.79 -29.77
CA GLY E 139 -19.11 -74.53 -29.98
C GLY E 139 -18.69 -74.10 -31.39
N LYS E 140 -18.44 -72.81 -31.58
CA LYS E 140 -18.01 -72.30 -32.88
C LYS E 140 -16.67 -71.56 -32.73
N ALA E 141 -15.88 -71.54 -33.79
CA ALA E 141 -14.70 -70.77 -33.81
C ALA E 141 -15.22 -69.27 -34.05
N ARG E 142 -15.50 -68.54 -32.96
CA ARG E 142 -16.21 -67.27 -33.05
C ARG E 142 -15.97 -66.48 -31.78
N LYS E 143 -15.97 -65.14 -31.87
CA LYS E 143 -15.90 -64.33 -30.66
C LYS E 143 -17.16 -63.47 -30.52
N ILE E 144 -17.64 -63.30 -29.29
CA ILE E 144 -18.70 -62.35 -29.02
C ILE E 144 -18.09 -61.15 -28.28
N PHE E 145 -18.52 -59.94 -28.67
CA PHE E 145 -18.02 -58.65 -28.10
C PHE E 145 -19.23 -57.87 -27.62
N THR E 146 -19.05 -57.10 -26.55
CA THR E 146 -20.15 -56.27 -26.01
C THR E 146 -19.83 -54.77 -26.21
N MET E 147 -20.88 -53.96 -26.32
CA MET E 147 -20.67 -52.50 -26.46
C MET E 147 -21.90 -51.83 -25.85
N ARG E 148 -21.81 -50.55 -25.45
CA ARG E 148 -22.97 -49.97 -24.79
C ARG E 148 -23.48 -48.88 -25.67
N GLU E 149 -24.79 -48.70 -25.69
CA GLU E 149 -25.39 -47.59 -26.49
C GLU E 149 -26.35 -46.82 -25.59
N PRO E 150 -26.61 -45.50 -25.87
CA PRO E 150 -27.50 -44.69 -25.01
C PRO E 150 -28.98 -45.02 -25.29
N LEU E 151 -29.86 -44.59 -24.39
CA LEU E 151 -31.26 -44.81 -24.50
C LEU E 151 -31.83 -43.71 -25.38
N THR E 152 -33.13 -43.74 -25.63
CA THR E 152 -33.77 -42.71 -26.48
C THR E 152 -33.89 -41.41 -25.70
N ALA E 153 -34.41 -41.47 -24.47
CA ALA E 153 -34.60 -40.27 -23.60
C ALA E 153 -34.69 -40.76 -22.19
N ILE E 154 -34.28 -39.90 -21.25
CA ILE E 154 -34.33 -40.24 -19.81
C ILE E 154 -35.19 -39.16 -19.11
N SER E 155 -36.06 -39.62 -18.25
CA SER E 155 -36.85 -38.75 -17.36
C SER E 155 -36.25 -38.70 -15.94
N ALA E 156 -35.96 -37.49 -15.41
CA ALA E 156 -35.34 -37.44 -14.05
C ALA E 156 -36.18 -36.57 -13.14
N ILE E 157 -36.51 -37.14 -11.99
CA ILE E 157 -37.42 -36.46 -11.06
C ILE E 157 -36.73 -36.40 -9.71
N THR E 158 -36.51 -35.18 -9.24
CA THR E 158 -35.69 -34.96 -8.05
C THR E 158 -36.41 -34.30 -6.84
N PRO E 159 -35.94 -34.59 -5.63
CA PRO E 159 -36.52 -34.14 -4.39
C PRO E 159 -35.83 -32.85 -3.93
N PHE E 160 -36.30 -32.29 -2.81
CA PHE E 160 -35.81 -30.98 -2.36
C PHE E 160 -34.54 -31.02 -1.56
N ASN E 161 -34.14 -32.19 -1.06
CA ASN E 161 -33.14 -32.16 0.06
C ASN E 161 -31.65 -31.95 -0.39
N HIS E 162 -31.34 -32.22 -1.66
CA HIS E 162 -30.11 -31.63 -2.24
C HIS E 162 -30.45 -31.00 -3.57
N PRO E 163 -30.83 -29.74 -3.58
CA PRO E 163 -31.39 -29.17 -4.83
C PRO E 163 -30.36 -29.19 -5.99
N LEU E 164 -29.07 -29.33 -5.66
CA LEU E 164 -28.02 -29.32 -6.67
C LEU E 164 -27.52 -30.73 -6.87
N ASN E 165 -27.12 -31.43 -5.77
CA ASN E 165 -26.43 -32.74 -5.97
C ASN E 165 -27.31 -33.85 -6.53
N MET E 166 -28.64 -33.79 -6.29
CA MET E 166 -29.54 -34.82 -6.81
C MET E 166 -29.70 -34.64 -8.31
N VAL E 167 -29.62 -33.40 -8.77
CA VAL E 167 -29.66 -33.16 -10.18
C VAL E 167 -28.35 -33.64 -10.83
N ALA E 168 -27.21 -33.29 -10.23
CA ALA E 168 -25.85 -33.68 -10.66
C ALA E 168 -25.81 -35.21 -10.82
N HIS E 169 -26.33 -35.93 -9.82
CA HIS E 169 -26.32 -37.38 -9.91
C HIS E 169 -27.13 -37.97 -11.08
N LYS E 170 -28.20 -37.29 -11.52
CA LYS E 170 -29.02 -37.86 -12.60
C LYS E 170 -28.49 -37.38 -13.93
N VAL E 171 -27.95 -36.15 -13.97
CA VAL E 171 -27.55 -35.53 -15.23
C VAL E 171 -26.12 -35.90 -15.66
N ALA E 172 -25.19 -35.92 -14.72
CA ALA E 172 -23.78 -36.18 -15.06
C ALA E 172 -23.59 -37.57 -15.72
N PRO E 173 -24.13 -38.64 -15.16
CA PRO E 173 -23.97 -39.90 -15.87
C PRO E 173 -24.75 -39.92 -17.17
N ALA E 174 -25.82 -39.17 -17.34
CA ALA E 174 -26.47 -39.15 -18.66
C ALA E 174 -25.58 -38.50 -19.72
N ILE E 175 -24.97 -37.39 -19.33
CA ILE E 175 -24.03 -36.74 -20.23
C ILE E 175 -22.88 -37.66 -20.58
N ALA E 176 -22.32 -38.31 -19.60
CA ALA E 176 -21.16 -39.18 -19.84
C ALA E 176 -21.52 -40.32 -20.78
N THR E 177 -22.77 -40.71 -20.89
CA THR E 177 -23.14 -41.85 -21.76
C THR E 177 -23.87 -41.41 -23.03
N ASN E 178 -23.83 -40.11 -23.36
CA ASN E 178 -24.53 -39.60 -24.54
C ASN E 178 -26.04 -39.82 -24.53
N ASN E 179 -26.67 -39.76 -23.35
CA ASN E 179 -28.12 -39.64 -23.29
C ASN E 179 -28.66 -38.23 -23.35
N CYS E 180 -29.97 -38.08 -23.48
CA CYS E 180 -30.62 -36.78 -23.41
C CYS E 180 -31.59 -36.84 -22.25
N VAL E 181 -31.48 -35.89 -21.33
CA VAL E 181 -32.25 -36.08 -20.11
C VAL E 181 -33.18 -34.85 -19.98
N VAL E 182 -34.37 -35.08 -19.45
CA VAL E 182 -35.29 -34.03 -19.08
C VAL E 182 -35.47 -34.16 -17.55
N VAL E 183 -35.14 -33.10 -16.82
CA VAL E 183 -35.25 -33.08 -15.33
C VAL E 183 -36.48 -32.23 -14.93
N LYS E 184 -37.31 -32.72 -14.03
CA LYS E 184 -38.31 -31.90 -13.39
C LYS E 184 -37.96 -31.82 -11.90
N PRO E 185 -37.31 -30.75 -11.45
CA PRO E 185 -36.92 -30.71 -10.05
C PRO E 185 -38.19 -30.45 -9.21
N THR E 186 -38.12 -30.63 -7.92
CA THR E 186 -39.25 -30.32 -7.08
C THR E 186 -39.59 -28.83 -7.23
N GLU E 187 -40.88 -28.53 -7.13
CA GLU E 187 -41.36 -27.15 -7.14
C GLU E 187 -40.92 -26.35 -5.91
N LEU E 188 -40.56 -27.04 -4.81
CA LEU E 188 -40.01 -26.38 -3.60
C LEU E 188 -38.56 -25.78 -3.78
N THR E 189 -37.73 -26.37 -4.65
CA THR E 189 -36.35 -25.87 -4.82
C THR E 189 -35.91 -26.00 -6.26
N PRO E 190 -36.61 -25.34 -7.19
CA PRO E 190 -36.31 -25.57 -8.56
C PRO E 190 -35.20 -24.65 -9.10
N MET E 191 -34.78 -23.61 -8.36
CA MET E 191 -33.92 -22.59 -9.00
C MET E 191 -32.47 -23.04 -9.16
N THR E 192 -31.98 -23.80 -8.21
CA THR E 192 -30.69 -24.43 -8.31
C THR E 192 -30.52 -25.32 -9.58
N ALA E 193 -31.58 -26.03 -9.98
CA ALA E 193 -31.52 -26.92 -11.14
C ALA E 193 -31.41 -26.10 -12.42
N LEU E 194 -32.10 -24.96 -12.46
CA LEU E 194 -32.06 -24.10 -13.62
C LEU E 194 -30.64 -23.45 -13.75
N LEU E 195 -30.06 -23.09 -12.63
CA LEU E 195 -28.70 -22.48 -12.67
C LEU E 195 -27.67 -23.56 -13.10
N LEU E 196 -27.84 -24.79 -12.62
CA LEU E 196 -27.01 -25.87 -13.11
C LEU E 196 -27.17 -26.05 -14.61
N ALA E 197 -28.41 -25.98 -15.13
CA ALA E 197 -28.62 -26.10 -16.58
C ALA E 197 -27.78 -25.06 -17.30
N ASP E 198 -27.87 -23.82 -16.85
CA ASP E 198 -27.11 -22.75 -17.53
C ASP E 198 -25.59 -22.97 -17.48
N ILE E 199 -25.10 -23.43 -16.36
CA ILE E 199 -23.71 -23.83 -16.23
C ILE E 199 -23.33 -24.85 -17.32
N LEU E 200 -24.23 -25.80 -17.56
CA LEU E 200 -23.90 -26.93 -18.44
C LEU E 200 -23.88 -26.47 -19.84
N TYR E 201 -24.87 -25.64 -20.22
CA TYR E 201 -24.90 -25.06 -21.57
C TYR E 201 -23.61 -24.25 -21.79
N GLU E 202 -23.21 -23.48 -20.81
CA GLU E 202 -22.03 -22.62 -21.01
C GLU E 202 -20.74 -23.42 -21.02
N ALA E 203 -20.78 -24.62 -20.42
CA ALA E 203 -19.63 -25.53 -20.48
C ALA E 203 -19.59 -26.30 -21.80
N GLY E 204 -20.51 -26.01 -22.72
CA GLY E 204 -20.41 -26.61 -24.02
C GLY E 204 -21.35 -27.81 -24.24
N LEU E 205 -22.22 -28.14 -23.28
CA LEU E 205 -23.21 -29.24 -23.60
C LEU E 205 -24.15 -28.87 -24.78
N PRO E 206 -24.21 -29.73 -25.83
CA PRO E 206 -25.30 -29.55 -26.87
C PRO E 206 -26.66 -29.43 -26.14
N PRO E 207 -27.36 -28.34 -26.40
CA PRO E 207 -28.45 -28.05 -25.52
C PRO E 207 -29.60 -29.07 -25.60
N GLU E 208 -29.74 -29.79 -26.70
CA GLU E 208 -30.79 -30.86 -26.77
C GLU E 208 -30.60 -32.01 -25.73
N MET E 209 -29.38 -32.14 -25.23
CA MET E 209 -29.09 -33.21 -24.26
C MET E 209 -29.67 -32.90 -22.85
N LEU E 210 -30.18 -31.69 -22.63
CA LEU E 210 -30.69 -31.33 -21.31
C LEU E 210 -31.86 -30.36 -21.32
N SER E 211 -32.95 -30.74 -20.68
CA SER E 211 -33.99 -29.76 -20.40
C SER E 211 -34.29 -29.77 -18.91
N VAL E 212 -34.68 -28.63 -18.37
CA VAL E 212 -35.17 -28.57 -17.02
C VAL E 212 -36.50 -27.81 -17.04
N VAL E 213 -37.55 -28.51 -16.66
CA VAL E 213 -38.93 -27.99 -16.74
C VAL E 213 -39.44 -27.90 -15.33
N THR E 214 -40.29 -26.90 -15.05
CA THR E 214 -40.79 -26.65 -13.66
C THR E 214 -42.31 -26.65 -13.69
N GLY E 215 -42.93 -26.92 -12.53
CA GLY E 215 -44.36 -26.74 -12.37
C GLY E 215 -44.92 -27.60 -11.29
N TRP E 216 -46.24 -27.47 -11.12
CA TRP E 216 -46.94 -28.29 -10.12
C TRP E 216 -46.99 -29.71 -10.55
N PRO E 217 -46.77 -30.64 -9.64
CA PRO E 217 -46.81 -32.03 -10.09
C PRO E 217 -48.17 -32.40 -10.70
N ALA E 218 -49.20 -31.65 -10.37
CA ALA E 218 -50.52 -31.94 -10.88
C ALA E 218 -50.64 -31.65 -12.35
N ASP E 219 -49.76 -30.79 -12.87
CA ASP E 219 -49.81 -30.36 -14.26
C ASP E 219 -48.81 -31.10 -15.18
N ILE E 220 -47.62 -31.45 -14.66
CA ILE E 220 -46.43 -31.78 -15.50
C ILE E 220 -45.86 -33.09 -14.96
N GLY E 221 -46.30 -33.55 -13.79
CA GLY E 221 -45.78 -34.76 -13.23
C GLY E 221 -46.09 -36.07 -13.98
N MET E 222 -47.33 -36.22 -14.42
CA MET E 222 -47.68 -37.45 -15.10
C MET E 222 -46.92 -37.54 -16.44
N GLU E 223 -46.74 -36.42 -17.17
CA GLU E 223 -45.97 -36.47 -18.44
C GLU E 223 -44.53 -37.02 -18.21
N MET E 224 -43.90 -36.63 -17.09
CA MET E 224 -42.57 -37.14 -16.72
C MET E 224 -42.52 -38.68 -16.65
N ILE E 225 -43.65 -39.29 -16.34
CA ILE E 225 -43.78 -40.72 -16.10
C ILE E 225 -44.24 -41.50 -17.32
N THR E 226 -45.03 -40.85 -18.21
CA THR E 226 -45.75 -41.61 -19.24
C THR E 226 -45.40 -41.18 -20.67
N ASN E 227 -44.53 -40.19 -20.83
CA ASN E 227 -44.15 -39.81 -22.16
C ASN E 227 -43.67 -41.03 -22.93
N PRO E 228 -44.22 -41.25 -24.16
CA PRO E 228 -43.83 -42.41 -25.05
C PRO E 228 -42.31 -42.53 -25.30
N HIS E 229 -41.56 -41.44 -25.38
CA HIS E 229 -40.14 -41.59 -25.62
C HIS E 229 -39.27 -41.97 -24.44
N VAL E 230 -39.79 -41.86 -23.21
CA VAL E 230 -38.97 -42.13 -22.05
C VAL E 230 -38.61 -43.61 -21.98
N ASP E 231 -37.33 -43.95 -22.00
CA ASP E 231 -36.97 -45.34 -21.83
C ASP E 231 -36.71 -45.66 -20.38
N LEU E 232 -36.35 -44.65 -19.58
CA LEU E 232 -36.07 -44.91 -18.15
C LEU E 232 -36.46 -43.70 -17.30
N VAL E 233 -37.09 -43.95 -16.16
CA VAL E 233 -37.46 -42.95 -15.26
C VAL E 233 -36.53 -43.09 -14.05
N THR E 234 -35.78 -42.05 -13.72
CA THR E 234 -35.01 -42.14 -12.50
C THR E 234 -35.57 -41.12 -11.50
N PHE E 235 -35.93 -41.60 -10.32
CA PHE E 235 -36.71 -40.85 -9.35
C PHE E 235 -36.12 -41.00 -7.99
N THR E 236 -35.98 -39.88 -7.31
CA THR E 236 -35.69 -39.89 -5.89
C THR E 236 -36.73 -39.12 -5.15
N GLY E 237 -37.30 -39.73 -4.12
CA GLY E 237 -38.37 -39.09 -3.40
C GLY E 237 -39.02 -39.97 -2.34
N SER E 238 -40.24 -39.63 -1.95
CA SER E 238 -40.83 -40.34 -0.76
C SER E 238 -41.41 -41.70 -1.19
N VAL E 239 -41.58 -42.63 -0.24
CA VAL E 239 -42.26 -43.91 -0.52
C VAL E 239 -43.59 -43.71 -1.23
N PRO E 240 -44.53 -42.95 -0.62
CA PRO E 240 -45.80 -42.70 -1.32
C PRO E 240 -45.70 -42.28 -2.76
N VAL E 241 -44.90 -41.26 -3.13
CA VAL E 241 -44.84 -40.84 -4.58
C VAL E 241 -44.12 -41.92 -5.41
N GLY E 242 -43.21 -42.63 -4.74
CA GLY E 242 -42.54 -43.73 -5.39
C GLY E 242 -43.56 -44.80 -5.86
N LYS E 243 -44.60 -45.05 -5.04
CA LYS E 243 -45.62 -46.04 -5.40
C LYS E 243 -46.49 -45.60 -6.56
N LEU E 244 -46.79 -44.31 -6.64
CA LEU E 244 -47.52 -43.73 -7.79
C LEU E 244 -46.79 -43.92 -9.11
N ILE E 245 -45.49 -43.60 -9.12
CA ILE E 245 -44.69 -43.76 -10.33
C ILE E 245 -44.65 -45.24 -10.71
N ALA E 246 -44.47 -46.12 -9.71
CA ALA E 246 -44.38 -47.60 -9.98
C ALA E 246 -45.69 -48.14 -10.59
N ALA E 247 -46.78 -47.47 -10.27
CA ALA E 247 -48.09 -47.85 -10.78
C ALA E 247 -48.30 -47.36 -12.21
N ASN E 248 -47.79 -46.18 -12.55
CA ASN E 248 -48.00 -45.59 -13.88
C ASN E 248 -46.91 -45.70 -14.93
N ALA E 249 -45.71 -46.11 -14.51
CA ALA E 249 -44.56 -46.12 -15.45
C ALA E 249 -44.45 -47.41 -16.27
N HIS E 250 -45.61 -47.94 -16.63
CA HIS E 250 -45.78 -49.29 -17.20
C HIS E 250 -44.58 -50.02 -17.75
N TYR E 251 -44.25 -49.78 -19.01
CA TYR E 251 -43.23 -50.66 -19.64
C TYR E 251 -41.94 -49.83 -19.85
N LYS E 252 -41.48 -49.22 -18.76
CA LYS E 252 -40.30 -48.36 -18.75
C LYS E 252 -39.42 -48.94 -17.68
N ARG E 253 -38.10 -48.88 -17.84
CA ARG E 253 -37.23 -49.13 -16.68
C ARG E 253 -37.39 -47.99 -15.69
N GLN E 254 -37.24 -48.37 -14.44
CA GLN E 254 -37.57 -47.46 -13.37
C GLN E 254 -36.51 -47.67 -12.33
N VAL E 255 -35.86 -46.57 -11.96
CA VAL E 255 -34.94 -46.60 -10.81
C VAL E 255 -35.59 -45.69 -9.79
N LEU E 256 -36.12 -46.31 -8.73
CA LEU E 256 -36.81 -45.57 -7.71
C LEU E 256 -36.02 -45.66 -6.43
N GLU E 257 -35.53 -44.51 -6.00
CA GLU E 257 -34.79 -44.47 -4.74
C GLU E 257 -35.62 -43.71 -3.75
N LEU E 258 -36.02 -44.42 -2.68
CA LEU E 258 -37.12 -44.00 -1.84
C LEU E 258 -36.66 -43.72 -0.40
N GLY E 259 -37.59 -43.51 0.52
CA GLY E 259 -37.15 -43.21 1.91
C GLY E 259 -36.13 -44.09 2.63
N GLY E 260 -35.39 -43.47 3.53
CA GLY E 260 -34.49 -44.18 4.46
C GLY E 260 -34.95 -44.04 5.91
N ASN E 261 -34.40 -44.85 6.81
CA ASN E 261 -34.68 -44.70 8.24
C ASN E 261 -33.58 -45.47 8.92
N ASP E 262 -32.38 -44.89 8.92
CA ASP E 262 -31.20 -45.64 9.08
C ASP E 262 -30.62 -45.53 10.49
N PRO E 263 -30.16 -46.65 11.02
CA PRO E 263 -29.60 -46.81 12.35
C PRO E 263 -28.10 -46.50 12.40
N LEU E 264 -27.67 -45.88 13.49
CA LEU E 264 -26.27 -45.96 13.95
C LEU E 264 -26.34 -46.85 15.16
N ILE E 265 -25.62 -47.94 15.10
CA ILE E 265 -25.71 -48.94 16.13
C ILE E 265 -24.44 -48.94 16.98
N ILE E 266 -24.62 -48.80 18.30
CA ILE E 266 -23.47 -48.60 19.25
C ILE E 266 -23.32 -49.84 20.14
N LEU E 267 -22.25 -50.59 19.95
CA LEU E 267 -22.06 -51.88 20.59
C LEU E 267 -21.28 -51.75 21.93
N ASN E 268 -21.55 -52.72 22.81
CA ASN E 268 -21.16 -52.66 24.22
C ASN E 268 -19.70 -53.07 24.47
N ASP E 269 -18.90 -53.32 23.43
CA ASP E 269 -17.49 -53.54 23.59
C ASP E 269 -16.67 -52.26 23.55
N LEU E 270 -17.29 -51.12 23.27
CA LEU E 270 -16.60 -49.85 23.09
C LEU E 270 -16.07 -49.28 24.43
N SER E 271 -14.85 -48.75 24.44
CA SER E 271 -14.27 -48.06 25.60
C SER E 271 -14.90 -46.69 25.74
N ASP E 272 -14.61 -46.00 26.84
CA ASP E 272 -15.13 -44.65 27.00
C ASP E 272 -14.62 -43.66 25.97
N ASP E 273 -13.38 -43.79 25.47
CA ASP E 273 -12.96 -42.89 24.40
C ASP E 273 -13.73 -43.14 23.09
N ASP E 274 -13.93 -44.43 22.73
CA ASP E 274 -14.78 -44.83 21.57
C ASP E 274 -16.21 -44.27 21.65
N LEU E 275 -16.77 -44.21 22.86
CA LEU E 275 -18.11 -43.72 23.01
C LEU E 275 -18.16 -42.27 22.66
N ALA E 276 -17.06 -41.56 22.87
CA ALA E 276 -17.07 -40.17 22.53
C ALA E 276 -17.00 -40.00 21.00
N ARG E 277 -16.19 -40.82 20.33
CA ARG E 277 -16.09 -40.85 18.85
C ARG E 277 -17.46 -41.22 18.20
N ALA E 278 -18.09 -42.25 18.76
CA ALA E 278 -19.45 -42.66 18.37
C ALA E 278 -20.44 -41.56 18.57
N ALA E 279 -20.33 -40.81 19.68
CA ALA E 279 -21.32 -39.77 19.93
C ALA E 279 -21.17 -38.66 18.90
N ASP E 280 -19.94 -38.35 18.50
CA ASP E 280 -19.73 -37.37 17.42
C ASP E 280 -20.39 -37.77 16.11
N LEU E 281 -20.30 -39.05 15.76
CA LEU E 281 -20.86 -39.56 14.52
C LEU E 281 -22.36 -39.44 14.65
N ALA E 282 -22.89 -39.84 15.81
CA ALA E 282 -24.36 -39.73 16.01
C ALA E 282 -24.87 -38.30 15.85
N VAL E 283 -24.22 -37.33 16.48
CA VAL E 283 -24.77 -35.99 16.38
C VAL E 283 -24.70 -35.49 14.95
N ALA E 284 -23.53 -35.72 14.32
CA ALA E 284 -23.29 -35.19 12.98
C ALA E 284 -24.24 -35.92 11.99
N GLY E 285 -24.33 -37.23 12.14
CA GLY E 285 -25.20 -38.02 11.27
C GLY E 285 -26.66 -37.67 11.40
N ALA E 286 -27.09 -37.29 12.60
CA ALA E 286 -28.50 -36.91 12.78
C ALA E 286 -28.84 -35.52 12.33
N THR E 287 -27.86 -34.63 12.19
CA THR E 287 -28.19 -33.19 11.99
C THR E 287 -27.65 -32.58 10.71
N LYS E 288 -26.69 -33.23 10.05
CA LYS E 288 -26.09 -32.66 8.83
C LYS E 288 -27.22 -32.48 7.85
N ASN E 289 -27.16 -31.39 7.10
CA ASN E 289 -28.21 -31.01 6.15
C ASN E 289 -29.57 -30.85 6.83
N SER E 290 -29.58 -30.36 8.09
CA SER E 290 -30.83 -30.29 8.86
C SER E 290 -31.51 -31.67 9.03
N GLY E 291 -30.73 -32.74 9.02
CA GLY E 291 -31.33 -34.12 9.05
C GLY E 291 -31.98 -34.60 7.74
N GLN E 292 -31.97 -33.75 6.71
CA GLN E 292 -32.67 -34.09 5.49
C GLN E 292 -31.77 -34.90 4.52
N ARG E 293 -31.47 -36.12 4.92
CA ARG E 293 -30.76 -37.03 4.01
C ARG E 293 -31.49 -38.37 4.12
N CYS E 294 -31.59 -39.10 3.02
CA CYS E 294 -32.30 -40.37 3.09
C CYS E 294 -31.52 -41.30 3.95
N THR E 295 -30.21 -41.06 4.04
CA THR E 295 -29.28 -41.86 4.84
C THR E 295 -28.89 -41.13 6.17
N ALA E 296 -29.65 -40.12 6.61
CA ALA E 296 -29.34 -39.51 7.95
C ALA E 296 -29.45 -40.57 9.07
N VAL E 297 -28.75 -40.36 10.18
CA VAL E 297 -29.01 -41.14 11.38
C VAL E 297 -30.40 -40.75 11.89
N LYS E 298 -31.37 -41.68 11.78
CA LYS E 298 -32.73 -41.45 12.26
C LYS E 298 -33.13 -42.27 13.53
N ARG E 299 -32.23 -43.14 13.97
CA ARG E 299 -32.47 -44.14 15.05
C ARG E 299 -31.07 -44.46 15.62
N ILE E 300 -30.76 -44.12 16.87
CA ILE E 300 -29.46 -44.46 17.47
C ILE E 300 -29.68 -45.64 18.37
N LEU E 301 -29.24 -46.81 17.93
CA LEU E 301 -29.51 -48.02 18.69
C LEU E 301 -28.34 -48.26 19.63
N CYS E 302 -28.53 -47.92 20.90
CA CYS E 302 -27.38 -47.99 21.81
C CYS E 302 -27.63 -49.16 22.76
N GLN E 303 -26.70 -50.10 22.80
CA GLN E 303 -26.81 -51.27 23.69
C GLN E 303 -26.90 -50.83 25.15
N GLU E 304 -27.89 -51.33 25.89
CA GLU E 304 -28.13 -50.91 27.30
C GLU E 304 -26.88 -50.64 28.13
N SER E 305 -25.96 -51.59 28.16
CA SER E 305 -24.86 -51.44 29.11
C SER E 305 -23.87 -50.27 28.80
N VAL E 306 -23.96 -49.63 27.63
CA VAL E 306 -23.11 -48.46 27.40
C VAL E 306 -23.94 -47.20 27.33
N ALA E 307 -25.25 -47.36 27.39
CA ALA E 307 -26.14 -46.24 27.18
C ALA E 307 -25.92 -45.14 28.21
N ASP E 308 -25.65 -45.52 29.45
CA ASP E 308 -25.53 -44.51 30.50
C ASP E 308 -24.30 -43.62 30.30
N ARG E 309 -23.20 -44.16 29.78
CA ARG E 309 -22.06 -43.33 29.41
C ARG E 309 -22.27 -42.54 28.10
N PHE E 310 -22.83 -43.21 27.10
CA PHE E 310 -23.00 -42.66 25.75
C PHE E 310 -23.95 -41.48 25.64
N VAL E 311 -25.12 -41.58 26.26
CA VAL E 311 -26.12 -40.52 26.24
C VAL E 311 -25.62 -39.11 26.70
N PRO E 312 -24.90 -39.00 27.88
CA PRO E 312 -24.43 -37.62 28.22
C PRO E 312 -23.40 -37.05 27.18
N LEU E 313 -22.70 -37.95 26.51
CA LEU E 313 -21.76 -37.56 25.46
C LEU E 313 -22.48 -37.01 24.23
N VAL E 314 -23.59 -37.63 23.85
CA VAL E 314 -24.37 -37.13 22.73
C VAL E 314 -24.93 -35.76 23.08
N LEU E 315 -25.50 -35.64 24.28
CA LEU E 315 -26.18 -34.38 24.73
C LEU E 315 -25.20 -33.18 24.72
N GLU E 316 -24.00 -33.42 25.25
CA GLU E 316 -22.96 -32.40 25.34
C GLU E 316 -22.55 -31.93 23.92
N ARG E 317 -22.42 -32.91 23.02
CA ARG E 317 -22.19 -32.60 21.63
C ARG E 317 -23.35 -31.84 20.99
N ALA E 318 -24.59 -32.28 21.21
CA ALA E 318 -25.74 -31.59 20.59
C ALA E 318 -25.80 -30.13 21.03
N LYS E 319 -25.42 -29.89 22.29
CA LYS E 319 -25.55 -28.55 22.88
C LYS E 319 -24.58 -27.55 22.26
N ARG E 320 -23.48 -28.03 21.67
CA ARG E 320 -22.52 -27.15 21.02
C ARG E 320 -23.02 -26.60 19.70
N LEU E 321 -24.11 -27.16 19.16
CA LEU E 321 -24.43 -26.84 17.75
C LEU E 321 -25.12 -25.48 17.70
N ARG E 322 -24.71 -24.65 16.74
CA ARG E 322 -25.35 -23.37 16.58
C ARG E 322 -26.45 -23.45 15.56
N PHE E 323 -27.68 -23.19 15.98
CA PHE E 323 -28.84 -23.31 15.08
C PHE E 323 -29.46 -21.94 14.91
N GLY E 324 -29.74 -21.54 13.67
CA GLY E 324 -30.36 -20.25 13.44
C GLY E 324 -30.26 -19.80 12.00
N ASP E 325 -30.04 -18.49 11.82
CA ASP E 325 -30.04 -17.84 10.51
C ASP E 325 -29.12 -18.61 9.53
N PRO E 326 -29.69 -19.21 8.47
CA PRO E 326 -28.81 -20.04 7.64
C PRO E 326 -27.78 -19.26 6.81
N MET E 327 -28.05 -17.99 6.51
CA MET E 327 -27.07 -17.15 5.84
C MET E 327 -25.93 -16.67 6.77
N ASP E 328 -26.06 -16.86 8.07
CA ASP E 328 -24.97 -16.60 8.98
C ASP E 328 -23.87 -17.68 8.88
N ARG E 329 -22.64 -17.27 8.62
CA ARG E 329 -21.58 -18.21 8.37
C ARG E 329 -21.21 -19.03 9.61
N SER E 330 -21.65 -18.58 10.79
CA SER E 330 -21.34 -19.40 11.97
C SER E 330 -22.42 -20.42 12.32
N THR E 331 -23.55 -20.38 11.61
CA THR E 331 -24.60 -21.37 11.86
C THR E 331 -24.15 -22.76 11.38
N ASP E 332 -24.37 -23.78 12.20
CA ASP E 332 -24.16 -25.15 11.80
C ASP E 332 -25.48 -25.70 11.17
N LEU E 333 -26.60 -25.43 11.83
CA LEU E 333 -27.89 -26.07 11.55
C LEU E 333 -28.91 -25.03 11.19
N GLY E 334 -29.36 -25.06 9.93
CA GLY E 334 -30.32 -24.07 9.39
C GLY E 334 -31.72 -24.61 9.68
N THR E 335 -32.72 -24.24 8.86
CA THR E 335 -34.07 -24.76 9.07
C THR E 335 -34.29 -26.17 8.39
N VAL E 336 -35.49 -26.74 8.59
CA VAL E 336 -36.02 -27.76 7.71
C VAL E 336 -36.79 -27.09 6.55
N ILE E 337 -37.35 -27.89 5.64
CA ILE E 337 -37.91 -27.32 4.39
C ILE E 337 -39.08 -26.34 4.63
N HIS E 338 -39.90 -26.59 5.67
CA HIS E 338 -40.99 -25.69 5.98
C HIS E 338 -41.51 -25.92 7.37
N GLU E 339 -42.36 -24.98 7.78
CA GLU E 339 -42.97 -24.98 9.11
C GLU E 339 -43.73 -26.31 9.40
N LYS E 340 -44.53 -26.75 8.43
CA LYS E 340 -45.39 -27.93 8.51
C LYS E 340 -44.50 -29.12 8.87
N ALA E 341 -43.30 -29.27 8.22
CA ALA E 341 -42.49 -30.41 8.50
C ALA E 341 -42.01 -30.25 9.93
N ALA E 342 -41.52 -29.07 10.24
CA ALA E 342 -40.92 -28.84 11.57
C ALA E 342 -41.93 -29.14 12.70
N ALA E 343 -43.11 -28.59 12.59
CA ALA E 343 -44.20 -28.89 13.56
C ALA E 343 -44.46 -30.42 13.60
N LEU E 344 -44.44 -31.08 12.44
CA LEU E 344 -44.68 -32.53 12.43
C LEU E 344 -43.63 -33.29 13.27
N PHE E 345 -42.37 -32.94 13.08
CA PHE E 345 -41.31 -33.69 13.72
C PHE E 345 -41.41 -33.42 15.21
N GLU E 346 -41.74 -32.18 15.56
CA GLU E 346 -41.80 -31.81 16.96
C GLU E 346 -42.95 -32.58 17.64
N GLU E 347 -44.07 -32.69 16.93
CA GLU E 347 -45.22 -33.47 17.39
C GLU E 347 -44.83 -34.93 17.66
N ARG E 348 -43.98 -35.54 16.80
CA ARG E 348 -43.49 -36.90 17.04
C ARG E 348 -42.67 -37.03 18.30
N VAL E 349 -41.86 -36.01 18.59
CA VAL E 349 -41.02 -36.02 19.78
C VAL E 349 -41.95 -36.03 21.04
N MET E 350 -42.88 -35.08 21.10
CA MET E 350 -43.86 -34.98 22.22
C MET E 350 -44.61 -36.28 22.44
N ARG E 351 -45.13 -36.90 21.36
CA ARG E 351 -45.78 -38.22 21.49
C ARG E 351 -44.88 -39.37 21.98
N ALA E 352 -43.62 -39.32 21.61
CA ALA E 352 -42.70 -40.31 22.12
C ALA E 352 -42.45 -40.08 23.60
N ALA E 353 -42.41 -38.81 24.03
CA ALA E 353 -42.30 -38.49 25.46
C ALA E 353 -43.51 -39.05 26.22
N GLU E 354 -44.73 -38.85 25.70
CA GLU E 354 -45.91 -39.48 26.32
C GLU E 354 -45.78 -40.99 26.35
N GLU E 355 -45.33 -41.61 25.27
CA GLU E 355 -45.14 -43.06 25.33
C GLU E 355 -43.95 -43.49 26.16
N GLY E 356 -43.33 -42.59 26.90
CA GLY E 356 -42.25 -43.00 27.79
C GLY E 356 -40.86 -42.48 27.47
N ALA E 357 -40.65 -41.80 26.32
CA ALA E 357 -39.33 -41.18 26.02
C ALA E 357 -38.93 -40.07 27.02
N ASP E 358 -37.65 -39.75 27.02
CA ASP E 358 -37.06 -38.71 27.86
C ASP E 358 -36.39 -37.59 27.05
N ILE E 359 -37.05 -36.46 26.89
CA ILE E 359 -36.53 -35.30 26.19
C ILE E 359 -35.42 -34.62 26.99
N LEU E 360 -34.21 -34.61 26.45
CA LEU E 360 -33.06 -34.15 27.19
C LEU E 360 -32.67 -32.78 26.76
N TYR E 361 -32.97 -32.40 25.53
CA TYR E 361 -32.62 -31.05 25.13
C TYR E 361 -33.65 -30.68 24.11
N HIS E 362 -34.35 -29.60 24.34
CA HIS E 362 -35.32 -29.09 23.40
C HIS E 362 -35.53 -27.64 23.66
N PRO E 363 -34.60 -26.78 23.21
CA PRO E 363 -34.78 -25.34 23.48
C PRO E 363 -35.95 -24.68 22.73
N GLY E 364 -36.67 -25.39 21.88
CA GLY E 364 -37.82 -24.74 21.30
C GLY E 364 -37.71 -24.41 19.83
N ARG E 365 -38.80 -24.66 19.15
CA ARG E 365 -38.87 -24.62 17.71
C ARG E 365 -39.36 -23.26 17.30
N SER E 366 -38.89 -22.73 16.18
CA SER E 366 -39.34 -21.41 15.81
C SER E 366 -39.64 -21.35 14.28
N GLY E 367 -40.91 -21.51 13.94
CA GLY E 367 -41.30 -21.67 12.55
C GLY E 367 -40.67 -22.95 11.96
N ALA E 368 -39.89 -22.79 10.87
CA ALA E 368 -39.18 -23.96 10.25
C ALA E 368 -37.83 -24.28 10.90
N LEU E 369 -37.42 -23.45 11.86
CA LEU E 369 -36.18 -23.65 12.58
C LEU E 369 -36.41 -24.55 13.75
N LEU E 370 -35.88 -25.75 13.63
CA LEU E 370 -35.91 -26.73 14.69
C LEU E 370 -34.51 -26.90 15.29
N PRO E 371 -34.38 -26.88 16.64
CA PRO E 371 -33.09 -27.15 17.29
C PRO E 371 -32.75 -28.64 17.16
N PRO E 372 -31.48 -29.01 17.47
CA PRO E 372 -31.14 -30.42 17.43
C PRO E 372 -31.63 -31.19 18.65
N ILE E 373 -32.94 -31.47 18.73
CA ILE E 373 -33.61 -32.09 19.90
C ILE E 373 -33.03 -33.48 20.26
N VAL E 374 -32.63 -33.70 21.51
CA VAL E 374 -32.09 -34.98 21.94
C VAL E 374 -33.15 -35.67 22.79
N VAL E 375 -33.52 -36.90 22.41
CA VAL E 375 -34.56 -37.65 23.11
C VAL E 375 -33.95 -38.98 23.42
N ASP E 376 -34.11 -39.42 24.66
CA ASP E 376 -33.58 -40.71 25.12
C ASP E 376 -34.72 -41.64 25.49
N ARG E 377 -34.41 -42.93 25.66
CA ARG E 377 -35.37 -43.98 25.95
C ARG E 377 -36.55 -43.98 24.97
N VAL E 378 -36.28 -43.70 23.69
CA VAL E 378 -37.34 -43.68 22.66
C VAL E 378 -37.79 -45.10 22.43
N PRO E 379 -39.11 -45.39 22.54
CA PRO E 379 -39.57 -46.78 22.25
C PRO E 379 -39.39 -47.10 20.76
N HIS E 380 -38.94 -48.30 20.43
CA HIS E 380 -38.69 -48.59 19.00
C HIS E 380 -39.92 -48.47 18.13
N GLN E 381 -41.11 -48.52 18.73
CA GLN E 381 -42.30 -48.59 17.93
C GLN E 381 -42.95 -47.24 17.83
N SER E 382 -42.44 -46.22 18.53
CA SER E 382 -43.07 -44.87 18.36
C SER E 382 -42.84 -44.26 16.95
N ASP E 383 -43.79 -43.51 16.43
CA ASP E 383 -43.66 -42.91 15.09
C ASP E 383 -42.33 -42.18 14.83
N LEU E 384 -41.86 -41.44 15.83
CA LEU E 384 -40.55 -40.74 15.71
C LEU E 384 -39.49 -41.58 15.06
N VAL E 385 -39.33 -42.83 15.50
CA VAL E 385 -38.34 -43.71 14.92
C VAL E 385 -38.91 -44.81 13.99
N LEU E 386 -40.22 -45.10 14.04
CA LEU E 386 -40.76 -46.18 13.20
C LEU E 386 -40.98 -45.61 11.79
N GLU E 387 -41.57 -44.43 11.71
CA GLU E 387 -41.69 -43.70 10.48
C GLU E 387 -40.38 -42.92 10.17
N GLU E 388 -40.20 -42.50 8.90
CA GLU E 388 -39.03 -41.70 8.56
C GLU E 388 -39.27 -40.29 9.14
N THR E 389 -38.40 -39.83 10.04
CA THR E 389 -38.50 -38.40 10.42
C THR E 389 -37.30 -37.60 9.90
N PHE E 390 -37.58 -36.78 8.89
CA PHE E 390 -36.62 -36.11 7.99
C PHE E 390 -36.24 -34.72 8.53
N GLY E 391 -35.84 -34.71 9.80
CA GLY E 391 -35.26 -33.51 10.46
C GLY E 391 -34.19 -33.85 11.49
N PRO E 392 -33.67 -32.82 12.18
CA PRO E 392 -32.45 -33.01 12.94
C PRO E 392 -32.72 -33.51 14.36
N ILE E 393 -33.67 -34.42 14.51
CA ILE E 393 -33.88 -35.09 15.79
C ILE E 393 -32.74 -36.05 16.06
N ILE E 394 -32.32 -36.16 17.34
CA ILE E 394 -31.25 -37.03 17.74
C ILE E 394 -31.88 -38.03 18.71
N PRO E 395 -32.34 -39.24 18.24
CA PRO E 395 -33.17 -40.03 19.17
C PRO E 395 -32.49 -41.32 19.51
N ILE E 396 -32.32 -41.60 20.82
CA ILE E 396 -31.61 -42.78 21.29
C ILE E 396 -32.61 -43.84 21.69
N VAL E 397 -32.49 -45.03 21.09
CA VAL E 397 -33.35 -46.16 21.41
C VAL E 397 -32.41 -47.12 22.16
N ARG E 398 -32.82 -47.57 23.33
CA ARG E 398 -31.95 -48.46 24.08
C ARG E 398 -32.31 -49.84 23.67
N VAL E 399 -31.30 -50.67 23.39
CA VAL E 399 -31.51 -52.00 22.85
C VAL E 399 -30.78 -52.97 23.73
N PRO E 400 -31.16 -54.26 23.70
CA PRO E 400 -30.50 -55.22 24.63
C PRO E 400 -29.02 -55.42 24.38
N ASP E 401 -28.31 -55.83 25.43
CA ASP E 401 -26.96 -56.34 25.27
C ASP E 401 -27.01 -57.71 24.61
N ASP E 402 -27.50 -57.76 23.39
CA ASP E 402 -27.60 -59.02 22.64
C ASP E 402 -27.68 -58.71 21.13
N ASP E 403 -26.73 -59.18 20.34
CA ASP E 403 -26.67 -58.86 18.90
C ASP E 403 -27.86 -59.32 18.06
N ASP E 404 -28.27 -60.59 18.20
CA ASP E 404 -29.54 -61.10 17.52
C ASP E 404 -30.76 -60.20 17.78
N ALA E 405 -30.99 -59.87 19.04
CA ALA E 405 -32.04 -58.97 19.43
C ALA E 405 -31.80 -57.57 18.83
N THR E 406 -30.56 -57.10 18.78
CA THR E 406 -30.36 -55.75 18.24
C THR E 406 -30.56 -55.75 16.71
N ILE E 407 -30.12 -56.81 16.05
CA ILE E 407 -30.27 -56.91 14.60
C ILE E 407 -31.79 -56.95 14.23
N THR E 408 -32.54 -57.78 14.93
CA THR E 408 -33.98 -57.84 14.75
C THR E 408 -34.60 -56.45 14.90
N LEU E 409 -34.31 -55.74 16.01
CA LEU E 409 -34.81 -54.36 16.17
C LEU E 409 -34.42 -53.45 14.99
N SER E 410 -33.18 -53.58 14.57
CA SER E 410 -32.70 -52.74 13.47
C SER E 410 -33.50 -53.01 12.17
N ASN E 411 -33.76 -54.29 11.91
CA ASN E 411 -34.48 -54.68 10.70
C ASN E 411 -36.00 -54.57 10.79
N SER E 412 -36.51 -54.05 11.91
CA SER E 412 -37.93 -54.09 12.19
C SER E 412 -38.74 -52.99 11.50
N THR E 413 -38.12 -52.07 10.75
CA THR E 413 -38.93 -51.05 10.03
C THR E 413 -39.13 -51.53 8.60
N ALA E 414 -39.94 -50.77 7.89
CA ALA E 414 -40.23 -50.98 6.46
C ALA E 414 -39.04 -50.55 5.58
N PHE E 415 -38.04 -49.88 6.17
CA PHE E 415 -36.87 -49.34 5.41
C PHE E 415 -35.62 -50.21 5.43
N GLY E 416 -34.72 -49.95 4.49
CA GLY E 416 -33.56 -50.77 4.32
C GLY E 416 -32.57 -50.16 3.34
N LEU E 417 -31.97 -49.06 3.76
CA LEU E 417 -31.11 -48.28 2.88
C LEU E 417 -29.67 -48.40 3.42
N SER E 418 -29.29 -47.58 4.38
CA SER E 418 -27.94 -47.69 4.89
C SER E 418 -27.94 -47.92 6.41
N SER E 419 -26.76 -48.00 7.02
CA SER E 419 -26.61 -48.24 8.43
C SER E 419 -25.17 -48.02 8.81
N GLY E 420 -24.94 -47.71 10.07
CA GLY E 420 -23.60 -47.57 10.62
C GLY E 420 -23.50 -48.40 11.90
N VAL E 421 -22.37 -49.07 12.15
CA VAL E 421 -22.16 -49.92 13.34
C VAL E 421 -20.81 -49.52 13.96
N CYS E 422 -20.84 -49.09 15.24
CA CYS E 422 -19.62 -48.82 15.98
C CYS E 422 -19.24 -49.96 16.93
N THR E 423 -18.15 -50.65 16.61
CA THR E 423 -17.62 -51.73 17.38
C THR E 423 -16.16 -51.99 17.01
N ASN E 424 -15.40 -52.67 17.87
CA ASN E 424 -14.02 -53.08 17.54
C ASN E 424 -13.80 -54.54 17.32
N ASP E 425 -14.82 -55.32 17.65
CA ASP E 425 -14.76 -56.78 17.62
C ASP E 425 -15.15 -57.20 16.19
N TYR E 426 -14.25 -57.86 15.52
CA TYR E 426 -14.43 -58.24 14.14
C TYR E 426 -15.58 -59.24 13.94
N ARG E 427 -15.65 -60.26 14.80
CA ARG E 427 -16.76 -61.26 14.79
C ARG E 427 -18.11 -60.56 14.73
N ARG E 428 -18.24 -59.54 15.54
CA ARG E 428 -19.43 -58.76 15.59
C ARG E 428 -19.62 -57.84 14.40
N MET E 429 -18.56 -57.26 13.88
CA MET E 429 -18.70 -56.50 12.65
C MET E 429 -19.31 -57.35 11.54
N GLN E 430 -18.76 -58.55 11.34
CA GLN E 430 -19.05 -59.41 10.22
C GLN E 430 -20.49 -59.92 10.40
N LYS E 431 -20.88 -60.10 11.66
CA LYS E 431 -22.23 -60.54 11.97
C LYS E 431 -23.26 -59.45 11.60
N TYR E 432 -22.96 -58.15 11.87
CA TYR E 432 -23.88 -57.10 11.50
C TYR E 432 -23.85 -56.93 9.98
N ILE E 433 -22.65 -57.04 9.36
CA ILE E 433 -22.55 -56.88 7.91
C ILE E 433 -23.46 -57.91 7.24
N ALA E 434 -23.43 -59.15 7.72
CA ALA E 434 -24.25 -60.19 7.08
C ALA E 434 -25.71 -60.00 7.43
N GLY E 435 -25.98 -59.43 8.59
CA GLY E 435 -27.29 -59.55 9.19
C GLY E 435 -28.23 -58.40 8.98
N LEU E 436 -27.68 -57.21 8.73
CA LEU E 436 -28.57 -56.06 8.60
C LEU E 436 -29.12 -56.11 7.15
N LYS E 437 -30.42 -55.88 7.02
CA LYS E 437 -31.09 -56.00 5.72
C LYS E 437 -31.17 -54.60 5.10
N VAL E 438 -30.08 -54.21 4.49
CA VAL E 438 -29.84 -52.87 4.05
C VAL E 438 -29.02 -52.95 2.80
N GLY E 439 -28.95 -51.85 2.03
CA GLY E 439 -28.06 -51.83 0.85
C GLY E 439 -26.60 -51.58 1.29
N THR E 440 -26.36 -51.02 2.49
CA THR E 440 -24.96 -50.62 2.85
C THR E 440 -24.77 -50.71 4.38
N VAL E 441 -23.62 -51.25 4.82
CA VAL E 441 -23.28 -51.32 6.25
C VAL E 441 -21.94 -50.64 6.47
N ASN E 442 -21.92 -49.45 7.11
CA ASN E 442 -20.58 -48.78 7.33
C ASN E 442 -20.05 -49.08 8.70
N ILE E 443 -18.83 -49.65 8.82
CA ILE E 443 -18.22 -49.87 10.13
C ILE E 443 -17.50 -48.56 10.61
N TRP E 444 -17.85 -48.10 11.80
CA TRP E 444 -17.24 -46.84 12.32
C TRP E 444 -17.43 -45.62 11.44
N GLU E 445 -18.60 -45.52 10.78
CA GLU E 445 -19.00 -44.34 10.06
C GLU E 445 -20.54 -44.25 10.12
N VAL E 446 -21.09 -43.08 9.77
CA VAL E 446 -22.52 -42.87 9.76
C VAL E 446 -23.12 -43.62 8.51
N PRO E 447 -24.44 -43.88 8.53
CA PRO E 447 -25.06 -44.60 7.40
C PRO E 447 -24.85 -43.79 6.15
N GLY E 448 -24.73 -42.47 6.34
CA GLY E 448 -24.58 -41.49 5.24
C GLY E 448 -23.30 -41.54 4.42
N TYR E 449 -22.29 -42.21 4.97
CA TYR E 449 -21.03 -42.22 4.29
C TYR E 449 -21.03 -43.07 2.98
N ARG E 450 -20.58 -42.51 1.89
CA ARG E 450 -20.33 -43.23 0.63
C ARG E 450 -19.38 -42.34 -0.18
N ILE E 451 -18.86 -42.83 -1.29
CA ILE E 451 -18.16 -41.97 -2.26
C ILE E 451 -19.16 -41.80 -3.41
N GLU E 452 -18.93 -40.87 -4.34
CA GLU E 452 -19.95 -40.56 -5.33
C GLU E 452 -20.08 -41.65 -6.41
N MET E 453 -19.13 -42.55 -6.48
CA MET E 453 -19.18 -43.58 -7.47
C MET E 453 -19.45 -45.02 -6.99
N SER E 454 -19.55 -45.26 -5.68
CA SER E 454 -19.79 -46.64 -5.17
C SER E 454 -21.32 -47.00 -5.37
N PRO E 455 -21.66 -48.30 -5.45
CA PRO E 455 -23.06 -48.66 -5.65
C PRO E 455 -23.90 -48.10 -4.49
N PHE E 456 -24.97 -47.41 -4.80
CA PHE E 456 -25.81 -46.86 -3.78
C PHE E 456 -27.28 -47.18 -4.04
N GLY E 457 -27.98 -47.67 -3.03
CA GLY E 457 -29.36 -48.09 -3.23
C GLY E 457 -29.90 -49.01 -2.17
N GLY E 458 -31.17 -48.87 -1.87
CA GLY E 458 -31.72 -49.63 -0.75
C GLY E 458 -32.59 -50.82 -1.20
N ILE E 459 -33.24 -51.45 -0.25
CA ILE E 459 -34.10 -52.62 -0.49
C ILE E 459 -35.32 -52.41 0.37
N LYS E 460 -36.22 -53.37 0.42
CA LYS E 460 -37.45 -53.18 1.21
C LYS E 460 -38.17 -51.93 0.70
N ASP E 461 -38.72 -51.07 1.55
CA ASP E 461 -39.35 -49.87 1.06
C ASP E 461 -38.44 -48.73 0.53
N SER E 462 -37.12 -48.91 0.68
CA SER E 462 -36.13 -47.84 0.38
C SER E 462 -35.79 -47.73 -1.09
N GLY E 463 -36.14 -48.75 -1.85
CA GLY E 463 -35.99 -48.67 -3.28
C GLY E 463 -36.40 -49.95 -3.99
N ASN E 464 -36.70 -49.82 -5.29
CA ASN E 464 -37.19 -50.93 -6.13
C ASN E 464 -36.06 -51.94 -6.45
N GLY E 465 -34.91 -51.78 -5.80
CA GLY E 465 -33.75 -52.65 -5.92
C GLY E 465 -32.74 -52.41 -7.07
N TYR E 466 -32.68 -51.21 -7.64
CA TYR E 466 -31.54 -50.90 -8.54
C TYR E 466 -30.48 -50.00 -7.85
N LYS E 467 -29.21 -50.19 -8.14
CA LYS E 467 -28.17 -49.29 -7.61
C LYS E 467 -28.00 -48.05 -8.47
N GLU E 468 -27.49 -47.02 -7.82
CA GLU E 468 -27.18 -45.73 -8.39
C GLU E 468 -25.74 -45.43 -7.97
N GLY E 469 -25.42 -44.15 -7.94
CA GLY E 469 -24.02 -43.63 -7.85
C GLY E 469 -23.49 -43.60 -9.30
N VAL E 470 -22.45 -42.79 -9.57
CA VAL E 470 -22.04 -42.53 -10.91
C VAL E 470 -21.88 -43.79 -11.84
N ILE E 471 -21.08 -44.74 -11.39
CA ILE E 471 -20.79 -45.96 -12.17
C ILE E 471 -22.02 -46.74 -12.51
N GLU E 472 -22.87 -47.06 -11.52
CA GLU E 472 -24.06 -47.89 -11.81
C GLU E 472 -25.11 -47.10 -12.57
N ALA E 473 -25.21 -45.78 -12.30
CA ALA E 473 -26.11 -44.96 -13.17
C ALA E 473 -25.67 -45.00 -14.62
N MET E 474 -24.38 -44.85 -14.86
CA MET E 474 -23.89 -44.99 -16.25
C MET E 474 -24.22 -46.34 -16.91
N LYS E 475 -24.15 -47.44 -16.17
CA LYS E 475 -24.54 -48.76 -16.71
C LYS E 475 -26.01 -48.79 -16.97
N SER E 476 -26.78 -48.26 -16.00
CA SER E 476 -28.26 -48.13 -16.07
C SER E 476 -28.77 -47.39 -17.30
N PHE E 477 -28.08 -46.32 -17.62
CA PHE E 477 -28.48 -45.44 -18.71
C PHE E 477 -28.03 -45.93 -20.09
N THR E 478 -27.63 -47.19 -20.23
CA THR E 478 -27.27 -47.67 -21.55
C THR E 478 -27.92 -49.03 -21.81
N ASN E 479 -27.95 -49.46 -23.08
CA ASN E 479 -28.35 -50.85 -23.46
C ASN E 479 -27.05 -51.55 -23.92
N VAL E 480 -26.80 -52.78 -23.45
CA VAL E 480 -25.67 -53.54 -23.94
C VAL E 480 -26.06 -54.18 -25.26
N LYS E 481 -25.27 -53.98 -26.31
CA LYS E 481 -25.43 -54.70 -27.55
C LYS E 481 -24.26 -55.68 -27.71
N THR E 482 -24.56 -56.93 -28.06
CA THR E 482 -23.46 -57.90 -28.38
C THR E 482 -23.33 -58.05 -29.88
N PHE E 483 -22.13 -58.37 -30.36
CA PHE E 483 -22.02 -58.71 -31.78
C PHE E 483 -20.99 -59.83 -31.84
N SER E 484 -21.11 -60.72 -32.85
CA SER E 484 -20.18 -61.81 -32.92
C SER E 484 -19.56 -61.86 -34.29
N LEU E 485 -18.31 -62.27 -34.31
CA LEU E 485 -17.60 -62.33 -35.61
C LEU E 485 -16.94 -63.72 -35.76
N PRO E 486 -16.92 -64.27 -36.99
CA PRO E 486 -16.14 -65.50 -37.25
C PRO E 486 -14.68 -65.37 -36.80
N TRP E 487 -14.19 -66.39 -36.11
CA TRP E 487 -12.80 -66.33 -35.64
C TRP E 487 -12.05 -67.67 -35.77
N PRO E 488 -11.73 -68.12 -36.99
CA PRO E 488 -11.09 -69.47 -37.20
C PRO E 488 -9.68 -69.59 -36.58
N VAL F 13 -52.84 8.66 17.06
CA VAL F 13 -53.10 8.54 18.53
C VAL F 13 -52.88 7.09 19.05
N ARG F 14 -51.78 6.90 19.79
CA ARG F 14 -51.46 5.61 20.40
C ARG F 14 -52.24 5.41 21.70
N HIS F 15 -52.94 4.28 21.84
CA HIS F 15 -53.66 3.96 23.07
C HIS F 15 -52.88 2.94 23.85
N GLU F 16 -52.57 3.27 25.10
CA GLU F 16 -51.68 2.38 25.86
C GLU F 16 -52.38 1.84 27.06
N PRO F 17 -52.60 0.54 27.11
CA PRO F 17 -53.11 -0.10 28.33
C PRO F 17 -52.10 -0.01 29.50
N MET F 18 -52.60 -0.23 30.72
CA MET F 18 -51.79 -0.32 31.92
C MET F 18 -50.97 -1.57 31.84
N ARG F 19 -49.85 -1.65 32.60
CA ARG F 19 -49.04 -2.90 32.63
C ARG F 19 -49.18 -3.49 34.04
N ILE F 20 -50.00 -4.53 34.17
CA ILE F 20 -50.23 -5.10 35.50
C ILE F 20 -49.55 -6.42 35.59
N ALA F 21 -48.37 -6.43 36.25
CA ALA F 21 -47.50 -7.62 36.28
C ALA F 21 -47.32 -8.21 34.89
N GLY F 22 -46.93 -7.38 33.92
CA GLY F 22 -46.81 -7.89 32.54
C GLY F 22 -48.11 -8.06 31.73
N ARG F 23 -49.28 -7.91 32.33
CA ARG F 23 -50.52 -8.14 31.58
C ARG F 23 -51.08 -6.78 31.17
N LEU F 24 -51.54 -6.70 29.92
CA LEU F 24 -52.12 -5.45 29.34
C LEU F 24 -53.52 -5.28 29.86
N VAL F 25 -53.73 -4.27 30.68
CA VAL F 25 -54.99 -4.12 31.33
C VAL F 25 -55.60 -2.81 30.88
N ASP F 26 -56.83 -2.90 30.34
CA ASP F 26 -57.50 -1.77 29.77
C ASP F 26 -58.77 -1.36 30.51
N THR F 27 -59.30 -0.19 30.21
CA THR F 27 -60.47 0.39 30.92
C THR F 27 -61.36 1.08 29.85
N ASP F 28 -62.63 1.37 30.12
CA ASP F 28 -63.39 2.12 29.10
C ASP F 28 -63.13 3.62 29.09
N ASP F 29 -63.19 4.29 30.24
CA ASP F 29 -62.74 5.68 30.24
C ASP F 29 -61.24 5.77 29.87
N ARG F 30 -60.83 6.90 29.32
CA ARG F 30 -59.46 7.06 28.87
C ARG F 30 -58.98 8.35 29.45
N VAL F 31 -57.67 8.47 29.63
CA VAL F 31 -57.05 9.75 29.97
C VAL F 31 -56.27 10.14 28.72
N GLU F 32 -56.43 11.38 28.29
CA GLU F 32 -55.80 11.84 27.08
C GLU F 32 -54.50 12.49 27.49
N VAL F 33 -53.47 12.25 26.71
CA VAL F 33 -52.16 12.85 26.93
C VAL F 33 -51.94 13.77 25.72
N ARG F 34 -51.72 15.02 25.99
CA ARG F 34 -51.58 16.00 24.95
C ARG F 34 -50.13 16.48 24.86
N TYR F 35 -49.72 16.85 23.65
CA TYR F 35 -48.44 17.45 23.41
C TYR F 35 -48.55 18.93 23.65
N PRO F 36 -47.84 19.48 24.65
CA PRO F 36 -48.03 20.89 24.97
C PRO F 36 -47.56 21.87 23.92
N TRP F 37 -46.72 21.47 22.99
CA TRP F 37 -46.34 22.40 21.93
C TRP F 37 -47.55 22.87 21.11
N ASN F 38 -48.51 22.00 20.80
CA ASN F 38 -49.65 22.45 20.02
C ASN F 38 -50.98 21.90 20.54
N ASP F 39 -51.00 21.36 21.76
CA ASP F 39 -52.21 20.93 22.44
C ASP F 39 -52.90 19.74 21.81
N THR F 40 -52.23 18.92 21.03
CA THR F 40 -52.98 17.83 20.43
C THR F 40 -52.75 16.55 21.21
N VAL F 41 -53.77 15.67 21.21
CA VAL F 41 -53.75 14.37 21.88
C VAL F 41 -52.76 13.51 21.14
N VAL F 42 -51.69 13.09 21.80
CA VAL F 42 -50.71 12.17 21.20
C VAL F 42 -50.90 10.76 21.68
N GLY F 43 -51.67 10.60 22.76
CA GLY F 43 -52.01 9.24 23.20
C GLY F 43 -53.08 9.24 24.28
N THR F 44 -53.44 8.02 24.68
CA THR F 44 -54.48 7.71 25.65
C THR F 44 -53.97 6.56 26.54
N VAL F 45 -54.31 6.63 27.84
CA VAL F 45 -54.09 5.56 28.82
C VAL F 45 -55.38 5.32 29.64
N PRO F 46 -55.51 4.15 30.27
CA PRO F 46 -56.66 3.87 31.11
C PRO F 46 -56.92 4.86 32.22
N ALA F 47 -58.21 5.13 32.44
CA ALA F 47 -58.65 5.87 33.64
C ALA F 47 -58.86 4.77 34.71
N GLY F 48 -57.75 4.34 35.29
CA GLY F 48 -57.72 3.21 36.18
C GLY F 48 -58.29 3.62 37.55
N ARG F 49 -58.69 2.62 38.33
CA ARG F 49 -59.28 2.92 39.61
C ARG F 49 -58.62 2.08 40.69
N ALA F 50 -58.97 2.39 41.93
CA ALA F 50 -58.48 1.71 43.11
C ALA F 50 -58.28 0.23 42.90
N GLU F 51 -59.21 -0.46 42.24
CA GLU F 51 -59.01 -1.92 42.20
C GLU F 51 -57.92 -2.38 41.25
N HIS F 52 -57.53 -1.51 40.31
CA HIS F 52 -56.37 -1.81 39.46
C HIS F 52 -55.10 -1.80 40.30
N ALA F 53 -54.85 -0.72 41.05
CA ALA F 53 -53.79 -0.68 42.07
C ALA F 53 -53.89 -1.84 43.10
N ARG F 54 -55.02 -1.98 43.78
CA ARG F 54 -55.25 -3.12 44.68
C ARG F 54 -54.87 -4.47 44.05
N GLU F 55 -55.27 -4.75 42.81
CA GLU F 55 -54.77 -6.01 42.20
C GLU F 55 -53.26 -6.05 41.93
N ALA F 56 -52.64 -4.90 41.62
CA ALA F 56 -51.21 -4.85 41.29
C ALA F 56 -50.43 -5.16 42.60
N PHE F 57 -50.87 -4.52 43.66
CA PHE F 57 -50.32 -4.68 44.97
C PHE F 57 -50.45 -6.07 45.55
N ALA F 58 -51.53 -6.77 45.20
CA ALA F 58 -51.75 -8.11 45.69
C ALA F 58 -50.82 -9.03 45.00
N ILE F 59 -50.57 -8.78 43.72
CA ILE F 59 -49.71 -9.64 42.98
C ILE F 59 -48.26 -9.38 43.49
N ALA F 60 -47.94 -8.09 43.72
CA ALA F 60 -46.65 -7.66 44.23
C ALA F 60 -46.35 -8.39 45.58
N ALA F 61 -47.22 -8.21 46.58
CA ALA F 61 -47.19 -8.94 47.84
C ALA F 61 -46.91 -10.46 47.75
N ALA F 62 -47.64 -11.16 46.90
CA ALA F 62 -47.58 -12.60 46.92
C ALA F 62 -46.38 -13.15 46.17
N TYR F 63 -45.75 -12.33 45.34
CA TYR F 63 -44.59 -12.85 44.60
C TYR F 63 -43.32 -12.59 45.44
N GLN F 64 -42.52 -13.65 45.62
CA GLN F 64 -41.28 -13.61 46.42
C GLN F 64 -40.15 -13.77 45.43
N PRO F 65 -39.45 -12.68 45.09
CA PRO F 65 -38.35 -12.82 44.12
C PRO F 65 -37.17 -13.69 44.61
N LYS F 66 -36.62 -14.51 43.71
CA LYS F 66 -35.50 -15.38 44.03
C LYS F 66 -34.32 -15.07 43.14
N LEU F 67 -34.34 -13.97 42.38
CA LEU F 67 -33.27 -13.66 41.44
C LEU F 67 -31.93 -13.56 42.21
N THR F 68 -30.87 -14.12 41.67
CA THR F 68 -29.57 -13.95 42.29
C THR F 68 -29.09 -12.53 42.01
N ARG F 69 -28.07 -12.10 42.72
CA ARG F 69 -27.52 -10.81 42.40
C ARG F 69 -27.06 -10.75 40.91
N TYR F 70 -26.47 -11.84 40.42
CA TYR F 70 -26.05 -11.88 39.03
C TYR F 70 -27.25 -11.62 38.09
N GLU F 71 -28.40 -12.20 38.38
CA GLU F 71 -29.60 -12.12 37.57
C GLU F 71 -30.13 -10.69 37.59
N ARG F 72 -30.12 -10.08 38.77
CA ARG F 72 -30.49 -8.69 38.85
C ARG F 72 -29.57 -7.85 38.01
N GLN F 73 -28.25 -7.99 38.15
CA GLN F 73 -27.35 -7.15 37.39
C GLN F 73 -27.59 -7.36 35.86
N LYS F 74 -27.78 -8.61 35.46
CA LYS F 74 -28.07 -8.91 34.05
C LYS F 74 -29.31 -8.13 33.52
N ILE F 75 -30.45 -8.19 34.22
CA ILE F 75 -31.65 -7.44 33.87
C ILE F 75 -31.39 -5.90 33.80
N LEU F 76 -30.71 -5.35 34.81
CA LEU F 76 -30.53 -3.89 34.91
C LEU F 76 -29.61 -3.41 33.82
N LEU F 77 -28.58 -4.20 33.53
CA LEU F 77 -27.63 -3.79 32.50
C LEU F 77 -28.18 -3.97 31.04
N ALA F 78 -29.00 -4.99 30.84
CA ALA F 78 -29.66 -5.22 29.60
C ALA F 78 -30.74 -4.09 29.43
N THR F 79 -31.34 -3.64 30.55
CA THR F 79 -32.22 -2.49 30.49
C THR F 79 -31.45 -1.23 30.10
N ALA F 80 -30.27 -1.03 30.69
CA ALA F 80 -29.44 0.09 30.31
C ALA F 80 -29.17 0.00 28.80
N GLU F 81 -28.78 -1.17 28.33
CA GLU F 81 -28.43 -1.33 26.95
C GLU F 81 -29.63 -0.96 26.07
N ALA F 82 -30.86 -1.37 26.48
CA ALA F 82 -32.04 -1.11 25.67
C ALA F 82 -32.32 0.41 25.58
N LEU F 83 -32.09 1.12 26.69
CA LEU F 83 -32.31 2.54 26.78
C LEU F 83 -31.37 3.21 25.77
N ALA F 84 -30.14 2.71 25.67
CA ALA F 84 -29.18 3.29 24.74
C ALA F 84 -29.59 2.99 23.30
N ALA F 85 -29.88 1.73 22.98
CA ALA F 85 -30.30 1.37 21.63
C ALA F 85 -31.59 2.09 21.19
N ARG F 86 -32.49 2.41 22.13
CA ARG F 86 -33.77 2.99 21.76
C ARG F 86 -33.86 4.45 22.13
N LYS F 87 -32.71 5.09 22.29
CA LYS F 87 -32.67 6.42 22.89
C LYS F 87 -33.52 7.45 22.06
N GLU F 88 -33.46 7.36 20.74
CA GLU F 88 -34.23 8.30 19.86
C GLU F 88 -35.79 8.09 20.03
N GLU F 89 -36.18 6.82 20.08
CA GLU F 89 -37.57 6.41 20.23
C GLU F 89 -38.07 6.85 21.62
N ILE F 90 -37.29 6.60 22.66
CA ILE F 90 -37.71 6.98 24.00
C ILE F 90 -37.79 8.52 24.17
N SER F 91 -36.75 9.29 23.79
CA SER F 91 -36.84 10.73 23.93
C SER F 91 -37.99 11.33 23.07
N ASP F 92 -38.28 10.72 21.92
CA ASP F 92 -39.49 11.11 21.18
C ASP F 92 -40.78 11.07 22.07
N VAL F 93 -41.03 9.93 22.72
CA VAL F 93 -42.17 9.72 23.63
C VAL F 93 -42.14 10.75 24.78
N ILE F 94 -40.99 10.99 25.37
CA ILE F 94 -40.86 12.02 26.40
C ILE F 94 -41.22 13.39 25.86
N THR F 95 -40.62 13.76 24.75
CA THR F 95 -40.84 15.10 24.25
C THR F 95 -42.31 15.31 23.81
N LEU F 96 -42.92 14.30 23.20
CA LEU F 96 -44.31 14.35 22.73
C LEU F 96 -45.32 14.49 23.88
N GLU F 97 -45.01 13.98 25.07
CA GLU F 97 -45.91 14.17 26.20
C GLU F 97 -45.52 15.31 27.14
N LEU F 98 -44.26 15.74 27.16
CA LEU F 98 -43.88 16.76 28.11
C LEU F 98 -43.60 18.04 27.41
N GLY F 99 -43.08 17.97 26.19
CA GLY F 99 -42.77 19.24 25.53
C GLY F 99 -41.41 19.86 25.68
N ILE F 100 -40.52 19.18 26.44
CA ILE F 100 -39.11 19.64 26.56
C ILE F 100 -38.40 19.34 25.23
N SER F 101 -37.37 20.12 24.88
CA SER F 101 -36.67 19.90 23.58
C SER F 101 -36.09 18.50 23.52
N LYS F 102 -35.84 17.99 22.31
CA LYS F 102 -35.13 16.76 22.11
C LYS F 102 -33.75 16.71 22.84
N ALA F 103 -33.05 17.82 22.86
CA ALA F 103 -31.76 17.93 23.54
C ALA F 103 -31.95 17.52 25.01
N ASP F 104 -32.98 18.10 25.65
CA ASP F 104 -33.27 17.75 27.05
C ASP F 104 -33.77 16.31 27.21
N SER F 105 -34.63 15.79 26.30
CA SER F 105 -35.15 14.47 26.57
C SER F 105 -34.09 13.40 26.24
N LEU F 106 -33.23 13.70 25.26
CA LEU F 106 -32.05 12.86 24.97
C LEU F 106 -31.13 12.83 26.22
N TYR F 107 -30.87 13.96 26.82
CA TYR F 107 -30.12 14.01 28.05
C TYR F 107 -30.76 13.17 29.18
N GLU F 108 -32.11 13.21 29.28
CA GLU F 108 -32.77 12.44 30.30
C GLU F 108 -32.57 10.92 30.06
N VAL F 109 -32.58 10.47 28.82
CA VAL F 109 -32.38 9.06 28.58
C VAL F 109 -30.94 8.63 29.00
N GLY F 110 -29.94 9.46 28.66
CA GLY F 110 -28.58 9.34 29.20
C GLY F 110 -28.57 9.22 30.74
N ARG F 111 -29.35 10.04 31.46
CA ARG F 111 -29.32 9.86 32.92
C ARG F 111 -29.99 8.51 33.29
N ALA F 112 -31.02 8.10 32.57
CA ALA F 112 -31.65 6.85 33.00
C ALA F 112 -30.72 5.63 32.71
N PHE F 113 -30.03 5.68 31.60
CA PHE F 113 -28.97 4.76 31.30
C PHE F 113 -27.97 4.65 32.49
N ASP F 114 -27.56 5.77 33.04
CA ASP F 114 -26.65 5.79 34.21
C ASP F 114 -27.30 5.21 35.45
N VAL F 115 -28.57 5.58 35.70
CA VAL F 115 -29.26 4.98 36.80
C VAL F 115 -29.26 3.46 36.73
N PHE F 116 -29.66 2.90 35.57
CA PHE F 116 -29.73 1.44 35.53
C PHE F 116 -28.33 0.81 35.59
N THR F 117 -27.36 1.49 34.98
CA THR F 117 -25.99 1.05 35.05
C THR F 117 -25.43 0.99 36.52
N LEU F 118 -25.55 2.07 37.28
CA LEU F 118 -25.08 2.06 38.67
C LEU F 118 -25.87 1.05 39.53
N ALA F 119 -27.17 0.95 39.30
CA ALA F 119 -27.97 -0.02 40.04
C ALA F 119 -27.50 -1.42 39.72
N GLY F 120 -27.18 -1.69 38.47
CA GLY F 120 -26.72 -3.02 38.13
C GLY F 120 -25.34 -3.25 38.76
N GLN F 121 -24.49 -2.24 38.81
CA GLN F 121 -23.17 -2.42 39.40
C GLN F 121 -23.27 -2.55 40.92
N MET F 122 -24.17 -1.81 41.56
CA MET F 122 -24.36 -1.93 43.01
C MET F 122 -24.85 -3.27 43.52
N CYS F 123 -25.49 -4.07 42.67
CA CYS F 123 -25.93 -5.46 43.02
C CYS F 123 -24.88 -6.39 43.51
N ILE F 124 -23.67 -6.23 43.00
CA ILE F 124 -22.62 -7.12 43.38
C ILE F 124 -22.30 -6.84 44.85
N ARG F 125 -22.63 -5.64 45.36
CA ARG F 125 -21.99 -5.15 46.57
C ARG F 125 -22.77 -5.42 47.87
N ASP F 126 -22.09 -5.93 48.89
CA ASP F 126 -22.77 -6.33 50.09
C ASP F 126 -22.26 -5.38 51.16
N ASP F 127 -23.15 -4.53 51.74
CA ASP F 127 -22.72 -3.59 52.80
C ASP F 127 -22.88 -4.17 54.21
N GLY F 128 -23.10 -5.49 54.33
CA GLY F 128 -23.15 -6.12 55.65
C GLY F 128 -22.03 -5.71 56.65
N GLU F 129 -22.36 -5.71 57.95
CA GLU F 129 -21.39 -5.44 58.99
C GLU F 129 -21.30 -6.55 60.01
N ILE F 130 -20.16 -6.58 60.71
CA ILE F 130 -19.90 -7.59 61.78
C ILE F 130 -19.56 -6.80 63.07
N PHE F 131 -20.15 -7.21 64.20
CA PHE F 131 -19.87 -6.67 65.54
C PHE F 131 -19.36 -7.79 66.42
N SER F 132 -18.24 -7.55 67.10
CA SER F 132 -17.79 -8.44 68.17
C SER F 132 -18.50 -7.97 69.48
N CYS F 133 -18.91 -8.89 70.34
CA CYS F 133 -19.82 -8.58 71.43
C CYS F 133 -19.19 -8.49 72.83
N ASP F 134 -17.87 -8.75 72.93
CA ASP F 134 -17.15 -8.84 74.22
C ASP F 134 -16.64 -7.43 74.65
N LEU F 135 -17.55 -6.48 74.77
CA LEU F 135 -17.18 -5.03 74.68
C LEU F 135 -17.35 -4.31 76.02
N THR F 136 -18.01 -4.98 76.94
CA THR F 136 -18.46 -4.35 78.16
C THR F 136 -18.33 -5.44 79.22
N PRO F 137 -18.53 -5.09 80.53
CA PRO F 137 -18.54 -6.14 81.58
C PRO F 137 -19.58 -7.23 81.29
N HIS F 138 -20.69 -6.82 80.65
CA HIS F 138 -21.82 -7.70 80.22
C HIS F 138 -21.54 -8.44 78.90
N GLY F 139 -20.29 -8.56 78.47
CA GLY F 139 -19.99 -9.01 77.09
C GLY F 139 -19.98 -10.51 76.91
N LYS F 140 -20.19 -10.99 75.68
CA LYS F 140 -20.25 -12.44 75.40
C LYS F 140 -19.27 -12.69 74.27
N ALA F 141 -18.76 -13.91 74.19
CA ALA F 141 -17.87 -14.34 73.15
C ALA F 141 -18.81 -14.75 71.95
N ARG F 142 -19.20 -13.78 71.13
CA ARG F 142 -20.29 -13.91 70.18
C ARG F 142 -20.03 -12.88 69.11
N LYS F 143 -20.51 -13.14 67.91
CA LYS F 143 -20.44 -12.14 66.91
C LYS F 143 -21.85 -11.85 66.40
N ILE F 144 -22.11 -10.59 66.08
CA ILE F 144 -23.37 -10.25 65.41
C ILE F 144 -23.03 -9.87 63.97
N PHE F 145 -23.89 -10.30 63.03
CA PHE F 145 -23.77 -10.06 61.61
C PHE F 145 -25.04 -9.36 61.10
N THR F 146 -24.90 -8.53 60.04
CA THR F 146 -26.11 -7.94 59.45
C THR F 146 -26.38 -8.47 58.04
N MET F 147 -27.65 -8.44 57.62
CA MET F 147 -27.96 -8.71 56.18
C MET F 147 -29.24 -7.96 55.85
N ARG F 148 -29.51 -7.75 54.56
CA ARG F 148 -30.69 -7.01 54.12
C ARG F 148 -31.73 -7.92 53.52
N GLU F 149 -33.01 -7.59 53.65
CA GLU F 149 -34.06 -8.36 53.01
C GLU F 149 -35.07 -7.42 52.37
N PRO F 150 -35.77 -7.88 51.32
CA PRO F 150 -36.69 -6.95 50.63
C PRO F 150 -37.99 -6.68 51.39
N LEU F 151 -38.79 -5.71 50.96
CA LEU F 151 -40.07 -5.43 51.60
C LEU F 151 -41.18 -6.27 50.97
N THR F 152 -42.39 -6.16 51.48
CA THR F 152 -43.54 -6.84 50.86
C THR F 152 -43.87 -6.26 49.47
N ALA F 153 -44.12 -4.97 49.45
CA ALA F 153 -44.47 -4.22 48.23
C ALA F 153 -44.11 -2.78 48.41
N ILE F 154 -43.65 -2.11 47.34
CA ILE F 154 -43.32 -0.70 47.38
C ILE F 154 -44.27 0.05 46.46
N SER F 155 -44.68 1.24 46.83
CA SER F 155 -45.58 2.06 46.06
C SER F 155 -44.85 3.33 45.62
N ALA F 156 -44.83 3.60 44.31
CA ALA F 156 -43.99 4.64 43.73
C ALA F 156 -44.89 5.62 43.00
N ILE F 157 -44.78 6.89 43.33
CA ILE F 157 -45.63 7.88 42.74
C ILE F 157 -44.77 8.98 42.16
N THR F 158 -44.85 9.22 40.84
CA THR F 158 -43.84 10.13 40.23
C THR F 158 -44.39 11.38 39.55
N PRO F 159 -43.54 12.43 39.41
CA PRO F 159 -43.97 13.67 38.84
C PRO F 159 -43.78 13.72 37.32
N PHE F 160 -44.07 14.90 36.74
CA PHE F 160 -44.06 15.09 35.30
C PHE F 160 -42.70 15.50 34.75
N ASN F 161 -41.81 15.97 35.58
CA ASN F 161 -40.70 16.70 34.99
C ASN F 161 -39.61 15.78 34.39
N HIS F 162 -39.55 14.51 34.82
CA HIS F 162 -38.64 13.57 34.15
C HIS F 162 -39.41 12.29 34.02
N PRO F 163 -40.20 12.14 32.95
CA PRO F 163 -41.16 11.03 32.89
C PRO F 163 -40.49 9.67 32.88
N LEU F 164 -39.20 9.63 32.50
CA LEU F 164 -38.45 8.36 32.44
C LEU F 164 -37.55 8.23 33.68
N ASN F 165 -36.76 9.24 33.93
CA ASN F 165 -35.74 9.16 34.98
C ASN F 165 -36.24 9.10 36.40
N MET F 166 -37.34 9.81 36.66
CA MET F 166 -38.01 9.69 37.96
C MET F 166 -38.54 8.29 38.21
N VAL F 167 -38.99 7.58 37.16
CA VAL F 167 -39.39 6.16 37.24
C VAL F 167 -38.17 5.25 37.42
N ALA F 168 -37.15 5.42 36.57
CA ALA F 168 -35.91 4.77 36.70
C ALA F 168 -35.35 4.77 38.20
N HIS F 169 -35.27 5.93 38.85
CA HIS F 169 -34.79 6.11 40.22
C HIS F 169 -35.62 5.37 41.28
N LYS F 170 -36.89 5.10 40.98
CA LYS F 170 -37.73 4.35 41.90
C LYS F 170 -37.63 2.86 41.63
N VAL F 171 -37.66 2.47 40.37
CA VAL F 171 -37.75 1.10 39.95
C VAL F 171 -36.37 0.36 39.95
N ALA F 172 -35.31 1.03 39.45
CA ALA F 172 -33.97 0.41 39.40
C ALA F 172 -33.50 -0.12 40.79
N PRO F 173 -33.58 0.72 41.84
CA PRO F 173 -33.18 0.23 43.15
C PRO F 173 -34.10 -0.82 43.70
N ALA F 174 -35.40 -0.81 43.32
CA ALA F 174 -36.31 -1.91 43.74
C ALA F 174 -35.93 -3.23 43.14
N ILE F 175 -35.64 -3.22 41.85
CA ILE F 175 -35.23 -4.42 41.22
C ILE F 175 -33.95 -4.99 41.82
N ALA F 176 -32.99 -4.10 42.01
CA ALA F 176 -31.69 -4.46 42.55
C ALA F 176 -31.77 -5.08 43.91
N THR F 177 -32.84 -4.81 44.65
CA THR F 177 -33.03 -5.37 45.99
C THR F 177 -34.08 -6.49 46.10
N ASN F 178 -34.53 -6.99 44.94
CA ASN F 178 -35.54 -8.05 44.93
C ASN F 178 -36.93 -7.64 45.49
N ASN F 179 -37.26 -6.37 45.34
CA ASN F 179 -38.56 -5.89 45.77
C ASN F 179 -39.58 -5.94 44.61
N CYS F 180 -40.86 -5.80 44.89
CA CYS F 180 -41.94 -5.69 43.86
C CYS F 180 -42.56 -4.28 43.95
N VAL F 181 -42.59 -3.56 42.85
CA VAL F 181 -42.95 -2.17 42.94
C VAL F 181 -44.14 -1.88 42.02
N VAL F 182 -44.99 -0.92 42.43
CA VAL F 182 -46.09 -0.53 41.64
C VAL F 182 -45.92 0.92 41.44
N VAL F 183 -45.87 1.32 40.17
CA VAL F 183 -45.70 2.74 39.88
C VAL F 183 -47.03 3.38 39.46
N LYS F 184 -47.31 4.60 39.93
CA LYS F 184 -48.38 5.44 39.38
C LYS F 184 -47.78 6.73 38.86
N PRO F 185 -47.44 6.77 37.53
CA PRO F 185 -46.89 8.01 36.97
C PRO F 185 -47.96 9.09 36.92
N THR F 186 -47.54 10.31 36.74
CA THR F 186 -48.47 11.41 36.66
C THR F 186 -49.33 11.22 35.45
N GLU F 187 -50.59 11.59 35.57
CA GLU F 187 -51.53 11.47 34.43
C GLU F 187 -51.10 12.36 33.25
N LEU F 188 -50.21 13.33 33.49
CA LEU F 188 -49.71 14.28 32.42
C LEU F 188 -48.64 13.68 31.48
N THR F 189 -47.87 12.71 31.97
CA THR F 189 -46.79 12.09 31.18
C THR F 189 -46.66 10.63 31.58
N PRO F 190 -47.67 9.81 31.28
CA PRO F 190 -47.61 8.41 31.70
C PRO F 190 -47.03 7.46 30.66
N MET F 191 -46.96 7.88 29.38
CA MET F 191 -46.59 6.94 28.33
C MET F 191 -45.14 6.48 28.47
N THR F 192 -44.27 7.37 28.90
CA THR F 192 -42.86 6.99 29.08
C THR F 192 -42.74 5.89 30.16
N ALA F 193 -43.53 5.96 31.24
CA ALA F 193 -43.45 4.89 32.27
C ALA F 193 -43.91 3.56 31.73
N LEU F 194 -44.93 3.55 30.86
CA LEU F 194 -45.45 2.26 30.36
C LEU F 194 -44.42 1.62 29.43
N LEU F 195 -43.77 2.43 28.60
CA LEU F 195 -42.70 1.98 27.69
C LEU F 195 -41.48 1.41 28.47
N LEU F 196 -41.06 2.11 29.52
CA LEU F 196 -40.01 1.56 30.38
C LEU F 196 -40.39 0.20 30.91
N ALA F 197 -41.68 0.00 31.30
CA ALA F 197 -42.06 -1.30 31.82
C ALA F 197 -41.90 -2.36 30.73
N ASP F 198 -42.25 -2.04 29.48
CA ASP F 198 -42.14 -3.04 28.37
C ASP F 198 -40.70 -3.44 28.22
N ILE F 199 -39.85 -2.42 28.26
CA ILE F 199 -38.39 -2.63 28.11
C ILE F 199 -37.86 -3.53 29.21
N LEU F 200 -38.35 -3.31 30.44
CA LEU F 200 -37.98 -4.11 31.58
C LEU F 200 -38.47 -5.58 31.48
N TYR F 201 -39.76 -5.81 31.18
CA TYR F 201 -40.24 -7.19 30.91
C TYR F 201 -39.37 -7.86 29.84
N GLU F 202 -39.10 -7.12 28.79
CA GLU F 202 -38.27 -7.65 27.70
C GLU F 202 -36.82 -7.97 28.08
N ALA F 203 -36.23 -7.16 28.98
CA ALA F 203 -34.89 -7.43 29.54
C ALA F 203 -34.88 -8.59 30.53
N GLY F 204 -36.00 -9.23 30.76
CA GLY F 204 -35.95 -10.42 31.59
C GLY F 204 -36.55 -10.32 32.97
N LEU F 205 -37.09 -9.15 33.34
CA LEU F 205 -37.62 -8.90 34.69
C LEU F 205 -38.80 -9.84 34.91
N PRO F 206 -38.83 -10.64 36.01
CA PRO F 206 -40.11 -11.33 36.37
C PRO F 206 -41.25 -10.35 36.53
N PRO F 207 -42.28 -10.55 35.70
CA PRO F 207 -43.35 -9.54 35.48
C PRO F 207 -44.02 -9.06 36.77
N GLU F 208 -44.17 -9.99 37.73
CA GLU F 208 -44.79 -9.69 39.04
C GLU F 208 -44.01 -8.61 39.77
N MET F 209 -42.74 -8.44 39.42
CA MET F 209 -41.89 -7.44 40.13
C MET F 209 -42.22 -6.00 39.74
N LEU F 210 -43.01 -5.80 38.68
CA LEU F 210 -43.37 -4.44 38.26
C LEU F 210 -44.79 -4.27 37.70
N SER F 211 -45.49 -3.25 38.17
CA SER F 211 -46.73 -2.88 37.54
C SER F 211 -46.72 -1.38 37.38
N VAL F 212 -47.28 -0.91 36.26
CA VAL F 212 -47.47 0.51 36.04
C VAL F 212 -48.97 0.77 35.86
N VAL F 213 -49.55 1.59 36.72
CA VAL F 213 -50.97 1.82 36.69
C VAL F 213 -51.23 3.27 36.41
N THR F 214 -52.31 3.60 35.70
CA THR F 214 -52.61 4.99 35.38
C THR F 214 -54.02 5.39 35.79
N GLY F 215 -54.27 6.70 35.92
CA GLY F 215 -55.66 7.19 36.07
C GLY F 215 -55.62 8.52 36.76
N TRP F 216 -56.79 9.09 37.08
CA TRP F 216 -56.87 10.37 37.80
C TRP F 216 -56.47 10.17 39.24
N PRO F 217 -55.82 11.15 39.87
CA PRO F 217 -55.44 10.92 41.28
C PRO F 217 -56.68 10.81 42.20
N ALA F 218 -57.88 11.07 41.66
CA ALA F 218 -59.15 10.93 42.40
C ALA F 218 -59.64 9.47 42.43
N ASP F 219 -59.43 8.73 41.35
CA ASP F 219 -59.79 7.33 41.39
C ASP F 219 -58.74 6.38 42.04
N ILE F 220 -57.45 6.71 41.88
CA ILE F 220 -56.40 5.72 42.11
C ILE F 220 -55.32 6.17 43.08
N GLY F 221 -55.20 7.47 43.27
CA GLY F 221 -54.14 8.01 44.08
C GLY F 221 -54.16 7.50 45.52
N MET F 222 -55.34 7.39 46.12
CA MET F 222 -55.44 7.08 47.54
C MET F 222 -55.04 5.63 47.79
N GLU F 223 -55.45 4.74 46.89
CA GLU F 223 -55.08 3.35 46.94
C GLU F 223 -53.54 3.11 46.89
N MET F 224 -52.80 4.01 46.22
CA MET F 224 -51.32 3.99 46.25
C MET F 224 -50.76 4.29 47.64
N ILE F 225 -51.43 5.14 48.42
CA ILE F 225 -50.97 5.64 49.75
C ILE F 225 -51.36 4.72 50.91
N THR F 226 -52.24 3.75 50.61
CA THR F 226 -53.24 3.25 51.56
C THR F 226 -53.42 1.77 51.46
N ASN F 227 -53.13 1.18 50.32
CA ASN F 227 -53.28 -0.25 50.18
C ASN F 227 -52.57 -0.94 51.35
N PRO F 228 -53.16 -2.03 51.90
CA PRO F 228 -52.54 -2.64 53.07
C PRO F 228 -51.20 -3.39 52.82
N HIS F 229 -50.92 -3.85 51.59
CA HIS F 229 -49.67 -4.60 51.35
C HIS F 229 -48.41 -3.77 51.26
N VAL F 230 -48.59 -2.46 51.16
CA VAL F 230 -47.52 -1.52 50.91
C VAL F 230 -46.68 -1.25 52.15
N ASP F 231 -45.38 -1.58 52.09
CA ASP F 231 -44.46 -1.29 53.22
C ASP F 231 -43.85 0.07 53.12
N LEU F 232 -43.76 0.56 51.90
CA LEU F 232 -43.09 1.83 51.67
C LEU F 232 -43.70 2.56 50.49
N VAL F 233 -43.89 3.86 50.70
CA VAL F 233 -44.31 4.73 49.70
C VAL F 233 -43.14 5.66 49.38
N THR F 234 -42.77 5.73 48.12
CA THR F 234 -41.80 6.77 47.73
C THR F 234 -42.40 7.76 46.75
N PHE F 235 -42.29 9.05 47.07
CA PHE F 235 -43.02 10.06 46.37
C PHE F 235 -42.14 11.23 46.04
N THR F 236 -42.22 11.69 44.79
CA THR F 236 -41.54 12.92 44.41
C THR F 236 -42.61 13.76 43.79
N GLY F 237 -42.71 15.00 44.23
CA GLY F 237 -43.85 15.85 43.82
C GLY F 237 -43.91 17.15 44.56
N SER F 238 -45.06 17.82 44.51
CA SER F 238 -45.12 19.20 44.97
C SER F 238 -45.32 19.16 46.48
N VAL F 239 -44.94 20.25 47.14
CA VAL F 239 -45.14 20.39 48.62
C VAL F 239 -46.55 20.02 49.07
N PRO F 240 -47.61 20.61 48.46
CA PRO F 240 -49.00 20.26 48.84
C PRO F 240 -49.42 18.82 48.70
N VAL F 241 -49.07 18.14 47.61
CA VAL F 241 -49.44 16.73 47.53
C VAL F 241 -48.63 15.93 48.57
N GLY F 242 -47.41 16.39 48.82
CA GLY F 242 -46.54 15.79 49.83
C GLY F 242 -47.20 15.75 51.21
N LYS F 243 -47.84 16.85 51.59
CA LYS F 243 -48.46 16.94 52.93
C LYS F 243 -49.67 16.06 52.99
N LEU F 244 -50.40 16.04 51.88
CA LEU F 244 -51.56 15.19 51.73
C LEU F 244 -51.23 13.72 51.95
N ILE F 245 -50.09 13.29 51.42
CA ILE F 245 -49.74 11.88 51.51
C ILE F 245 -49.25 11.54 52.93
N ALA F 246 -48.43 12.43 53.48
CA ALA F 246 -47.91 12.29 54.85
C ALA F 246 -49.04 12.13 55.89
N ALA F 247 -50.03 13.01 55.76
CA ALA F 247 -51.22 13.01 56.59
C ALA F 247 -51.94 11.67 56.49
N ASN F 248 -51.87 11.01 55.33
CA ASN F 248 -52.63 9.81 55.14
C ASN F 248 -51.84 8.51 55.09
N ALA F 249 -50.53 8.56 55.29
CA ALA F 249 -49.70 7.37 55.01
C ALA F 249 -49.58 6.50 56.25
N HIS F 250 -49.47 7.18 57.39
CA HIS F 250 -49.54 6.57 58.75
C HIS F 250 -48.42 5.64 59.13
N TYR F 251 -48.73 4.35 59.12
CA TYR F 251 -47.78 3.36 59.61
C TYR F 251 -46.98 2.72 58.49
N LYS F 252 -46.79 3.49 57.44
CA LYS F 252 -45.94 3.05 56.38
C LYS F 252 -44.72 3.94 56.51
N ARG F 253 -43.58 3.43 56.07
CA ARG F 253 -42.49 4.34 55.79
C ARG F 253 -42.86 5.18 54.55
N GLN F 254 -42.42 6.42 54.53
CA GLN F 254 -42.70 7.34 53.43
C GLN F 254 -41.38 8.00 53.10
N VAL F 255 -41.03 8.00 51.83
CA VAL F 255 -39.89 8.81 51.44
C VAL F 255 -40.48 9.89 50.57
N LEU F 256 -40.39 11.14 51.03
CA LEU F 256 -41.07 12.26 50.33
C LEU F 256 -40.08 13.32 49.85
N GLU F 257 -40.06 13.59 48.55
CA GLU F 257 -39.11 14.57 48.04
C GLU F 257 -39.91 15.60 47.34
N LEU F 258 -39.84 16.83 47.82
CA LEU F 258 -40.83 17.84 47.47
C LEU F 258 -40.09 18.98 46.83
N GLY F 259 -40.72 20.14 46.73
CA GLY F 259 -40.15 21.18 45.88
C GLY F 259 -38.79 21.71 46.27
N GLY F 260 -38.15 22.42 45.37
CA GLY F 260 -36.87 23.04 45.67
C GLY F 260 -37.04 24.45 45.18
N ASN F 261 -36.10 25.30 45.54
CA ASN F 261 -36.11 26.70 45.16
C ASN F 261 -34.68 27.14 45.37
N ASP F 262 -33.79 26.68 44.48
CA ASP F 262 -32.38 26.77 44.83
C ASP F 262 -31.68 27.98 44.25
N PRO F 263 -30.72 28.48 45.03
CA PRO F 263 -29.96 29.63 44.68
C PRO F 263 -28.65 29.29 43.98
N LEU F 264 -28.21 30.18 43.11
CA LEU F 264 -26.85 30.22 42.66
C LEU F 264 -26.30 31.54 43.15
N ILE F 265 -25.33 31.46 44.04
CA ILE F 265 -24.86 32.65 44.72
C ILE F 265 -23.59 33.10 44.05
N ILE F 266 -23.47 34.39 43.74
CA ILE F 266 -22.33 34.90 43.04
C ILE F 266 -21.63 35.84 43.99
N LEU F 267 -20.42 35.51 44.36
CA LEU F 267 -19.76 36.32 45.37
C LEU F 267 -18.87 37.39 44.74
N ASN F 268 -18.63 38.44 45.50
CA ASN F 268 -17.95 39.60 44.96
C ASN F 268 -16.45 39.47 44.80
N ASP F 269 -15.83 38.30 45.07
CA ASP F 269 -14.39 38.20 44.80
C ASP F 269 -14.02 37.84 43.34
N LEU F 270 -14.99 37.62 42.46
CA LEU F 270 -14.72 37.07 41.13
C LEU F 270 -14.18 38.13 40.14
N SER F 271 -13.17 37.75 39.36
CA SER F 271 -12.71 38.49 38.21
C SER F 271 -13.81 38.61 37.10
N ASP F 272 -13.55 39.43 36.09
CA ASP F 272 -14.48 39.48 34.95
C ASP F 272 -14.57 38.16 34.20
N ASP F 273 -13.45 37.47 34.00
CA ASP F 273 -13.51 36.10 33.45
C ASP F 273 -14.38 35.10 34.22
N ASP F 274 -14.31 35.16 35.56
CA ASP F 274 -15.08 34.22 36.40
C ASP F 274 -16.59 34.50 36.31
N LEU F 275 -16.90 35.79 36.13
CA LEU F 275 -18.31 36.20 36.06
C LEU F 275 -18.93 35.67 34.81
N ALA F 276 -18.15 35.66 33.71
CA ALA F 276 -18.59 35.00 32.46
C ALA F 276 -18.94 33.50 32.67
N ARG F 277 -18.03 32.75 33.29
CA ARG F 277 -18.23 31.34 33.67
C ARG F 277 -19.46 31.21 34.57
N ALA F 278 -19.62 32.14 35.54
CA ALA F 278 -20.80 32.08 36.42
C ALA F 278 -22.08 32.41 35.63
N ALA F 279 -22.00 33.33 34.67
CA ALA F 279 -23.16 33.63 33.80
C ALA F 279 -23.57 32.39 33.03
N ASP F 280 -22.61 31.58 32.58
CA ASP F 280 -22.93 30.32 31.88
C ASP F 280 -23.72 29.37 32.73
N LEU F 281 -23.32 29.24 33.99
CA LEU F 281 -23.95 28.26 34.86
C LEU F 281 -25.31 28.79 35.20
N ALA F 282 -25.41 30.11 35.47
CA ALA F 282 -26.72 30.73 35.74
C ALA F 282 -27.72 30.47 34.63
N VAL F 283 -27.36 30.71 33.37
CA VAL F 283 -28.32 30.49 32.28
C VAL F 283 -28.64 29.00 32.09
N ALA F 284 -27.61 28.16 32.07
CA ALA F 284 -27.88 26.72 31.93
C ALA F 284 -28.77 26.21 33.10
N GLY F 285 -28.44 26.62 34.31
CA GLY F 285 -29.11 26.14 35.52
C GLY F 285 -30.57 26.57 35.63
N ALA F 286 -30.83 27.79 35.21
CA ALA F 286 -32.18 28.36 35.15
C ALA F 286 -33.07 27.81 34.06
N THR F 287 -32.48 27.27 32.97
CA THR F 287 -33.29 26.89 31.76
C THR F 287 -33.28 25.41 31.36
N LYS F 288 -32.28 24.64 31.83
CA LYS F 288 -32.27 23.21 31.54
C LYS F 288 -33.60 22.55 31.91
N ASN F 289 -34.04 21.59 31.07
CA ASN F 289 -35.36 20.97 31.16
C ASN F 289 -36.54 21.98 31.23
N SER F 290 -36.40 23.13 30.55
CA SER F 290 -37.36 24.24 30.62
C SER F 290 -37.55 24.69 32.08
N GLY F 291 -36.45 24.69 32.84
CA GLY F 291 -36.43 25.12 34.26
C GLY F 291 -37.17 24.18 35.18
N GLN F 292 -37.69 23.08 34.64
CA GLN F 292 -38.49 22.08 35.37
C GLN F 292 -37.65 20.98 36.08
N ARG F 293 -36.89 21.39 37.09
CA ARG F 293 -36.10 20.51 37.91
C ARG F 293 -36.27 21.04 39.32
N CYS F 294 -36.33 20.13 40.29
CA CYS F 294 -36.44 20.59 41.65
C CYS F 294 -35.19 21.37 42.06
N THR F 295 -34.04 21.01 41.46
CA THR F 295 -32.77 21.69 41.68
C THR F 295 -32.36 22.71 40.61
N ALA F 296 -33.36 23.18 39.83
CA ALA F 296 -33.18 24.28 38.89
C ALA F 296 -32.67 25.50 39.63
N VAL F 297 -31.79 26.31 39.02
CA VAL F 297 -31.54 27.64 39.54
C VAL F 297 -32.87 28.46 39.48
N LYS F 298 -33.36 28.89 40.66
CA LYS F 298 -34.64 29.62 40.71
C LYS F 298 -34.43 31.02 41.31
N ARG F 299 -33.22 31.25 41.82
CA ARG F 299 -32.84 32.51 42.33
C ARG F 299 -31.38 32.66 42.05
N ILE F 300 -30.99 33.71 41.35
CA ILE F 300 -29.61 34.02 41.26
C ILE F 300 -29.33 35.14 42.22
N LEU F 301 -28.62 34.86 43.33
CA LEU F 301 -28.25 35.91 44.33
C LEU F 301 -26.89 36.42 44.03
N CYS F 302 -26.83 37.67 43.58
CA CYS F 302 -25.62 38.24 43.09
C CYS F 302 -25.24 39.41 43.99
N GLN F 303 -24.05 39.35 44.56
CA GLN F 303 -23.63 40.38 45.48
C GLN F 303 -23.49 41.69 44.74
N GLU F 304 -23.93 42.77 45.38
CA GLU F 304 -24.17 44.03 44.71
C GLU F 304 -22.95 44.56 43.93
N SER F 305 -21.76 44.53 44.52
CA SER F 305 -20.66 45.17 43.86
C SER F 305 -20.17 44.47 42.58
N VAL F 306 -20.74 43.31 42.21
CA VAL F 306 -20.36 42.71 40.94
C VAL F 306 -21.60 42.58 40.06
N ALA F 307 -22.78 42.94 40.57
CA ALA F 307 -24.01 42.81 39.76
C ALA F 307 -24.03 43.59 38.44
N ASP F 308 -23.40 44.76 38.37
CA ASP F 308 -23.48 45.52 37.11
C ASP F 308 -22.61 44.84 36.02
N ARG F 309 -21.51 44.20 36.44
CA ARG F 309 -20.66 43.43 35.54
C ARG F 309 -21.28 42.10 35.16
N PHE F 310 -21.95 41.43 36.10
CA PHE F 310 -22.56 40.13 35.88
C PHE F 310 -23.85 40.07 35.00
N VAL F 311 -24.79 40.96 35.25
CA VAL F 311 -26.09 40.92 34.60
C VAL F 311 -25.99 41.03 33.10
N PRO F 312 -25.12 41.90 32.58
CA PRO F 312 -25.11 41.89 31.11
C PRO F 312 -24.46 40.63 30.53
N LEU F 313 -23.55 39.98 31.26
CA LEU F 313 -23.05 38.68 30.76
C LEU F 313 -24.16 37.65 30.78
N VAL F 314 -25.00 37.65 31.80
CA VAL F 314 -26.15 36.74 31.79
C VAL F 314 -27.09 37.07 30.62
N LEU F 315 -27.38 38.34 30.43
CA LEU F 315 -28.34 38.73 29.38
C LEU F 315 -27.84 38.31 28.00
N GLU F 316 -26.57 38.59 27.74
CA GLU F 316 -26.01 38.18 26.47
C GLU F 316 -26.15 36.66 26.30
N ARG F 317 -25.96 35.85 27.34
CA ARG F 317 -26.07 34.38 27.11
C ARG F 317 -27.51 33.89 27.00
N ALA F 318 -28.41 34.51 27.77
CA ALA F 318 -29.85 34.19 27.63
C ALA F 318 -30.40 34.44 26.20
N LYS F 319 -29.91 35.45 25.52
CA LYS F 319 -30.44 35.82 24.19
C LYS F 319 -30.04 34.86 23.10
N ARG F 320 -28.96 34.12 23.33
CA ARG F 320 -28.54 33.11 22.42
C ARG F 320 -29.42 31.91 22.38
N LEU F 321 -30.16 31.64 23.46
CA LEU F 321 -30.90 30.38 23.52
C LEU F 321 -32.01 30.37 22.47
N ARG F 322 -32.21 29.25 21.79
CA ARG F 322 -33.28 29.20 20.86
C ARG F 322 -34.39 28.40 21.51
N PHE F 323 -35.59 29.01 21.58
CA PHE F 323 -36.78 28.39 22.17
C PHE F 323 -37.78 28.21 21.03
N GLY F 324 -38.50 27.11 20.96
CA GLY F 324 -39.35 26.86 19.82
C GLY F 324 -39.59 25.39 19.76
N ASP F 325 -39.72 24.89 18.55
CA ASP F 325 -40.21 23.52 18.31
C ASP F 325 -39.32 22.50 19.03
N PRO F 326 -39.93 21.68 19.93
CA PRO F 326 -39.05 20.84 20.74
C PRO F 326 -38.59 19.61 20.00
N MET F 327 -39.30 19.20 18.93
CA MET F 327 -38.81 18.17 18.07
C MET F 327 -37.59 18.52 17.17
N ASP F 328 -37.24 19.80 17.13
CA ASP F 328 -36.06 20.21 16.36
C ASP F 328 -34.83 20.02 17.26
N ARG F 329 -33.88 19.22 16.79
CA ARG F 329 -32.66 19.01 17.59
C ARG F 329 -31.80 20.23 17.79
N SER F 330 -32.01 21.30 17.03
CA SER F 330 -31.25 22.48 17.32
C SER F 330 -31.94 23.37 18.32
N THR F 331 -33.13 23.01 18.75
CA THR F 331 -33.80 23.88 19.77
C THR F 331 -33.15 23.63 21.12
N ASP F 332 -32.89 24.71 21.86
CA ASP F 332 -32.42 24.62 23.24
C ASP F 332 -33.57 24.47 24.26
N LEU F 333 -34.64 25.27 24.11
CA LEU F 333 -35.68 25.39 25.15
C LEU F 333 -36.99 25.08 24.45
N GLY F 334 -37.61 23.98 24.88
CA GLY F 334 -38.97 23.59 24.52
C GLY F 334 -39.99 24.30 25.42
N THR F 335 -41.17 23.72 25.56
CA THR F 335 -42.25 24.40 26.33
C THR F 335 -42.13 23.98 27.80
N VAL F 336 -42.92 24.61 28.67
CA VAL F 336 -43.19 24.06 29.99
C VAL F 336 -44.35 23.11 29.85
N ILE F 337 -44.78 22.48 30.95
CA ILE F 337 -45.77 21.40 30.85
C ILE F 337 -47.16 21.78 30.26
N HIS F 338 -47.62 23.01 30.50
CA HIS F 338 -48.89 23.47 29.90
C HIS F 338 -49.04 24.98 29.90
N GLU F 339 -49.99 25.49 29.13
CA GLU F 339 -50.40 26.91 29.07
C GLU F 339 -50.61 27.53 30.47
N LYS F 340 -51.39 26.86 31.30
CA LYS F 340 -51.65 27.41 32.64
C LYS F 340 -50.32 27.67 33.45
N ALA F 341 -49.35 26.74 33.41
CA ALA F 341 -48.12 27.00 34.19
C ALA F 341 -47.41 28.16 33.61
N ALA F 342 -47.34 28.22 32.29
CA ALA F 342 -46.62 29.31 31.63
C ALA F 342 -47.17 30.68 31.94
N ALA F 343 -48.52 30.85 31.80
CA ALA F 343 -49.20 32.11 32.21
C ALA F 343 -48.88 32.42 33.68
N LEU F 344 -48.91 31.41 34.55
CA LEU F 344 -48.57 31.73 35.96
C LEU F 344 -47.18 32.30 36.16
N PHE F 345 -46.20 31.64 35.53
CA PHE F 345 -44.84 32.10 35.65
C PHE F 345 -44.75 33.50 35.08
N GLU F 346 -45.44 33.74 33.97
CA GLU F 346 -45.34 35.08 33.36
C GLU F 346 -45.96 36.17 34.28
N GLU F 347 -47.10 35.90 34.89
CA GLU F 347 -47.66 36.85 35.91
C GLU F 347 -46.70 37.19 37.06
N ARG F 348 -46.01 36.17 37.55
CA ARG F 348 -45.04 36.36 38.63
C ARG F 348 -43.98 37.32 38.20
N VAL F 349 -43.65 37.28 36.90
CA VAL F 349 -42.64 38.21 36.37
C VAL F 349 -43.20 39.61 36.34
N MET F 350 -44.38 39.73 35.73
CA MET F 350 -45.04 41.04 35.69
C MET F 350 -45.27 41.62 37.11
N ARG F 351 -45.70 40.79 38.07
CA ARG F 351 -45.82 41.33 39.43
C ARG F 351 -44.49 41.79 40.00
N ALA F 352 -43.40 41.07 39.73
CA ALA F 352 -42.14 41.44 40.36
C ALA F 352 -41.69 42.79 39.81
N ALA F 353 -41.97 42.99 38.52
CA ALA F 353 -41.67 44.28 37.88
C ALA F 353 -42.48 45.40 38.58
N GLU F 354 -43.77 45.17 38.82
CA GLU F 354 -44.50 46.15 39.61
C GLU F 354 -43.97 46.35 41.03
N GLU F 355 -43.26 45.39 41.61
CA GLU F 355 -42.72 45.61 42.95
C GLU F 355 -41.28 46.09 42.94
N GLY F 356 -40.76 46.49 41.79
CA GLY F 356 -39.39 46.98 41.78
C GLY F 356 -38.44 46.26 40.78
N ALA F 357 -38.87 45.14 40.20
CA ALA F 357 -37.98 44.40 39.24
C ALA F 357 -37.86 45.05 37.84
N ASP F 358 -36.72 44.78 37.22
CA ASP F 358 -36.31 45.32 35.93
C ASP F 358 -36.31 44.18 34.89
N ILE F 359 -37.36 44.06 34.07
CA ILE F 359 -37.37 43.05 33.03
C ILE F 359 -36.40 43.42 31.93
N LEU F 360 -35.50 42.50 31.60
CA LEU F 360 -34.47 42.84 30.67
C LEU F 360 -34.59 42.10 29.36
N TYR F 361 -35.25 40.98 29.36
CA TYR F 361 -35.44 40.28 28.13
C TYR F 361 -36.74 39.55 28.32
N HIS F 362 -37.66 39.75 27.39
CA HIS F 362 -38.96 39.08 27.42
C HIS F 362 -39.56 39.08 26.02
N PRO F 363 -39.12 38.19 25.13
CA PRO F 363 -39.69 38.28 23.80
C PRO F 363 -41.13 37.82 23.64
N GLY F 364 -41.83 37.41 24.69
CA GLY F 364 -43.24 37.11 24.48
C GLY F 364 -43.51 35.63 24.52
N ARG F 365 -44.51 35.29 25.30
CA ARG F 365 -44.92 33.94 25.58
C ARG F 365 -45.83 33.54 24.45
N SER F 366 -45.87 32.27 24.13
CA SER F 366 -46.76 31.80 23.13
C SER F 366 -47.34 30.47 23.60
N GLY F 367 -48.52 30.51 24.27
CA GLY F 367 -49.10 29.25 24.72
C GLY F 367 -48.26 28.68 25.87
N ALA F 368 -47.87 27.40 25.77
CA ALA F 368 -46.98 26.76 26.77
C ALA F 368 -45.48 27.02 26.52
N LEU F 369 -45.15 27.72 25.43
CA LEU F 369 -43.78 28.19 25.17
C LEU F 369 -43.36 29.51 25.83
N LEU F 370 -42.53 29.44 26.85
CA LEU F 370 -42.06 30.58 27.55
C LEU F 370 -40.58 30.82 27.17
N PRO F 371 -40.19 32.07 26.83
CA PRO F 371 -38.81 32.30 26.50
C PRO F 371 -37.97 32.40 27.77
N PRO F 372 -36.64 32.34 27.64
CA PRO F 372 -35.90 32.46 28.88
C PRO F 372 -35.89 33.86 29.44
N ILE F 373 -36.97 34.28 30.10
CA ILE F 373 -37.05 35.65 30.64
C ILE F 373 -36.00 36.04 31.69
N VAL F 374 -35.32 37.16 31.44
CA VAL F 374 -34.28 37.62 32.33
C VAL F 374 -34.83 38.83 33.06
N VAL F 375 -34.80 38.81 34.41
CA VAL F 375 -35.29 39.92 35.26
C VAL F 375 -34.26 40.25 36.31
N ASP F 376 -33.90 41.52 36.44
CA ASP F 376 -32.87 41.96 37.39
C ASP F 376 -33.56 42.70 38.53
N ARG F 377 -32.81 42.96 39.59
CA ARG F 377 -33.31 43.61 40.78
C ARG F 377 -34.60 43.01 41.31
N VAL F 378 -34.72 41.67 41.33
CA VAL F 378 -35.92 41.05 41.85
C VAL F 378 -35.98 41.20 43.41
N PRO F 379 -37.12 41.71 43.98
CA PRO F 379 -37.24 41.72 45.45
C PRO F 379 -37.25 40.27 45.95
N HIS F 380 -36.50 39.97 47.00
CA HIS F 380 -36.45 38.56 47.49
C HIS F 380 -37.76 38.03 48.00
N GLN F 381 -38.69 38.93 48.32
CA GLN F 381 -39.99 38.53 48.90
C GLN F 381 -41.02 38.38 47.79
N SER F 382 -40.72 38.73 46.53
CA SER F 382 -41.73 38.57 45.46
C SER F 382 -42.00 37.15 45.24
N ASP F 383 -43.22 36.83 44.84
CA ASP F 383 -43.59 35.44 44.59
C ASP F 383 -42.71 34.74 43.55
N LEU F 384 -42.21 35.49 42.57
CA LEU F 384 -41.34 34.93 41.55
C LEU F 384 -40.27 34.03 42.19
N VAL F 385 -39.58 34.56 43.21
CA VAL F 385 -38.46 33.92 43.88
C VAL F 385 -38.73 33.38 45.29
N LEU F 386 -39.81 33.82 45.93
CA LEU F 386 -40.17 33.32 47.25
C LEU F 386 -40.93 31.99 47.13
N GLU F 387 -41.84 31.88 46.17
CA GLU F 387 -42.44 30.59 45.91
C GLU F 387 -41.53 29.83 44.89
N GLU F 388 -41.78 28.55 44.65
CA GLU F 388 -41.13 27.83 43.55
C GLU F 388 -41.82 28.12 42.17
N THR F 389 -41.06 28.68 41.23
CA THR F 389 -41.48 28.99 39.86
C THR F 389 -40.75 28.03 38.94
N PHE F 390 -41.49 27.01 38.54
CA PHE F 390 -40.91 25.79 37.94
C PHE F 390 -40.76 26.05 36.44
N GLY F 391 -40.11 27.10 36.07
CA GLY F 391 -40.03 27.40 34.64
C GLY F 391 -38.74 28.10 34.32
N PRO F 392 -38.56 28.48 33.04
CA PRO F 392 -37.22 28.93 32.60
C PRO F 392 -36.95 30.42 32.82
N ILE F 393 -37.41 30.93 33.95
CA ILE F 393 -37.05 32.30 34.36
C ILE F 393 -35.62 32.37 34.87
N ILE F 394 -34.96 33.47 34.55
CA ILE F 394 -33.59 33.74 34.96
C ILE F 394 -33.68 34.98 35.84
N PRO F 395 -33.96 34.83 37.15
CA PRO F 395 -34.14 36.02 37.97
C PRO F 395 -32.95 36.34 38.88
N ILE F 396 -32.38 37.51 38.69
CA ILE F 396 -31.31 37.99 39.54
C ILE F 396 -31.88 38.82 40.72
N VAL F 397 -31.45 38.50 41.93
CA VAL F 397 -31.78 39.17 43.19
C VAL F 397 -30.46 39.78 43.60
N ARG F 398 -30.39 41.10 43.70
CA ARG F 398 -29.17 41.72 44.16
C ARG F 398 -29.10 41.60 45.68
N VAL F 399 -27.98 41.11 46.21
CA VAL F 399 -27.84 40.90 47.67
C VAL F 399 -26.66 41.70 48.18
N PRO F 400 -26.62 42.04 49.50
CA PRO F 400 -25.57 42.91 50.01
C PRO F 400 -24.17 42.30 49.88
N ASP F 401 -23.12 43.15 49.91
CA ASP F 401 -21.75 42.69 49.87
C ASP F 401 -21.35 42.24 51.26
N ASP F 402 -22.01 41.20 51.74
CA ASP F 402 -21.90 40.76 53.10
C ASP F 402 -22.35 39.31 53.12
N ASP F 403 -21.48 38.39 53.54
CA ASP F 403 -21.84 36.96 53.53
C ASP F 403 -22.94 36.56 54.53
N ASP F 404 -22.92 37.06 55.75
CA ASP F 404 -24.05 36.76 56.68
C ASP F 404 -25.43 37.20 56.15
N ALA F 405 -25.54 38.43 55.67
CA ALA F 405 -26.82 38.86 55.05
C ALA F 405 -27.21 37.97 53.88
N THR F 406 -26.22 37.62 53.06
CA THR F 406 -26.52 36.77 51.89
C THR F 406 -26.99 35.41 52.36
N ILE F 407 -26.27 34.83 53.32
CA ILE F 407 -26.67 33.50 53.83
C ILE F 407 -28.09 33.54 54.38
N THR F 408 -28.37 34.54 55.21
CA THR F 408 -29.73 34.75 55.72
C THR F 408 -30.79 34.83 54.63
N LEU F 409 -30.52 35.67 53.64
CA LEU F 409 -31.40 35.85 52.54
C LEU F 409 -31.59 34.51 51.78
N SER F 410 -30.51 33.76 51.57
CA SER F 410 -30.61 32.45 50.92
C SER F 410 -31.45 31.41 51.71
N ASN F 411 -31.35 31.42 53.05
CA ASN F 411 -32.13 30.53 53.94
C ASN F 411 -33.58 31.00 54.23
N SER F 412 -33.99 32.12 53.64
CA SER F 412 -35.28 32.70 54.07
C SER F 412 -36.52 32.12 53.41
N THR F 413 -36.41 31.07 52.61
CA THR F 413 -37.63 30.54 51.99
C THR F 413 -38.05 29.30 52.78
N ALA F 414 -39.13 28.66 52.37
CA ALA F 414 -39.53 27.41 53.03
C ALA F 414 -38.72 26.18 52.59
N PHE F 415 -37.81 26.41 51.65
CA PHE F 415 -37.18 25.33 50.88
C PHE F 415 -35.73 25.10 51.27
N GLY F 416 -35.20 23.88 51.10
CA GLY F 416 -33.78 23.69 51.38
C GLY F 416 -33.38 22.37 50.79
N LEU F 417 -32.98 22.43 49.52
CA LEU F 417 -32.72 21.26 48.72
C LEU F 417 -31.27 21.37 48.28
N SER F 418 -30.97 22.17 47.27
CA SER F 418 -29.58 22.26 46.84
C SER F 418 -29.20 23.70 46.69
N SER F 419 -27.99 23.93 46.21
CA SER F 419 -27.46 25.27 46.08
C SER F 419 -26.14 25.23 45.30
N GLY F 420 -25.75 26.34 44.69
CA GLY F 420 -24.42 26.50 44.15
C GLY F 420 -23.84 27.85 44.59
N VAL F 421 -22.52 27.91 44.77
CA VAL F 421 -21.90 29.12 45.22
C VAL F 421 -20.65 29.26 44.37
N CYS F 422 -20.48 30.44 43.75
CA CYS F 422 -19.28 30.71 42.92
C CYS F 422 -18.36 31.67 43.61
N THR F 423 -17.18 31.19 44.00
CA THR F 423 -16.19 32.05 44.72
C THR F 423 -14.85 31.31 44.59
N ASN F 424 -13.73 31.98 44.80
CA ASN F 424 -12.41 31.34 44.80
C ASN F 424 -11.78 31.41 46.19
N ASP F 425 -12.48 32.06 47.13
CA ASP F 425 -11.92 32.22 48.49
C ASP F 425 -12.36 31.01 49.35
N TYR F 426 -11.41 30.18 49.79
CA TYR F 426 -11.74 28.98 50.55
C TYR F 426 -12.53 29.29 51.88
N ARG F 427 -12.12 30.36 52.55
CA ARG F 427 -12.77 30.77 53.78
C ARG F 427 -14.27 30.99 53.53
N ARG F 428 -14.59 31.54 52.38
CA ARG F 428 -15.95 31.84 52.09
C ARG F 428 -16.72 30.59 51.71
N MET F 429 -16.08 29.73 50.91
CA MET F 429 -16.68 28.45 50.49
C MET F 429 -17.12 27.72 51.74
N GLN F 430 -16.20 27.62 52.69
CA GLN F 430 -16.47 26.80 53.87
C GLN F 430 -17.61 27.41 54.68
N LYS F 431 -17.63 28.74 54.74
CA LYS F 431 -18.71 29.44 55.46
C LYS F 431 -20.09 29.15 54.80
N TYR F 432 -20.17 29.15 53.46
CA TYR F 432 -21.45 28.83 52.83
C TYR F 432 -21.77 27.35 52.93
N ILE F 433 -20.77 26.50 52.77
CA ILE F 433 -21.04 25.06 52.95
C ILE F 433 -21.64 24.84 54.33
N ALA F 434 -21.05 25.45 55.39
CA ALA F 434 -21.59 25.26 56.73
C ALA F 434 -22.94 25.99 56.94
N GLY F 435 -23.14 27.17 56.37
CA GLY F 435 -24.22 28.04 56.83
C GLY F 435 -25.49 27.95 56.02
N LEU F 436 -25.43 27.40 54.79
CA LEU F 436 -26.68 27.24 53.98
C LEU F 436 -27.51 26.07 54.49
N LYS F 437 -28.79 26.30 54.71
CA LYS F 437 -29.58 25.24 55.27
C LYS F 437 -30.23 24.41 54.17
N VAL F 438 -29.47 23.45 53.65
CA VAL F 438 -29.83 22.71 52.42
C VAL F 438 -29.32 21.24 52.52
N GLY F 439 -29.74 20.39 51.59
CA GLY F 439 -29.15 19.00 51.50
C GLY F 439 -27.81 18.96 50.74
N THR F 440 -27.59 19.96 49.88
CA THR F 440 -26.39 19.98 49.00
C THR F 440 -25.85 21.39 48.71
N VAL F 441 -24.53 21.61 48.81
CA VAL F 441 -23.89 22.85 48.43
C VAL F 441 -22.81 22.55 47.39
N ASN F 442 -23.01 22.97 46.15
CA ASN F 442 -22.03 22.80 45.06
C ASN F 442 -21.18 24.06 44.85
N ILE F 443 -19.87 23.96 45.00
CA ILE F 443 -19.01 25.12 44.77
C ILE F 443 -18.69 25.14 43.27
N TRP F 444 -18.97 26.26 42.61
CA TRP F 444 -18.61 26.42 41.23
C TRP F 444 -19.36 25.43 40.39
N GLU F 445 -20.52 25.02 40.84
CA GLU F 445 -21.43 24.31 39.92
C GLU F 445 -22.85 24.79 40.22
N VAL F 446 -23.82 24.36 39.40
CA VAL F 446 -25.24 24.63 39.63
C VAL F 446 -25.74 23.74 40.76
N PRO F 447 -26.82 24.16 41.39
CA PRO F 447 -27.44 23.33 42.39
C PRO F 447 -27.88 22.01 41.85
N GLY F 448 -28.26 21.94 40.58
CA GLY F 448 -28.66 20.66 40.03
C GLY F 448 -27.56 19.59 39.90
N TYR F 449 -26.31 19.93 40.15
CA TYR F 449 -25.24 18.98 39.93
C TYR F 449 -25.12 17.86 41.00
N ARG F 450 -25.10 16.59 40.58
CA ARG F 450 -24.97 15.41 41.47
C ARG F 450 -24.51 14.24 40.59
N ILE F 451 -24.05 13.12 41.15
CA ILE F 451 -23.94 11.88 40.35
C ILE F 451 -25.11 10.97 40.79
N GLU F 452 -25.45 9.91 40.04
CA GLU F 452 -26.76 9.27 40.38
C GLU F 452 -26.69 8.40 41.67
N MET F 453 -25.51 8.29 42.21
CA MET F 453 -25.28 7.56 43.44
C MET F 453 -24.84 8.37 44.72
N SER F 454 -24.69 9.69 44.61
CA SER F 454 -24.39 10.51 45.79
C SER F 454 -25.73 10.68 46.51
N PRO F 455 -25.71 10.88 47.84
CA PRO F 455 -27.00 10.97 48.52
C PRO F 455 -27.77 12.27 48.16
N PHE F 456 -29.05 12.14 47.89
CA PHE F 456 -29.80 13.26 47.32
C PHE F 456 -31.05 13.47 48.14
N GLY F 457 -31.30 14.71 48.58
CA GLY F 457 -32.58 15.00 49.29
C GLY F 457 -32.46 16.23 50.17
N GLY F 458 -33.58 16.85 50.49
CA GLY F 458 -33.52 18.14 51.19
C GLY F 458 -34.08 18.08 52.61
N ILE F 459 -34.26 19.26 53.17
CA ILE F 459 -34.74 19.45 54.52
C ILE F 459 -35.80 20.54 54.42
N LYS F 460 -36.33 21.06 55.54
CA LYS F 460 -37.35 22.14 55.46
C LYS F 460 -38.55 21.65 54.65
N ASP F 461 -39.16 22.47 53.79
CA ASP F 461 -40.25 21.93 52.97
C ASP F 461 -39.82 21.02 51.80
N SER F 462 -38.50 20.92 51.54
CA SER F 462 -37.98 20.17 50.36
C SER F 462 -37.98 18.62 50.49
N GLY F 463 -38.20 18.10 51.69
CA GLY F 463 -38.41 16.67 51.84
C GLY F 463 -38.49 16.28 53.31
N ASN F 464 -39.12 15.14 53.58
CA ASN F 464 -39.29 14.68 54.93
C ASN F 464 -38.07 14.07 55.58
N GLY F 465 -36.86 14.35 55.06
CA GLY F 465 -35.60 13.97 55.75
C GLY F 465 -34.80 12.70 55.35
N TYR F 466 -35.24 11.99 54.31
CA TYR F 466 -34.58 10.78 53.89
C TYR F 466 -33.92 11.00 52.56
N LYS F 467 -32.73 10.44 52.40
CA LYS F 467 -31.95 10.63 51.17
C LYS F 467 -32.34 9.57 50.14
N GLU F 468 -32.13 9.92 48.86
CA GLU F 468 -32.42 9.06 47.69
C GLU F 468 -31.09 8.98 46.92
N GLY F 469 -31.19 8.73 45.62
CA GLY F 469 -29.99 8.31 44.83
C GLY F 469 -29.98 6.78 44.87
N VAL F 470 -29.36 6.13 43.90
CA VAL F 470 -29.45 4.70 43.84
C VAL F 470 -29.00 4.00 45.15
N ILE F 471 -27.88 4.42 45.74
CA ILE F 471 -27.36 3.81 47.00
C ILE F 471 -28.29 3.92 48.22
N GLU F 472 -28.77 5.12 48.54
CA GLU F 472 -29.63 5.29 49.67
C GLU F 472 -30.98 4.64 49.43
N ALA F 473 -31.48 4.70 48.20
CA ALA F 473 -32.75 4.06 47.92
C ALA F 473 -32.65 2.54 48.10
N MET F 474 -31.53 1.92 47.72
CA MET F 474 -31.45 0.46 47.97
C MET F 474 -31.38 0.14 49.46
N LYS F 475 -30.84 1.06 50.25
CA LYS F 475 -30.93 0.89 51.71
C LYS F 475 -32.35 1.09 52.19
N SER F 476 -33.02 2.19 51.78
CA SER F 476 -34.46 2.40 52.16
C SER F 476 -35.36 1.23 51.82
N PHE F 477 -35.11 0.61 50.66
CA PHE F 477 -35.95 -0.47 50.17
C PHE F 477 -35.73 -1.81 50.86
N THR F 478 -34.99 -1.83 51.97
CA THR F 478 -34.81 -3.17 52.59
C THR F 478 -34.91 -3.02 54.11
N ASN F 479 -35.10 -4.15 54.77
CA ASN F 479 -35.00 -4.25 56.22
C ASN F 479 -33.70 -4.93 56.51
N VAL F 480 -32.92 -4.29 57.36
CA VAL F 480 -31.77 -4.98 58.04
C VAL F 480 -32.20 -6.06 59.08
N LYS F 481 -31.76 -7.30 58.88
CA LYS F 481 -31.94 -8.30 59.88
C LYS F 481 -30.56 -8.56 60.52
N THR F 482 -30.48 -8.68 61.84
CA THR F 482 -29.18 -9.09 62.41
C THR F 482 -29.27 -10.55 62.84
N PHE F 483 -28.14 -11.25 62.86
CA PHE F 483 -28.10 -12.57 63.53
C PHE F 483 -26.80 -12.74 64.36
N SER F 484 -26.82 -13.46 65.45
CA SER F 484 -25.62 -13.62 66.20
C SER F 484 -25.30 -15.09 66.40
N LEU F 485 -24.02 -15.39 66.34
CA LEU F 485 -23.51 -16.76 66.48
C LEU F 485 -22.54 -16.85 67.67
N PRO F 486 -22.57 -17.97 68.44
CA PRO F 486 -21.54 -18.22 69.46
C PRO F 486 -20.15 -18.11 68.80
N TRP F 487 -19.22 -17.46 69.47
CA TRP F 487 -17.90 -17.37 68.93
C TRP F 487 -16.86 -17.47 70.02
N PRO F 488 -16.69 -18.66 70.61
CA PRO F 488 -15.68 -18.87 71.73
C PRO F 488 -14.22 -18.69 71.29
N HIS G 15 23.93 -24.85 -19.00
CA HIS G 15 24.44 -25.69 -17.87
C HIS G 15 23.37 -26.16 -16.92
N GLU G 16 23.08 -27.45 -16.87
CA GLU G 16 22.00 -27.95 -16.02
C GLU G 16 22.49 -29.05 -15.08
N PRO G 17 22.35 -28.86 -13.75
CA PRO G 17 22.74 -29.93 -12.81
C PRO G 17 21.75 -31.10 -12.84
N MET G 18 22.16 -32.24 -12.30
CA MET G 18 21.24 -33.32 -11.97
C MET G 18 20.25 -32.86 -10.91
N ARG G 19 19.08 -33.51 -10.88
CA ARG G 19 18.07 -33.27 -9.83
C ARG G 19 18.04 -34.54 -8.99
N ILE G 20 18.74 -34.50 -7.86
CA ILE G 20 18.70 -35.58 -6.88
C ILE G 20 17.70 -35.26 -5.74
N ALA G 21 16.57 -35.98 -5.69
CA ALA G 21 15.52 -35.68 -4.71
C ALA G 21 15.36 -34.20 -4.55
N GLY G 22 15.22 -33.47 -5.65
CA GLY G 22 15.06 -32.05 -5.57
C GLY G 22 16.28 -31.17 -5.34
N ARG G 23 17.45 -31.72 -5.02
CA ARG G 23 18.65 -30.90 -4.81
C ARG G 23 19.36 -30.76 -6.16
N LEU G 24 19.87 -29.56 -6.48
CA LEU G 24 20.68 -29.38 -7.69
C LEU G 24 22.06 -29.98 -7.45
N VAL G 25 22.43 -31.02 -8.16
CA VAL G 25 23.70 -31.66 -7.89
C VAL G 25 24.64 -31.59 -9.07
N ASP G 26 25.83 -31.03 -8.83
CA ASP G 26 26.76 -30.79 -9.91
C ASP G 26 27.99 -31.66 -9.88
N THR G 27 28.80 -31.55 -10.92
CA THR G 27 29.93 -32.42 -11.12
C THR G 27 31.01 -31.58 -11.84
N ASP G 28 32.28 -31.96 -11.69
CA ASP G 28 33.40 -31.31 -12.44
C ASP G 28 33.34 -31.53 -13.95
N ASP G 29 33.44 -32.78 -14.40
CA ASP G 29 33.27 -33.08 -15.82
C ASP G 29 31.82 -32.81 -16.26
N ARG G 30 31.67 -32.54 -17.53
CA ARG G 30 30.38 -32.17 -18.10
C ARG G 30 30.15 -33.06 -19.31
N VAL G 31 28.89 -33.25 -19.68
CA VAL G 31 28.57 -33.93 -20.92
C VAL G 31 27.94 -32.84 -21.76
N GLU G 32 28.46 -32.69 -22.97
CA GLU G 32 28.00 -31.69 -23.88
C GLU G 32 26.80 -32.22 -24.62
N VAL G 33 25.78 -31.38 -24.80
CA VAL G 33 24.61 -31.76 -25.54
C VAL G 33 24.59 -30.89 -26.77
N ARG G 34 24.53 -31.52 -27.93
CA ARG G 34 24.66 -30.82 -29.22
C ARG G 34 23.34 -30.83 -29.98
N TYR G 35 23.07 -29.74 -30.69
CA TYR G 35 21.90 -29.57 -31.57
C TYR G 35 22.20 -30.21 -32.91
N PRO G 36 21.53 -31.32 -33.26
CA PRO G 36 21.97 -32.03 -34.47
C PRO G 36 21.83 -31.22 -35.77
N TRP G 37 21.10 -30.11 -35.75
CA TRP G 37 20.94 -29.37 -36.98
C TRP G 37 22.26 -28.74 -37.45
N ASN G 38 23.05 -28.21 -36.53
CA ASN G 38 24.28 -27.49 -36.91
C ASN G 38 25.46 -27.92 -36.05
N ASP G 39 25.25 -28.96 -35.26
CA ASP G 39 26.24 -29.60 -34.41
C ASP G 39 26.83 -28.74 -33.30
N THR G 40 26.21 -27.61 -32.96
CA THR G 40 26.69 -26.79 -31.86
C THR G 40 26.17 -27.24 -30.48
N VAL G 41 26.94 -26.88 -29.45
CA VAL G 41 26.62 -27.18 -28.09
C VAL G 41 25.47 -26.26 -27.67
N VAL G 42 24.42 -26.84 -27.12
CA VAL G 42 23.30 -26.03 -26.63
C VAL G 42 23.12 -26.25 -25.14
N GLY G 43 23.89 -27.17 -24.55
CA GLY G 43 23.81 -27.29 -23.12
C GLY G 43 24.85 -28.25 -22.62
N THR G 44 25.02 -28.28 -21.32
CA THR G 44 25.80 -29.31 -20.66
C THR G 44 25.07 -29.83 -19.41
N VAL G 45 25.28 -31.10 -19.09
CA VAL G 45 24.74 -31.67 -17.83
C VAL G 45 25.92 -32.35 -17.15
N PRO G 46 25.80 -32.74 -15.87
CA PRO G 46 26.94 -33.38 -15.23
C PRO G 46 27.35 -34.73 -15.82
N ALA G 47 28.63 -35.06 -15.68
CA ALA G 47 29.12 -36.41 -15.96
C ALA G 47 29.02 -37.26 -14.66
N GLY G 48 27.85 -37.86 -14.41
CA GLY G 48 27.59 -38.52 -13.13
C GLY G 48 28.12 -39.94 -13.04
N ARG G 49 28.34 -40.39 -11.82
CA ARG G 49 28.95 -41.68 -11.63
C ARG G 49 28.10 -42.46 -10.64
N ALA G 50 28.40 -43.74 -10.56
CA ALA G 50 27.75 -44.69 -9.69
C ALA G 50 27.29 -44.08 -8.38
N GLU G 51 28.13 -43.26 -7.76
CA GLU G 51 27.78 -42.73 -6.44
C GLU G 51 26.57 -41.79 -6.44
N HIS G 52 26.24 -41.22 -7.60
CA HIS G 52 25.04 -40.35 -7.67
C HIS G 52 23.80 -41.16 -7.79
N ALA G 53 23.79 -42.13 -8.70
CA ALA G 53 22.72 -43.10 -8.77
C ALA G 53 22.51 -43.64 -7.36
N ARG G 54 23.61 -44.06 -6.73
CA ARG G 54 23.57 -44.61 -5.36
C ARG G 54 22.86 -43.72 -4.31
N GLU G 55 23.29 -42.47 -4.16
CA GLU G 55 22.59 -41.57 -3.29
C GLU G 55 21.06 -41.43 -3.67
N ALA G 56 20.75 -41.32 -4.96
CA ALA G 56 19.37 -41.15 -5.43
C ALA G 56 18.56 -42.38 -4.99
N PHE G 57 19.13 -43.57 -5.15
CA PHE G 57 18.48 -44.75 -4.70
C PHE G 57 18.36 -44.91 -3.18
N ALA G 58 19.34 -44.46 -2.38
CA ALA G 58 19.15 -44.57 -0.91
C ALA G 58 17.99 -43.67 -0.44
N ILE G 59 17.92 -42.45 -0.98
CA ILE G 59 16.86 -41.52 -0.71
C ILE G 59 15.49 -42.14 -1.09
N ALA G 60 15.39 -42.71 -2.29
CA ALA G 60 14.14 -43.33 -2.77
C ALA G 60 13.73 -44.53 -1.90
N ALA G 61 14.73 -45.33 -1.50
CA ALA G 61 14.51 -46.53 -0.69
C ALA G 61 13.94 -46.14 0.67
N ALA G 62 14.49 -45.09 1.29
CA ALA G 62 14.09 -44.73 2.67
C ALA G 62 12.79 -43.95 2.72
N TYR G 63 12.42 -43.29 1.64
CA TYR G 63 11.20 -42.48 1.65
C TYR G 63 9.99 -43.38 1.40
N GLN G 64 8.98 -43.23 2.24
CA GLN G 64 7.77 -44.05 2.22
C GLN G 64 6.64 -43.11 1.84
N PRO G 65 6.26 -43.07 0.55
CA PRO G 65 5.24 -42.06 0.18
C PRO G 65 3.88 -42.27 0.87
N LYS G 66 3.21 -41.17 1.23
CA LYS G 66 1.96 -41.26 1.98
C LYS G 66 0.81 -40.57 1.21
N LEU G 67 1.04 -40.15 -0.04
CA LEU G 67 0.01 -39.41 -0.76
C LEU G 67 -1.28 -40.20 -0.86
N THR G 68 -2.40 -39.53 -0.70
CA THR G 68 -3.70 -40.16 -0.92
C THR G 68 -3.85 -40.24 -2.44
N ARG G 69 -4.81 -40.98 -2.94
CA ARG G 69 -5.10 -41.03 -4.36
C ARG G 69 -5.54 -39.65 -4.84
N TYR G 70 -6.26 -38.90 -4.00
CA TYR G 70 -6.55 -37.52 -4.41
C TYR G 70 -5.28 -36.66 -4.63
N GLU G 71 -4.31 -36.72 -3.66
CA GLU G 71 -3.09 -35.90 -3.79
C GLU G 71 -2.28 -36.28 -4.99
N ARG G 72 -2.23 -37.57 -5.30
CA ARG G 72 -1.49 -38.02 -6.47
C ARG G 72 -2.15 -37.44 -7.68
N GLN G 73 -3.48 -37.50 -7.70
CA GLN G 73 -4.20 -37.08 -8.82
C GLN G 73 -3.90 -35.59 -9.09
N LYS G 74 -3.88 -34.83 -8.01
CA LYS G 74 -3.70 -33.38 -8.09
C LYS G 74 -2.32 -33.02 -8.69
N ILE G 75 -1.27 -33.69 -8.23
CA ILE G 75 0.09 -33.51 -8.75
C ILE G 75 0.13 -33.85 -10.24
N LEU G 76 -0.48 -34.99 -10.64
CA LEU G 76 -0.38 -35.48 -11.99
C LEU G 76 -1.13 -34.52 -12.93
N LEU G 77 -2.31 -34.08 -12.49
CA LEU G 77 -3.09 -33.21 -13.31
C LEU G 77 -2.47 -31.80 -13.30
N ALA G 78 -1.87 -31.35 -12.19
CA ALA G 78 -1.13 -30.05 -12.24
C ALA G 78 0.09 -30.12 -13.21
N THR G 79 0.76 -31.27 -13.21
CA THR G 79 1.89 -31.48 -14.13
C THR G 79 1.35 -31.38 -15.57
N ALA G 80 0.20 -32.01 -15.86
CA ALA G 80 -0.37 -31.90 -17.22
C ALA G 80 -0.68 -30.43 -17.60
N GLU G 81 -1.16 -29.61 -16.66
CA GLU G 81 -1.48 -28.21 -17.00
C GLU G 81 -0.19 -27.41 -17.24
N ALA G 82 0.83 -27.77 -16.48
CA ALA G 82 2.14 -27.14 -16.61
C ALA G 82 2.73 -27.41 -18.01
N LEU G 83 2.66 -28.66 -18.47
CA LEU G 83 3.13 -29.01 -19.81
C LEU G 83 2.38 -28.23 -20.89
N ALA G 84 1.07 -28.08 -20.71
CA ALA G 84 0.33 -27.35 -21.71
C ALA G 84 0.63 -25.83 -21.62
N ALA G 85 0.71 -25.24 -20.42
CA ALA G 85 1.01 -23.79 -20.30
C ALA G 85 2.41 -23.54 -20.88
N ARG G 86 3.37 -24.46 -20.61
CA ARG G 86 4.76 -24.29 -21.08
C ARG G 86 5.07 -25.02 -22.38
N LYS G 87 4.08 -25.29 -23.25
CA LYS G 87 4.35 -26.17 -24.39
C LYS G 87 5.43 -25.62 -25.33
N GLU G 88 5.47 -24.29 -25.54
CA GLU G 88 6.46 -23.71 -26.51
C GLU G 88 7.88 -23.86 -25.97
N GLU G 89 8.07 -23.49 -24.72
CA GLU G 89 9.36 -23.62 -24.06
C GLU G 89 9.83 -25.10 -24.04
N ILE G 90 8.95 -26.03 -23.65
CA ILE G 90 9.37 -27.39 -23.57
C ILE G 90 9.70 -27.95 -24.97
N SER G 91 8.87 -27.63 -25.98
CA SER G 91 9.14 -28.11 -27.33
C SER G 91 10.40 -27.46 -27.99
N ASP G 92 10.84 -26.28 -27.56
CA ASP G 92 12.16 -25.77 -27.93
C ASP G 92 13.34 -26.57 -27.35
N VAL G 93 13.27 -26.88 -26.05
CA VAL G 93 14.22 -27.74 -25.41
C VAL G 93 14.33 -29.09 -26.19
N ILE G 94 13.21 -29.73 -26.49
CA ILE G 94 13.25 -31.03 -27.17
C ILE G 94 13.91 -30.87 -28.54
N THR G 95 13.44 -29.91 -29.35
CA THR G 95 13.98 -29.70 -30.67
C THR G 95 15.48 -29.37 -30.70
N LEU G 96 15.95 -28.63 -29.71
CA LEU G 96 17.38 -28.24 -29.61
C LEU G 96 18.29 -29.39 -29.26
N GLU G 97 17.80 -30.41 -28.55
CA GLU G 97 18.67 -31.58 -28.30
C GLU G 97 18.49 -32.76 -29.24
N LEU G 98 17.31 -32.87 -29.87
CA LEU G 98 16.99 -34.05 -30.69
C LEU G 98 17.00 -33.72 -32.18
N GLY G 99 16.58 -32.53 -32.55
CA GLY G 99 16.62 -32.10 -33.96
C GLY G 99 15.32 -32.36 -34.70
N ILE G 100 14.38 -33.04 -34.04
CA ILE G 100 13.04 -33.19 -34.61
C ILE G 100 12.45 -31.78 -34.77
N SER G 101 11.57 -31.67 -35.77
CA SER G 101 10.92 -30.43 -36.06
C SER G 101 10.00 -29.95 -34.93
N LYS G 102 9.76 -28.62 -34.87
CA LYS G 102 8.86 -28.06 -33.88
C LYS G 102 7.45 -28.65 -33.97
N ALA G 103 6.96 -28.95 -35.16
CA ALA G 103 5.66 -29.67 -35.29
C ALA G 103 5.69 -31.01 -34.53
N ASP G 104 6.72 -31.79 -34.76
CA ASP G 104 6.94 -33.02 -33.94
C ASP G 104 7.18 -32.82 -32.49
N SER G 105 7.88 -31.76 -32.10
CA SER G 105 8.17 -31.72 -30.67
C SER G 105 6.91 -31.21 -29.90
N LEU G 106 6.15 -30.31 -30.53
CA LEU G 106 4.88 -29.86 -29.99
C LEU G 106 3.95 -31.09 -29.83
N TYR G 107 3.83 -31.89 -30.88
CA TYR G 107 3.02 -33.09 -30.81
C TYR G 107 3.45 -33.92 -29.59
N GLU G 108 4.76 -34.07 -29.40
CA GLU G 108 5.26 -34.86 -28.31
C GLU G 108 4.81 -34.25 -26.97
N VAL G 109 4.75 -32.93 -26.88
CA VAL G 109 4.33 -32.34 -25.59
C VAL G 109 2.85 -32.70 -25.33
N GLY G 110 2.05 -32.72 -26.41
CA GLY G 110 0.61 -33.10 -26.32
C GLY G 110 0.43 -34.53 -25.77
N ARG G 111 1.30 -35.42 -26.20
CA ARG G 111 1.29 -36.80 -25.73
C ARG G 111 1.64 -36.92 -24.26
N ALA G 112 2.66 -36.19 -23.80
CA ALA G 112 3.01 -36.22 -22.43
C ALA G 112 1.87 -35.62 -21.60
N PHE G 113 1.23 -34.55 -22.11
CA PHE G 113 0.07 -33.98 -21.49
C PHE G 113 -0.98 -35.09 -21.32
N ASP G 114 -1.26 -35.88 -22.37
CA ASP G 114 -2.17 -37.06 -22.25
C ASP G 114 -1.71 -38.16 -21.23
N VAL G 115 -0.41 -38.44 -21.17
CA VAL G 115 0.08 -39.41 -20.21
C VAL G 115 -0.18 -39.03 -18.76
N PHE G 116 0.27 -37.83 -18.36
CA PHE G 116 -0.03 -37.32 -17.01
C PHE G 116 -1.52 -37.21 -16.63
N THR G 117 -2.36 -36.77 -17.56
CA THR G 117 -3.82 -36.72 -17.43
C THR G 117 -4.40 -38.11 -17.20
N LEU G 118 -4.12 -39.04 -18.10
CA LEU G 118 -4.65 -40.39 -17.98
C LEU G 118 -4.15 -41.01 -16.69
N ALA G 119 -2.87 -40.81 -16.36
CA ALA G 119 -2.38 -41.39 -15.10
C ALA G 119 -3.11 -40.78 -13.93
N GLY G 120 -3.35 -39.46 -13.94
CA GLY G 120 -4.03 -38.90 -12.80
C GLY G 120 -5.45 -39.44 -12.67
N GLN G 121 -6.14 -39.62 -13.77
CA GLN G 121 -7.51 -40.17 -13.77
C GLN G 121 -7.52 -41.67 -13.31
N MET G 122 -6.48 -42.43 -13.66
CA MET G 122 -6.33 -43.82 -13.18
C MET G 122 -6.27 -43.96 -11.66
N CYS G 123 -5.85 -42.90 -10.97
CA CYS G 123 -5.84 -42.83 -9.48
C CYS G 123 -7.13 -43.11 -8.74
N ILE G 124 -8.27 -42.89 -9.38
CA ILE G 124 -9.54 -43.22 -8.77
C ILE G 124 -9.87 -44.74 -8.92
N ARG G 125 -9.08 -45.49 -9.71
CA ARG G 125 -9.46 -46.87 -10.01
C ARG G 125 -8.81 -47.87 -9.06
N ASP G 126 -9.61 -48.79 -8.53
CA ASP G 126 -9.11 -49.75 -7.55
C ASP G 126 -9.54 -51.10 -8.14
N ASP G 127 -8.57 -51.93 -8.54
CA ASP G 127 -8.94 -53.17 -9.26
C ASP G 127 -8.81 -54.40 -8.34
N GLY G 128 -8.84 -54.16 -7.02
CA GLY G 128 -8.98 -55.24 -6.03
C GLY G 128 -10.06 -56.30 -6.34
N GLU G 129 -9.79 -57.53 -6.00
CA GLU G 129 -10.78 -58.55 -6.22
C GLU G 129 -11.11 -59.32 -4.96
N ILE G 130 -12.27 -59.98 -5.02
CA ILE G 130 -12.70 -60.73 -3.85
C ILE G 130 -12.93 -62.18 -4.28
N PHE G 131 -12.44 -63.13 -3.50
CA PHE G 131 -12.75 -64.55 -3.72
C PHE G 131 -13.49 -65.07 -2.54
N SER G 132 -14.55 -65.85 -2.83
CA SER G 132 -15.23 -66.67 -1.84
C SER G 132 -14.52 -68.04 -1.73
N CYS G 133 -14.53 -68.67 -0.55
CA CYS G 133 -13.58 -69.80 -0.33
C CYS G 133 -14.21 -71.18 -0.23
N ASP G 134 -15.54 -71.25 -0.17
CA ASP G 134 -16.29 -72.53 -0.05
C ASP G 134 -16.53 -73.16 -1.43
N LEU G 135 -15.47 -73.32 -2.19
CA LEU G 135 -15.48 -73.73 -3.60
C LEU G 135 -15.20 -75.24 -3.91
N THR G 136 -14.48 -75.93 -3.05
CA THR G 136 -14.14 -77.30 -3.38
C THR G 136 -14.51 -78.08 -2.14
N PRO G 137 -14.21 -79.40 -2.11
CA PRO G 137 -14.22 -80.16 -0.84
C PRO G 137 -13.35 -79.53 0.27
N HIS G 138 -12.17 -79.03 -0.13
CA HIS G 138 -11.22 -78.42 0.81
C HIS G 138 -11.63 -77.04 1.38
N GLY G 139 -12.88 -76.57 1.16
CA GLY G 139 -13.19 -75.12 1.27
C GLY G 139 -13.68 -74.64 2.62
N LYS G 140 -13.69 -73.31 2.85
CA LYS G 140 -14.24 -72.74 4.10
C LYS G 140 -15.01 -71.45 3.95
N ALA G 141 -15.68 -71.10 5.04
CA ALA G 141 -16.48 -69.93 5.13
C ALA G 141 -15.58 -68.67 5.35
N ARG G 142 -14.98 -68.20 4.25
CA ARG G 142 -13.91 -67.24 4.34
C ARG G 142 -13.87 -66.37 3.09
N LYS G 143 -13.42 -65.12 3.16
CA LYS G 143 -13.20 -64.36 1.90
C LYS G 143 -11.78 -63.94 1.79
N ILE G 144 -11.25 -63.94 0.58
CA ILE G 144 -9.90 -63.49 0.30
C ILE G 144 -10.04 -62.20 -0.51
N PHE G 145 -9.24 -61.19 -0.13
CA PHE G 145 -9.26 -59.84 -0.75
C PHE G 145 -7.90 -59.54 -1.31
N THR G 146 -7.83 -58.70 -2.35
CA THR G 146 -6.51 -58.31 -2.88
C THR G 146 -6.31 -56.81 -2.71
N MET G 147 -5.07 -56.36 -2.68
CA MET G 147 -4.70 -55.01 -2.36
C MET G 147 -3.37 -54.83 -3.12
N ARG G 148 -3.03 -53.61 -3.56
CA ARG G 148 -1.69 -53.35 -4.14
C ARG G 148 -0.87 -52.46 -3.27
N GLU G 149 0.44 -52.69 -3.27
CA GLU G 149 1.38 -51.87 -2.53
C GLU G 149 2.55 -51.50 -3.41
N PRO G 150 3.18 -50.35 -3.12
CA PRO G 150 4.31 -49.93 -3.95
C PRO G 150 5.58 -50.67 -3.63
N LEU G 151 6.59 -50.52 -4.48
CA LEU G 151 7.87 -51.22 -4.39
C LEU G 151 8.83 -50.30 -3.66
N THR G 152 10.05 -50.76 -3.36
CA THR G 152 11.07 -49.97 -2.61
C THR G 152 11.56 -48.80 -3.43
N ALA G 153 12.04 -49.10 -4.64
CA ALA G 153 12.49 -48.09 -5.61
C ALA G 153 12.50 -48.66 -7.05
N ILE G 154 12.24 -47.78 -8.03
CA ILE G 154 12.19 -48.16 -9.44
C ILE G 154 13.29 -47.46 -10.20
N SER G 155 13.87 -48.15 -11.15
CA SER G 155 14.96 -47.58 -11.92
C SER G 155 14.48 -47.48 -13.39
N ALA G 156 14.63 -46.31 -14.00
CA ALA G 156 14.13 -46.07 -15.34
C ALA G 156 15.29 -45.57 -16.19
N ILE G 157 15.38 -46.12 -17.39
CA ILE G 157 16.43 -45.81 -18.36
C ILE G 157 15.73 -45.63 -19.69
N THR G 158 15.88 -44.43 -20.26
CA THR G 158 15.06 -44.03 -21.39
C THR G 158 15.95 -43.69 -22.56
N PRO G 159 15.44 -43.88 -23.77
CA PRO G 159 16.10 -43.61 -25.02
C PRO G 159 15.91 -42.16 -25.51
N PHE G 160 16.56 -41.86 -26.63
CA PHE G 160 16.65 -40.48 -27.12
C PHE G 160 15.42 -40.04 -27.86
N ASN G 161 14.61 -40.96 -28.34
CA ASN G 161 13.66 -40.59 -29.38
C ASN G 161 12.40 -39.82 -28.95
N HIS G 162 12.07 -39.92 -27.67
CA HIS G 162 10.98 -39.17 -27.05
C HIS G 162 11.49 -38.66 -25.76
N PRO G 163 12.29 -37.58 -25.84
CA PRO G 163 13.01 -37.13 -24.60
C PRO G 163 12.05 -36.70 -23.49
N LEU G 164 10.85 -36.27 -23.84
CA LEU G 164 9.81 -35.97 -22.79
C LEU G 164 8.90 -37.18 -22.49
N ASN G 165 8.31 -37.72 -23.53
CA ASN G 165 7.27 -38.74 -23.38
C ASN G 165 7.74 -40.07 -22.83
N MET G 166 8.99 -40.45 -23.08
CA MET G 166 9.48 -41.70 -22.52
C MET G 166 9.63 -41.53 -21.05
N VAL G 167 10.12 -40.35 -20.64
CA VAL G 167 10.24 -40.07 -19.18
C VAL G 167 8.83 -40.06 -18.58
N ALA G 168 7.89 -39.39 -19.23
CA ALA G 168 6.48 -39.35 -18.79
C ALA G 168 5.87 -40.76 -18.57
N HIS G 169 6.09 -41.69 -19.50
CA HIS G 169 5.59 -43.09 -19.36
C HIS G 169 6.21 -43.85 -18.21
N LYS G 170 7.43 -43.56 -17.82
CA LYS G 170 8.01 -44.30 -16.73
C LYS G 170 7.65 -43.59 -15.43
N VAL G 171 7.60 -42.25 -15.42
CA VAL G 171 7.43 -41.54 -14.17
C VAL G 171 5.96 -41.36 -13.69
N ALA G 172 5.03 -41.03 -14.56
CA ALA G 172 3.60 -40.86 -14.21
C ALA G 172 3.01 -42.11 -13.55
N PRO G 173 3.29 -43.28 -14.09
CA PRO G 173 2.63 -44.43 -13.35
C PRO G 173 3.27 -44.67 -11.97
N ALA G 174 4.54 -44.31 -11.81
CA ALA G 174 5.24 -44.49 -10.55
C ALA G 174 4.63 -43.55 -9.52
N ILE G 175 4.38 -42.30 -9.93
CA ILE G 175 3.78 -41.33 -9.01
C ILE G 175 2.40 -41.84 -8.65
N ALA G 176 1.66 -42.34 -9.65
CA ALA G 176 0.29 -42.72 -9.47
C ALA G 176 0.15 -43.88 -8.50
N THR G 177 1.24 -44.58 -8.23
CA THR G 177 1.20 -45.79 -7.38
C THR G 177 2.09 -45.63 -6.13
N ASN G 178 2.50 -44.40 -5.80
CA ASN G 178 3.28 -44.09 -4.57
C ASN G 178 4.64 -44.79 -4.55
N ASN G 179 5.25 -44.91 -5.72
CA ASN G 179 6.63 -45.41 -5.86
C ASN G 179 7.69 -44.26 -5.90
N CYS G 180 8.97 -44.58 -5.74
CA CYS G 180 9.98 -43.55 -5.84
C CYS G 180 10.88 -43.98 -6.97
N VAL G 181 11.06 -43.08 -7.96
CA VAL G 181 11.72 -43.44 -9.18
C VAL G 181 12.98 -42.64 -9.43
N VAL G 182 13.96 -43.29 -10.02
CA VAL G 182 15.22 -42.61 -10.36
C VAL G 182 15.42 -42.83 -11.85
N VAL G 183 15.50 -41.72 -12.59
CA VAL G 183 15.58 -41.74 -14.05
C VAL G 183 16.98 -41.37 -14.54
N LYS G 184 17.57 -42.27 -15.34
CA LYS G 184 18.79 -41.95 -16.10
C LYS G 184 18.44 -41.75 -17.57
N PRO G 185 18.23 -40.50 -17.97
CA PRO G 185 17.89 -40.36 -19.38
C PRO G 185 19.17 -40.56 -20.24
N THR G 186 19.01 -40.72 -21.55
CA THR G 186 20.17 -40.77 -22.41
C THR G 186 21.04 -39.49 -22.27
N GLU G 187 22.36 -39.66 -22.36
CA GLU G 187 23.28 -38.50 -22.42
C GLU G 187 23.08 -37.66 -23.69
N LEU G 188 22.42 -38.22 -24.70
CA LEU G 188 22.17 -37.48 -25.93
C LEU G 188 21.10 -36.45 -25.77
N THR G 189 20.12 -36.70 -24.90
CA THR G 189 18.98 -35.79 -24.79
C THR G 189 18.50 -35.68 -23.35
N PRO G 190 19.39 -35.26 -22.45
CA PRO G 190 19.02 -35.30 -21.04
C PRO G 190 18.29 -34.06 -20.52
N MET G 191 18.32 -32.96 -21.29
CA MET G 191 17.85 -31.68 -20.72
C MET G 191 16.32 -31.64 -20.53
N THR G 192 15.58 -32.28 -21.43
CA THR G 192 14.11 -32.36 -21.32
C THR G 192 13.73 -33.11 -20.06
N ALA G 193 14.52 -34.13 -19.71
CA ALA G 193 14.16 -34.90 -18.56
C ALA G 193 14.34 -34.06 -17.32
N LEU G 194 15.42 -33.29 -17.30
CA LEU G 194 15.74 -32.40 -16.14
C LEU G 194 14.68 -31.32 -16.02
N LEU G 195 14.21 -30.83 -17.17
CA LEU G 195 13.14 -29.82 -17.16
C LEU G 195 11.82 -30.44 -16.59
N LEU G 196 11.54 -31.69 -16.92
CA LEU G 196 10.34 -32.34 -16.43
C LEU G 196 10.37 -32.51 -14.91
N ALA G 197 11.54 -32.85 -14.35
CA ALA G 197 11.70 -33.01 -12.92
C ALA G 197 11.35 -31.68 -12.17
N ASP G 198 11.79 -30.57 -12.73
CA ASP G 198 11.49 -29.25 -12.17
C ASP G 198 10.00 -29.04 -12.19
N ILE G 199 9.35 -29.40 -13.28
CA ILE G 199 7.92 -29.14 -13.42
C ILE G 199 7.18 -29.95 -12.35
N LEU G 200 7.67 -31.17 -12.11
CA LEU G 200 7.11 -32.07 -11.13
C LEU G 200 7.23 -31.58 -9.71
N TYR G 201 8.41 -31.11 -9.32
CA TYR G 201 8.57 -30.64 -7.96
C TYR G 201 7.65 -29.45 -7.75
N GLU G 202 7.60 -28.61 -8.76
CA GLU G 202 6.83 -27.39 -8.69
C GLU G 202 5.35 -27.71 -8.60
N ALA G 203 4.93 -28.81 -9.22
CA ALA G 203 3.53 -29.25 -9.17
C ALA G 203 3.13 -29.95 -7.84
N GLY G 204 4.08 -30.13 -6.94
CA GLY G 204 3.73 -30.63 -5.65
C GLY G 204 4.33 -31.98 -5.32
N LEU G 205 5.16 -32.56 -6.22
CA LEU G 205 5.70 -33.92 -5.98
C LEU G 205 6.66 -33.88 -4.80
N PRO G 206 6.42 -34.66 -3.72
CA PRO G 206 7.48 -34.79 -2.69
C PRO G 206 8.76 -35.18 -3.38
N PRO G 207 9.84 -34.40 -3.20
CA PRO G 207 11.02 -34.58 -4.02
C PRO G 207 11.67 -35.93 -3.86
N GLU G 208 11.55 -36.59 -2.72
CA GLU G 208 12.20 -37.91 -2.58
C GLU G 208 11.67 -38.92 -3.60
N MET G 209 10.55 -38.63 -4.23
CA MET G 209 9.90 -39.62 -5.13
C MET G 209 10.47 -39.62 -6.53
N LEU G 210 11.27 -38.57 -6.86
CA LEU G 210 11.91 -38.47 -8.17
C LEU G 210 13.32 -37.93 -8.14
N SER G 211 14.23 -38.68 -8.78
CA SER G 211 15.59 -38.18 -9.14
C SER G 211 15.86 -38.39 -10.63
N VAL G 212 16.47 -37.42 -11.28
CA VAL G 212 16.92 -37.51 -12.67
C VAL G 212 18.44 -37.35 -12.72
N VAL G 213 19.15 -38.44 -12.96
CA VAL G 213 20.65 -38.46 -13.01
C VAL G 213 21.16 -38.59 -14.43
N THR G 214 22.39 -38.11 -14.68
CA THR G 214 22.94 -38.01 -16.05
C THR G 214 24.42 -38.38 -16.00
N GLY G 215 24.95 -38.85 -17.11
CA GLY G 215 26.33 -39.35 -17.18
C GLY G 215 26.48 -40.26 -18.39
N TRP G 216 27.74 -40.69 -18.62
CA TRP G 216 28.08 -41.65 -19.68
C TRP G 216 27.56 -42.96 -19.20
N PRO G 217 27.05 -43.77 -20.13
CA PRO G 217 26.35 -45.01 -19.86
C PRO G 217 27.20 -46.08 -19.20
N ALA G 218 28.52 -45.96 -19.33
CA ALA G 218 29.45 -46.84 -18.66
C ALA G 218 29.20 -46.87 -17.13
N ASP G 219 29.91 -46.00 -16.41
CA ASP G 219 29.84 -45.81 -14.94
C ASP G 219 28.44 -45.80 -14.30
N ILE G 220 27.66 -44.74 -14.58
CA ILE G 220 26.34 -44.58 -13.95
C ILE G 220 25.36 -45.65 -14.38
N GLY G 221 25.47 -46.14 -15.61
CA GLY G 221 24.48 -47.10 -16.07
C GLY G 221 24.45 -48.40 -15.28
N MET G 222 25.61 -48.94 -14.93
CA MET G 222 25.65 -50.18 -14.17
C MET G 222 24.93 -50.01 -12.81
N GLU G 223 25.11 -48.86 -12.18
CA GLU G 223 24.46 -48.62 -10.88
C GLU G 223 22.92 -48.70 -10.99
N MET G 224 22.37 -48.16 -12.09
CA MET G 224 20.92 -48.23 -12.46
C MET G 224 20.37 -49.69 -12.57
N ILE G 225 21.22 -50.65 -12.99
CA ILE G 225 20.83 -52.08 -13.19
C ILE G 225 20.96 -52.88 -11.88
N THR G 226 21.83 -52.38 -10.99
CA THR G 226 22.51 -53.19 -9.98
C THR G 226 22.27 -52.76 -8.50
N ASN G 227 22.01 -51.48 -8.28
CA ASN G 227 21.80 -51.01 -6.93
C ASN G 227 20.91 -51.96 -6.09
N PRO G 228 21.30 -52.27 -4.84
CA PRO G 228 20.61 -53.24 -4.01
C PRO G 228 19.15 -52.88 -3.66
N HIS G 229 18.83 -51.57 -3.64
CA HIS G 229 17.48 -51.11 -3.35
C HIS G 229 16.47 -51.30 -4.49
N VAL G 230 16.95 -51.61 -5.69
CA VAL G 230 16.07 -51.53 -6.87
C VAL G 230 15.22 -52.76 -6.98
N ASP G 231 13.89 -52.60 -6.91
CA ASP G 231 12.97 -53.75 -7.11
C ASP G 231 12.67 -53.96 -8.60
N LEU G 232 12.66 -52.90 -9.39
CA LEU G 232 12.34 -53.08 -10.81
C LEU G 232 13.07 -52.11 -11.66
N VAL G 233 13.60 -52.62 -12.78
CA VAL G 233 14.31 -51.81 -13.76
C VAL G 233 13.42 -51.76 -14.98
N THR G 234 13.05 -50.56 -15.40
CA THR G 234 12.23 -50.42 -16.59
C THR G 234 13.08 -49.70 -17.64
N PHE G 235 13.20 -50.32 -18.83
CA PHE G 235 14.17 -49.94 -19.83
C PHE G 235 13.53 -49.90 -21.18
N THR G 236 13.75 -48.81 -21.91
CA THR G 236 13.32 -48.72 -23.32
C THR G 236 14.63 -48.37 -24.11
N GLY G 237 14.92 -49.10 -25.17
CA GLY G 237 16.21 -48.99 -25.86
C GLY G 237 16.41 -50.03 -26.97
N SER G 238 17.67 -50.17 -27.40
CA SER G 238 18.09 -51.05 -28.51
C SER G 238 18.18 -52.45 -27.99
N VAL G 239 18.06 -53.38 -28.90
CA VAL G 239 18.30 -54.80 -28.59
C VAL G 239 19.63 -55.02 -27.86
N PRO G 240 20.77 -54.49 -28.37
CA PRO G 240 21.96 -54.93 -27.60
C PRO G 240 22.04 -54.43 -26.16
N VAL G 241 21.71 -53.17 -25.88
CA VAL G 241 21.72 -52.70 -24.49
C VAL G 241 20.67 -53.47 -23.66
N GLY G 242 19.51 -53.77 -24.24
CA GLY G 242 18.54 -54.65 -23.54
C GLY G 242 19.13 -55.96 -23.04
N LYS G 243 19.80 -56.71 -23.94
CA LYS G 243 20.41 -58.05 -23.63
C LYS G 243 21.43 -57.93 -22.52
N LEU G 244 22.23 -56.87 -22.59
CA LEU G 244 23.18 -56.50 -21.59
C LEU G 244 22.53 -56.24 -20.22
N ILE G 245 21.37 -55.59 -20.20
CA ILE G 245 20.66 -55.34 -18.94
C ILE G 245 20.07 -56.63 -18.38
N ALA G 246 19.45 -57.43 -19.27
CA ALA G 246 18.89 -58.75 -18.91
C ALA G 246 19.95 -59.61 -18.19
N ALA G 247 21.21 -59.40 -18.59
CA ALA G 247 22.30 -60.24 -18.15
C ALA G 247 22.83 -59.76 -16.82
N ASN G 248 22.49 -58.53 -16.44
CA ASN G 248 23.09 -57.97 -15.24
C ASN G 248 22.15 -57.63 -14.08
N ALA G 249 20.85 -57.72 -14.26
CA ALA G 249 19.95 -57.21 -13.23
C ALA G 249 19.32 -58.36 -12.44
N HIS G 250 20.16 -59.18 -11.82
CA HIS G 250 19.82 -60.60 -11.62
C HIS G 250 18.50 -60.95 -10.99
N TYR G 251 18.28 -60.52 -9.76
CA TYR G 251 17.03 -60.96 -9.11
C TYR G 251 16.08 -59.76 -8.94
N LYS G 252 15.67 -59.20 -10.07
CA LYS G 252 14.94 -57.94 -10.11
C LYS G 252 13.98 -58.16 -11.22
N ARG G 253 12.84 -57.48 -11.10
CA ARG G 253 11.88 -57.45 -12.19
C ARG G 253 12.44 -56.51 -13.27
N GLN G 254 12.21 -56.91 -14.51
CA GLN G 254 12.76 -56.20 -15.63
C GLN G 254 11.64 -56.04 -16.62
N VAL G 255 11.40 -54.80 -17.00
CA VAL G 255 10.53 -54.56 -18.12
C VAL G 255 11.40 -53.98 -19.22
N LEU G 256 11.56 -54.71 -20.32
CA LEU G 256 12.52 -54.36 -21.35
C LEU G 256 11.75 -54.23 -22.66
N GLU G 257 11.75 -53.01 -23.24
CA GLU G 257 11.03 -52.72 -24.46
C GLU G 257 12.10 -52.32 -25.45
N LEU G 258 12.25 -53.11 -26.50
CA LEU G 258 13.48 -53.06 -27.31
C LEU G 258 13.11 -52.68 -28.75
N GLY G 259 13.94 -52.99 -29.73
CA GLY G 259 13.66 -52.51 -31.11
C GLY G 259 12.36 -52.95 -31.75
N GLY G 260 11.88 -52.19 -32.72
CA GLY G 260 10.81 -52.71 -33.52
C GLY G 260 11.29 -52.62 -34.97
N ASN G 261 10.52 -53.19 -35.87
CA ASN G 261 10.85 -53.11 -37.28
C ASN G 261 9.54 -53.45 -37.92
N ASP G 262 8.62 -52.49 -37.91
CA ASP G 262 7.21 -52.76 -38.13
C ASP G 262 6.69 -52.50 -39.53
N PRO G 263 5.89 -53.44 -40.04
CA PRO G 263 5.38 -53.33 -41.40
C PRO G 263 4.04 -52.62 -41.48
N LEU G 264 3.79 -51.98 -42.60
CA LEU G 264 2.49 -51.62 -43.05
C LEU G 264 2.19 -52.48 -44.30
N ILE G 265 1.10 -53.24 -44.27
CA ILE G 265 0.85 -54.23 -45.29
C ILE G 265 -0.32 -53.76 -46.12
N ILE G 266 -0.15 -53.77 -47.43
CA ILE G 266 -1.22 -53.31 -48.39
C ILE G 266 -1.76 -54.51 -49.17
N LEU G 267 -2.99 -54.92 -48.95
CA LEU G 267 -3.52 -56.11 -49.58
C LEU G 267 -4.12 -55.73 -50.90
N ASN G 268 -4.25 -56.74 -51.75
CA ASN G 268 -4.55 -56.54 -53.14
C ASN G 268 -6.04 -56.36 -53.39
N ASP G 269 -6.87 -56.27 -52.36
CA ASP G 269 -8.28 -56.00 -52.63
C ASP G 269 -8.57 -54.46 -52.71
N LEU G 270 -7.61 -53.62 -52.32
CA LEU G 270 -7.88 -52.16 -52.25
C LEU G 270 -8.24 -51.51 -53.62
N SER G 271 -9.20 -50.60 -53.62
CA SER G 271 -9.51 -49.76 -54.76
C SER G 271 -8.45 -48.70 -54.88
N ASP G 272 -8.44 -47.99 -55.99
CA ASP G 272 -7.55 -46.81 -56.13
C ASP G 272 -7.68 -45.70 -55.08
N ASP G 273 -8.91 -45.29 -54.72
CA ASP G 273 -9.07 -44.36 -53.57
C ASP G 273 -8.49 -44.91 -52.24
N ASP G 274 -8.62 -46.22 -52.02
CA ASP G 274 -8.08 -46.87 -50.80
C ASP G 274 -6.56 -46.88 -50.86
N LEU G 275 -6.00 -47.15 -52.06
CA LEU G 275 -4.52 -47.10 -52.20
C LEU G 275 -3.99 -45.73 -51.80
N ALA G 276 -4.74 -44.67 -52.11
CA ALA G 276 -4.31 -43.31 -51.79
C ALA G 276 -4.37 -43.10 -50.28
N ARG G 277 -5.40 -43.63 -49.65
CA ARG G 277 -5.46 -43.52 -48.17
C ARG G 277 -4.31 -44.30 -47.52
N ALA G 278 -4.03 -45.49 -48.05
CA ALA G 278 -2.95 -46.33 -47.55
C ALA G 278 -1.59 -45.65 -47.75
N ALA G 279 -1.45 -44.92 -48.85
CA ALA G 279 -0.19 -44.15 -49.14
C ALA G 279 -0.01 -43.06 -48.14
N ASP G 280 -1.13 -42.46 -47.72
CA ASP G 280 -1.05 -41.39 -46.69
C ASP G 280 -0.52 -41.99 -45.37
N LEU G 281 -1.15 -43.11 -44.96
CA LEU G 281 -0.66 -43.87 -43.79
C LEU G 281 0.80 -44.25 -43.96
N ALA G 282 1.18 -44.81 -45.12
CA ALA G 282 2.61 -45.18 -45.34
C ALA G 282 3.59 -43.99 -45.19
N VAL G 283 3.30 -42.85 -45.81
CA VAL G 283 4.25 -41.73 -45.67
C VAL G 283 4.36 -41.22 -44.28
N ALA G 284 3.20 -41.03 -43.64
CA ALA G 284 3.18 -40.41 -42.31
C ALA G 284 3.83 -41.38 -41.37
N GLY G 285 3.45 -42.65 -41.48
CA GLY G 285 4.03 -43.64 -40.55
C GLY G 285 5.54 -43.86 -40.71
N ALA G 286 6.04 -43.65 -41.92
CA ALA G 286 7.49 -43.84 -42.16
C ALA G 286 8.28 -42.62 -41.68
N THR G 287 7.65 -41.43 -41.66
CA THR G 287 8.41 -40.15 -41.47
C THR G 287 8.13 -39.35 -40.19
N LYS G 288 7.05 -39.67 -39.47
CA LYS G 288 6.71 -38.99 -38.22
C LYS G 288 7.87 -39.15 -37.26
N ASN G 289 8.17 -38.08 -36.53
CA ASN G 289 9.27 -37.99 -35.56
C ASN G 289 10.62 -38.35 -36.21
N SER G 290 10.75 -37.98 -37.48
CA SER G 290 11.93 -38.24 -38.34
C SER G 290 12.11 -39.78 -38.48
N GLY G 291 10.99 -40.53 -38.46
CA GLY G 291 11.03 -41.99 -38.38
C GLY G 291 11.67 -42.58 -37.13
N GLN G 292 11.94 -41.76 -36.11
CA GLN G 292 12.49 -42.33 -34.89
C GLN G 292 11.35 -42.78 -33.92
N ARG G 293 10.63 -43.84 -34.30
CA ARG G 293 9.66 -44.53 -33.36
C ARG G 293 9.95 -46.01 -33.43
N CYS G 294 9.85 -46.68 -32.31
CA CYS G 294 10.01 -48.14 -32.35
C CYS G 294 8.91 -48.74 -33.21
N THR G 295 7.76 -48.06 -33.35
CA THR G 295 6.59 -48.57 -34.13
C THR G 295 6.50 -47.83 -35.46
N ALA G 296 7.59 -47.16 -35.86
CA ALA G 296 7.55 -46.45 -37.15
C ALA G 296 7.27 -47.48 -38.23
N VAL G 297 6.65 -47.08 -39.34
CA VAL G 297 6.63 -47.93 -40.55
C VAL G 297 8.08 -48.00 -41.09
N LYS G 298 8.69 -49.17 -40.97
CA LYS G 298 10.05 -49.40 -41.46
C LYS G 298 10.03 -50.35 -42.65
N ARG G 299 8.85 -50.85 -42.99
CA ARG G 299 8.78 -51.64 -44.22
C ARG G 299 7.39 -51.69 -44.70
N ILE G 300 7.19 -51.37 -45.97
CA ILE G 300 5.85 -51.31 -46.50
C ILE G 300 5.76 -52.55 -47.40
N LEU G 301 4.92 -53.51 -47.00
CA LEU G 301 4.81 -54.76 -47.76
C LEU G 301 3.62 -54.59 -48.64
N CYS G 302 3.87 -54.29 -49.90
CA CYS G 302 2.78 -54.05 -50.80
C CYS G 302 2.56 -55.30 -51.69
N GLN G 303 1.34 -55.80 -51.78
CA GLN G 303 1.12 -56.96 -52.63
C GLN G 303 1.31 -56.59 -54.11
N GLU G 304 1.86 -57.54 -54.85
CA GLU G 304 2.46 -57.24 -56.13
C GLU G 304 1.46 -56.66 -57.08
N SER G 305 0.26 -57.22 -57.16
CA SER G 305 -0.75 -56.76 -58.14
C SER G 305 -1.31 -55.36 -57.95
N VAL G 306 -1.05 -54.72 -56.82
CA VAL G 306 -1.44 -53.33 -56.61
C VAL G 306 -0.23 -52.38 -56.50
N ALA G 307 1.01 -52.89 -56.66
CA ALA G 307 2.16 -52.04 -56.40
C ALA G 307 2.34 -50.95 -57.46
N ASP G 308 2.03 -51.27 -58.72
CA ASP G 308 2.19 -50.26 -59.79
C ASP G 308 1.22 -49.07 -59.62
N ARG G 309 0.07 -49.25 -59.01
CA ARG G 309 -0.76 -48.10 -58.64
C ARG G 309 -0.41 -47.46 -57.30
N PHE G 310 0.04 -48.26 -56.32
CA PHE G 310 0.37 -47.76 -54.95
C PHE G 310 1.64 -46.93 -54.90
N VAL G 311 2.65 -47.36 -55.65
CA VAL G 311 3.95 -46.69 -55.50
C VAL G 311 3.92 -45.19 -55.96
N PRO G 312 3.30 -44.89 -57.11
CA PRO G 312 3.23 -43.46 -57.53
C PRO G 312 2.50 -42.57 -56.53
N LEU G 313 1.45 -43.15 -55.92
CA LEU G 313 0.78 -42.51 -54.79
C LEU G 313 1.75 -42.16 -53.68
N VAL G 314 2.54 -43.13 -53.24
CA VAL G 314 3.51 -42.88 -52.16
C VAL G 314 4.54 -41.79 -52.57
N LEU G 315 5.01 -41.87 -53.81
CA LEU G 315 6.01 -40.92 -54.34
C LEU G 315 5.49 -39.49 -54.31
N GLU G 316 4.29 -39.31 -54.85
CA GLU G 316 3.60 -38.01 -54.82
C GLU G 316 3.54 -37.44 -53.39
N ARG G 317 3.23 -38.26 -52.40
CA ARG G 317 3.06 -37.71 -51.04
C ARG G 317 4.40 -37.46 -50.31
N ALA G 318 5.38 -38.36 -50.46
CA ALA G 318 6.71 -38.08 -49.92
C ALA G 318 7.28 -36.76 -50.42
N LYS G 319 7.04 -36.45 -51.71
CA LYS G 319 7.55 -35.20 -52.28
C LYS G 319 6.98 -33.94 -51.64
N ARG G 320 5.77 -34.01 -51.06
CA ARG G 320 5.15 -32.87 -50.45
C ARG G 320 5.84 -32.51 -49.19
N LEU G 321 6.63 -33.40 -48.61
CA LEU G 321 7.08 -33.10 -47.26
C LEU G 321 8.20 -32.08 -47.25
N ARG G 322 8.08 -31.12 -46.36
CA ARG G 322 9.12 -30.11 -46.15
C ARG G 322 10.09 -30.57 -45.12
N PHE G 323 11.32 -30.80 -45.55
CA PHE G 323 12.37 -31.21 -44.66
C PHE G 323 13.35 -30.09 -44.61
N GLY G 324 13.84 -29.75 -43.43
CA GLY G 324 14.77 -28.62 -43.25
C GLY G 324 14.88 -28.18 -41.77
N ASP G 325 15.08 -26.89 -41.55
CA ASP G 325 15.38 -26.33 -40.25
C ASP G 325 14.26 -26.76 -39.27
N PRO G 326 14.64 -27.50 -38.24
CA PRO G 326 13.68 -27.99 -37.25
C PRO G 326 12.93 -26.80 -36.58
N MET G 327 13.63 -25.69 -36.36
CA MET G 327 13.03 -24.54 -35.68
C MET G 327 12.06 -23.74 -36.55
N ASP G 328 12.00 -23.99 -37.85
CA ASP G 328 10.99 -23.37 -38.72
C ASP G 328 9.67 -24.14 -38.55
N ARG G 329 8.57 -23.41 -38.30
CA ARG G 329 7.24 -24.01 -38.03
C ARG G 329 6.55 -24.57 -39.24
N SER G 330 6.98 -24.19 -40.44
CA SER G 330 6.46 -24.86 -41.59
C SER G 330 7.27 -26.17 -41.97
N THR G 331 8.34 -26.48 -41.23
CA THR G 331 9.07 -27.75 -41.46
C THR G 331 8.22 -28.98 -41.03
N ASP G 332 8.06 -29.95 -41.93
CA ASP G 332 7.45 -31.26 -41.55
C ASP G 332 8.46 -32.17 -40.90
N LEU G 333 9.58 -32.39 -41.59
CA LEU G 333 10.63 -33.29 -41.15
C LEU G 333 11.94 -32.58 -40.75
N GLY G 334 12.39 -32.74 -39.50
CA GLY G 334 13.65 -32.17 -39.06
C GLY G 334 14.77 -33.23 -39.29
N THR G 335 15.79 -33.21 -38.44
CA THR G 335 16.94 -34.12 -38.59
C THR G 335 16.70 -35.45 -37.86
N VAL G 336 17.60 -36.42 -38.03
CA VAL G 336 17.71 -37.57 -37.12
C VAL G 336 18.70 -37.20 -36.02
N ILE G 337 18.89 -38.09 -35.08
CA ILE G 337 19.65 -37.79 -33.88
C ILE G 337 21.09 -37.25 -34.12
N HIS G 338 21.77 -37.76 -35.15
CA HIS G 338 23.11 -37.24 -35.49
C HIS G 338 23.53 -37.65 -36.90
N GLU G 339 24.68 -37.12 -37.34
CA GLU G 339 25.17 -37.25 -38.74
C GLU G 339 25.47 -38.75 -39.07
N LYS G 340 26.11 -39.42 -38.13
CA LYS G 340 26.44 -40.85 -38.21
C LYS G 340 25.19 -41.72 -38.43
N ALA G 341 24.14 -41.52 -37.62
CA ALA G 341 22.89 -42.20 -37.92
C ALA G 341 22.43 -41.86 -39.32
N ALA G 342 22.49 -40.58 -39.72
CA ALA G 342 21.92 -40.22 -41.03
C ALA G 342 22.70 -40.89 -42.15
N ALA G 343 24.03 -40.89 -42.01
CA ALA G 343 24.93 -41.54 -43.02
C ALA G 343 24.69 -43.05 -43.08
N LEU G 344 24.52 -43.68 -41.91
CA LEU G 344 24.17 -45.11 -41.87
C LEU G 344 22.90 -45.43 -42.66
N PHE G 345 21.85 -44.62 -42.48
CA PHE G 345 20.59 -44.94 -43.11
C PHE G 345 20.71 -44.74 -44.64
N GLU G 346 21.38 -43.67 -45.06
CA GLU G 346 21.54 -43.40 -46.49
C GLU G 346 22.39 -44.53 -47.14
N GLU G 347 23.44 -44.93 -46.43
CA GLU G 347 24.26 -46.10 -46.80
C GLU G 347 23.41 -47.37 -47.02
N ARG G 348 22.50 -47.67 -46.10
CA ARG G 348 21.70 -48.87 -46.25
C ARG G 348 20.80 -48.76 -47.49
N VAL G 349 20.33 -47.55 -47.80
CA VAL G 349 19.58 -47.36 -49.05
C VAL G 349 20.48 -47.58 -50.26
N MET G 350 21.69 -46.98 -50.27
CA MET G 350 22.67 -47.27 -51.35
C MET G 350 22.87 -48.78 -51.56
N ARG G 351 23.10 -49.51 -50.47
CA ARG G 351 23.32 -50.96 -50.57
C ARG G 351 22.11 -51.68 -51.12
N ALA G 352 20.93 -51.25 -50.72
CA ALA G 352 19.72 -51.92 -51.24
C ALA G 352 19.53 -51.68 -52.75
N ALA G 353 19.97 -50.52 -53.22
CA ALA G 353 19.91 -50.19 -54.65
C ALA G 353 20.92 -51.09 -55.37
N GLU G 354 22.12 -51.24 -54.80
CA GLU G 354 23.09 -52.18 -55.39
C GLU G 354 22.56 -53.58 -55.44
N GLU G 355 21.80 -54.00 -54.43
CA GLU G 355 21.08 -55.29 -54.52
C GLU G 355 19.82 -55.34 -55.42
N GLY G 356 19.52 -54.26 -56.15
CA GLY G 356 18.38 -54.34 -57.06
C GLY G 356 17.16 -53.47 -56.75
N ALA G 357 17.21 -52.74 -55.64
CA ALA G 357 16.14 -51.78 -55.29
C ALA G 357 16.20 -50.55 -56.23
N ASP G 358 15.07 -49.84 -56.36
CA ASP G 358 14.94 -48.66 -57.17
C ASP G 358 14.69 -47.36 -56.27
N ILE G 359 15.72 -46.53 -56.13
CA ILE G 359 15.58 -45.23 -55.50
C ILE G 359 14.72 -44.35 -56.42
N LEU G 360 13.56 -43.92 -55.93
CA LEU G 360 12.64 -43.11 -56.70
C LEU G 360 12.69 -41.64 -56.33
N TYR G 361 13.15 -41.30 -55.12
CA TYR G 361 13.21 -39.91 -54.69
C TYR G 361 14.27 -39.79 -53.64
N HIS G 362 15.25 -38.96 -53.92
CA HIS G 362 16.32 -38.77 -52.99
C HIS G 362 16.94 -37.39 -53.26
N PRO G 363 16.55 -36.37 -52.48
CA PRO G 363 17.03 -35.00 -52.75
C PRO G 363 18.36 -34.70 -52.18
N GLY G 364 18.94 -35.62 -51.44
CA GLY G 364 20.27 -35.42 -50.94
C GLY G 364 20.24 -35.29 -49.46
N ARG G 365 21.14 -35.99 -48.79
CA ARG G 365 21.42 -35.82 -47.36
C ARG G 365 22.22 -34.57 -47.07
N SER G 366 21.95 -33.90 -45.95
CA SER G 366 22.77 -32.77 -45.51
C SER G 366 23.13 -32.94 -44.04
N GLY G 367 24.30 -33.49 -43.73
CA GLY G 367 24.71 -33.72 -42.33
C GLY G 367 23.67 -34.68 -41.74
N ALA G 368 23.02 -34.28 -40.64
CA ALA G 368 22.04 -35.15 -40.00
C ALA G 368 20.63 -34.96 -40.54
N LEU G 369 20.47 -34.09 -41.52
CA LEU G 369 19.18 -33.93 -42.20
C LEU G 369 19.01 -34.92 -43.30
N LEU G 370 18.16 -35.91 -43.07
CA LEU G 370 17.85 -36.87 -44.08
C LEU G 370 16.48 -36.61 -44.68
N PRO G 371 16.34 -36.54 -46.03
CA PRO G 371 15.05 -36.35 -46.63
C PRO G 371 14.23 -37.65 -46.62
N PRO G 372 12.92 -37.59 -46.93
CA PRO G 372 12.09 -38.83 -46.90
C PRO G 372 12.34 -39.70 -48.16
N ILE G 373 13.52 -40.34 -48.23
CA ILE G 373 13.94 -41.15 -49.37
C ILE G 373 12.90 -42.21 -49.72
N VAL G 374 12.44 -42.30 -50.96
CA VAL G 374 11.50 -43.35 -51.30
C VAL G 374 12.24 -44.39 -52.17
N VAL G 375 12.14 -45.65 -51.81
CA VAL G 375 12.84 -46.78 -52.49
C VAL G 375 11.82 -47.88 -52.73
N ASP G 376 11.65 -48.31 -53.99
CA ASP G 376 10.77 -49.40 -54.37
C ASP G 376 11.61 -50.67 -54.60
N ARG G 377 10.93 -51.81 -54.75
CA ARG G 377 11.56 -53.10 -55.04
C ARG G 377 12.67 -53.41 -54.03
N VAL G 378 12.48 -53.07 -52.76
CA VAL G 378 13.53 -53.36 -51.76
C VAL G 378 13.58 -54.86 -51.50
N PRO G 379 14.77 -55.50 -51.55
CA PRO G 379 14.76 -56.96 -51.20
C PRO G 379 14.46 -57.13 -49.73
N HIS G 380 13.63 -58.11 -49.37
CA HIS G 380 13.21 -58.26 -47.96
C HIS G 380 14.38 -58.58 -47.07
N GLN G 381 15.43 -59.17 -47.64
CA GLN G 381 16.61 -59.50 -46.80
C GLN G 381 17.67 -58.39 -46.76
N SER G 382 17.56 -57.34 -47.56
CA SER G 382 18.54 -56.26 -47.42
C SER G 382 18.54 -55.61 -46.03
N ASP G 383 19.69 -55.05 -45.65
CA ASP G 383 19.88 -54.48 -44.32
C ASP G 383 18.86 -53.38 -43.99
N LEU G 384 18.54 -52.56 -45.02
CA LEU G 384 17.56 -51.45 -44.94
C LEU G 384 16.31 -51.93 -44.18
N VAL G 385 15.74 -53.07 -44.59
CA VAL G 385 14.50 -53.54 -43.97
C VAL G 385 14.62 -54.73 -43.06
N LEU G 386 15.77 -55.42 -43.08
CA LEU G 386 15.96 -56.62 -42.23
C LEU G 386 16.31 -56.24 -40.81
N GLU G 387 17.26 -55.31 -40.72
CA GLU G 387 17.69 -54.65 -39.48
C GLU G 387 16.72 -53.44 -39.24
N GLU G 388 16.72 -52.93 -38.01
CA GLU G 388 15.88 -51.76 -37.71
C GLU G 388 16.59 -50.53 -38.27
N THR G 389 15.93 -49.80 -39.18
CA THR G 389 16.45 -48.53 -39.74
C THR G 389 15.67 -47.33 -39.17
N PHE G 390 16.24 -46.72 -38.12
CA PHE G 390 15.54 -45.73 -37.30
C PHE G 390 15.52 -44.31 -37.90
N GLY G 391 15.08 -44.17 -39.15
CA GLY G 391 15.08 -42.88 -39.80
C GLY G 391 13.94 -42.79 -40.81
N PRO G 392 13.82 -41.65 -41.48
CA PRO G 392 12.68 -41.34 -42.39
C PRO G 392 12.64 -42.01 -43.76
N ILE G 393 13.17 -43.21 -43.89
CA ILE G 393 13.14 -43.90 -45.17
C ILE G 393 11.74 -44.47 -45.46
N ILE G 394 11.33 -44.40 -46.73
CA ILE G 394 10.06 -44.96 -47.15
C ILE G 394 10.28 -46.19 -48.07
N PRO G 395 10.47 -47.37 -47.47
CA PRO G 395 10.96 -48.48 -48.28
C PRO G 395 9.82 -49.45 -48.69
N ILE G 396 9.57 -49.57 -49.98
CA ILE G 396 8.53 -50.50 -50.44
C ILE G 396 9.12 -51.85 -50.85
N VAL G 397 8.64 -52.90 -50.19
CA VAL G 397 9.01 -54.28 -50.49
C VAL G 397 7.87 -54.91 -51.25
N ARG G 398 8.07 -55.36 -52.48
CA ARG G 398 6.97 -56.01 -53.18
C ARG G 398 6.78 -57.44 -52.69
N VAL G 399 5.53 -57.84 -52.39
CA VAL G 399 5.29 -59.16 -51.79
C VAL G 399 4.35 -59.88 -52.68
N PRO G 400 4.26 -61.21 -52.57
CA PRO G 400 3.35 -61.94 -53.45
C PRO G 400 1.86 -61.65 -53.18
N ASP G 401 1.02 -61.85 -54.16
CA ASP G 401 -0.42 -61.86 -53.95
C ASP G 401 -0.87 -63.15 -53.33
N ASP G 402 -0.33 -63.48 -52.17
CA ASP G 402 -0.70 -64.66 -51.44
C ASP G 402 -0.49 -64.27 -49.99
N ASP G 403 -1.56 -64.32 -49.21
CA ASP G 403 -1.48 -63.95 -47.76
C ASP G 403 -0.56 -64.79 -46.91
N ASP G 404 -0.55 -66.11 -47.15
CA ASP G 404 0.36 -67.01 -46.42
C ASP G 404 1.78 -66.60 -46.60
N ALA G 405 2.17 -66.42 -47.84
CA ALA G 405 3.52 -65.96 -48.14
C ALA G 405 3.83 -64.53 -47.54
N THR G 406 2.85 -63.63 -47.60
CA THR G 406 3.04 -62.26 -47.06
C THR G 406 3.24 -62.30 -45.53
N ILE G 407 2.36 -63.06 -44.86
CA ILE G 407 2.53 -63.29 -43.41
C ILE G 407 3.92 -63.84 -43.08
N THR G 408 4.40 -64.85 -43.84
CA THR G 408 5.70 -65.50 -43.49
C THR G 408 6.80 -64.45 -43.61
N LEU G 409 6.75 -63.69 -44.68
CA LEU G 409 7.65 -62.58 -44.91
C LEU G 409 7.57 -61.47 -43.88
N SER G 410 6.37 -61.14 -43.47
CA SER G 410 6.25 -60.13 -42.42
C SER G 410 6.90 -60.60 -41.11
N ASN G 411 6.72 -61.89 -40.79
CA ASN G 411 7.25 -62.48 -39.59
C ASN G 411 8.72 -62.91 -39.69
N SER G 412 9.35 -62.67 -40.82
CA SER G 412 10.66 -63.27 -41.01
C SER G 412 11.81 -62.50 -40.36
N THR G 413 11.56 -61.34 -39.69
CA THR G 413 12.65 -60.63 -39.01
C THR G 413 12.74 -61.12 -37.60
N ALA G 414 13.76 -60.65 -36.87
CA ALA G 414 13.93 -60.94 -35.43
C ALA G 414 12.93 -60.20 -34.49
N PHE G 415 12.12 -59.30 -35.06
CA PHE G 415 11.29 -58.37 -34.26
C PHE G 415 9.81 -58.74 -34.31
N GLY G 416 9.04 -58.31 -33.30
CA GLY G 416 7.58 -58.31 -33.48
C GLY G 416 6.92 -57.36 -32.50
N LEU G 417 6.84 -56.10 -32.87
CA LEU G 417 6.31 -55.13 -31.95
C LEU G 417 4.89 -54.79 -32.43
N SER G 418 4.76 -53.94 -33.44
CA SER G 418 3.43 -53.61 -33.94
C SER G 418 3.33 -53.84 -35.41
N SER G 419 2.18 -53.61 -36.00
CA SER G 419 1.96 -53.81 -37.43
C SER G 419 0.69 -53.07 -37.85
N GLY G 420 0.60 -52.76 -39.15
CA GLY G 420 -0.59 -52.19 -39.75
C GLY G 420 -1.02 -52.94 -40.98
N VAL G 421 -2.31 -53.15 -41.17
CA VAL G 421 -2.78 -53.88 -42.32
C VAL G 421 -3.91 -53.15 -43.00
N CYS G 422 -3.77 -52.85 -44.28
CA CYS G 422 -4.83 -52.16 -45.03
C CYS G 422 -5.55 -53.10 -45.94
N THR G 423 -6.84 -53.30 -45.66
CA THR G 423 -7.70 -54.20 -46.47
C THR G 423 -9.12 -53.96 -45.98
N ASN G 424 -10.09 -54.40 -46.76
CA ASN G 424 -11.51 -54.27 -46.43
C ASN G 424 -12.16 -55.64 -46.28
N ASP G 425 -11.40 -56.68 -46.61
CA ASP G 425 -11.93 -58.05 -46.57
C ASP G 425 -11.81 -58.61 -45.13
N TYR G 426 -12.94 -58.81 -44.46
CA TYR G 426 -12.91 -59.26 -43.03
C TYR G 426 -12.13 -60.57 -42.85
N ARG G 427 -12.34 -61.53 -43.73
CA ARG G 427 -11.68 -62.85 -43.63
C ARG G 427 -10.17 -62.62 -43.56
N ARG G 428 -9.73 -61.71 -44.40
CA ARG G 428 -8.33 -61.44 -44.51
C ARG G 428 -7.82 -60.63 -43.33
N MET G 429 -8.57 -59.62 -42.88
CA MET G 429 -8.20 -58.94 -41.65
C MET G 429 -7.97 -59.94 -40.51
N GLN G 430 -8.96 -60.79 -40.23
CA GLN G 430 -8.83 -61.78 -39.14
C GLN G 430 -7.61 -62.71 -39.27
N LYS G 431 -7.34 -63.17 -40.49
CA LYS G 431 -6.15 -64.01 -40.73
C LYS G 431 -4.81 -63.32 -40.33
N TYR G 432 -4.68 -62.05 -40.73
CA TYR G 432 -3.44 -61.30 -40.36
C TYR G 432 -3.39 -61.03 -38.85
N ILE G 433 -4.54 -60.67 -38.25
CA ILE G 433 -4.56 -60.44 -36.76
C ILE G 433 -4.14 -61.76 -36.02
N ALA G 434 -4.63 -62.90 -36.47
CA ALA G 434 -4.25 -64.23 -35.87
C ALA G 434 -2.81 -64.62 -36.22
N GLY G 435 -2.39 -64.34 -37.46
CA GLY G 435 -1.10 -64.84 -38.04
C GLY G 435 0.13 -63.95 -37.87
N LEU G 436 -0.03 -62.62 -37.72
CA LEU G 436 1.16 -61.80 -37.45
C LEU G 436 1.74 -62.07 -36.08
N LYS G 437 3.05 -62.31 -36.02
CA LYS G 437 3.70 -62.57 -34.74
C LYS G 437 4.20 -61.27 -34.08
N VAL G 438 3.29 -60.57 -33.39
CA VAL G 438 3.53 -59.19 -32.98
C VAL G 438 2.74 -58.91 -31.73
N GLY G 439 3.01 -57.79 -31.06
CA GLY G 439 2.19 -57.42 -29.92
C GLY G 439 0.88 -56.72 -30.27
N THR G 440 0.82 -56.16 -31.49
CA THR G 440 -0.26 -55.31 -31.88
C THR G 440 -0.49 -55.36 -33.37
N VAL G 441 -1.75 -55.47 -33.77
CA VAL G 441 -2.14 -55.40 -35.18
C VAL G 441 -3.21 -54.34 -35.40
N ASN G 442 -2.85 -53.26 -36.11
CA ASN G 442 -3.81 -52.17 -36.38
C ASN G 442 -4.42 -52.34 -37.76
N ILE G 443 -5.75 -52.41 -37.86
CA ILE G 443 -6.36 -52.50 -39.19
C ILE G 443 -6.63 -51.07 -39.68
N TRP G 444 -6.16 -50.72 -40.91
CA TRP G 444 -6.33 -49.37 -41.44
C TRP G 444 -5.66 -48.26 -40.61
N GLU G 445 -4.58 -48.58 -39.93
CA GLU G 445 -3.78 -47.57 -39.29
C GLU G 445 -2.33 -47.99 -39.33
N VAL G 446 -1.45 -47.09 -38.90
CA VAL G 446 -0.10 -47.39 -38.90
C VAL G 446 0.22 -48.18 -37.68
N PRO G 447 1.34 -48.91 -37.72
CA PRO G 447 1.74 -49.73 -36.58
C PRO G 447 1.91 -48.86 -35.33
N GLY G 448 2.24 -47.58 -35.50
CA GLY G 448 2.50 -46.68 -34.36
C GLY G 448 1.25 -46.24 -33.58
N TYR G 449 0.07 -46.49 -34.15
CA TYR G 449 -1.17 -46.09 -33.53
C TYR G 449 -1.49 -46.89 -32.26
N ARG G 450 -1.66 -46.18 -31.14
CA ARG G 450 -2.12 -46.71 -29.83
C ARG G 450 -2.65 -45.49 -28.97
N ILE G 451 -3.32 -45.75 -27.84
CA ILE G 451 -3.69 -44.73 -26.88
C ILE G 451 -2.76 -44.94 -25.70
N GLU G 452 -2.70 -43.96 -24.81
CA GLU G 452 -1.61 -43.96 -23.85
C GLU G 452 -1.85 -45.04 -22.82
N MET G 453 -3.10 -45.51 -22.73
CA MET G 453 -3.45 -46.50 -21.76
C MET G 453 -3.62 -47.95 -22.27
N SER G 454 -3.51 -48.21 -23.56
CA SER G 454 -3.68 -49.61 -24.04
C SER G 454 -2.45 -50.46 -23.80
N PRO G 455 -2.59 -51.80 -23.70
CA PRO G 455 -1.37 -52.59 -23.37
C PRO G 455 -0.35 -52.48 -24.50
N PHE G 456 0.88 -52.09 -24.18
CA PHE G 456 1.88 -51.88 -25.26
C PHE G 456 3.16 -52.68 -25.01
N GLY G 457 3.61 -53.48 -25.98
CA GLY G 457 4.93 -54.14 -25.86
C GLY G 457 5.00 -55.26 -26.86
N GLY G 458 6.21 -55.62 -27.27
CA GLY G 458 6.34 -56.60 -28.34
C GLY G 458 6.80 -57.98 -27.82
N ILE G 459 7.08 -58.87 -28.76
CA ILE G 459 7.68 -60.18 -28.39
C ILE G 459 8.95 -60.37 -29.24
N LYS G 460 9.46 -61.60 -29.32
CA LYS G 460 10.72 -61.91 -30.04
C LYS G 460 11.80 -60.97 -29.52
N ASP G 461 12.60 -60.40 -30.41
CA ASP G 461 13.61 -59.41 -29.94
C ASP G 461 13.10 -58.02 -29.52
N SER G 462 11.80 -57.79 -29.67
CA SER G 462 11.17 -56.50 -29.37
C SER G 462 10.92 -56.20 -27.91
N GLY G 463 10.97 -57.23 -27.07
CA GLY G 463 10.79 -57.04 -25.65
C GLY G 463 10.71 -58.35 -24.90
N ASN G 464 11.13 -58.33 -23.63
CA ASN G 464 11.11 -59.52 -22.80
C ASN G 464 9.71 -60.02 -22.44
N GLY G 465 8.70 -59.59 -23.18
CA GLY G 465 7.31 -60.03 -23.00
C GLY G 465 6.47 -59.44 -21.84
N TYR G 466 6.72 -58.21 -21.40
CA TYR G 466 5.81 -57.49 -20.47
C TYR G 466 5.15 -56.27 -21.17
N LYS G 467 3.86 -56.04 -20.92
CA LYS G 467 3.19 -54.91 -21.53
C LYS G 467 3.46 -53.66 -20.75
N GLU G 468 3.50 -52.53 -21.45
CA GLU G 468 3.43 -51.26 -20.71
C GLU G 468 2.25 -50.43 -21.17
N GLY G 469 2.39 -49.10 -21.18
CA GLY G 469 1.20 -48.21 -21.35
C GLY G 469 0.77 -47.92 -19.92
N VAL G 470 -0.02 -46.86 -19.71
CA VAL G 470 -0.31 -46.37 -18.34
C VAL G 470 -0.81 -47.45 -17.39
N ILE G 471 -1.84 -48.16 -17.81
CA ILE G 471 -2.45 -49.15 -16.93
C ILE G 471 -1.52 -50.30 -16.56
N GLU G 472 -0.94 -50.95 -17.56
CA GLU G 472 -0.08 -52.09 -17.28
C GLU G 472 1.16 -51.67 -16.51
N ALA G 473 1.65 -50.46 -16.74
CA ALA G 473 2.81 -50.00 -16.00
C ALA G 473 2.39 -49.87 -14.56
N MET G 474 1.20 -49.29 -14.30
CA MET G 474 0.82 -49.11 -12.88
C MET G 474 0.67 -50.49 -12.20
N LYS G 475 0.13 -51.47 -12.92
CA LYS G 475 0.17 -52.84 -12.36
C LYS G 475 1.57 -53.41 -12.11
N SER G 476 2.49 -53.30 -13.08
CA SER G 476 3.81 -53.91 -12.86
C SER G 476 4.61 -53.16 -11.80
N PHE G 477 4.23 -51.90 -11.51
CA PHE G 477 4.97 -51.11 -10.47
C PHE G 477 4.45 -51.35 -9.06
N THR G 478 3.69 -52.41 -8.84
CA THR G 478 3.16 -52.67 -7.50
C THR G 478 3.24 -54.18 -7.19
N ASN G 479 3.07 -54.54 -5.94
CA ASN G 479 2.97 -55.95 -5.53
C ASN G 479 1.56 -56.15 -5.04
N VAL G 480 0.97 -57.29 -5.37
CA VAL G 480 -0.33 -57.62 -4.90
C VAL G 480 -0.21 -58.36 -3.54
N LYS G 481 -0.93 -57.91 -2.52
CA LYS G 481 -0.94 -58.64 -1.27
C LYS G 481 -2.36 -59.16 -1.16
N THR G 482 -2.52 -60.39 -0.71
CA THR G 482 -3.86 -60.86 -0.40
C THR G 482 -4.03 -60.89 1.11
N PHE G 483 -5.27 -60.91 1.57
CA PHE G 483 -5.53 -61.15 2.96
C PHE G 483 -6.90 -61.81 3.03
N SER G 484 -7.14 -62.59 4.10
CA SER G 484 -8.38 -63.34 4.22
C SER G 484 -8.99 -63.13 5.56
N LEU G 485 -10.32 -63.05 5.57
CA LEU G 485 -11.07 -62.84 6.79
C LEU G 485 -12.10 -63.97 7.05
N PRO G 486 -12.31 -64.34 8.33
CA PRO G 486 -13.40 -65.29 8.56
C PRO G 486 -14.71 -64.69 8.03
N TRP G 487 -15.51 -65.50 7.31
CA TRP G 487 -16.81 -65.04 6.85
C TRP G 487 -17.93 -66.05 7.08
N PRO G 488 -18.37 -66.28 8.33
CA PRO G 488 -19.35 -67.37 8.60
C PRO G 488 -20.62 -67.20 7.79
N VAL H 13 -7.55 16.94 -59.27
CA VAL H 13 -7.18 18.30 -59.77
C VAL H 13 -7.72 19.48 -58.92
N ARG H 14 -7.31 19.53 -57.65
CA ARG H 14 -7.96 20.41 -56.66
C ARG H 14 -7.51 21.86 -56.61
N HIS H 15 -8.46 22.76 -56.32
CA HIS H 15 -8.28 24.22 -56.25
C HIS H 15 -8.52 24.66 -54.82
N GLU H 16 -7.46 24.89 -54.05
CA GLU H 16 -7.59 25.10 -52.60
C GLU H 16 -7.37 26.59 -52.25
N PRO H 17 -8.36 27.24 -51.60
CA PRO H 17 -8.24 28.65 -51.22
C PRO H 17 -7.31 28.85 -50.02
N MET H 18 -6.96 30.09 -49.66
CA MET H 18 -6.23 30.32 -48.40
C MET H 18 -7.17 30.14 -47.17
N ARG H 19 -6.57 29.93 -45.99
CA ARG H 19 -7.30 29.88 -44.70
C ARG H 19 -6.85 31.02 -43.83
N ILE H 20 -7.67 32.07 -43.76
CA ILE H 20 -7.34 33.26 -42.99
C ILE H 20 -8.33 33.23 -41.85
N ALA H 21 -7.83 32.99 -40.64
CA ALA H 21 -8.70 32.90 -39.45
C ALA H 21 -9.93 32.05 -39.71
N GLY H 22 -9.77 30.86 -40.27
CA GLY H 22 -10.90 29.98 -40.50
C GLY H 22 -11.66 30.29 -41.80
N ARG H 23 -11.51 31.49 -42.37
CA ARG H 23 -12.24 31.85 -43.59
C ARG H 23 -11.50 31.47 -44.88
N LEU H 24 -12.25 30.92 -45.82
CA LEU H 24 -11.73 30.51 -47.12
C LEU H 24 -11.56 31.78 -47.96
N VAL H 25 -10.35 32.06 -48.41
CA VAL H 25 -10.10 33.34 -49.09
C VAL H 25 -9.32 33.09 -50.38
N ASP H 26 -9.88 33.53 -51.51
CA ASP H 26 -9.32 33.20 -52.85
C ASP H 26 -8.86 34.44 -53.61
N THR H 27 -8.04 34.26 -54.64
CA THR H 27 -7.65 35.38 -55.53
C THR H 27 -7.95 34.96 -56.94
N ASP H 28 -7.81 35.88 -57.91
CA ASP H 28 -7.93 35.54 -59.36
C ASP H 28 -6.73 34.77 -59.90
N ASP H 29 -5.54 35.32 -59.72
CA ASP H 29 -4.31 34.64 -60.10
C ASP H 29 -4.18 33.41 -59.20
N ARG H 30 -3.61 32.34 -59.75
CA ARG H 30 -3.52 31.07 -59.07
C ARG H 30 -2.05 30.73 -59.07
N VAL H 31 -1.62 29.82 -58.19
CA VAL H 31 -0.28 29.27 -58.25
C VAL H 31 -0.51 27.78 -58.44
N GLU H 32 0.13 27.24 -59.47
CA GLU H 32 -0.02 25.84 -59.80
C GLU H 32 0.95 24.97 -59.02
N VAL H 33 0.49 23.80 -58.59
CA VAL H 33 1.32 22.84 -57.85
C VAL H 33 1.32 21.59 -58.69
N ARG H 34 2.51 21.11 -58.97
CA ARG H 34 2.70 20.00 -59.85
C ARG H 34 3.30 18.86 -59.11
N TYR H 35 2.90 17.67 -59.53
CA TYR H 35 3.40 16.42 -59.08
C TYR H 35 4.73 16.17 -59.73
N PRO H 36 5.82 16.17 -58.95
CA PRO H 36 7.12 16.02 -59.62
C PRO H 36 7.36 14.70 -60.37
N TRP H 37 6.46 13.71 -60.24
CA TRP H 37 6.66 12.40 -60.89
C TRP H 37 6.44 12.48 -62.40
N ASN H 38 5.54 13.33 -62.86
CA ASN H 38 5.21 13.45 -64.29
C ASN H 38 4.97 14.90 -64.63
N ASP H 39 5.21 15.75 -63.67
CA ASP H 39 5.09 17.16 -63.86
C ASP H 39 3.71 17.64 -64.26
N THR H 40 2.65 16.99 -63.77
CA THR H 40 1.29 17.50 -64.03
C THR H 40 0.76 18.27 -62.84
N VAL H 41 -0.10 19.26 -63.12
CA VAL H 41 -0.73 20.09 -62.14
C VAL H 41 -1.72 19.24 -61.39
N VAL H 42 -1.45 19.00 -60.10
CA VAL H 42 -2.38 18.34 -59.21
C VAL H 42 -3.10 19.38 -58.37
N GLY H 43 -2.68 20.64 -58.42
CA GLY H 43 -3.45 21.59 -57.64
C GLY H 43 -3.22 23.05 -57.91
N THR H 44 -4.01 23.86 -57.24
CA THR H 44 -3.87 25.26 -57.36
C THR H 44 -4.13 25.96 -56.02
N VAL H 45 -3.42 27.04 -55.72
CA VAL H 45 -3.70 27.85 -54.50
C VAL H 45 -3.71 29.37 -54.83
N PRO H 46 -4.23 30.21 -53.94
CA PRO H 46 -4.20 31.63 -54.35
C PRO H 46 -2.81 32.21 -54.47
N ALA H 47 -2.60 33.11 -55.43
CA ALA H 47 -1.40 33.90 -55.47
C ALA H 47 -1.67 35.08 -54.54
N GLY H 48 -1.44 34.88 -53.25
CA GLY H 48 -1.81 35.93 -52.31
C GLY H 48 -0.77 37.03 -52.28
N ARG H 49 -1.20 38.19 -51.80
CA ARG H 49 -0.39 39.42 -51.73
C ARG H 49 -0.23 39.93 -50.28
N ALA H 50 0.76 40.80 -50.06
CA ALA H 50 0.94 41.49 -48.78
C ALA H 50 -0.38 41.70 -48.04
N GLU H 51 -1.42 42.12 -48.76
CA GLU H 51 -2.67 42.49 -48.13
C GLU H 51 -3.30 41.30 -47.38
N HIS H 52 -3.10 40.09 -47.88
CA HIS H 52 -3.65 38.89 -47.22
C HIS H 52 -2.97 38.57 -45.92
N ALA H 53 -1.64 38.55 -45.97
CA ALA H 53 -0.82 38.39 -44.80
C ALA H 53 -1.12 39.46 -43.76
N ARG H 54 -1.28 40.70 -44.19
CA ARG H 54 -1.52 41.83 -43.29
C ARG H 54 -2.84 41.70 -42.52
N GLU H 55 -3.88 41.25 -43.21
CA GLU H 55 -5.10 40.94 -42.54
C GLU H 55 -4.96 39.75 -41.57
N ALA H 56 -4.28 38.70 -42.01
CA ALA H 56 -4.08 37.53 -41.16
C ALA H 56 -3.42 37.98 -39.82
N PHE H 57 -2.38 38.82 -39.93
CA PHE H 57 -1.61 39.29 -38.78
C PHE H 57 -2.42 40.26 -37.92
N ALA H 58 -3.30 40.99 -38.57
CA ALA H 58 -4.13 41.95 -37.85
C ALA H 58 -5.14 41.16 -36.98
N ILE H 59 -5.72 40.12 -37.55
CA ILE H 59 -6.62 39.20 -36.81
C ILE H 59 -5.85 38.53 -35.68
N ALA H 60 -4.63 38.08 -35.98
CA ALA H 60 -3.77 37.42 -34.98
C ALA H 60 -3.46 38.34 -33.82
N ALA H 61 -3.13 39.59 -34.10
CA ALA H 61 -2.69 40.52 -33.05
C ALA H 61 -3.82 40.81 -32.11
N ALA H 62 -5.04 40.95 -32.63
CA ALA H 62 -6.20 41.34 -31.84
C ALA H 62 -6.82 40.18 -31.03
N TYR H 63 -6.59 38.95 -31.42
CA TYR H 63 -7.17 37.86 -30.65
C TYR H 63 -6.26 37.47 -29.50
N GLN H 64 -6.86 37.36 -28.32
CA GLN H 64 -6.15 36.98 -27.08
C GLN H 64 -6.68 35.64 -26.68
N PRO H 65 -5.89 34.60 -26.92
CA PRO H 65 -6.40 33.28 -26.59
C PRO H 65 -6.59 33.15 -25.07
N LYS H 66 -7.64 32.42 -24.67
CA LYS H 66 -7.94 32.16 -23.26
C LYS H 66 -8.02 30.64 -23.02
N LEU H 67 -7.84 29.84 -24.05
CA LEU H 67 -7.67 28.39 -23.81
C LEU H 67 -6.86 28.09 -22.52
N THR H 68 -7.42 27.30 -21.64
CA THR H 68 -6.68 26.74 -20.51
C THR H 68 -5.69 25.72 -21.04
N ARG H 69 -4.82 25.24 -20.17
CA ARG H 69 -3.86 24.27 -20.52
C ARG H 69 -4.54 22.99 -20.98
N TYR H 70 -5.56 22.59 -20.22
CA TYR H 70 -6.39 21.42 -20.57
C TYR H 70 -7.02 21.53 -21.99
N GLU H 71 -7.63 22.67 -22.31
CA GLU H 71 -8.22 22.84 -23.62
C GLU H 71 -7.19 22.76 -24.75
N ARG H 72 -6.00 23.33 -24.55
CA ARG H 72 -4.94 23.26 -25.53
C ARG H 72 -4.53 21.82 -25.70
N GLN H 73 -4.41 21.11 -24.59
CA GLN H 73 -4.05 19.71 -24.69
C GLN H 73 -5.09 18.89 -25.53
N LYS H 74 -6.35 19.27 -25.41
CA LYS H 74 -7.48 18.53 -26.00
C LYS H 74 -7.38 18.73 -27.51
N ILE H 75 -7.21 19.99 -27.89
CA ILE H 75 -7.04 20.35 -29.30
C ILE H 75 -5.86 19.64 -29.95
N LEU H 76 -4.75 19.60 -29.22
CA LEU H 76 -3.53 19.04 -29.79
C LEU H 76 -3.58 17.52 -29.94
N LEU H 77 -4.14 16.83 -28.96
CA LEU H 77 -4.31 15.39 -29.02
C LEU H 77 -5.44 14.99 -30.03
N ALA H 78 -6.53 15.73 -30.10
CA ALA H 78 -7.58 15.52 -31.11
C ALA H 78 -6.93 15.62 -32.51
N THR H 79 -5.92 16.51 -32.67
CA THR H 79 -5.30 16.76 -33.97
C THR H 79 -4.46 15.56 -34.31
N ALA H 80 -3.62 15.14 -33.34
CA ALA H 80 -2.91 13.91 -33.48
C ALA H 80 -3.83 12.74 -33.92
N GLU H 81 -4.98 12.57 -33.26
CA GLU H 81 -5.88 11.44 -33.56
C GLU H 81 -6.41 11.57 -34.98
N ALA H 82 -6.74 12.79 -35.44
CA ALA H 82 -7.17 13.04 -36.84
C ALA H 82 -6.07 12.72 -37.85
N LEU H 83 -4.81 13.05 -37.54
CA LEU H 83 -3.72 12.62 -38.42
C LEU H 83 -3.56 11.09 -38.48
N ALA H 84 -3.88 10.38 -37.40
CA ALA H 84 -3.78 8.91 -37.38
C ALA H 84 -4.87 8.39 -38.27
N ALA H 85 -6.10 8.89 -38.07
CA ALA H 85 -7.25 8.43 -38.81
C ALA H 85 -7.15 8.73 -40.32
N ARG H 86 -6.57 9.87 -40.71
CA ARG H 86 -6.51 10.27 -42.11
C ARG H 86 -5.14 10.05 -42.71
N LYS H 87 -4.37 9.13 -42.15
CA LYS H 87 -2.97 9.05 -42.54
C LYS H 87 -2.80 8.76 -44.04
N GLU H 88 -3.68 7.94 -44.60
CA GLU H 88 -3.64 7.61 -46.04
C GLU H 88 -3.96 8.84 -46.89
N GLU H 89 -5.02 9.55 -46.54
CA GLU H 89 -5.38 10.74 -47.29
C GLU H 89 -4.25 11.81 -47.23
N ILE H 90 -3.60 11.93 -46.08
CA ILE H 90 -2.63 12.99 -45.91
C ILE H 90 -1.31 12.60 -46.59
N SER H 91 -0.86 11.37 -46.43
CA SER H 91 0.31 10.98 -47.17
C SER H 91 0.08 11.15 -48.69
N ASP H 92 -1.14 10.91 -49.19
CA ASP H 92 -1.36 11.09 -50.64
C ASP H 92 -1.10 12.50 -51.05
N VAL H 93 -1.66 13.42 -50.28
CA VAL H 93 -1.46 14.83 -50.59
C VAL H 93 0.02 15.17 -50.53
N ILE H 94 0.72 14.70 -49.51
CA ILE H 94 2.18 14.96 -49.43
C ILE H 94 2.90 14.40 -50.68
N THR H 95 2.70 13.12 -50.96
CA THR H 95 3.34 12.47 -52.12
C THR H 95 3.01 13.22 -53.45
N LEU H 96 1.77 13.68 -53.64
CA LEU H 96 1.42 14.29 -54.93
C LEU H 96 1.99 15.66 -55.11
N GLU H 97 2.43 16.31 -54.03
CA GLU H 97 2.96 17.65 -54.23
C GLU H 97 4.46 17.65 -54.13
N LEU H 98 5.05 16.67 -53.44
CA LEU H 98 6.50 16.63 -53.17
C LEU H 98 6.89 15.39 -53.91
N GLY H 99 8.13 15.11 -54.22
CA GLY H 99 8.13 13.73 -54.89
C GLY H 99 8.08 12.39 -54.15
N ILE H 100 8.08 12.45 -52.82
CA ILE H 100 8.54 11.33 -52.00
C ILE H 100 7.62 10.09 -52.01
N SER H 101 8.21 8.90 -51.82
CA SER H 101 7.43 7.65 -51.78
C SER H 101 6.37 7.68 -50.72
N LYS H 102 5.30 6.89 -50.92
CA LYS H 102 4.25 6.69 -49.94
C LYS H 102 4.84 6.23 -48.61
N ALA H 103 5.89 5.41 -48.67
CA ALA H 103 6.55 4.96 -47.45
C ALA H 103 7.09 6.17 -46.63
N ASP H 104 7.75 7.13 -47.30
CA ASP H 104 8.35 8.33 -46.66
C ASP H 104 7.25 9.24 -46.22
N SER H 105 6.19 9.26 -46.98
CA SER H 105 5.14 10.20 -46.75
C SER H 105 4.26 9.70 -45.58
N LEU H 106 4.11 8.37 -45.43
CA LEU H 106 3.33 7.84 -44.31
C LEU H 106 4.14 8.05 -43.04
N TYR H 107 5.44 7.77 -43.12
CA TYR H 107 6.40 8.05 -42.02
C TYR H 107 6.34 9.50 -41.58
N GLU H 108 6.25 10.43 -42.55
CA GLU H 108 6.11 11.84 -42.17
C GLU H 108 4.85 12.07 -41.33
N VAL H 109 3.75 11.38 -41.68
CA VAL H 109 2.51 11.56 -40.91
C VAL H 109 2.71 11.06 -39.47
N GLY H 110 3.39 9.91 -39.35
CA GLY H 110 3.77 9.34 -38.03
C GLY H 110 4.53 10.36 -37.19
N ARG H 111 5.44 11.11 -37.82
CA ARG H 111 6.18 12.16 -37.11
C ARG H 111 5.38 13.36 -36.68
N ALA H 112 4.47 13.84 -37.52
CA ALA H 112 3.61 14.90 -37.13
C ALA H 112 2.62 14.45 -36.01
N PHE H 113 2.21 13.19 -36.04
CA PHE H 113 1.42 12.61 -34.96
C PHE H 113 2.17 12.77 -33.62
N ASP H 114 3.46 12.44 -33.62
CA ASP H 114 4.34 12.55 -32.47
C ASP H 114 4.52 13.97 -32.00
N VAL H 115 4.72 14.91 -32.93
CA VAL H 115 4.78 16.31 -32.63
C VAL H 115 3.53 16.86 -31.92
N PHE H 116 2.32 16.54 -32.43
CA PHE H 116 1.08 16.97 -31.79
C PHE H 116 0.88 16.31 -30.43
N THR H 117 1.24 15.04 -30.34
CA THR H 117 1.04 14.30 -29.13
C THR H 117 1.93 14.94 -28.06
N LEU H 118 3.23 15.05 -28.38
CA LEU H 118 4.25 15.55 -27.45
C LEU H 118 3.96 16.95 -27.04
N ALA H 119 3.55 17.80 -27.99
CA ALA H 119 3.10 19.13 -27.62
C ALA H 119 1.92 19.13 -26.70
N GLY H 120 0.93 18.26 -26.99
CA GLY H 120 -0.18 18.08 -26.05
C GLY H 120 0.28 17.76 -24.63
N GLN H 121 1.17 16.78 -24.49
CA GLN H 121 1.63 16.34 -23.17
C GLN H 121 2.44 17.46 -22.45
N MET H 122 3.23 18.23 -23.18
CA MET H 122 3.97 19.38 -22.66
C MET H 122 3.11 20.50 -22.11
N CYS H 123 1.86 20.65 -22.54
CA CYS H 123 0.99 21.73 -21.98
C CYS H 123 0.76 21.64 -20.49
N ILE H 124 0.99 20.48 -19.92
CA ILE H 124 0.74 20.36 -18.50
C ILE H 124 1.99 20.92 -17.76
N ARG H 125 3.13 21.10 -18.41
CA ARG H 125 4.31 21.46 -17.64
C ARG H 125 4.47 22.96 -17.48
N ASP H 126 4.92 23.32 -16.27
CA ASP H 126 5.19 24.73 -15.91
C ASP H 126 6.63 24.76 -15.43
N ASP H 127 7.51 25.39 -16.21
CA ASP H 127 8.92 25.49 -15.81
C ASP H 127 9.22 26.80 -15.01
N GLY H 128 8.19 27.44 -14.42
CA GLY H 128 8.40 28.58 -13.52
C GLY H 128 9.48 28.32 -12.49
N GLU H 129 10.23 29.32 -12.14
CA GLU H 129 11.21 29.23 -11.08
C GLU H 129 10.94 30.31 -10.00
N ILE H 130 11.59 30.12 -8.86
CA ILE H 130 11.45 30.96 -7.70
C ILE H 130 12.88 31.23 -7.24
N PHE H 131 13.12 32.49 -6.84
CA PHE H 131 14.43 32.92 -6.36
C PHE H 131 14.24 33.52 -4.95
N SER H 132 15.13 33.18 -4.04
CA SER H 132 15.17 33.85 -2.73
C SER H 132 16.11 35.06 -2.83
N CYS H 133 15.74 36.16 -2.14
CA CYS H 133 16.45 37.43 -2.39
C CYS H 133 17.47 37.79 -1.33
N ASP H 134 17.55 37.00 -0.26
CA ASP H 134 18.34 37.44 0.93
C ASP H 134 19.74 36.86 0.86
N LEU H 135 20.42 37.20 -0.24
CA LEU H 135 21.57 36.44 -0.73
C LEU H 135 22.91 37.18 -0.54
N THR H 136 22.84 38.50 -0.52
CA THR H 136 24.06 39.30 -0.52
C THR H 136 23.88 40.30 0.66
N PRO H 137 24.89 41.19 0.94
CA PRO H 137 24.67 42.24 1.93
C PRO H 137 23.50 43.20 1.55
N HIS H 138 23.28 43.43 0.26
CA HIS H 138 22.10 44.19 -0.26
C HIS H 138 20.77 43.43 -0.20
N GLY H 139 20.65 42.37 0.61
CA GLY H 139 19.58 41.32 0.40
C GLY H 139 18.23 41.70 0.99
N LYS H 140 17.11 41.45 0.32
CA LYS H 140 15.81 41.73 0.89
C LYS H 140 15.07 40.43 1.28
N ALA H 141 14.06 40.52 2.17
CA ALA H 141 13.27 39.34 2.61
C ALA H 141 12.15 39.27 1.59
N ARG H 142 12.42 38.61 0.46
CA ARG H 142 11.54 38.78 -0.69
C ARG H 142 11.72 37.53 -1.60
N LYS H 143 10.72 37.23 -2.44
CA LYS H 143 10.90 36.18 -3.44
C LYS H 143 10.57 36.72 -4.78
N ILE H 144 11.28 36.23 -5.80
CA ILE H 144 11.01 36.54 -7.16
C ILE H 144 10.49 35.27 -7.77
N PHE H 145 9.46 35.38 -8.60
CA PHE H 145 8.81 34.22 -9.27
C PHE H 145 8.80 34.53 -10.77
N THR H 146 8.88 33.50 -11.62
CA THR H 146 8.76 33.64 -13.09
C THR H 146 7.46 33.03 -13.65
N MET H 147 6.97 33.61 -14.74
CA MET H 147 5.84 33.02 -15.46
C MET H 147 6.06 33.37 -16.94
N ARG H 148 5.39 32.64 -17.83
CA ARG H 148 5.54 32.86 -19.28
C ARG H 148 4.28 33.41 -19.84
N GLU H 149 4.40 34.27 -20.82
CA GLU H 149 3.23 34.91 -21.49
C GLU H 149 3.43 34.78 -22.98
N PRO H 150 2.35 34.82 -23.76
CA PRO H 150 2.44 34.63 -25.20
C PRO H 150 2.77 35.94 -25.93
N LEU H 151 3.10 35.84 -27.21
CA LEU H 151 3.51 37.01 -27.99
C LEU H 151 2.28 37.56 -28.68
N THR H 152 2.45 38.65 -29.41
CA THR H 152 1.35 39.24 -30.13
C THR H 152 0.97 38.35 -31.31
N ALA H 153 1.96 37.99 -32.13
CA ALA H 153 1.72 37.18 -33.32
C ALA H 153 3.04 36.59 -33.77
N ILE H 154 3.00 35.36 -34.29
CA ILE H 154 4.19 34.67 -34.71
C ILE H 154 4.09 34.50 -36.24
N SER H 155 5.19 34.75 -36.95
CA SER H 155 5.27 34.54 -38.39
C SER H 155 6.09 33.26 -38.70
N ALA H 156 5.52 32.34 -39.50
CA ALA H 156 6.15 31.04 -39.75
C ALA H 156 6.27 30.79 -41.24
N ILE H 157 7.48 30.45 -41.64
CA ILE H 157 7.77 30.26 -43.05
C ILE H 157 8.45 28.92 -43.18
N THR H 158 7.87 28.04 -43.97
CA THR H 158 8.36 26.66 -44.01
C THR H 158 8.80 26.23 -45.39
N PRO H 159 9.70 25.25 -45.45
CA PRO H 159 10.29 24.69 -46.66
C PRO H 159 9.48 23.56 -47.25
N PHE H 160 9.94 23.03 -48.38
CA PHE H 160 9.24 22.01 -49.11
C PHE H 160 9.50 20.60 -48.63
N ASN H 161 10.54 20.37 -47.86
CA ASN H 161 10.97 18.96 -47.64
C ASN H 161 10.12 18.10 -46.69
N HIS H 162 9.33 18.75 -45.84
CA HIS H 162 8.31 18.10 -44.97
C HIS H 162 7.09 19.00 -44.97
N PRO H 163 6.26 18.88 -46.02
CA PRO H 163 5.11 19.76 -46.16
C PRO H 163 4.16 19.71 -44.98
N LEU H 164 4.16 18.60 -44.23
CA LEU H 164 3.29 18.48 -43.02
C LEU H 164 4.08 18.79 -41.73
N ASN H 165 5.14 18.03 -41.51
CA ASN H 165 5.88 18.13 -40.28
C ASN H 165 6.57 19.43 -39.98
N MET H 166 6.93 20.21 -41.00
CA MET H 166 7.57 21.44 -40.76
C MET H 166 6.53 22.41 -40.24
N VAL H 167 5.31 22.28 -40.73
CA VAL H 167 4.23 23.13 -40.24
C VAL H 167 3.83 22.73 -38.80
N ALA H 168 3.70 21.42 -38.57
CA ALA H 168 3.41 20.89 -37.24
C ALA H 168 4.35 21.48 -36.22
N HIS H 169 5.66 21.45 -36.54
CA HIS H 169 6.72 21.83 -35.63
C HIS H 169 6.64 23.28 -35.34
N LYS H 170 6.03 24.05 -36.23
CA LYS H 170 5.87 25.47 -35.98
C LYS H 170 4.54 25.86 -35.36
N VAL H 171 3.49 25.08 -35.62
CA VAL H 171 2.16 25.47 -35.18
C VAL H 171 1.82 24.76 -33.85
N ALA H 172 2.25 23.52 -33.66
CA ALA H 172 1.89 22.84 -32.38
C ALA H 172 2.41 23.63 -31.13
N PRO H 173 3.69 24.04 -31.12
CA PRO H 173 4.15 24.86 -29.97
C PRO H 173 3.43 26.17 -29.85
N ALA H 174 2.98 26.79 -30.95
CA ALA H 174 2.24 28.06 -30.78
C ALA H 174 0.86 27.83 -30.09
N ILE H 175 0.18 26.78 -30.51
CA ILE H 175 -1.09 26.39 -29.89
C ILE H 175 -0.88 26.12 -28.39
N ALA H 176 0.15 25.33 -28.11
CA ALA H 176 0.52 24.97 -26.75
C ALA H 176 0.79 26.20 -25.86
N THR H 177 1.12 27.34 -26.45
CA THR H 177 1.54 28.47 -25.63
C THR H 177 0.61 29.60 -25.77
N ASN H 178 -0.58 29.34 -26.33
CA ASN H 178 -1.61 30.41 -26.53
C ASN H 178 -1.17 31.56 -27.45
N ASN H 179 -0.35 31.22 -28.44
CA ASN H 179 0.03 32.21 -29.46
C ASN H 179 -0.90 32.19 -30.68
N CYS H 180 -0.77 33.18 -31.54
CA CYS H 180 -1.54 33.17 -32.77
C CYS H 180 -0.53 33.15 -33.87
N VAL H 181 -0.61 32.20 -34.80
CA VAL H 181 0.42 32.05 -35.83
C VAL H 181 -0.14 32.19 -37.24
N VAL H 182 0.71 32.73 -38.13
CA VAL H 182 0.41 32.84 -39.57
C VAL H 182 1.55 32.14 -40.31
N VAL H 183 1.17 31.19 -41.15
CA VAL H 183 2.10 30.31 -41.84
C VAL H 183 2.08 30.61 -43.34
N LYS H 184 3.29 30.75 -43.94
CA LYS H 184 3.40 30.83 -45.43
C LYS H 184 4.20 29.64 -45.83
N PRO H 185 3.54 28.50 -46.11
CA PRO H 185 4.29 27.35 -46.58
C PRO H 185 4.93 27.70 -47.95
N THR H 186 5.88 26.88 -48.34
CA THR H 186 6.50 27.05 -49.67
C THR H 186 5.41 26.93 -50.76
N GLU H 187 5.57 27.68 -51.86
CA GLU H 187 4.60 27.63 -52.96
C GLU H 187 4.70 26.30 -53.76
N LEU H 188 5.80 25.60 -53.60
CA LEU H 188 5.99 24.25 -54.13
C LEU H 188 5.14 23.15 -53.50
N THR H 189 4.86 23.25 -52.19
CA THR H 189 4.10 22.23 -51.50
C THR H 189 3.18 22.82 -50.46
N PRO H 190 2.22 23.67 -50.86
CA PRO H 190 1.38 24.36 -49.90
C PRO H 190 0.12 23.62 -49.43
N MET H 191 -0.27 22.57 -50.16
CA MET H 191 -1.63 22.02 -49.98
C MET H 191 -1.72 21.21 -48.69
N THR H 192 -0.63 20.54 -48.30
CA THR H 192 -0.58 19.87 -46.99
C THR H 192 -0.81 20.84 -45.80
N ALA H 193 -0.24 22.04 -45.90
CA ALA H 193 -0.37 23.02 -44.82
C ALA H 193 -1.81 23.42 -44.71
N LEU H 194 -2.47 23.69 -45.85
CA LEU H 194 -3.90 24.06 -45.83
C LEU H 194 -4.79 22.92 -45.28
N LEU H 195 -4.47 21.66 -45.59
CA LEU H 195 -5.21 20.55 -45.03
C LEU H 195 -5.01 20.53 -43.48
N LEU H 196 -3.77 20.72 -42.99
CA LEU H 196 -3.51 20.79 -41.54
C LEU H 196 -4.40 21.85 -40.91
N ALA H 197 -4.51 22.99 -41.56
CA ALA H 197 -5.34 24.06 -41.02
C ALA H 197 -6.78 23.56 -40.82
N ASP H 198 -7.31 22.89 -41.82
CA ASP H 198 -8.69 22.40 -41.66
C ASP H 198 -8.84 21.41 -40.51
N ILE H 199 -7.89 20.45 -40.43
CA ILE H 199 -7.85 19.47 -39.34
C ILE H 199 -7.78 20.10 -37.94
N LEU H 200 -7.02 21.21 -37.86
CA LEU H 200 -6.95 21.96 -36.60
C LEU H 200 -8.26 22.71 -36.27
N TYR H 201 -8.91 23.33 -37.25
CA TYR H 201 -10.15 24.06 -36.98
C TYR H 201 -11.21 23.03 -36.53
N GLU H 202 -11.17 21.89 -37.20
CA GLU H 202 -12.11 20.86 -36.92
C GLU H 202 -11.84 20.20 -35.56
N ALA H 203 -10.56 19.99 -35.22
CA ALA H 203 -10.16 19.63 -33.87
C ALA H 203 -10.50 20.66 -32.77
N GLY H 204 -11.07 21.81 -33.10
CA GLY H 204 -11.51 22.70 -32.05
C GLY H 204 -10.71 24.01 -31.86
N LEU H 205 -9.66 24.18 -32.67
CA LEU H 205 -8.79 25.34 -32.49
C LEU H 205 -9.55 26.65 -32.77
N PRO H 206 -9.60 27.61 -31.83
CA PRO H 206 -10.14 28.93 -32.23
C PRO H 206 -9.52 29.49 -33.56
N PRO H 207 -10.37 29.93 -34.51
CA PRO H 207 -9.84 30.05 -35.85
C PRO H 207 -8.80 31.17 -35.98
N GLU H 208 -8.96 32.25 -35.23
CA GLU H 208 -8.01 33.37 -35.16
C GLU H 208 -6.59 32.95 -34.79
N MET H 209 -6.39 31.77 -34.20
CA MET H 209 -5.06 31.42 -33.74
C MET H 209 -4.24 30.84 -34.88
N LEU H 210 -4.82 30.62 -36.06
CA LEU H 210 -4.06 30.06 -37.17
C LEU H 210 -4.53 30.55 -38.55
N SER H 211 -3.60 31.09 -39.35
CA SER H 211 -3.87 31.35 -40.77
C SER H 211 -2.78 30.65 -41.57
N VAL H 212 -3.14 30.22 -42.79
CA VAL H 212 -2.18 29.67 -43.77
C VAL H 212 -2.40 30.47 -45.05
N VAL H 213 -1.45 31.36 -45.36
CA VAL H 213 -1.52 32.20 -46.55
C VAL H 213 -0.58 31.60 -47.59
N THR H 214 -0.83 31.85 -48.88
CA THR H 214 -0.03 31.27 -49.96
C THR H 214 0.18 32.31 -51.02
N GLY H 215 1.27 32.20 -51.74
CA GLY H 215 1.57 33.20 -52.75
C GLY H 215 3.00 33.07 -53.20
N TRP H 216 3.37 33.88 -54.20
CA TRP H 216 4.76 33.99 -54.62
C TRP H 216 5.52 34.79 -53.59
N PRO H 217 6.75 34.37 -53.27
CA PRO H 217 7.56 35.21 -52.35
C PRO H 217 7.65 36.72 -52.78
N ALA H 218 7.53 36.97 -54.08
CA ALA H 218 7.59 38.31 -54.67
C ALA H 218 6.52 39.28 -54.13
N ASP H 219 5.35 38.78 -53.73
CA ASP H 219 4.32 39.67 -53.23
C ASP H 219 4.06 39.54 -51.74
N ILE H 220 4.26 38.33 -51.16
CA ILE H 220 3.74 37.98 -49.78
C ILE H 220 4.85 37.74 -48.74
N GLY H 221 6.03 37.33 -49.19
CA GLY H 221 7.12 36.99 -48.29
C GLY H 221 7.64 38.14 -47.44
N MET H 222 7.67 39.34 -47.99
CA MET H 222 8.23 40.47 -47.26
C MET H 222 7.30 40.88 -46.10
N GLU H 223 5.99 40.83 -46.36
CA GLU H 223 4.96 41.10 -45.35
C GLU H 223 5.11 40.13 -44.14
N MET H 224 5.53 38.88 -44.40
CA MET H 224 5.79 37.91 -43.33
C MET H 224 6.95 38.30 -42.46
N ILE H 225 7.85 39.09 -43.04
CA ILE H 225 9.13 39.35 -42.40
C ILE H 225 9.00 40.66 -41.64
N THR H 226 8.01 41.45 -42.03
CA THR H 226 7.97 42.88 -41.88
C THR H 226 6.73 43.40 -41.13
N ASN H 227 5.63 42.67 -41.19
CA ASN H 227 4.40 43.14 -40.55
C ASN H 227 4.67 43.71 -39.14
N PRO H 228 4.07 44.89 -38.80
CA PRO H 228 4.32 45.54 -37.49
C PRO H 228 3.87 44.72 -36.26
N HIS H 229 2.86 43.86 -36.44
CA HIS H 229 2.29 43.09 -35.36
C HIS H 229 3.11 41.91 -35.00
N VAL H 230 4.14 41.63 -35.79
CA VAL H 230 4.89 40.35 -35.66
C VAL H 230 5.98 40.41 -34.60
N ASP H 231 5.96 39.53 -33.61
CA ASP H 231 7.02 39.55 -32.58
C ASP H 231 8.19 38.61 -32.84
N LEU H 232 7.95 37.51 -33.55
CA LEU H 232 8.99 36.53 -33.78
C LEU H 232 8.73 35.92 -35.18
N VAL H 233 9.80 35.72 -35.96
CA VAL H 233 9.70 35.03 -37.25
C VAL H 233 10.45 33.74 -37.07
N THR H 234 9.81 32.61 -37.37
CA THR H 234 10.54 31.36 -37.28
C THR H 234 10.54 30.80 -38.70
N PHE H 235 11.72 30.51 -39.22
CA PHE H 235 11.95 30.23 -40.64
C PHE H 235 12.84 29.02 -40.79
N THR H 236 12.45 28.11 -41.68
CA THR H 236 13.32 26.98 -41.98
C THR H 236 13.50 27.01 -43.48
N GLY H 237 14.75 26.93 -43.93
CA GLY H 237 15.00 27.11 -45.36
C GLY H 237 16.49 27.13 -45.71
N SER H 238 16.79 27.70 -46.87
CA SER H 238 18.17 27.70 -47.37
C SER H 238 18.94 28.87 -46.77
N VAL H 239 20.26 28.70 -46.73
CA VAL H 239 21.19 29.76 -46.34
C VAL H 239 20.95 31.10 -47.00
N PRO H 240 20.86 31.17 -48.36
CA PRO H 240 20.71 32.57 -48.83
C PRO H 240 19.36 33.18 -48.52
N VAL H 241 18.31 32.39 -48.44
CA VAL H 241 17.03 33.03 -48.08
C VAL H 241 17.11 33.46 -46.60
N GLY H 242 17.69 32.60 -45.79
CA GLY H 242 17.91 32.87 -44.37
C GLY H 242 18.67 34.17 -44.16
N LYS H 243 19.80 34.34 -44.83
CA LYS H 243 20.56 35.63 -44.73
C LYS H 243 19.71 36.83 -45.14
N LEU H 244 18.89 36.68 -46.19
CA LEU H 244 18.01 37.76 -46.64
C LEU H 244 17.12 38.22 -45.50
N ILE H 245 16.13 37.39 -45.12
CA ILE H 245 15.32 37.58 -43.89
C ILE H 245 16.09 38.19 -42.71
N ALA H 246 17.26 37.66 -42.36
CA ALA H 246 18.02 38.19 -41.22
C ALA H 246 18.36 39.67 -41.42
N ALA H 247 18.53 40.05 -42.70
CA ALA H 247 18.82 41.42 -43.06
C ALA H 247 17.60 42.35 -43.04
N ASN H 248 16.38 41.81 -43.19
CA ASN H 248 15.12 42.62 -43.23
C ASN H 248 14.11 42.52 -42.08
N ALA H 249 14.30 41.60 -41.12
CA ALA H 249 13.34 41.43 -40.01
C ALA H 249 13.76 42.29 -38.81
N HIS H 250 14.33 43.43 -39.10
CA HIS H 250 15.17 44.20 -38.16
C HIS H 250 15.03 44.01 -36.68
N TYR H 251 13.97 44.55 -36.07
CA TYR H 251 13.86 44.51 -34.61
C TYR H 251 12.81 43.44 -34.21
N LYS H 252 13.07 42.20 -34.60
CA LYS H 252 12.16 41.08 -34.33
C LYS H 252 13.05 39.99 -33.86
N ARG H 253 12.56 39.13 -32.97
CA ARG H 253 13.30 37.92 -32.70
C ARG H 253 13.15 37.09 -33.96
N GLN H 254 14.14 36.28 -34.20
CA GLN H 254 14.21 35.48 -35.42
C GLN H 254 14.80 34.15 -35.06
N VAL H 255 14.08 33.09 -35.35
CA VAL H 255 14.66 31.76 -35.22
C VAL H 255 14.91 31.26 -36.64
N LEU H 256 16.18 31.14 -37.03
CA LEU H 256 16.56 30.80 -38.42
C LEU H 256 17.23 29.44 -38.45
N GLU H 257 16.58 28.44 -39.05
CA GLU H 257 17.24 27.12 -39.19
C GLU H 257 17.56 26.82 -40.65
N LEU H 258 18.83 26.63 -40.96
CA LEU H 258 19.25 26.70 -42.34
C LEU H 258 19.91 25.40 -42.80
N GLY H 259 20.51 25.39 -43.99
CA GLY H 259 21.09 24.13 -44.48
C GLY H 259 21.92 23.31 -43.49
N GLY H 260 21.90 22.00 -43.65
CA GLY H 260 22.93 21.15 -43.03
C GLY H 260 23.79 20.49 -44.12
N ASN H 261 24.91 19.92 -43.73
CA ASN H 261 25.72 19.17 -44.67
C ASN H 261 26.44 18.15 -43.83
N ASP H 262 25.67 17.16 -43.39
CA ASP H 262 26.07 16.39 -42.24
C ASP H 262 26.77 15.11 -42.59
N PRO H 263 27.85 14.81 -41.86
CA PRO H 263 28.62 13.59 -42.03
C PRO H 263 28.16 12.36 -41.22
N LEU H 264 28.36 11.18 -41.82
CA LEU H 264 28.44 9.94 -41.05
C LEU H 264 29.89 9.50 -41.09
N ILE H 265 30.51 9.34 -39.92
CA ILE H 265 31.92 9.12 -39.87
C ILE H 265 32.13 7.68 -39.47
N ILE H 266 32.91 6.96 -40.26
CA ILE H 266 33.18 5.55 -40.01
C ILE H 266 34.62 5.39 -39.50
N LEU H 267 34.83 4.86 -38.29
CA LEU H 267 36.17 4.82 -37.71
C LEU H 267 36.81 3.44 -37.91
N ASN H 268 38.14 3.35 -37.85
CA ASN H 268 38.84 2.14 -38.31
C ASN H 268 38.94 1.04 -37.30
N ASP H 269 38.19 1.13 -36.19
CA ASP H 269 38.20 0.03 -35.19
C ASP H 269 37.04 -0.93 -35.42
N LEU H 270 36.19 -0.61 -36.37
CA LEU H 270 35.00 -1.43 -36.61
C LEU H 270 35.31 -2.82 -37.20
N SER H 271 34.74 -3.85 -36.56
CA SER H 271 34.75 -5.17 -37.12
C SER H 271 33.94 -5.21 -38.43
N ASP H 272 34.08 -6.29 -39.20
CA ASP H 272 33.27 -6.47 -40.43
C ASP H 272 31.77 -6.50 -40.24
N ASP H 273 31.27 -7.17 -39.21
CA ASP H 273 29.85 -7.03 -38.85
C ASP H 273 29.40 -5.57 -38.56
N ASP H 274 30.25 -4.83 -37.85
CA ASP H 274 30.00 -3.41 -37.54
C ASP H 274 29.95 -2.58 -38.86
N LEU H 275 30.89 -2.87 -39.78
CA LEU H 275 30.88 -2.17 -41.07
C LEU H 275 29.56 -2.43 -41.79
N ALA H 276 29.05 -3.65 -41.72
CA ALA H 276 27.75 -3.91 -42.32
C ALA H 276 26.66 -3.03 -41.67
N ARG H 277 26.59 -3.01 -40.33
CA ARG H 277 25.61 -2.11 -39.64
C ARG H 277 25.86 -0.60 -39.97
N ALA H 278 27.12 -0.21 -40.06
CA ALA H 278 27.46 1.17 -40.43
C ALA H 278 26.98 1.48 -41.85
N ALA H 279 27.01 0.44 -42.69
CA ALA H 279 26.63 0.60 -44.10
C ALA H 279 25.14 0.78 -44.20
N ASP H 280 24.39 0.09 -43.33
CA ASP H 280 22.92 0.28 -43.32
C ASP H 280 22.54 1.75 -42.97
N LEU H 281 23.16 2.29 -41.94
CA LEU H 281 22.91 3.67 -41.55
C LEU H 281 23.27 4.63 -42.66
N ALA H 282 24.40 4.35 -43.31
CA ALA H 282 24.89 5.24 -44.38
C ALA H 282 23.89 5.34 -45.49
N VAL H 283 23.33 4.21 -45.88
CA VAL H 283 22.41 4.18 -47.06
C VAL H 283 21.06 4.77 -46.70
N ALA H 284 20.49 4.30 -45.56
CA ALA H 284 19.25 4.93 -45.05
C ALA H 284 19.44 6.41 -44.81
N GLY H 285 20.56 6.78 -44.17
CA GLY H 285 20.79 8.19 -43.89
C GLY H 285 20.87 9.11 -45.09
N ALA H 286 21.56 8.65 -46.13
CA ALA H 286 21.77 9.42 -47.35
C ALA H 286 20.48 9.53 -48.16
N THR H 287 19.54 8.64 -47.90
CA THR H 287 18.46 8.34 -48.87
C THR H 287 16.99 8.57 -48.42
N LYS H 288 16.74 8.49 -47.12
CA LYS H 288 15.36 8.73 -46.58
C LYS H 288 14.82 10.08 -47.03
N ASN H 289 13.52 10.15 -47.33
CA ASN H 289 12.95 11.36 -47.84
C ASN H 289 13.66 11.82 -49.15
N SER H 290 14.18 10.87 -49.97
CA SER H 290 14.92 11.25 -51.22
C SER H 290 16.10 12.14 -50.85
N GLY H 291 16.72 11.86 -49.69
CA GLY H 291 17.78 12.71 -49.14
C GLY H 291 17.43 14.16 -48.83
N GLN H 292 16.15 14.54 -48.89
CA GLN H 292 15.76 15.92 -48.66
C GLN H 292 15.52 16.22 -47.13
N ARG H 293 16.57 16.09 -46.34
CA ARG H 293 16.53 16.41 -44.88
C ARG H 293 17.72 17.28 -44.60
N CYS H 294 17.54 18.36 -43.82
CA CYS H 294 18.71 19.13 -43.42
C CYS H 294 19.75 18.29 -42.66
N THR H 295 19.31 17.21 -42.03
CA THR H 295 20.28 16.34 -41.35
C THR H 295 20.52 15.02 -42.10
N ALA H 296 20.18 14.99 -43.40
CA ALA H 296 20.53 13.84 -44.26
C ALA H 296 22.04 13.52 -44.12
N VAL H 297 22.43 12.27 -44.23
CA VAL H 297 23.83 12.02 -44.49
C VAL H 297 24.20 12.59 -45.87
N LYS H 298 25.05 13.60 -45.90
CA LYS H 298 25.46 14.17 -47.19
C LYS H 298 26.95 13.85 -47.43
N ARG H 299 27.63 13.31 -46.43
CA ARG H 299 29.05 12.96 -46.59
C ARG H 299 29.32 11.79 -45.70
N ILE H 300 29.93 10.74 -46.27
CA ILE H 300 30.32 9.60 -45.48
C ILE H 300 31.81 9.62 -45.39
N LEU H 301 32.31 10.00 -44.24
CA LEU H 301 33.74 10.12 -44.09
C LEU H 301 34.27 8.79 -43.57
N CYS H 302 34.93 8.03 -44.44
CA CYS H 302 35.35 6.70 -44.04
C CYS H 302 36.84 6.63 -43.89
N GLN H 303 37.31 6.19 -42.73
CA GLN H 303 38.76 6.14 -42.53
C GLN H 303 39.44 5.10 -43.50
N GLU H 304 40.56 5.53 -44.12
CA GLU H 304 41.23 4.81 -45.21
C GLU H 304 41.23 3.33 -45.00
N SER H 305 41.78 2.90 -43.87
CA SER H 305 42.02 1.49 -43.68
C SER H 305 40.77 0.65 -43.53
N VAL H 306 39.55 1.20 -43.57
CA VAL H 306 38.38 0.30 -43.61
C VAL H 306 37.56 0.48 -44.90
N ALA H 307 37.98 1.43 -45.72
CA ALA H 307 37.16 1.79 -46.89
C ALA H 307 37.00 0.60 -47.85
N ASP H 308 38.04 -0.23 -47.98
CA ASP H 308 37.96 -1.34 -48.96
C ASP H 308 36.83 -2.32 -48.59
N ARG H 309 36.67 -2.63 -47.30
CA ARG H 309 35.56 -3.53 -46.85
C ARG H 309 34.21 -2.81 -46.79
N PHE H 310 34.26 -1.54 -46.42
CA PHE H 310 33.06 -0.74 -46.22
C PHE H 310 32.31 -0.39 -47.50
N VAL H 311 33.03 0.10 -48.49
CA VAL H 311 32.37 0.51 -49.76
C VAL H 311 31.48 -0.54 -50.46
N PRO H 312 31.98 -1.78 -50.64
CA PRO H 312 31.13 -2.83 -51.26
C PRO H 312 29.86 -3.11 -50.45
N LEU H 313 29.98 -3.02 -49.13
CA LEU H 313 28.78 -3.22 -48.27
C LEU H 313 27.78 -2.13 -48.54
N VAL H 314 28.25 -0.89 -48.64
CA VAL H 314 27.38 0.23 -49.04
C VAL H 314 26.77 -0.02 -50.45
N LEU H 315 27.61 -0.40 -51.41
CA LEU H 315 27.18 -0.52 -52.82
C LEU H 315 26.05 -1.55 -52.91
N GLU H 316 26.36 -2.69 -52.32
CA GLU H 316 25.40 -3.75 -52.13
C GLU H 316 24.02 -3.30 -51.57
N ARG H 317 23.98 -2.65 -50.40
CA ARG H 317 22.70 -2.15 -49.85
C ARG H 317 21.99 -1.11 -50.78
N ALA H 318 22.76 -0.19 -51.36
CA ALA H 318 22.19 0.83 -52.26
C ALA H 318 21.49 0.18 -53.47
N LYS H 319 22.10 -0.93 -53.95
CA LYS H 319 21.53 -1.69 -55.10
C LYS H 319 20.17 -2.32 -54.76
N ARG H 320 19.95 -2.68 -53.50
CA ARG H 320 18.61 -3.18 -53.09
C ARG H 320 17.49 -2.18 -53.17
N LEU H 321 17.76 -0.88 -53.13
CA LEU H 321 16.58 0.06 -53.02
C LEU H 321 15.74 0.08 -54.27
N ARG H 322 14.45 0.23 -54.11
CA ARG H 322 13.61 0.36 -55.27
C ARG H 322 13.26 1.81 -55.44
N PHE H 323 13.67 2.42 -56.55
CA PHE H 323 13.33 3.80 -56.84
C PHE H 323 12.39 3.84 -58.04
N GLY H 324 11.34 4.67 -57.98
CA GLY H 324 10.39 4.76 -59.06
C GLY H 324 9.14 5.45 -58.65
N ASP H 325 8.00 4.95 -59.15
CA ASP H 325 6.69 5.58 -58.94
C ASP H 325 6.45 5.74 -57.43
N PRO H 326 6.26 7.00 -56.97
CA PRO H 326 6.07 7.39 -55.57
C PRO H 326 4.82 6.73 -54.98
N MET H 327 3.71 6.81 -55.73
CA MET H 327 2.41 6.21 -55.43
C MET H 327 2.42 4.68 -55.33
N ASP H 328 3.53 4.03 -55.70
CA ASP H 328 3.65 2.58 -55.60
C ASP H 328 4.19 2.16 -54.23
N ARG H 329 3.45 1.30 -53.54
CA ARG H 329 3.73 0.97 -52.13
C ARG H 329 5.00 0.17 -51.87
N SER H 330 5.62 -0.40 -52.89
CA SER H 330 6.90 -1.03 -52.65
C SER H 330 8.03 -0.13 -53.15
N THR H 331 7.70 1.09 -53.59
CA THR H 331 8.76 2.08 -53.84
C THR H 331 9.42 2.60 -52.53
N ASP H 332 10.75 2.48 -52.42
CA ASP H 332 11.50 3.04 -51.29
C ASP H 332 11.83 4.48 -51.52
N LEU H 333 12.43 4.73 -52.67
CA LEU H 333 12.91 6.05 -53.00
C LEU H 333 12.08 6.64 -54.16
N GLY H 334 11.43 7.75 -53.88
CA GLY H 334 10.65 8.51 -54.86
C GLY H 334 11.54 9.54 -55.53
N THR H 335 10.94 10.62 -56.00
CA THR H 335 11.68 11.60 -56.79
C THR H 335 12.28 12.61 -55.80
N VAL H 336 13.13 13.53 -56.26
CA VAL H 336 13.41 14.80 -55.56
C VAL H 336 12.38 15.84 -56.00
N ILE H 337 12.44 17.01 -55.39
CA ILE H 337 11.41 18.04 -55.55
C ILE H 337 11.12 18.46 -57.03
N HIS H 338 12.17 18.52 -57.88
CA HIS H 338 11.99 18.85 -59.30
C HIS H 338 13.17 18.50 -60.16
N GLU H 339 12.95 18.64 -61.47
CA GLU H 339 13.93 18.16 -62.44
C GLU H 339 15.21 19.00 -62.36
N LYS H 340 15.05 20.29 -62.21
CA LYS H 340 16.16 21.22 -62.05
C LYS H 340 17.08 20.79 -60.90
N ALA H 341 16.53 20.57 -59.69
CA ALA H 341 17.32 20.00 -58.58
C ALA H 341 18.00 18.69 -58.97
N ALA H 342 17.22 17.76 -59.50
CA ALA H 342 17.79 16.44 -59.89
C ALA H 342 18.97 16.53 -60.86
N ALA H 343 18.82 17.35 -61.91
CA ALA H 343 19.92 17.62 -62.88
C ALA H 343 21.14 18.25 -62.17
N LEU H 344 20.88 19.17 -61.23
CA LEU H 344 22.02 19.78 -60.51
C LEU H 344 22.79 18.75 -59.72
N PHE H 345 22.10 17.90 -58.99
CA PHE H 345 22.81 16.95 -58.14
C PHE H 345 23.60 16.02 -59.04
N GLU H 346 22.96 15.53 -60.11
CA GLU H 346 23.66 14.69 -61.10
C GLU H 346 24.91 15.37 -61.68
N GLU H 347 24.80 16.65 -62.05
CA GLU H 347 26.02 17.36 -62.53
C GLU H 347 27.14 17.40 -61.49
N ARG H 348 26.80 17.57 -60.21
CA ARG H 348 27.88 17.57 -59.19
C ARG H 348 28.53 16.23 -59.08
N VAL H 349 27.77 15.14 -59.21
CA VAL H 349 28.37 13.81 -59.24
C VAL H 349 29.38 13.73 -60.44
N MET H 350 28.92 14.14 -61.64
CA MET H 350 29.76 14.10 -62.88
C MET H 350 31.06 14.85 -62.67
N ARG H 351 30.97 16.07 -62.13
CA ARG H 351 32.16 16.88 -61.84
C ARG H 351 33.03 16.25 -60.79
N ALA H 352 32.43 15.68 -59.75
CA ALA H 352 33.29 14.93 -58.81
C ALA H 352 34.07 13.80 -59.52
N ALA H 353 33.44 13.12 -60.48
CA ALA H 353 34.10 11.95 -61.13
C ALA H 353 35.26 12.43 -61.95
N GLU H 354 35.08 13.57 -62.61
CA GLU H 354 36.20 14.25 -63.33
C GLU H 354 37.32 14.59 -62.43
N GLU H 355 37.01 14.97 -61.18
CA GLU H 355 38.03 15.41 -60.25
C GLU H 355 38.63 14.23 -59.47
N GLY H 356 38.24 13.01 -59.82
CA GLY H 356 38.92 11.85 -59.23
C GLY H 356 37.98 10.84 -58.57
N ALA H 357 36.75 11.23 -58.31
CA ALA H 357 35.78 10.32 -57.72
C ALA H 357 35.49 9.11 -58.62
N ASP H 358 35.13 8.00 -58.04
CA ASP H 358 34.73 6.81 -58.84
C ASP H 358 33.23 6.49 -58.70
N ILE H 359 32.41 6.72 -59.74
CA ILE H 359 30.99 6.47 -59.65
C ILE H 359 30.75 4.96 -59.67
N LEU H 360 30.20 4.36 -58.61
CA LEU H 360 29.99 2.91 -58.57
C LEU H 360 28.55 2.43 -58.92
N TYR H 361 27.56 3.30 -58.85
CA TYR H 361 26.21 2.88 -59.18
C TYR H 361 25.47 4.12 -59.60
N HIS H 362 24.98 4.09 -60.83
CA HIS H 362 24.20 5.23 -61.34
C HIS H 362 23.46 4.76 -62.54
N PRO H 363 22.31 4.09 -62.33
CA PRO H 363 21.64 3.49 -63.46
C PRO H 363 21.13 4.56 -64.42
N GLY H 364 21.12 5.81 -63.98
CA GLY H 364 20.51 6.85 -64.76
C GLY H 364 19.37 7.60 -64.12
N ARG H 365 19.38 8.89 -64.39
CA ARG H 365 18.40 9.82 -63.94
C ARG H 365 17.31 9.91 -64.96
N SER H 366 16.13 10.29 -64.51
CA SER H 366 15.02 10.42 -65.37
C SER H 366 14.11 11.51 -64.81
N GLY H 367 14.15 12.70 -65.38
CA GLY H 367 13.29 13.80 -64.90
C GLY H 367 13.68 14.09 -63.43
N ALA H 368 12.71 14.06 -62.53
CA ALA H 368 12.94 14.42 -61.10
C ALA H 368 13.44 13.22 -60.31
N LEU H 369 13.42 12.07 -60.99
CA LEU H 369 13.75 10.81 -60.36
C LEU H 369 15.21 10.57 -60.44
N LEU H 370 15.86 10.58 -59.30
CA LEU H 370 17.27 10.21 -59.21
C LEU H 370 17.34 8.86 -58.50
N PRO H 371 18.32 8.05 -58.88
CA PRO H 371 18.58 6.84 -58.15
C PRO H 371 19.53 7.07 -56.95
N PRO H 372 19.69 6.08 -56.07
CA PRO H 372 20.59 6.22 -54.95
C PRO H 372 22.01 6.04 -55.39
N ILE H 373 22.59 7.06 -56.03
CA ILE H 373 23.91 7.00 -56.66
C ILE H 373 25.03 6.84 -55.68
N VAL H 374 25.85 5.81 -55.89
CA VAL H 374 26.97 5.62 -55.02
C VAL H 374 28.21 6.17 -55.72
N VAL H 375 28.92 7.11 -55.10
CA VAL H 375 30.19 7.63 -55.57
C VAL H 375 31.25 7.36 -54.48
N ASP H 376 32.35 6.73 -54.87
CA ASP H 376 33.52 6.60 -54.01
C ASP H 376 34.74 7.55 -54.32
N ARG H 377 35.72 7.57 -53.40
CA ARG H 377 36.83 8.50 -53.41
C ARG H 377 36.46 9.92 -53.73
N VAL H 378 35.34 10.39 -53.21
CA VAL H 378 34.88 11.77 -53.51
C VAL H 378 35.90 12.77 -52.88
N PRO H 379 36.48 13.69 -53.68
CA PRO H 379 37.40 14.68 -53.04
C PRO H 379 36.56 15.58 -52.13
N HIS H 380 37.04 15.85 -50.91
CA HIS H 380 36.28 16.61 -49.94
C HIS H 380 36.04 17.99 -50.39
N GLN H 381 36.83 18.51 -51.32
CA GLN H 381 36.56 19.86 -51.72
C GLN H 381 35.65 19.97 -52.95
N SER H 382 35.22 18.86 -53.56
CA SER H 382 34.28 18.98 -54.67
C SER H 382 32.89 19.52 -54.27
N ASP H 383 32.22 20.18 -55.21
CA ASP H 383 30.92 20.79 -54.93
C ASP H 383 29.97 19.75 -54.38
N LEU H 384 30.14 18.49 -54.78
CA LEU H 384 29.18 17.46 -54.37
C LEU H 384 29.04 17.46 -52.82
N VAL H 385 30.16 17.45 -52.13
CA VAL H 385 30.19 17.29 -50.65
C VAL H 385 30.61 18.54 -49.90
N LEU H 386 31.07 19.58 -50.61
CA LEU H 386 31.36 20.87 -49.99
C LEU H 386 30.14 21.82 -49.89
N GLU H 387 29.32 21.82 -50.93
CA GLU H 387 28.02 22.49 -50.91
C GLU H 387 27.01 21.50 -50.40
N GLU H 388 25.86 22.01 -49.94
CA GLU H 388 24.80 21.12 -49.54
C GLU H 388 24.11 20.45 -50.79
N THR H 389 24.18 19.10 -50.88
CA THR H 389 23.48 18.36 -51.97
C THR H 389 22.22 17.64 -51.49
N PHE H 390 21.08 18.24 -51.78
CA PHE H 390 19.81 17.93 -51.14
C PHE H 390 18.99 16.82 -51.86
N GLY H 391 19.62 15.67 -52.04
CA GLY H 391 19.03 14.57 -52.77
C GLY H 391 19.78 13.29 -52.42
N PRO H 392 19.41 12.16 -53.04
CA PRO H 392 19.76 10.81 -52.55
C PRO H 392 21.11 10.27 -52.95
N ILE H 393 22.09 11.14 -53.03
CA ILE H 393 23.42 10.69 -53.33
C ILE H 393 24.09 10.05 -52.12
N ILE H 394 24.93 9.05 -52.39
CA ILE H 394 25.59 8.32 -51.36
C ILE H 394 27.08 8.45 -51.58
N PRO H 395 27.72 9.50 -51.00
CA PRO H 395 29.12 9.82 -51.33
C PRO H 395 30.11 9.47 -50.25
N ILE H 396 31.09 8.64 -50.58
CA ILE H 396 32.13 8.31 -49.67
C ILE H 396 33.42 9.12 -49.84
N VAL H 397 33.74 9.88 -48.81
CA VAL H 397 34.98 10.59 -48.76
C VAL H 397 35.93 9.75 -47.96
N ARG H 398 37.06 9.37 -48.55
CA ARG H 398 38.07 8.61 -47.85
C ARG H 398 38.91 9.57 -47.03
N VAL H 399 39.08 9.29 -45.74
CA VAL H 399 39.82 10.21 -44.88
C VAL H 399 40.96 9.47 -44.20
N PRO H 400 41.97 10.19 -43.71
CA PRO H 400 43.11 9.53 -43.05
C PRO H 400 42.71 8.74 -41.77
N ASP H 401 43.53 7.75 -41.44
CA ASP H 401 43.37 6.96 -40.21
C ASP H 401 44.01 7.81 -39.10
N ASP H 402 43.52 9.02 -38.93
CA ASP H 402 44.05 9.87 -37.87
C ASP H 402 42.85 10.69 -37.46
N ASP H 403 42.56 10.76 -36.17
CA ASP H 403 41.30 11.42 -35.75
C ASP H 403 41.30 12.96 -35.88
N ASP H 404 42.41 13.61 -35.52
CA ASP H 404 42.51 15.09 -35.67
C ASP H 404 42.32 15.48 -37.13
N ALA H 405 42.94 14.70 -38.03
CA ALA H 405 42.74 14.89 -39.46
C ALA H 405 41.29 14.72 -39.83
N THR H 406 40.64 13.65 -39.38
CA THR H 406 39.19 13.43 -39.72
C THR H 406 38.32 14.57 -39.18
N ILE H 407 38.60 14.99 -37.93
CA ILE H 407 37.76 15.97 -37.30
C ILE H 407 37.92 17.26 -38.08
N THR H 408 39.18 17.63 -38.35
CA THR H 408 39.43 18.82 -39.19
C THR H 408 38.66 18.81 -40.53
N LEU H 409 38.64 17.69 -41.24
CA LEU H 409 37.96 17.59 -42.51
C LEU H 409 36.48 17.68 -42.31
N SER H 410 35.97 17.00 -41.29
CA SER H 410 34.53 17.07 -40.98
C SER H 410 34.07 18.53 -40.68
N ASN H 411 34.90 19.30 -39.97
CA ASN H 411 34.58 20.71 -39.67
C ASN H 411 34.92 21.67 -40.83
N SER H 412 35.44 21.15 -41.94
CA SER H 412 35.94 22.06 -43.01
C SER H 412 34.86 22.66 -43.90
N THR H 413 33.56 22.53 -43.57
CA THR H 413 32.55 23.20 -44.45
C THR H 413 31.88 24.40 -43.80
N ALA H 414 30.90 24.99 -44.47
CA ALA H 414 30.28 26.18 -43.90
C ALA H 414 29.18 25.80 -42.88
N PHE H 415 28.95 24.49 -42.74
CA PHE H 415 27.79 23.93 -42.04
C PHE H 415 28.14 23.28 -40.69
N GLY H 416 27.16 23.14 -39.81
CA GLY H 416 27.43 22.48 -38.57
C GLY H 416 26.08 22.23 -37.92
N LEU H 417 25.32 21.26 -38.44
CA LEU H 417 24.04 20.93 -37.88
C LEU H 417 24.18 19.68 -37.01
N SER H 418 24.27 18.52 -37.64
CA SER H 418 24.31 17.29 -36.92
C SER H 418 25.39 16.41 -37.48
N SER H 419 25.57 15.24 -36.92
CA SER H 419 26.61 14.32 -37.29
C SER H 419 26.31 12.92 -36.72
N GLY H 420 26.90 11.89 -37.35
CA GLY H 420 26.83 10.50 -36.85
C GLY H 420 28.26 9.98 -36.75
N VAL H 421 28.58 9.20 -35.74
CA VAL H 421 29.94 8.68 -35.64
C VAL H 421 29.80 7.18 -35.32
N CYS H 422 30.41 6.29 -36.11
CA CYS H 422 30.35 4.85 -35.75
C CYS H 422 31.70 4.38 -35.27
N THR H 423 31.74 3.92 -34.02
CA THR H 423 32.98 3.47 -33.44
C THR H 423 32.56 2.78 -32.14
N ASN H 424 33.47 1.99 -31.55
CA ASN H 424 33.22 1.28 -30.31
C ASN H 424 34.12 1.73 -29.15
N ASP H 425 35.13 2.54 -29.48
CA ASP H 425 36.16 3.02 -28.56
C ASP H 425 35.62 4.29 -27.87
N TYR H 426 35.44 4.22 -26.56
CA TYR H 426 34.86 5.36 -25.83
C TYR H 426 35.76 6.59 -25.91
N ARG H 427 37.06 6.42 -25.70
CA ARG H 427 37.97 7.55 -25.81
C ARG H 427 37.75 8.28 -27.15
N ARG H 428 37.55 7.52 -28.24
CA ARG H 428 37.28 8.16 -29.52
C ARG H 428 35.91 8.79 -29.66
N MET H 429 34.87 8.13 -29.16
CA MET H 429 33.60 8.77 -29.21
C MET H 429 33.69 10.12 -28.53
N GLN H 430 34.34 10.19 -27.38
CA GLN H 430 34.25 11.40 -26.58
C GLN H 430 35.00 12.52 -27.33
N LYS H 431 36.13 12.17 -27.95
CA LYS H 431 36.88 13.15 -28.74
C LYS H 431 36.05 13.71 -29.89
N TYR H 432 35.26 12.88 -30.55
CA TYR H 432 34.46 13.42 -31.61
C TYR H 432 33.29 14.21 -31.03
N ILE H 433 32.72 13.70 -29.95
CA ILE H 433 31.66 14.48 -29.28
C ILE H 433 32.15 15.90 -28.98
N ALA H 434 33.35 16.01 -28.39
CA ALA H 434 33.91 17.34 -28.01
C ALA H 434 34.38 18.14 -29.25
N GLY H 435 35.00 17.48 -30.22
CA GLY H 435 35.66 18.23 -31.33
C GLY H 435 34.83 18.58 -32.58
N LEU H 436 33.72 17.86 -32.88
CA LEU H 436 32.86 18.20 -34.06
C LEU H 436 32.07 19.48 -33.78
N LYS H 437 32.09 20.43 -34.73
CA LYS H 437 31.48 21.74 -34.53
C LYS H 437 30.11 21.76 -35.09
N VAL H 438 29.19 21.17 -34.32
CA VAL H 438 27.86 20.86 -34.75
C VAL H 438 26.92 21.07 -33.58
N GLY H 439 25.62 21.01 -33.85
CA GLY H 439 24.58 21.01 -32.84
C GLY H 439 24.38 19.67 -32.13
N THR H 440 24.67 18.55 -32.81
CA THR H 440 24.33 17.23 -32.37
C THR H 440 25.37 16.22 -32.88
N VAL H 441 25.85 15.34 -31.98
CA VAL H 441 26.69 14.23 -32.34
C VAL H 441 26.00 12.91 -31.92
N ASN H 442 25.53 12.12 -32.90
CA ASN H 442 24.91 10.83 -32.62
C ASN H 442 25.94 9.70 -32.71
N ILE H 443 26.12 8.92 -31.62
CA ILE H 443 27.11 7.83 -31.68
C ILE H 443 26.33 6.61 -32.20
N TRP H 444 26.80 6.00 -33.29
CA TRP H 444 26.09 4.78 -33.82
C TRP H 444 24.70 5.04 -34.26
N GLU H 445 24.43 6.25 -34.74
CA GLU H 445 23.15 6.55 -35.38
C GLU H 445 23.38 7.57 -36.47
N VAL H 446 22.39 7.80 -37.33
CA VAL H 446 22.57 8.79 -38.42
C VAL H 446 22.53 10.21 -37.84
N PRO H 447 23.01 11.24 -38.57
CA PRO H 447 22.88 12.62 -38.09
C PRO H 447 21.45 12.96 -37.94
N GLY H 448 20.57 12.31 -38.72
CA GLY H 448 19.12 12.69 -38.67
C GLY H 448 18.36 12.20 -37.43
N TYR H 449 18.96 11.33 -36.65
CA TYR H 449 18.29 10.80 -35.51
C TYR H 449 18.02 11.84 -34.40
N ARG H 450 16.77 12.01 -33.97
CA ARG H 450 16.46 12.86 -32.80
C ARG H 450 15.13 12.39 -32.29
N ILE H 451 14.66 12.88 -31.13
CA ILE H 451 13.26 12.70 -30.73
C ILE H 451 12.61 14.09 -30.81
N GLU H 452 11.29 14.15 -30.86
CA GLU H 452 10.63 15.40 -31.29
C GLU H 452 10.84 16.57 -30.28
N MET H 453 11.21 16.22 -29.07
CA MET H 453 11.38 17.17 -28.02
C MET H 453 12.81 17.48 -27.52
N SER H 454 13.85 16.89 -28.12
CA SER H 454 15.20 17.21 -27.70
C SER H 454 15.61 18.55 -28.37
N PRO H 455 16.58 19.31 -27.80
CA PRO H 455 16.92 20.60 -28.40
C PRO H 455 17.47 20.30 -29.82
N PHE H 456 17.00 21.05 -30.83
CA PHE H 456 17.43 20.79 -32.20
C PHE H 456 17.86 22.10 -32.89
N GLY H 457 19.11 22.16 -33.34
CA GLY H 457 19.53 23.28 -34.15
C GLY H 457 21.02 23.32 -34.28
N GLY H 458 21.49 24.05 -35.29
CA GLY H 458 22.91 24.02 -35.62
C GLY H 458 23.63 25.33 -35.36
N ILE H 459 24.88 25.39 -35.79
CA ILE H 459 25.72 26.59 -35.69
C ILE H 459 26.39 26.86 -37.05
N LYS H 460 27.39 27.73 -37.08
CA LYS H 460 28.02 28.14 -38.32
C LYS H 460 26.91 28.58 -39.27
N ASP H 461 26.96 28.23 -40.55
CA ASP H 461 25.86 28.61 -41.46
C ASP H 461 24.55 27.87 -41.31
N SER H 462 24.48 26.87 -40.40
CA SER H 462 23.23 26.08 -40.22
C SER H 462 22.11 26.68 -39.39
N GLY H 463 22.40 27.74 -38.66
CA GLY H 463 21.33 28.56 -38.10
C GLY H 463 21.89 29.69 -37.22
N ASN H 464 21.01 30.65 -36.87
CA ASN H 464 21.44 31.85 -36.16
C ASN H 464 21.66 31.56 -34.68
N GLY H 465 21.56 30.29 -34.30
CA GLY H 465 22.06 29.82 -32.99
C GLY H 465 20.99 29.62 -31.89
N TYR H 466 19.74 29.48 -32.29
CA TYR H 466 18.67 29.13 -31.38
C TYR H 466 18.22 27.67 -31.57
N LYS H 467 17.86 26.99 -30.49
CA LYS H 467 17.34 25.64 -30.59
C LYS H 467 15.85 25.62 -30.81
N GLU H 468 15.42 24.58 -31.50
CA GLU H 468 14.01 24.32 -31.58
C GLU H 468 13.76 22.86 -31.18
N GLY H 469 12.74 22.25 -31.77
CA GLY H 469 12.14 21.03 -31.18
C GLY H 469 11.00 21.55 -30.30
N VAL H 470 10.10 20.67 -29.89
CA VAL H 470 8.93 21.21 -29.21
C VAL H 470 9.14 22.10 -27.94
N ILE H 471 9.93 21.58 -27.00
CA ILE H 471 10.20 22.24 -25.72
C ILE H 471 10.89 23.58 -25.91
N GLU H 472 11.94 23.64 -26.73
CA GLU H 472 12.64 24.91 -26.98
C GLU H 472 11.80 25.86 -27.82
N ALA H 473 10.96 25.33 -28.73
CA ALA H 473 10.03 26.25 -29.44
C ALA H 473 9.05 26.84 -28.48
N MET H 474 8.60 26.02 -27.53
CA MET H 474 7.62 26.54 -26.61
C MET H 474 8.24 27.66 -25.72
N LYS H 475 9.51 27.51 -25.36
CA LYS H 475 10.17 28.62 -24.64
C LYS H 475 10.34 29.86 -25.51
N SER H 476 10.77 29.69 -26.76
CA SER H 476 11.08 30.92 -27.54
C SER H 476 9.78 31.58 -27.99
N PHE H 477 8.66 30.87 -27.93
CA PHE H 477 7.39 31.51 -28.27
C PHE H 477 6.72 32.30 -27.11
N THR H 478 7.41 32.51 -26.00
CA THR H 478 6.77 33.24 -24.89
C THR H 478 7.74 34.33 -24.39
N ASN H 479 7.26 35.28 -23.61
CA ASN H 479 8.15 36.17 -22.82
C ASN H 479 8.10 35.74 -21.38
N VAL H 480 9.25 35.63 -20.73
CA VAL H 480 9.32 35.51 -19.26
C VAL H 480 9.01 36.84 -18.59
N LYS H 481 7.95 36.86 -17.77
CA LYS H 481 7.71 37.93 -16.80
C LYS H 481 8.13 37.51 -15.38
N THR H 482 8.81 38.39 -14.63
CA THR H 482 9.06 38.02 -13.20
C THR H 482 8.18 38.87 -12.32
N PHE H 483 7.93 38.44 -11.09
CA PHE H 483 7.23 39.25 -10.13
C PHE H 483 7.83 38.94 -8.77
N SER H 484 7.87 39.94 -7.87
CA SER H 484 8.47 39.70 -6.58
C SER H 484 7.53 40.12 -5.49
N LEU H 485 7.45 39.34 -4.43
CA LEU H 485 6.51 39.63 -3.36
C LEU H 485 7.33 39.74 -2.06
N PRO H 486 6.89 40.64 -1.11
CA PRO H 486 7.53 40.66 0.19
C PRO H 486 7.45 39.28 0.88
N TRP H 487 8.50 38.90 1.62
CA TRP H 487 8.48 37.54 2.15
C TRP H 487 9.22 37.55 3.46
N PRO H 488 8.65 38.22 4.47
CA PRO H 488 9.37 38.32 5.75
C PRO H 488 9.30 37.00 6.49
PA NAD I . -6.85 2.42 8.88
O1A NAD I . -5.57 3.02 9.45
O2A NAD I . -7.83 1.78 9.84
O5B NAD I . -6.61 1.33 7.71
C5B NAD I . -5.92 1.62 6.50
C4B NAD I . -5.32 0.31 5.98
O4B NAD I . -4.47 -0.26 6.99
C3B NAD I . -6.41 -0.75 5.64
O3B NAD I . -5.99 -1.41 4.45
C2B NAD I . -6.29 -1.65 6.83
O2B NAD I . -6.72 -2.97 6.64
C1B NAD I . -4.78 -1.64 7.05
N9A NAD I . -4.39 -2.18 8.35
C8A NAD I . -5.08 -2.12 9.50
N7A NAD I . -4.40 -2.76 10.48
C5A NAD I . -3.29 -3.23 9.95
C6A NAD I . -2.14 -4.00 10.45
N6A NAD I . -2.18 -4.36 11.74
N1A NAD I . -1.17 -4.35 9.61
C2A NAD I . -1.21 -3.97 8.30
N3A NAD I . -2.22 -3.26 7.76
C4A NAD I . -3.27 -2.87 8.54
O3 NAD I . -7.53 3.69 8.13
PN NAD I . -8.89 3.83 7.34
O1N NAD I . -9.93 3.83 8.39
O2N NAD I . -9.08 2.79 6.18
O5D NAD I . -8.84 5.27 6.57
C5D NAD I . -9.19 6.55 7.10
C4D NAD I . -7.87 7.17 7.64
O4D NAD I . -7.01 7.33 6.46
C3D NAD I . -8.12 8.60 8.19
O3D NAD I . -7.38 8.84 9.35
C2D NAD I . -7.63 9.51 7.02
O2D NAD I . -7.19 10.84 7.34
C1D NAD I . -6.51 8.68 6.40
N1N NAD I . -6.15 9.28 5.11
C2N NAD I . -4.96 9.90 5.02
C3N NAD I . -4.56 10.45 3.81
C7N NAD I . -3.22 11.13 3.64
O7N NAD I . -2.57 11.61 4.57
N7N NAD I . -2.79 11.25 2.40
C4N NAD I . -5.45 10.42 2.70
C5N NAD I . -6.69 9.81 2.84
C6N NAD I . -7.01 9.21 4.07
P PAE J . -7.69 13.44 -1.65
O1P PAE J . -7.09 12.23 -2.35
O2P PAE J . -9.19 13.35 -1.49
O3P PAE J . -7.17 14.72 -2.27
C1P PAE J . -7.13 13.51 0.07
C1 PAE J . -7.79 12.29 0.55
O1 PAE J . -8.84 12.33 1.15
O2 PAE J . -7.25 11.20 0.26
PA NAD K . 29.95 1.48 13.83
O1A NAD K . 28.70 1.05 13.11
O2A NAD K . 30.57 0.53 14.79
O5B NAD K . 29.68 2.87 14.58
C5B NAD K . 29.34 4.06 13.85
C4B NAD K . 28.75 5.04 14.82
O4B NAD K . 27.64 4.34 15.44
C3B NAD K . 29.66 5.42 16.02
O3B NAD K . 29.36 6.74 16.43
C2B NAD K . 29.19 4.55 17.18
O2B NAD K . 29.40 5.08 18.48
C1B NAD K . 27.70 4.51 16.88
N9A NAD K . 27.02 3.39 17.59
C8A NAD K . 27.51 2.14 17.84
N7A NAD K . 26.59 1.43 18.54
C5A NAD K . 25.50 2.18 18.72
C6A NAD K . 24.15 2.04 19.34
N6A NAD K . 23.77 0.89 19.93
N1A NAD K . 23.30 3.07 19.30
C2A NAD K . 23.64 4.25 18.73
N3A NAD K . 24.84 4.45 18.14
C4A NAD K . 25.79 3.49 18.10
O3 NAD K . 30.96 1.74 12.57
PN NAD K . 32.46 2.35 12.49
O1N NAD K . 32.60 3.64 13.35
O2N NAD K . 33.36 1.15 12.73
O5D NAD K . 32.57 2.73 10.90
C5D NAD K . 33.02 1.81 9.92
C4D NAD K . 31.84 1.43 9.04
O4D NAD K . 31.24 2.61 8.48
C3D NAD K . 32.28 0.58 7.86
O3D NAD K . 31.44 -0.54 7.73
C2D NAD K . 32.00 1.47 6.67
O2D NAD K . 31.75 0.77 5.46
C1D NAD K . 30.81 2.32 7.14
N1N NAD K . 30.82 3.55 6.30
C2N NAD K . 29.83 3.77 5.42
C3N NAD K . 29.81 4.90 4.58
C7N NAD K . 28.68 5.17 3.62
O7N NAD K . 27.94 4.27 3.20
N7N NAD K . 28.46 6.44 3.32
C4N NAD K . 30.86 5.82 4.70
C5N NAD K . 31.90 5.57 5.62
C6N NAD K . 31.85 4.42 6.40
P PAE L . 34.19 9.21 1.17
O1P PAE L . 33.50 10.30 2.00
O2P PAE L . 33.90 9.47 -0.32
O3P PAE L . 35.68 8.90 1.49
C1P PAE L . 33.45 7.61 1.54
C1 PAE L . 33.81 7.20 2.91
O1 PAE L . 33.37 7.83 3.87
O2 PAE L . 34.46 6.18 3.06
PA NAD M . 8.42 -20.26 40.28
O1A NAD M . 9.36 -21.16 39.59
O2A NAD M . 8.96 -19.57 41.52
O5B NAD M . 7.73 -19.10 39.43
C5B NAD M . 8.53 -18.36 38.64
C4B NAD M . 7.97 -16.96 38.47
O4B NAD M . 9.15 -16.34 38.96
C3B NAD M . 8.20 -17.01 36.94
O3B NAD M . 7.86 -15.85 36.20
C2B NAD M . 9.72 -17.30 36.91
O2B NAD M . 10.43 -17.10 35.70
C1B NAD M . 10.13 -16.27 37.92
N9A NAD M . 11.49 -16.42 38.43
C8A NAD M . 12.15 -17.59 38.64
N7A NAD M . 13.39 -17.28 39.12
C5A NAD M . 13.50 -15.95 39.21
C6A NAD M . 14.56 -15.04 39.62
N6A NAD M . 15.72 -15.59 40.01
N1A NAD M . 14.36 -13.71 39.56
C2A NAD M . 13.17 -13.22 39.13
N3A NAD M . 12.14 -14.01 38.74
C4A NAD M . 12.27 -15.37 38.74
O3 NAD M . 6.95 -20.89 40.43
PN NAD M . 6.00 -21.59 39.28
O1N NAD M . 6.11 -20.76 37.99
O2N NAD M . 6.56 -23.00 39.22
O5D NAD M . 4.51 -21.66 39.86
C5D NAD M . 4.08 -22.59 40.84
C4D NAD M . 4.21 -22.00 42.24
O4D NAD M . 3.41 -20.76 42.34
C3D NAD M . 3.64 -23.00 43.28
O3D NAD M . 4.45 -23.09 44.48
C2D NAD M . 2.26 -22.39 43.55
O2D NAD M . 1.57 -22.76 44.75
C1D NAD M . 2.53 -20.89 43.50
N1N NAD M . 1.24 -20.20 43.43
C2N NAD M . 0.92 -19.42 44.46
C3N NAD M . -0.31 -18.77 44.47
C7N NAD M . -0.65 -17.87 45.64
O7N NAD M . -0.20 -18.06 46.79
N7N NAD M . -1.41 -16.82 45.37
C4N NAD M . -1.21 -18.91 43.38
C5N NAD M . -0.86 -19.73 42.29
C6N NAD M . 0.41 -20.36 42.35
P PAE N . -6.78 -19.14 41.97
O1P PAE N . -6.81 -18.16 40.80
O2P PAE N . -8.06 -19.35 42.75
O3P PAE N . -5.55 -18.81 42.83
C1P PAE N . -6.18 -20.76 41.39
C1 PAE N . -4.89 -20.72 42.20
O1 PAE N . -5.04 -20.92 43.40
O2 PAE N . -3.79 -20.39 41.74
PA NAD O . 23.45 55.21 -25.99
O1A NAD O . 23.72 56.69 -26.19
O2A NAD O . 22.43 54.49 -26.83
O5B NAD O . 24.85 54.43 -26.12
C5B NAD O . 25.17 53.14 -25.49
C4B NAD O . 26.43 52.63 -26.17
O4B NAD O . 26.21 52.69 -27.57
C3B NAD O . 27.68 53.47 -25.95
O3B NAD O . 28.80 52.53 -25.86
C2B NAD O . 27.82 54.30 -27.23
O2B NAD O . 29.16 54.74 -27.49
C1B NAD O . 27.37 53.24 -28.21
N9A NAD O . 27.03 53.74 -29.58
C8A NAD O . 26.46 54.93 -29.96
N7A NAD O . 26.32 54.96 -31.32
C5A NAD O . 26.81 53.81 -31.80
C6A NAD O . 26.98 53.19 -33.13
N6A NAD O . 26.60 53.87 -34.19
N1A NAD O . 27.50 51.95 -33.20
C2A NAD O . 27.92 51.26 -32.10
N3A NAD O . 27.81 51.76 -30.86
C4A NAD O . 27.27 52.99 -30.65
O3 NAD O . 23.07 55.02 -24.42
PN NAD O . 23.62 55.82 -23.14
O1N NAD O . 23.03 57.20 -23.34
O2N NAD O . 25.14 55.53 -22.92
O5D NAD O . 22.79 55.06 -21.93
C5D NAD O . 21.46 55.42 -21.51
C4D NAD O . 20.41 54.51 -22.12
O4D NAD O . 20.71 53.14 -21.76
C3D NAD O . 19.01 54.81 -21.56
O3D NAD O . 18.07 54.83 -22.63
C2D NAD O . 18.77 53.64 -20.61
O2D NAD O . 17.42 53.27 -20.26
C1D NAD O . 19.48 52.50 -21.32
N1N NAD O . 19.68 51.43 -20.32
C2N NAD O . 18.99 50.30 -20.49
C3N NAD O . 19.15 49.23 -19.59
C7N NAD O . 18.40 47.92 -19.80
O7N NAD O . 18.89 46.94 -19.24
N7N NAD O . 17.31 47.80 -20.58
C4N NAD O . 20.03 49.40 -18.48
C5N NAD O . 20.74 50.61 -18.32
C6N NAD O . 20.54 51.62 -19.28
P PAE P . 20.27 48.13 -12.87
O1P PAE P . 20.38 49.39 -12.00
O2P PAE P . 19.38 47.08 -12.25
O3P PAE P . 21.60 47.51 -13.27
C1P PAE P . 19.42 48.62 -14.40
C1 PAE P . 19.93 49.99 -14.67
O1 PAE P . 19.70 50.87 -13.86
O2 PAE P . 20.63 50.23 -15.66
PA NAD Q . -41.36 -36.30 -2.75
O1A NAD Q . -41.66 -37.77 -2.93
O2A NAD Q . -42.41 -35.34 -2.20
O5B NAD Q . -40.53 -35.93 -4.07
C5B NAD Q . -41.17 -35.15 -4.95
C4B NAD Q . -40.29 -35.33 -6.16
O4B NAD Q . -41.27 -36.04 -6.93
C3B NAD Q . -40.38 -33.87 -6.60
O3B NAD Q . -39.77 -33.57 -7.81
C2B NAD Q . -41.91 -33.77 -6.74
O2B NAD Q . -42.44 -32.62 -7.40
C1B NAD Q . -42.18 -35.09 -7.49
N9A NAD Q . -43.59 -35.53 -7.39
C8A NAD Q . -44.44 -35.47 -6.33
N7A NAD Q . -45.65 -35.99 -6.67
C5A NAD Q . -45.59 -36.36 -7.96
C6A NAD Q . -46.51 -36.98 -8.96
N6A NAD Q . -47.78 -37.30 -8.61
N1A NAD Q . -46.05 -37.24 -10.20
C2A NAD Q . -44.77 -36.93 -10.55
N3A NAD Q . -43.90 -36.38 -9.69
C4A NAD Q . -44.25 -36.07 -8.43
O3 NAD Q . -40.05 -36.32 -1.79
PN NAD Q . -39.27 -35.04 -1.16
O1N NAD Q . -40.03 -34.66 0.08
O2N NAD Q . -39.13 -33.94 -2.22
O5D NAD Q . -37.87 -35.68 -0.62
C5D NAD Q . -37.64 -36.38 0.61
C4D NAD Q . -37.81 -37.90 0.40
O4D NAD Q . -36.85 -38.36 -0.59
C3D NAD Q . -37.52 -38.62 1.74
O3D NAD Q . -38.35 -39.77 1.96
C2D NAD Q . -36.09 -39.09 1.48
O2D NAD Q . -35.63 -40.16 2.31
C1D NAD Q . -36.06 -39.40 -0.03
N1N NAD Q . -34.67 -39.45 -0.49
C2N NAD Q . -34.23 -40.67 -0.88
C3N NAD Q . -32.92 -40.85 -1.31
C7N NAD Q . -32.43 -42.20 -1.79
O7N NAD Q . -32.90 -43.31 -1.45
N7N NAD Q . -31.42 -42.07 -2.65
C4N NAD Q . -32.04 -39.71 -1.32
C5N NAD Q . -32.53 -38.43 -0.92
C6N NAD Q . -33.87 -38.32 -0.49
P PAE R . -26.51 -38.52 0.04
O1P PAE R . -26.59 -37.86 -1.37
O2P PAE R . -26.39 -37.38 1.06
O3P PAE R . -25.43 -39.55 0.22
C1P PAE R . -28.03 -39.37 0.54
C1 PAE R . -29.15 -38.41 0.28
O1 PAE R . -29.56 -37.79 1.25
O2 PAE R . -29.63 -38.23 -0.88
PA NAD S . -47.55 16.93 41.89
O1A NAD S . -47.26 16.99 43.39
O2A NAD S . -48.71 17.63 41.21
O5B NAD S . -47.76 15.39 41.45
C5B NAD S . -46.88 14.37 41.91
C4B NAD S . -47.55 13.04 41.65
O4B NAD S . -48.57 12.86 42.63
C3B NAD S . -48.26 12.83 40.31
O3B NAD S . -48.01 11.46 39.97
C2B NAD S . -49.74 12.99 40.58
O2B NAD S . -50.52 12.07 39.81
C1B NAD S . -49.78 12.47 42.00
N9A NAD S . -50.84 13.09 42.82
C8A NAD S . -51.30 14.38 42.84
N7A NAD S . -52.25 14.48 43.79
C5A NAD S . -52.39 13.28 44.38
C6A NAD S . -53.21 12.70 45.45
N6A NAD S . -54.08 13.51 46.10
N1A NAD S . -53.03 11.38 45.76
C2A NAD S . -52.13 10.59 45.12
N3A NAD S . -51.33 11.05 44.13
C4A NAD S . -51.43 12.35 43.75
O3 NAD S . -46.18 17.56 41.27
PN NAD S . -45.65 17.70 39.73
O1N NAD S . -46.06 19.12 39.36
O2N NAD S . -46.04 16.44 38.97
O5D NAD S . -44.00 17.76 39.89
C5D NAD S . -43.25 18.98 40.17
C4D NAD S . -42.91 19.15 41.65
O4D NAD S . -42.08 18.05 41.99
C3D NAD S . -42.10 20.42 42.01
O3D NAD S . -42.39 21.03 43.31
C2D NAD S . -40.68 19.88 42.10
O2D NAD S . -39.75 20.72 42.79
C1D NAD S . -40.90 18.50 42.70
N1N NAD S . -39.69 17.68 42.46
C2N NAD S . -38.97 17.24 43.54
C3N NAD S . -37.81 16.48 43.38
C7N NAD S . -37.01 15.95 44.56
O7N NAD S . -36.55 14.79 44.45
N7N NAD S . -36.88 16.70 45.65
C4N NAD S . -37.40 16.17 42.08
C5N NAD S . -38.16 16.63 40.98
C6N NAD S . -39.30 17.39 41.20
P PAE T . -32.55 15.84 38.89
O1P PAE T . -33.07 14.42 39.06
O2P PAE T . -32.81 16.53 37.53
O3P PAE T . -31.13 15.87 39.38
C1P PAE T . -33.42 16.92 40.06
C1 PAE T . -34.78 16.74 39.55
O1 PAE T . -35.39 15.70 39.90
O2 PAE T . -35.24 17.58 38.77
PA NAD U . 20.04 -47.23 -26.60
O1A NAD U . 19.79 -48.70 -26.24
O2A NAD U . 21.24 -46.87 -27.48
O5B NAD U . 19.99 -46.32 -25.28
C5B NAD U . 18.83 -46.49 -24.43
C4B NAD U . 19.26 -46.06 -23.03
O4B NAD U . 20.16 -47.08 -22.58
C3B NAD U . 19.96 -44.69 -22.98
O3B NAD U . 19.46 -43.98 -21.85
C2B NAD U . 21.44 -45.09 -22.77
O2B NAD U . 22.26 -44.18 -22.01
C1B NAD U . 21.30 -46.42 -22.04
N9A NAD U . 22.52 -47.28 -22.11
C8A NAD U . 23.41 -47.51 -23.13
N7A NAD U . 24.38 -48.35 -22.69
C5A NAD U . 24.11 -48.68 -21.42
C6A NAD U . 24.66 -49.52 -20.33
N6A NAD U . 25.79 -50.24 -20.53
N1A NAD U . 24.01 -49.58 -19.13
C2A NAD U . 22.90 -48.88 -18.87
N3A NAD U . 22.34 -48.12 -19.82
C4A NAD U . 22.88 -47.97 -21.05
O3 NAD U . 18.76 -46.89 -27.50
PN NAD U . 18.43 -45.44 -28.15
O1N NAD U . 18.49 -44.31 -27.10
O2N NAD U . 19.41 -45.34 -29.28
O5D NAD U . 16.90 -45.62 -28.71
C5D NAD U . 16.60 -46.19 -30.00
C4D NAD U . 16.08 -47.61 -29.79
O4D NAD U . 15.04 -47.64 -28.79
C3D NAD U . 15.50 -48.17 -31.08
O3D NAD U . 16.01 -49.52 -31.33
C2D NAD U . 14.00 -48.21 -30.80
O2D NAD U . 13.24 -49.11 -31.66
C1D NAD U . 13.97 -48.48 -29.29
N1N NAD U . 12.63 -48.17 -28.77
C2N NAD U . 11.86 -49.18 -28.34
C3N NAD U . 10.58 -48.99 -27.87
C7N NAD U . 9.70 -50.11 -27.36
O7N NAD U . 8.76 -49.76 -26.68
N7N NAD U . 9.91 -51.40 -27.62
C4N NAD U . 10.09 -47.67 -27.88
C5N NAD U . 10.90 -46.64 -28.34
C6N NAD U . 12.20 -46.91 -28.78
P PAE V . 5.25 -44.25 -29.36
O1P PAE V . 5.35 -43.79 -27.94
O2P PAE V . 3.91 -44.92 -29.58
O3P PAE V . 5.68 -43.21 -30.39
C1P PAE V . 6.30 -45.68 -29.62
C1 PAE V . 7.66 -45.06 -29.72
O1 PAE V . 8.35 -44.89 -28.70
O2 PAE V . 8.03 -44.76 -30.86
PA NAD W . 14.03 28.07 -49.42
O1A NAD W . 14.95 28.90 -48.58
O2A NAD W . 14.08 28.31 -50.93
O5B NAD W . 12.51 28.27 -48.94
C5B NAD W . 12.17 28.30 -47.55
C4B NAD W . 10.89 29.12 -47.48
O4B NAD W . 11.22 30.50 -47.68
C3B NAD W . 9.83 28.82 -48.54
O3B NAD W . 8.54 28.98 -47.90
C2B NAD W . 9.97 29.95 -49.55
O2B NAD W . 8.76 30.32 -50.23
C1B NAD W . 10.33 31.09 -48.60
N9A NAD W . 11.01 32.21 -49.29
C8A NAD W . 11.80 32.14 -50.40
N7A NAD W . 12.24 33.38 -50.77
C5A NAD W . 11.72 34.26 -49.87
C6A NAD W . 11.77 35.71 -49.66
N6A NAD W . 12.48 36.48 -50.50
N1A NAD W . 11.09 36.24 -48.60
C2A NAD W . 10.35 35.49 -47.75
N3A NAD W . 10.27 34.15 -47.89
C4A NAD W . 10.91 33.49 -48.90
O3 NAD W . 14.46 26.54 -49.02
PN NAD W . 13.70 25.15 -49.43
O1N NAD W . 14.38 24.67 -50.70
O2N NAD W . 12.17 25.35 -49.40
O5D NAD W . 14.24 24.09 -48.32
C5D NAD W . 15.45 23.33 -48.33
C4D NAD W . 16.50 23.91 -47.37
O4D NAD W . 15.97 23.96 -46.01
C3D NAD W . 17.78 23.09 -47.33
O3D NAD W . 18.93 23.97 -47.31
C2D NAD W . 17.64 22.38 -45.99
O2D NAD W . 18.86 21.90 -45.42
C1D NAD W . 16.93 23.40 -45.12
N1N NAD W . 16.35 22.76 -43.93
C2N NAD W . 16.85 23.14 -42.73
C3N NAD W . 16.34 22.56 -41.55
C7N NAD W . 16.89 22.94 -40.17
O7N NAD W . 18.07 23.33 -39.96
N7N NAD W . 16.07 22.74 -39.14
C4N NAD W . 15.30 21.58 -41.68
C5N NAD W . 14.80 21.21 -42.93
C6N NAD W . 15.36 21.83 -44.06
P PAE X . 14.08 16.26 -39.47
O1P PAE X . 14.70 15.52 -38.29
O2P PAE X . 12.87 17.12 -39.15
O3P PAE X . 13.92 15.39 -40.73
C1P PAE X . 15.34 17.42 -39.96
C1 PAE X . 14.71 17.93 -41.18
O1 PAE X . 13.79 18.77 -41.06
O2 PAE X . 15.12 17.49 -42.24
#